data_6W2U
#
_entry.id   6W2U
#
_cell.length_a   1.00
_cell.length_b   1.00
_cell.length_c   1.00
_cell.angle_alpha   90.00
_cell.angle_beta   90.00
_cell.angle_gamma   90.00
#
_symmetry.space_group_name_H-M   'P 1'
#
loop_
_entity.id
_entity.type
_entity.pdbx_description
1 polymer 'Spike glycoprotein E1'
2 polymer 'Spike glycoprotein E2'
#
loop_
_entity_poly.entity_id
_entity_poly.type
_entity_poly.pdbx_seq_one_letter_code
_entity_poly.pdbx_strand_id
1 'polypeptide(L)'
;YEHTAIIPNQVGFPYKAHVAREGYSPLTLQMQVIETSLEPTLNLEYITCDYKTKVPSPYVKCCGTAECRTQDKPEYKCAV
FTGVYPFMWGGAYCFCDSENTQMSEAYVERADVCKHDHAAAYRAHTASLRAKIKVTYGTVNQTVEAYVNGDHAVTIAGTK
FIFGPVSTPWTPFDTKILVYKGELYNQDFPRYGAGQPGRFGDIQSRTLDSRDLYANTGLKLARPAAGNIHVPYTQTPSGF
KTWQKDRDSPLNAKAPFGCIIQTNPVRAMNCAVGNIPVSMDIADSAFTRLTDAPVISELTCTVSTCTHSSDFGGIAVLSY
KVEKSGRCDIHSHSNVAVLQEVSIETEGRSVIHFSTASASPSFVVSVCSSRATCTAKCEP
;
A,B,C,D
2 'polypeptide(L)'
;STANHFNAYKLTRPYVAYCADCGMGHSCHSPAMIENIQADATDGTLKIQFASQIGLTKTDTHDHTKIRYAEGHDIAEAAR
STLKVHSSSECTVTGTMGHFILAKCPPGERISVSFVDSKNEHRTCRIAYHHEQRLIGRERFTVRPHHGIELPCTTYQLTT
AETSEEIDMHMPPDIPDRTILSQQSGNVKITVNGRTVRYSSSCGSQAVGTTTTDKTINSCTVDKCQAYVTSHTKWQFNSP
FVPRRMQAERKGKVHIPFPLINTTCRVPLAPEALVRSGKREATLSLHPIHPTLLSYRTFGAERVFDEQWITAQTEVTIPV
PVEGVEYQWGNHKPQRFVVA
;
E,F,G,H
#
# COMPACT_ATOMS: atom_id res chain seq x y z
N TYR A 1 -57.01 41.50 53.27
CA TYR A 1 -57.72 40.29 52.90
C TYR A 1 -56.83 39.34 52.10
N GLU A 2 -57.34 38.90 50.96
CA GLU A 2 -56.61 37.99 50.07
C GLU A 2 -56.43 38.68 48.73
N HIS A 3 -55.28 39.31 48.53
CA HIS A 3 -54.94 39.88 47.24
C HIS A 3 -54.46 38.78 46.31
N THR A 4 -55.09 38.68 45.15
CA THR A 4 -54.75 37.64 44.18
C THR A 4 -53.82 38.26 43.16
N ALA A 5 -52.95 37.46 42.58
CA ALA A 5 -52.10 37.92 41.48
C ALA A 5 -51.42 36.71 40.86
N ILE A 6 -50.53 36.98 39.90
CA ILE A 6 -49.71 35.96 39.29
C ILE A 6 -48.31 36.54 39.12
N ILE A 7 -47.38 36.03 39.93
CA ILE A 7 -46.02 36.54 39.90
C ILE A 7 -45.39 35.96 38.65
N PRO A 8 -44.78 36.78 37.79
CA PRO A 8 -44.20 36.24 36.56
C PRO A 8 -43.00 35.37 36.85
N ASN A 9 -42.92 34.24 36.14
CA ASN A 9 -41.87 33.26 36.40
C ASN A 9 -40.65 33.60 35.56
N GLN A 10 -40.14 34.80 35.77
CA GLN A 10 -38.82 35.19 35.29
C GLN A 10 -37.99 35.39 36.54
N VAL A 11 -37.12 34.41 36.83
CA VAL A 11 -36.47 34.33 38.12
C VAL A 11 -35.54 35.52 38.33
N GLY A 12 -35.89 36.35 39.30
CA GLY A 12 -35.15 37.54 39.59
C GLY A 12 -35.93 38.83 39.45
N PHE A 13 -36.85 38.88 38.49
CA PHE A 13 -37.59 40.11 38.22
C PHE A 13 -38.52 40.39 39.38
N PRO A 14 -38.25 41.41 40.19
CA PRO A 14 -38.97 41.56 41.45
C PRO A 14 -40.41 42.00 41.23
N TYR A 15 -41.32 41.04 41.39
CA TYR A 15 -42.73 41.24 41.08
C TYR A 15 -43.32 41.97 42.27
N LYS A 16 -43.66 43.24 42.07
CA LYS A 16 -44.22 44.06 43.12
C LYS A 16 -45.72 43.79 43.19
N ALA A 17 -46.34 44.22 44.29
CA ALA A 17 -47.77 44.08 44.49
C ALA A 17 -48.23 45.14 45.47
N HIS A 18 -48.85 46.19 44.94
CA HIS A 18 -49.36 47.24 45.81
C HIS A 18 -50.81 46.96 46.13
N VAL A 19 -51.01 46.13 47.15
CA VAL A 19 -52.34 45.71 47.58
C VAL A 19 -52.62 46.39 48.91
N ALA A 20 -53.75 47.06 49.01
CA ALA A 20 -54.10 47.81 50.20
C ALA A 20 -55.55 47.56 50.56
N ARG A 21 -55.79 47.22 51.82
CA ARG A 21 -57.13 47.02 52.34
C ARG A 21 -57.53 48.26 53.13
N GLU A 22 -58.67 48.17 53.80
CA GLU A 22 -59.17 49.31 54.56
C GLU A 22 -58.33 49.51 55.81
N GLY A 23 -58.43 50.71 56.38
CA GLY A 23 -57.86 51.00 57.68
C GLY A 23 -56.36 51.06 57.73
N TYR A 24 -55.67 51.08 56.60
CA TYR A 24 -54.23 51.08 56.57
C TYR A 24 -53.73 51.90 55.39
N SER A 25 -52.41 51.94 55.23
CA SER A 25 -51.83 52.52 54.04
C SER A 25 -51.74 51.45 52.96
N PRO A 26 -51.19 51.76 51.80
CA PRO A 26 -51.04 50.76 50.73
C PRO A 26 -50.00 49.72 51.12
N LEU A 27 -50.43 48.47 51.19
CA LEU A 27 -49.50 47.39 51.49
C LEU A 27 -48.66 47.08 50.27
N THR A 28 -47.40 46.75 50.50
CA THR A 28 -46.51 46.41 49.40
C THR A 28 -46.03 44.97 49.61
N LEU A 29 -46.00 44.21 48.53
CA LEU A 29 -45.40 42.89 48.52
C LEU A 29 -44.40 42.86 47.39
N GLN A 30 -43.36 42.06 47.54
CA GLN A 30 -42.36 41.89 46.50
C GLN A 30 -41.99 40.41 46.47
N MET A 31 -41.90 39.85 45.29
CA MET A 31 -41.55 38.45 45.17
C MET A 31 -40.42 38.25 44.18
N GLN A 32 -39.57 37.27 44.49
CA GLN A 32 -38.49 36.90 43.58
C GLN A 32 -38.25 35.42 43.78
N VAL A 33 -38.61 34.61 42.79
CA VAL A 33 -38.48 33.17 42.95
C VAL A 33 -37.05 32.77 42.61
N ILE A 34 -36.60 31.66 43.21
CA ILE A 34 -35.35 31.02 42.85
C ILE A 34 -35.60 29.52 42.93
N GLU A 35 -34.99 28.76 42.03
CA GLU A 35 -35.04 27.29 42.07
C GLU A 35 -36.45 26.72 41.93
N THR A 36 -37.06 26.84 40.76
CA THR A 36 -38.45 26.50 40.48
C THR A 36 -38.65 25.10 39.93
N SER A 37 -37.75 24.16 40.28
CA SER A 37 -37.53 22.90 39.55
C SER A 37 -38.79 22.09 39.31
N LEU A 38 -38.81 21.37 38.17
CA LEU A 38 -40.03 20.77 37.65
C LEU A 38 -40.26 19.34 38.10
N GLU A 39 -39.21 18.52 38.20
CA GLU A 39 -39.23 17.18 38.77
C GLU A 39 -40.23 16.24 38.09
N PRO A 40 -39.99 15.84 36.85
CA PRO A 40 -40.96 14.97 36.17
C PRO A 40 -40.96 13.55 36.73
N THR A 41 -42.09 12.86 36.57
CA THR A 41 -42.23 11.49 37.05
C THR A 41 -41.57 10.55 36.06
N LEU A 42 -40.74 9.64 36.57
CA LEU A 42 -40.06 8.67 35.72
C LEU A 42 -40.43 7.25 36.12
N ASN A 43 -40.22 6.32 35.18
CA ASN A 43 -40.45 4.90 35.46
C ASN A 43 -39.43 4.09 34.66
N LEU A 44 -38.52 3.41 35.35
CA LEU A 44 -37.39 2.76 34.69
C LEU A 44 -37.87 1.58 33.87
N GLU A 45 -37.21 1.34 32.73
CA GLU A 45 -37.51 0.20 31.88
C GLU A 45 -36.25 -0.32 31.20
N TYR A 46 -35.10 -0.10 31.81
CA TYR A 46 -33.86 -0.50 31.16
C TYR A 46 -32.73 -0.56 32.17
N ILE A 47 -31.58 -1.12 31.77
CA ILE A 47 -30.43 -1.15 32.67
C ILE A 47 -29.26 -0.42 32.04
N THR A 48 -29.17 -0.49 30.70
CA THR A 48 -28.16 0.23 29.93
C THR A 48 -26.72 -0.12 30.32
N CYS A 49 -26.33 -1.37 30.18
CA CYS A 49 -25.02 -1.81 30.62
C CYS A 49 -24.25 -2.35 29.41
N ASP A 50 -23.10 -2.95 29.68
CA ASP A 50 -22.33 -3.59 28.62
C ASP A 50 -22.34 -5.11 28.80
N TYR A 51 -22.30 -5.84 27.69
CA TYR A 51 -22.38 -7.29 27.73
C TYR A 51 -21.06 -7.87 28.24
N LYS A 52 -21.12 -9.10 28.75
CA LYS A 52 -19.91 -9.83 29.13
C LYS A 52 -20.23 -11.32 29.05
N THR A 53 -19.73 -11.97 28.01
CA THR A 53 -20.07 -13.38 27.80
C THR A 53 -18.94 -14.25 28.33
N LYS A 54 -19.21 -14.98 29.39
CA LYS A 54 -18.26 -15.92 29.97
C LYS A 54 -18.30 -17.19 29.13
N VAL A 55 -17.19 -17.90 29.08
CA VAL A 55 -17.13 -19.18 28.39
C VAL A 55 -15.99 -19.99 28.99
N PRO A 56 -16.27 -21.09 29.68
CA PRO A 56 -15.17 -21.94 30.16
C PRO A 56 -14.53 -22.69 29.00
N SER A 57 -13.38 -23.28 29.28
CA SER A 57 -12.67 -24.04 28.28
C SER A 57 -13.46 -25.30 27.94
N PRO A 58 -13.63 -25.62 26.65
CA PRO A 58 -14.60 -26.65 26.26
C PRO A 58 -14.10 -28.05 26.59
N TYR A 59 -15.05 -28.96 26.79
CA TYR A 59 -14.75 -30.37 27.01
C TYR A 59 -14.23 -30.90 25.68
N VAL A 60 -12.99 -31.37 25.69
CA VAL A 60 -12.40 -31.92 24.49
C VAL A 60 -12.52 -33.43 24.50
N LYS A 61 -13.26 -33.95 23.52
CA LYS A 61 -13.37 -35.38 23.29
C LYS A 61 -12.36 -35.76 22.22
N CYS A 62 -11.26 -36.36 22.65
CA CYS A 62 -10.09 -36.55 21.82
C CYS A 62 -9.50 -37.96 21.87
N CYS A 63 -10.25 -39.01 21.54
CA CYS A 63 -11.42 -38.95 20.65
C CYS A 63 -12.76 -38.92 21.38
N GLY A 64 -13.84 -38.96 20.62
CA GLY A 64 -15.15 -38.97 21.22
C GLY A 64 -15.93 -37.70 21.00
N THR A 65 -17.24 -37.82 20.85
CA THR A 65 -18.09 -36.65 20.69
C THR A 65 -18.29 -35.97 22.04
N ALA A 66 -18.90 -34.79 22.00
CA ALA A 66 -19.23 -34.08 23.22
C ALA A 66 -20.68 -34.36 23.62
N GLU A 67 -21.07 -33.81 24.76
CA GLU A 67 -22.43 -33.91 25.25
C GLU A 67 -23.24 -32.70 24.78
N CYS A 68 -24.42 -32.53 25.35
CA CYS A 68 -25.26 -31.36 25.06
C CYS A 68 -25.60 -30.73 26.40
N ARG A 69 -24.74 -29.84 26.88
CA ARG A 69 -24.97 -29.18 28.15
C ARG A 69 -26.09 -28.16 28.03
N THR A 70 -26.83 -27.99 29.12
CA THR A 70 -27.96 -27.07 29.15
C THR A 70 -27.54 -25.69 29.61
N GLN A 71 -27.39 -24.76 28.67
CA GLN A 71 -27.03 -23.40 29.00
C GLN A 71 -28.22 -22.71 29.68
N ASP A 72 -27.93 -21.97 30.74
CA ASP A 72 -28.95 -21.25 31.49
C ASP A 72 -28.64 -19.77 31.64
N LYS A 73 -27.60 -19.27 30.97
CA LYS A 73 -27.24 -17.87 31.05
C LYS A 73 -28.17 -17.03 30.19
N PRO A 74 -27.99 -15.71 30.20
CA PRO A 74 -28.83 -14.86 29.36
C PRO A 74 -28.57 -15.02 27.88
N GLU A 75 -27.30 -15.16 27.49
CA GLU A 75 -26.97 -15.51 26.12
C GLU A 75 -26.38 -16.91 26.02
N TYR A 76 -26.83 -17.84 26.86
CA TYR A 76 -26.19 -19.14 26.98
C TYR A 76 -26.45 -19.98 25.73
N LYS A 77 -25.46 -20.03 24.86
CA LYS A 77 -25.47 -20.86 23.67
C LYS A 77 -24.23 -21.73 23.68
N CYS A 78 -24.41 -23.00 23.38
CA CYS A 78 -23.31 -23.96 23.42
C CYS A 78 -23.32 -24.76 22.13
N ALA A 79 -22.18 -25.37 21.83
CA ALA A 79 -22.02 -26.11 20.59
C ALA A 79 -20.79 -26.98 20.70
N VAL A 80 -20.84 -28.15 20.07
CA VAL A 80 -19.72 -29.08 20.04
C VAL A 80 -19.15 -28.99 18.64
N PHE A 81 -18.06 -28.25 18.48
CA PHE A 81 -17.35 -28.22 17.21
C PHE A 81 -16.62 -29.55 17.07
N THR A 82 -17.13 -30.41 16.20
CA THR A 82 -16.56 -31.74 16.07
C THR A 82 -15.30 -31.71 15.22
N GLY A 83 -14.26 -32.38 15.70
CA GLY A 83 -13.03 -32.45 14.93
C GLY A 83 -11.91 -31.56 15.45
N VAL A 84 -11.71 -31.53 16.73
CA VAL A 84 -10.64 -30.75 17.34
C VAL A 84 -9.31 -31.46 17.12
N TYR A 85 -8.23 -30.74 17.37
CA TYR A 85 -6.89 -31.29 17.31
C TYR A 85 -6.11 -30.79 18.52
N PRO A 86 -5.93 -31.62 19.55
CA PRO A 86 -5.26 -31.16 20.76
C PRO A 86 -3.75 -31.11 20.63
N PHE A 87 -3.19 -29.91 20.53
CA PHE A 87 -1.75 -29.72 20.37
C PHE A 87 -1.21 -28.84 21.47
N MET A 88 -1.59 -29.13 22.71
CA MET A 88 -1.19 -28.30 23.85
C MET A 88 0.11 -28.80 24.46
N TRP A 89 0.43 -28.25 25.63
CA TRP A 89 1.62 -28.69 26.35
C TRP A 89 1.35 -28.98 27.83
N GLY A 90 0.24 -29.68 28.15
CA GLY A 90 -0.19 -29.80 29.54
C GLY A 90 -0.76 -31.11 30.06
N GLY A 91 -0.24 -32.26 29.64
CA GLY A 91 -0.76 -33.50 30.19
C GLY A 91 -1.77 -34.14 29.26
N ALA A 92 -1.39 -35.27 28.66
CA ALA A 92 -1.99 -35.83 27.44
C ALA A 92 -3.46 -36.21 27.58
N TYR A 93 -4.31 -35.48 26.85
CA TYR A 93 -5.69 -35.89 26.64
C TYR A 93 -6.09 -35.85 25.16
N CYS A 94 -5.66 -34.82 24.43
CA CYS A 94 -5.88 -34.76 22.99
C CYS A 94 -4.80 -35.59 22.30
N PHE A 95 -5.04 -36.88 22.21
CA PHE A 95 -4.08 -37.84 21.67
C PHE A 95 -4.76 -38.86 20.78
N CYS A 96 -5.94 -38.51 20.26
CA CYS A 96 -6.65 -39.37 19.32
C CYS A 96 -6.84 -38.58 18.02
N ASP A 97 -6.26 -39.09 16.93
CA ASP A 97 -6.21 -38.35 15.68
C ASP A 97 -7.57 -38.11 15.06
N SER A 98 -8.50 -39.05 15.21
CA SER A 98 -9.86 -38.86 14.77
C SER A 98 -10.74 -38.65 16.00
N GLU A 99 -12.03 -38.46 15.77
CA GLU A 99 -13.06 -38.40 16.80
C GLU A 99 -12.95 -37.19 17.72
N ASN A 100 -12.24 -36.14 17.30
CA ASN A 100 -12.07 -34.96 18.15
C ASN A 100 -13.38 -34.18 18.22
N THR A 101 -13.54 -33.39 19.27
CA THR A 101 -14.71 -32.54 19.42
C THR A 101 -14.46 -31.60 20.59
N GLN A 102 -15.01 -30.40 20.48
CA GLN A 102 -14.79 -29.36 21.49
C GLN A 102 -16.16 -28.80 21.86
N MET A 103 -16.68 -29.24 22.99
CA MET A 103 -17.93 -28.69 23.50
C MET A 103 -17.60 -27.37 24.18
N SER A 104 -18.16 -26.29 23.66
CA SER A 104 -17.91 -24.95 24.17
C SER A 104 -19.23 -24.21 24.32
N GLU A 105 -19.39 -23.53 25.45
CA GLU A 105 -20.60 -22.76 25.71
C GLU A 105 -20.20 -21.34 26.06
N ALA A 106 -21.13 -20.42 25.84
CA ALA A 106 -20.93 -19.03 26.20
C ALA A 106 -22.23 -18.53 26.82
N TYR A 107 -22.14 -18.03 28.05
CA TYR A 107 -23.27 -17.46 28.73
C TYR A 107 -23.04 -15.97 28.87
N VAL A 108 -23.95 -15.19 28.30
CA VAL A 108 -23.87 -13.75 28.40
C VAL A 108 -24.27 -13.34 29.81
N GLU A 109 -23.75 -12.21 30.28
CA GLU A 109 -24.08 -11.69 31.58
C GLU A 109 -23.90 -10.16 31.57
N ARG A 110 -24.49 -9.52 32.56
CA ARG A 110 -24.39 -8.07 32.67
C ARG A 110 -22.99 -7.67 33.08
N ALA A 111 -22.66 -6.40 32.86
CA ALA A 111 -21.32 -5.92 33.16
C ALA A 111 -21.13 -5.77 34.66
N ASP A 112 -19.86 -5.69 35.07
CA ASP A 112 -19.56 -5.49 36.48
C ASP A 112 -19.76 -4.04 36.90
N VAL A 113 -19.47 -3.09 36.00
CA VAL A 113 -19.65 -1.68 36.33
C VAL A 113 -21.10 -1.23 36.22
N CYS A 114 -22.01 -2.15 35.88
CA CYS A 114 -23.43 -1.81 35.86
C CYS A 114 -23.93 -1.47 37.25
N LYS A 115 -23.49 -2.23 38.26
CA LYS A 115 -23.72 -1.84 39.64
C LYS A 115 -23.02 -0.54 40.00
N HIS A 116 -21.86 -0.28 39.41
CA HIS A 116 -21.25 1.04 39.49
C HIS A 116 -22.05 2.10 38.76
N ASP A 117 -22.49 1.82 37.54
CA ASP A 117 -23.25 2.79 36.76
C ASP A 117 -24.12 2.05 35.74
N HIS A 118 -25.43 2.18 35.89
CA HIS A 118 -26.38 1.61 34.95
C HIS A 118 -27.01 2.77 34.19
N ALA A 119 -27.55 2.47 33.01
CA ALA A 119 -28.17 3.50 32.19
C ALA A 119 -29.67 3.40 32.41
N ALA A 120 -30.24 4.36 33.14
CA ALA A 120 -31.65 4.30 33.45
C ALA A 120 -32.45 4.91 32.31
N ALA A 121 -33.73 4.56 32.24
CA ALA A 121 -34.63 5.09 31.22
C ALA A 121 -36.03 5.21 31.81
N TYR A 122 -36.34 6.39 32.32
CA TYR A 122 -37.62 6.63 32.96
C TYR A 122 -38.59 7.07 31.88
N ARG A 123 -39.66 6.29 31.69
CA ARG A 123 -40.82 6.79 30.98
C ARG A 123 -41.41 7.94 31.77
N ALA A 124 -42.00 8.89 31.05
CA ALA A 124 -42.20 10.24 31.56
C ALA A 124 -43.61 10.42 32.11
N HIS A 125 -43.68 10.82 33.37
CA HIS A 125 -44.95 11.10 34.04
C HIS A 125 -44.90 12.57 34.40
N THR A 126 -45.88 13.03 35.18
CA THR A 126 -46.04 14.46 35.44
C THR A 126 -44.93 15.01 36.33
N ALA A 127 -44.90 16.33 36.45
CA ALA A 127 -43.91 17.04 37.25
C ALA A 127 -44.61 18.09 38.11
N SER A 128 -43.83 18.81 38.91
CA SER A 128 -44.38 19.84 39.80
C SER A 128 -43.38 20.96 40.00
N LEU A 129 -43.81 22.19 39.76
CA LEU A 129 -42.95 23.35 39.84
C LEU A 129 -42.57 23.61 41.30
N ARG A 130 -41.27 23.65 41.55
CA ARG A 130 -40.74 23.76 42.91
C ARG A 130 -40.00 25.09 42.98
N ALA A 131 -40.56 26.04 43.73
CA ALA A 131 -39.99 27.38 43.77
C ALA A 131 -39.64 27.77 45.19
N LYS A 132 -38.78 28.78 45.30
CA LYS A 132 -38.50 29.44 46.56
C LYS A 132 -38.62 30.94 46.31
N ILE A 133 -39.81 31.47 46.58
CA ILE A 133 -40.10 32.87 46.36
C ILE A 133 -39.62 33.59 47.60
N LYS A 134 -38.58 34.40 47.47
CA LYS A 134 -38.30 35.42 48.46
C LYS A 134 -39.45 36.41 48.42
N VAL A 135 -40.18 36.48 49.52
CA VAL A 135 -41.31 37.40 49.65
C VAL A 135 -40.94 38.43 50.69
N THR A 136 -41.01 39.69 50.27
CA THR A 136 -40.82 40.84 51.14
C THR A 136 -42.15 41.55 51.23
N TYR A 137 -42.83 41.36 52.35
CA TYR A 137 -44.10 42.02 52.62
C TYR A 137 -43.92 42.83 53.90
N GLY A 138 -43.73 44.13 53.74
CA GLY A 138 -43.58 45.04 54.84
C GLY A 138 -42.34 44.76 55.67
N THR A 139 -42.52 44.64 56.99
CA THR A 139 -41.44 44.23 57.86
C THR A 139 -41.08 42.77 57.71
N VAL A 140 -41.94 41.96 57.11
CA VAL A 140 -41.65 40.56 56.87
C VAL A 140 -40.80 40.43 55.62
N ASN A 141 -39.74 39.63 55.70
CA ASN A 141 -38.87 39.34 54.58
C ASN A 141 -38.36 37.92 54.73
N GLN A 142 -39.06 36.98 54.10
CA GLN A 142 -38.72 35.57 54.20
C GLN A 142 -38.55 35.02 52.79
N THR A 143 -38.29 33.73 52.70
CA THR A 143 -38.21 33.06 51.42
C THR A 143 -38.88 31.69 51.53
N VAL A 144 -40.06 31.58 50.96
CA VAL A 144 -40.90 30.41 51.12
C VAL A 144 -40.70 29.49 49.93
N GLU A 145 -40.39 28.23 50.19
CA GLU A 145 -40.27 27.22 49.16
C GLU A 145 -41.57 26.43 49.14
N ALA A 146 -42.04 26.09 47.94
CA ALA A 146 -43.30 25.41 47.77
C ALA A 146 -43.36 24.69 46.45
N TYR A 147 -44.10 23.59 46.44
CA TYR A 147 -44.58 23.02 45.18
C TYR A 147 -45.71 23.88 44.65
N VAL A 148 -45.82 23.94 43.32
CA VAL A 148 -46.74 24.87 42.68
C VAL A 148 -48.16 24.33 42.60
N ASN A 149 -48.45 23.23 43.29
CA ASN A 149 -49.77 22.62 43.17
C ASN A 149 -50.85 23.42 43.88
N GLY A 150 -50.66 23.71 45.17
CA GLY A 150 -51.55 24.61 45.87
C GLY A 150 -52.23 24.08 47.12
N ASP A 151 -52.34 22.77 47.31
CA ASP A 151 -53.04 22.21 48.46
C ASP A 151 -52.34 22.44 49.79
N HIS A 152 -51.04 22.17 49.84
CA HIS A 152 -50.23 22.61 50.96
C HIS A 152 -49.61 23.96 50.60
N ALA A 153 -50.38 25.02 50.78
CA ALA A 153 -49.98 26.36 50.43
C ALA A 153 -48.98 26.89 51.45
N VAL A 154 -48.29 27.97 51.11
CA VAL A 154 -47.24 28.52 51.94
C VAL A 154 -47.91 29.37 53.01
N THR A 155 -48.02 28.82 54.21
CA THR A 155 -48.47 29.63 55.33
C THR A 155 -47.29 30.44 55.83
N ILE A 156 -47.14 31.66 55.30
CA ILE A 156 -46.03 32.52 55.68
C ILE A 156 -46.31 33.07 57.07
N ALA A 157 -45.30 33.70 57.68
CA ALA A 157 -45.42 34.16 59.06
C ALA A 157 -46.38 35.33 59.13
N GLY A 158 -47.68 35.03 59.11
CA GLY A 158 -48.68 36.06 58.93
C GLY A 158 -49.26 36.13 57.55
N THR A 159 -48.78 35.30 56.63
CA THR A 159 -49.26 35.29 55.26
C THR A 159 -49.78 33.91 54.91
N LYS A 160 -50.76 33.87 54.04
CA LYS A 160 -51.19 32.63 53.41
C LYS A 160 -50.98 32.82 51.91
N PHE A 161 -49.78 32.56 51.44
CA PHE A 161 -49.52 32.52 50.02
C PHE A 161 -50.03 31.20 49.46
N ILE A 162 -50.68 31.27 48.32
CA ILE A 162 -51.05 30.11 47.55
C ILE A 162 -50.38 30.29 46.19
N PHE A 163 -49.20 29.70 46.03
CA PHE A 163 -48.41 29.81 44.82
C PHE A 163 -48.80 28.65 43.92
N GLY A 164 -49.63 28.92 42.93
CA GLY A 164 -50.12 27.90 42.05
C GLY A 164 -51.63 27.94 41.94
N PRO A 165 -52.24 26.95 41.28
CA PRO A 165 -51.86 25.79 40.48
C PRO A 165 -51.08 26.22 39.25
N VAL A 166 -50.08 25.43 38.86
CA VAL A 166 -49.14 25.86 37.83
C VAL A 166 -49.82 25.89 36.47
N SER A 167 -49.16 26.51 35.51
CA SER A 167 -49.82 26.76 34.23
C SER A 167 -49.83 25.56 33.31
N THR A 168 -48.69 25.06 32.85
CA THR A 168 -48.74 24.02 31.83
C THR A 168 -47.35 23.43 31.62
N PRO A 169 -47.22 22.13 31.52
CA PRO A 169 -45.91 21.47 31.56
C PRO A 169 -45.09 21.53 30.28
N TRP A 170 -45.01 22.72 29.68
CA TRP A 170 -44.02 22.92 28.64
C TRP A 170 -42.66 22.89 29.30
N THR A 171 -42.04 21.71 29.27
CA THR A 171 -40.87 21.48 30.05
C THR A 171 -40.10 20.35 29.42
N PRO A 172 -38.89 20.06 29.91
CA PRO A 172 -38.02 19.10 29.23
C PRO A 172 -38.37 17.66 29.47
N PHE A 173 -39.55 17.37 30.01
CA PHE A 173 -40.04 16.01 30.05
C PHE A 173 -40.34 15.56 28.64
N ASP A 174 -39.86 14.36 28.28
CA ASP A 174 -40.26 13.68 27.07
C ASP A 174 -41.25 12.56 27.42
N THR A 175 -41.53 11.73 26.41
CA THR A 175 -42.28 10.51 26.69
C THR A 175 -41.45 9.52 27.49
N LYS A 176 -40.21 9.30 27.09
CA LYS A 176 -39.28 8.46 27.85
C LYS A 176 -37.92 9.13 27.72
N ILE A 177 -37.24 9.28 28.85
CA ILE A 177 -35.94 9.93 28.89
C ILE A 177 -34.94 8.94 29.46
N LEU A 178 -33.85 8.75 28.75
CA LEU A 178 -32.74 7.99 29.31
C LEU A 178 -31.90 8.93 30.16
N VAL A 179 -31.66 8.49 31.39
CA VAL A 179 -30.69 9.11 32.29
C VAL A 179 -29.44 8.28 32.15
N TYR A 180 -28.41 8.85 31.53
CA TYR A 180 -27.17 8.14 31.26
C TYR A 180 -26.03 9.04 31.72
N LYS A 181 -25.21 8.53 32.64
CA LYS A 181 -24.06 9.25 33.15
C LYS A 181 -24.49 10.50 33.93
N GLY A 182 -25.73 10.54 34.38
CA GLY A 182 -26.24 11.75 34.97
C GLY A 182 -26.98 12.62 33.98
N GLU A 183 -26.51 12.64 32.73
CA GLU A 183 -27.12 13.49 31.72
C GLU A 183 -28.46 12.92 31.28
N LEU A 184 -29.32 13.80 30.76
CA LEU A 184 -30.65 13.43 30.31
C LEU A 184 -30.68 13.44 28.79
N TYR A 185 -31.44 12.52 28.23
CA TYR A 185 -31.60 12.48 26.78
C TYR A 185 -33.00 11.96 26.48
N ASN A 186 -33.82 12.79 25.86
CA ASN A 186 -35.13 12.34 25.44
C ASN A 186 -34.99 11.44 24.22
N GLN A 187 -35.16 10.13 24.42
CA GLN A 187 -34.90 9.18 23.35
C GLN A 187 -35.87 8.01 23.51
N ASP A 188 -36.12 7.30 22.40
CA ASP A 188 -37.06 6.18 22.40
C ASP A 188 -36.43 4.97 23.08
N PHE A 189 -36.95 4.66 24.26
CA PHE A 189 -36.56 3.42 24.91
C PHE A 189 -37.23 2.26 24.18
N PRO A 190 -36.50 1.19 23.87
CA PRO A 190 -37.13 0.04 23.20
C PRO A 190 -38.01 -0.75 24.16
N ARG A 191 -38.68 -1.77 23.64
CA ARG A 191 -39.64 -2.56 24.40
C ARG A 191 -38.93 -3.32 25.52
N TYR A 192 -39.63 -3.42 26.65
CA TYR A 192 -39.00 -3.77 27.93
C TYR A 192 -38.54 -5.21 27.94
N GLY A 193 -37.23 -5.38 27.75
CA GLY A 193 -36.66 -6.68 27.49
C GLY A 193 -36.70 -7.09 26.03
N ALA A 194 -37.41 -6.36 25.18
CA ALA A 194 -37.64 -6.78 23.80
C ALA A 194 -36.73 -6.05 22.83
N GLY A 195 -35.47 -5.85 23.17
CA GLY A 195 -34.61 -5.02 22.36
C GLY A 195 -34.06 -5.74 21.15
N GLN A 196 -33.82 -4.98 20.08
CA GLN A 196 -33.22 -5.47 18.86
C GLN A 196 -31.70 -5.53 19.04
N PRO A 197 -31.03 -6.45 18.35
CA PRO A 197 -29.59 -6.62 18.58
C PRO A 197 -28.80 -5.46 18.01
N GLY A 198 -27.75 -5.08 18.74
CA GLY A 198 -26.85 -4.04 18.28
C GLY A 198 -27.35 -2.62 18.46
N ARG A 199 -28.55 -2.45 18.99
CA ARG A 199 -29.13 -1.13 19.17
C ARG A 199 -28.82 -0.67 20.58
N PHE A 200 -29.25 0.56 20.86
CA PHE A 200 -29.05 1.15 22.18
C PHE A 200 -29.86 0.38 23.21
N GLY A 201 -29.16 -0.29 24.10
CA GLY A 201 -29.80 -1.19 25.03
C GLY A 201 -29.83 -2.63 24.60
N ASP A 202 -28.70 -3.15 24.11
CA ASP A 202 -28.60 -4.55 23.73
C ASP A 202 -28.75 -5.50 24.91
N ILE A 203 -28.55 -5.02 26.14
CA ILE A 203 -28.85 -5.79 27.33
C ILE A 203 -29.86 -4.99 28.12
N GLN A 204 -31.14 -5.33 27.97
CA GLN A 204 -32.21 -4.60 28.63
C GLN A 204 -32.23 -5.00 30.09
N SER A 205 -32.59 -4.05 30.96
CA SER A 205 -32.61 -4.32 32.39
C SER A 205 -34.02 -4.10 32.90
N ARG A 206 -34.76 -5.20 33.03
CA ARG A 206 -36.11 -5.12 33.57
C ARG A 206 -36.10 -4.71 35.02
N THR A 207 -35.08 -5.12 35.76
CA THR A 207 -34.88 -4.68 37.13
C THR A 207 -33.52 -4.00 37.22
N LEU A 208 -33.34 -3.24 38.29
CA LEU A 208 -32.02 -2.65 38.54
C LEU A 208 -31.04 -3.73 38.96
N ASP A 209 -31.38 -4.48 39.99
CA ASP A 209 -30.65 -5.69 40.35
C ASP A 209 -31.45 -6.94 40.04
N SER A 210 -32.18 -6.96 38.92
CA SER A 210 -33.06 -8.06 38.62
C SER A 210 -32.28 -9.32 38.27
N ARG A 211 -32.86 -10.47 38.63
CA ARG A 211 -32.24 -11.75 38.37
C ARG A 211 -32.35 -12.19 36.92
N ASP A 212 -33.42 -11.84 36.24
CA ASP A 212 -33.51 -12.05 34.81
C ASP A 212 -32.80 -10.93 34.07
N LEU A 213 -32.75 -11.04 32.75
CA LEU A 213 -32.13 -10.01 31.95
C LEU A 213 -32.51 -10.21 30.49
N TYR A 214 -33.03 -9.15 29.88
CA TYR A 214 -33.32 -9.15 28.47
C TYR A 214 -32.05 -8.76 27.72
N ALA A 215 -31.72 -9.55 26.71
CA ALA A 215 -30.48 -9.33 25.98
C ALA A 215 -30.57 -10.03 24.64
N ASN A 216 -30.06 -9.35 23.61
CA ASN A 216 -30.01 -9.93 22.28
C ASN A 216 -28.64 -9.65 21.66
N THR A 217 -27.60 -9.76 22.47
CA THR A 217 -26.24 -9.48 22.00
C THR A 217 -25.81 -10.57 21.03
N GLY A 218 -25.24 -10.15 19.91
CA GLY A 218 -25.10 -11.03 18.77
C GLY A 218 -24.04 -12.10 18.89
N LEU A 219 -24.15 -12.97 19.88
CA LEU A 219 -23.19 -14.06 20.04
C LEU A 219 -23.39 -15.10 18.94
N LYS A 220 -22.28 -15.57 18.39
CA LYS A 220 -22.30 -16.65 17.40
C LYS A 220 -20.98 -17.40 17.55
N LEU A 221 -21.05 -18.68 17.89
CA LEU A 221 -19.83 -19.45 18.09
C LEU A 221 -19.22 -19.82 16.74
N ALA A 222 -18.00 -20.34 16.79
CA ALA A 222 -17.30 -20.78 15.60
C ALA A 222 -16.38 -21.94 15.92
N ARG A 223 -16.48 -22.99 15.10
CA ARG A 223 -15.61 -24.15 15.27
C ARG A 223 -14.18 -23.73 14.93
N PRO A 224 -13.30 -23.60 15.93
CA PRO A 224 -12.07 -22.83 15.73
C PRO A 224 -10.98 -23.51 14.92
N ALA A 225 -9.83 -22.86 14.83
CA ALA A 225 -8.69 -23.40 14.10
C ALA A 225 -7.97 -24.44 14.96
N ALA A 226 -7.34 -25.40 14.29
CA ALA A 226 -6.85 -26.59 14.97
C ALA A 226 -5.58 -26.31 15.77
N GLY A 227 -5.03 -27.38 16.35
CA GLY A 227 -3.81 -27.34 17.12
C GLY A 227 -3.99 -26.71 18.48
N ASN A 228 -4.13 -25.40 18.53
CA ASN A 228 -4.51 -24.70 19.75
C ASN A 228 -6.02 -24.53 19.77
N ILE A 229 -6.58 -24.57 20.97
CA ILE A 229 -8.03 -24.58 21.13
C ILE A 229 -8.40 -23.22 21.69
N HIS A 230 -8.63 -22.26 20.81
CA HIS A 230 -9.25 -21.00 21.17
C HIS A 230 -10.71 -21.10 20.80
N VAL A 231 -11.58 -20.81 21.76
CA VAL A 231 -12.99 -21.11 21.58
C VAL A 231 -13.57 -19.95 20.79
N PRO A 232 -13.71 -20.08 19.48
CA PRO A 232 -14.10 -18.93 18.66
C PRO A 232 -15.59 -18.66 18.79
N TYR A 233 -15.88 -17.42 19.18
CA TYR A 233 -17.26 -17.03 19.38
C TYR A 233 -17.39 -15.56 19.03
N THR A 234 -18.16 -15.28 17.98
CA THR A 234 -18.33 -13.92 17.47
C THR A 234 -19.53 -13.32 18.16
N GLN A 235 -19.29 -12.33 19.02
CA GLN A 235 -20.35 -11.59 19.69
C GLN A 235 -20.72 -10.37 18.84
N THR A 236 -21.85 -9.78 19.15
CA THR A 236 -22.27 -8.57 18.46
C THR A 236 -21.48 -7.39 19.00
N PRO A 237 -21.41 -6.29 18.26
CA PRO A 237 -20.78 -5.09 18.80
C PRO A 237 -21.66 -4.47 19.86
N SER A 238 -21.04 -4.16 21.01
CA SER A 238 -21.77 -3.74 22.19
C SER A 238 -22.40 -2.36 22.04
N GLY A 239 -23.72 -2.33 21.84
CA GLY A 239 -24.41 -1.07 21.66
C GLY A 239 -24.53 -0.28 22.95
N PHE A 240 -24.38 -0.94 24.09
CA PHE A 240 -24.39 -0.24 25.37
C PHE A 240 -23.17 0.66 25.50
N LYS A 241 -22.07 0.24 24.89
CA LYS A 241 -20.95 1.15 24.74
C LYS A 241 -21.28 2.25 23.75
N THR A 242 -22.11 1.94 22.75
CA THR A 242 -22.43 2.93 21.73
C THR A 242 -23.37 4.01 22.22
N TRP A 243 -24.33 3.67 23.09
CA TRP A 243 -25.46 4.53 23.43
C TRP A 243 -25.03 5.78 24.19
N GLN A 244 -23.94 5.69 24.93
CA GLN A 244 -23.28 6.86 25.47
C GLN A 244 -21.99 7.18 24.72
N LYS A 245 -21.07 6.24 24.66
CA LYS A 245 -19.82 6.48 23.95
C LYS A 245 -20.08 6.46 22.45
N ASP A 246 -20.00 7.63 21.85
CA ASP A 246 -20.53 7.82 20.51
C ASP A 246 -22.04 7.80 20.59
N ARG A 247 -22.60 8.29 21.69
CA ARG A 247 -24.01 8.62 21.74
C ARG A 247 -24.17 10.07 21.32
N ASP A 248 -25.42 10.52 21.25
CA ASP A 248 -25.71 11.88 20.78
C ASP A 248 -25.52 12.90 21.89
N SER A 249 -25.80 14.16 21.60
CA SER A 249 -25.62 15.22 22.59
C SER A 249 -26.82 15.27 23.52
N PRO A 250 -26.62 15.05 24.83
CA PRO A 250 -27.75 14.99 25.75
C PRO A 250 -28.40 16.35 25.93
N LEU A 251 -29.72 16.34 26.04
CA LEU A 251 -30.51 17.56 26.03
C LEU A 251 -30.41 18.34 27.33
N ASN A 252 -29.74 17.79 28.35
CA ASN A 252 -29.51 18.48 29.61
C ASN A 252 -28.79 19.81 29.43
N ALA A 253 -27.92 19.90 28.43
CA ALA A 253 -27.61 21.18 27.82
C ALA A 253 -28.27 21.21 26.45
N LYS A 254 -28.62 22.39 25.98
CA LYS A 254 -29.24 22.49 24.67
C LYS A 254 -30.69 22.05 24.73
N ALA A 255 -31.27 22.07 25.92
CA ALA A 255 -32.69 21.88 26.06
C ALA A 255 -33.36 23.25 25.95
N PRO A 256 -34.54 23.36 25.34
CA PRO A 256 -35.19 24.66 25.21
C PRO A 256 -35.83 25.09 26.52
N PHE A 257 -36.48 26.25 26.48
CA PHE A 257 -37.16 26.80 27.66
C PHE A 257 -36.19 27.45 28.64
N GLY A 258 -34.90 27.38 28.37
CA GLY A 258 -33.89 28.00 29.21
C GLY A 258 -33.70 27.38 30.57
N CYS A 259 -34.28 26.23 30.83
CA CYS A 259 -34.16 25.63 32.15
C CYS A 259 -32.87 24.83 32.25
N ILE A 260 -32.16 24.97 33.36
CA ILE A 260 -31.01 24.12 33.66
C ILE A 260 -31.54 22.81 34.21
N ILE A 261 -31.36 21.73 33.46
CA ILE A 261 -31.86 20.43 33.85
C ILE A 261 -30.77 19.72 34.64
N GLN A 262 -31.12 19.23 35.83
CA GLN A 262 -30.17 18.51 36.68
C GLN A 262 -30.88 17.31 37.31
N THR A 263 -30.18 16.19 37.37
CA THR A 263 -30.87 14.99 37.86
C THR A 263 -29.98 14.25 38.87
N ASN A 264 -30.01 14.72 40.11
CA ASN A 264 -29.78 13.78 41.18
C ASN A 264 -31.15 13.14 41.30
N PRO A 265 -32.15 13.92 41.68
CA PRO A 265 -33.51 13.64 41.23
C PRO A 265 -33.72 14.43 39.95
N VAL A 266 -34.31 13.80 38.95
CA VAL A 266 -34.45 14.39 37.63
C VAL A 266 -35.42 15.56 37.70
N ARG A 267 -34.91 16.77 37.54
CA ARG A 267 -35.74 17.96 37.61
C ARG A 267 -35.14 19.06 36.76
N ALA A 268 -36.00 19.91 36.22
CA ALA A 268 -35.55 21.05 35.43
C ALA A 268 -35.63 22.33 36.27
N MET A 269 -34.51 22.71 36.86
CA MET A 269 -34.46 23.88 37.72
C MET A 269 -34.33 25.14 36.87
N ASN A 270 -34.87 26.24 37.39
CA ASN A 270 -34.88 27.55 36.75
C ASN A 270 -35.55 27.54 35.40
N CYS A 271 -36.65 26.82 35.24
CA CYS A 271 -37.32 26.72 33.96
C CYS A 271 -38.00 28.03 33.61
N ALA A 272 -37.47 28.74 32.62
CA ALA A 272 -37.98 30.05 32.23
C ALA A 272 -39.26 29.86 31.44
N VAL A 273 -40.39 30.04 32.11
CA VAL A 273 -41.69 29.99 31.45
C VAL A 273 -42.73 30.53 32.41
N GLY A 274 -43.77 31.13 31.86
CA GLY A 274 -45.02 31.39 32.56
C GLY A 274 -44.93 32.36 33.73
N ASN A 275 -45.98 32.33 34.54
CA ASN A 275 -46.03 33.05 35.80
C ASN A 275 -46.92 32.27 36.76
N ILE A 276 -46.48 32.16 38.00
CA ILE A 276 -47.16 31.32 38.99
C ILE A 276 -48.28 32.11 39.63
N PRO A 277 -49.49 31.56 39.69
CA PRO A 277 -50.58 32.27 40.35
C PRO A 277 -50.43 32.20 41.86
N VAL A 278 -50.43 33.36 42.50
CA VAL A 278 -50.28 33.45 43.95
C VAL A 278 -51.47 34.23 44.47
N SER A 279 -52.31 33.56 45.24
CA SER A 279 -53.36 34.22 46.00
C SER A 279 -52.88 34.36 47.44
N MET A 280 -52.79 35.60 47.92
CA MET A 280 -52.13 35.88 49.20
C MET A 280 -53.17 36.42 50.18
N ASP A 281 -53.54 35.58 51.15
CA ASP A 281 -54.25 36.07 52.33
C ASP A 281 -53.25 36.77 53.23
N ILE A 282 -53.16 38.09 53.08
CA ILE A 282 -52.19 38.90 53.82
C ILE A 282 -52.86 39.23 55.14
N ALA A 283 -52.23 38.83 56.24
CA ALA A 283 -52.81 39.04 57.56
C ALA A 283 -52.84 40.53 57.92
N ASP A 284 -53.76 40.89 58.83
CA ASP A 284 -53.90 42.27 59.24
C ASP A 284 -52.74 42.74 60.10
N SER A 285 -51.95 41.81 60.64
CA SER A 285 -50.77 42.16 61.43
C SER A 285 -49.71 42.87 60.60
N ALA A 286 -49.73 42.71 59.29
CA ALA A 286 -48.89 43.50 58.40
C ALA A 286 -49.61 44.75 57.91
N PHE A 287 -50.90 44.87 58.19
CA PHE A 287 -51.66 46.03 57.75
C PHE A 287 -51.23 47.23 58.57
N THR A 288 -50.28 47.98 58.04
CA THR A 288 -49.79 49.19 58.70
C THR A 288 -50.92 50.21 58.76
N ARG A 289 -51.48 50.38 59.95
CA ARG A 289 -52.81 50.94 60.16
C ARG A 289 -52.94 52.38 59.70
N LEU A 290 -54.19 52.81 59.52
CA LEU A 290 -54.44 54.13 58.95
C LEU A 290 -54.25 55.24 59.96
N THR A 291 -54.06 54.90 61.23
CA THR A 291 -53.91 55.93 62.25
C THR A 291 -52.57 56.64 62.15
N ASP A 292 -51.47 55.92 62.34
CA ASP A 292 -50.15 56.52 62.32
C ASP A 292 -49.53 56.53 60.94
N ALA A 293 -50.33 56.45 59.89
CA ALA A 293 -49.82 56.43 58.52
C ALA A 293 -49.38 57.84 58.15
N PRO A 294 -48.29 58.00 57.42
CA PRO A 294 -47.85 59.34 57.05
C PRO A 294 -48.77 59.95 56.01
N VAL A 295 -49.50 60.99 56.42
CA VAL A 295 -50.48 61.61 55.54
C VAL A 295 -49.73 62.47 54.53
N ILE A 296 -49.48 61.92 53.35
CA ILE A 296 -48.78 62.66 52.31
C ILE A 296 -49.75 63.62 51.65
N SER A 297 -49.22 64.72 51.11
CA SER A 297 -50.06 65.71 50.46
C SER A 297 -49.24 66.45 49.40
N GLU A 298 -49.89 66.69 48.26
CA GLU A 298 -49.23 67.34 47.13
C GLU A 298 -48.11 66.49 46.55
N LEU A 299 -48.45 65.29 46.11
CA LEU A 299 -47.45 64.40 45.54
C LEU A 299 -47.05 64.88 44.16
N THR A 300 -45.90 65.55 44.07
CA THR A 300 -45.34 66.00 42.81
C THR A 300 -44.22 65.04 42.43
N CYS A 301 -44.43 64.27 41.36
CA CYS A 301 -43.45 63.28 40.92
C CYS A 301 -43.07 63.57 39.48
N THR A 302 -41.77 63.48 39.19
CA THR A 302 -41.27 63.75 37.85
C THR A 302 -40.06 62.85 37.58
N VAL A 303 -39.80 62.64 36.30
CA VAL A 303 -38.71 61.78 35.86
C VAL A 303 -37.45 62.63 35.79
N SER A 304 -36.39 62.17 36.44
CA SER A 304 -35.11 62.85 36.33
C SER A 304 -34.43 62.51 35.01
N THR A 305 -34.34 61.23 34.69
CA THR A 305 -33.82 60.77 33.42
C THR A 305 -34.28 59.33 33.25
N CYS A 306 -34.45 58.91 32.00
CA CYS A 306 -35.01 57.59 31.74
C CYS A 306 -34.15 56.89 30.70
N THR A 307 -33.52 55.80 31.11
CA THR A 307 -32.69 54.99 30.25
C THR A 307 -33.57 54.02 29.48
N HIS A 308 -33.00 53.35 28.49
CA HIS A 308 -33.81 52.50 27.64
C HIS A 308 -34.16 51.19 28.31
N SER A 309 -33.16 50.43 28.75
CA SER A 309 -33.39 49.05 29.14
C SER A 309 -32.59 48.60 30.36
N SER A 310 -31.88 49.51 31.01
CA SER A 310 -31.05 49.16 32.15
C SER A 310 -31.95 48.91 33.33
N ASP A 311 -31.42 48.19 34.31
CA ASP A 311 -32.16 47.76 35.50
C ASP A 311 -32.55 49.00 36.31
N PHE A 312 -31.72 50.02 36.36
CA PHE A 312 -32.11 51.27 37.01
C PHE A 312 -33.07 52.05 36.12
N GLY A 313 -32.62 52.42 34.94
CA GLY A 313 -33.46 53.09 33.97
C GLY A 313 -33.78 54.53 34.30
N GLY A 314 -34.61 54.75 35.31
CA GLY A 314 -35.11 56.07 35.59
C GLY A 314 -34.69 56.58 36.95
N ILE A 315 -34.27 57.84 36.98
CA ILE A 315 -34.05 58.55 38.22
C ILE A 315 -35.42 59.09 38.60
N ALA A 316 -36.21 58.28 39.28
CA ALA A 316 -37.54 58.72 39.69
C ALA A 316 -37.44 59.46 41.01
N VAL A 317 -37.42 60.79 40.92
CA VAL A 317 -37.37 61.65 42.10
C VAL A 317 -38.69 62.40 42.18
N LEU A 318 -39.41 62.17 43.27
CA LEU A 318 -40.75 62.73 43.46
C LEU A 318 -40.75 63.57 44.72
N SER A 319 -41.35 64.75 44.65
CA SER A 319 -41.45 65.63 45.81
C SER A 319 -42.82 65.49 46.45
N TYR A 320 -42.82 65.13 47.71
CA TYR A 320 -44.07 64.86 48.41
C TYR A 320 -44.02 65.52 49.77
N LYS A 321 -45.02 66.34 50.04
CA LYS A 321 -45.22 66.95 51.34
C LYS A 321 -46.03 66.00 52.20
N VAL A 322 -45.70 65.93 53.48
CA VAL A 322 -46.30 64.93 54.35
C VAL A 322 -46.84 65.62 55.58
N GLU A 323 -48.02 65.21 56.02
CA GLU A 323 -48.49 65.59 57.34
C GLU A 323 -47.85 64.71 58.40
N LYS A 324 -47.89 63.40 58.20
CA LYS A 324 -47.26 62.48 59.14
C LYS A 324 -45.95 62.03 58.55
N SER A 325 -44.96 61.82 59.42
CA SER A 325 -43.66 61.36 58.96
C SER A 325 -43.62 59.84 58.96
N GLY A 326 -42.52 59.30 58.46
CA GLY A 326 -42.25 57.88 58.61
C GLY A 326 -41.82 57.26 57.30
N ARG A 327 -41.87 55.94 57.27
CA ARG A 327 -41.68 55.21 56.03
C ARG A 327 -42.96 55.32 55.22
N CYS A 328 -42.83 55.22 53.91
CA CYS A 328 -43.95 55.37 53.01
C CYS A 328 -43.96 54.24 51.99
N ASP A 329 -45.16 53.74 51.70
CA ASP A 329 -45.31 52.80 50.60
C ASP A 329 -45.19 53.53 49.27
N ILE A 330 -44.54 52.88 48.32
CA ILE A 330 -44.27 53.49 47.02
C ILE A 330 -44.92 52.74 45.86
N HIS A 331 -46.12 52.21 46.02
CA HIS A 331 -46.66 51.24 45.09
C HIS A 331 -47.07 51.90 43.78
N SER A 332 -46.09 52.07 42.90
CA SER A 332 -46.39 52.53 41.55
C SER A 332 -47.15 51.45 40.81
N HIS A 333 -48.44 51.70 40.59
CA HIS A 333 -49.32 50.75 39.95
C HIS A 333 -49.46 50.97 38.45
N SER A 334 -48.37 50.81 37.70
CA SER A 334 -48.41 51.05 36.27
C SER A 334 -47.65 49.94 35.57
N ASN A 335 -48.21 49.43 34.47
CA ASN A 335 -47.61 48.29 33.79
C ASN A 335 -46.34 48.65 33.04
N VAL A 336 -46.15 49.91 32.69
CA VAL A 336 -45.04 50.31 31.84
C VAL A 336 -43.81 50.68 32.66
N ALA A 337 -43.88 50.47 33.98
CA ALA A 337 -42.78 50.84 34.85
C ALA A 337 -42.54 49.75 35.87
N VAL A 338 -41.42 49.85 36.56
CA VAL A 338 -41.11 49.01 37.71
C VAL A 338 -40.42 49.89 38.74
N LEU A 339 -40.89 49.81 39.99
CA LEU A 339 -40.40 50.63 41.08
C LEU A 339 -39.03 50.10 41.47
N GLN A 340 -38.14 51.02 41.86
CA GLN A 340 -36.81 50.62 42.32
C GLN A 340 -36.90 49.90 43.66
N GLU A 341 -37.94 50.19 44.43
CA GLU A 341 -38.29 49.41 45.61
C GLU A 341 -39.65 49.93 46.06
N VAL A 342 -40.27 49.28 47.04
CA VAL A 342 -41.39 49.91 47.71
C VAL A 342 -40.89 50.15 49.12
N SER A 343 -40.16 51.25 49.30
CA SER A 343 -39.40 51.43 50.53
C SER A 343 -39.37 52.86 51.02
N ILE A 344 -40.20 53.73 50.43
CA ILE A 344 -40.10 55.18 50.53
C ILE A 344 -40.04 55.71 51.96
N GLU A 345 -39.34 56.81 52.15
CA GLU A 345 -39.09 57.39 53.46
C GLU A 345 -39.94 58.63 53.59
N THR A 346 -39.66 59.41 54.64
CA THR A 346 -40.32 60.69 54.91
C THR A 346 -40.26 61.63 53.72
N GLU A 347 -41.38 62.32 53.47
CA GLU A 347 -41.64 63.09 52.26
C GLU A 347 -40.58 64.13 51.94
N GLY A 348 -40.34 64.34 50.67
CA GLY A 348 -39.22 65.14 50.24
C GLY A 348 -39.03 64.95 48.75
N ARG A 349 -37.79 64.65 48.36
CA ARG A 349 -37.51 64.26 46.98
C ARG A 349 -37.05 62.80 47.00
N SER A 350 -38.01 61.88 47.03
CA SER A 350 -37.66 60.48 47.00
C SER A 350 -37.19 60.08 45.60
N VAL A 351 -35.90 59.78 45.49
CA VAL A 351 -35.33 59.31 44.25
C VAL A 351 -35.30 57.78 44.32
N ILE A 352 -35.44 57.13 43.18
CA ILE A 352 -35.44 55.67 43.12
C ILE A 352 -35.02 55.26 41.72
N HIS A 353 -34.54 54.04 41.57
CA HIS A 353 -34.23 53.50 40.25
C HIS A 353 -35.50 52.98 39.59
N PHE A 354 -36.35 53.90 39.15
CA PHE A 354 -37.62 53.55 38.56
C PHE A 354 -37.37 53.00 37.16
N SER A 355 -37.36 51.68 37.05
CA SER A 355 -37.12 51.00 35.80
C SER A 355 -38.39 51.05 34.95
N THR A 356 -38.21 51.37 33.67
CA THR A 356 -39.32 51.38 32.73
C THR A 356 -38.73 51.10 31.36
N ALA A 357 -38.90 49.87 30.87
CA ALA A 357 -38.35 49.48 29.58
C ALA A 357 -39.13 50.02 28.42
N SER A 358 -40.27 50.63 28.67
CA SER A 358 -41.10 51.20 27.61
C SER A 358 -40.44 52.44 27.06
N ALA A 359 -40.71 52.72 25.78
CA ALA A 359 -40.07 53.85 25.12
C ALA A 359 -40.63 55.17 25.59
N SER A 360 -41.96 55.30 25.62
CA SER A 360 -42.61 56.54 26.04
C SER A 360 -43.11 56.30 27.46
N PRO A 361 -42.30 56.57 28.48
CA PRO A 361 -42.69 56.22 29.84
C PRO A 361 -43.79 57.13 30.36
N SER A 362 -44.74 56.52 31.09
CA SER A 362 -45.76 57.23 31.84
C SER A 362 -46.24 56.31 32.95
N PHE A 363 -45.73 56.51 34.16
CA PHE A 363 -46.02 55.61 35.26
C PHE A 363 -47.02 56.28 36.19
N VAL A 364 -47.85 55.47 36.83
CA VAL A 364 -48.81 55.92 37.83
C VAL A 364 -48.21 55.53 39.18
N VAL A 365 -47.45 56.44 39.76
CA VAL A 365 -46.80 56.20 41.04
C VAL A 365 -47.82 56.41 42.14
N SER A 366 -48.01 55.37 42.94
CA SER A 366 -48.91 55.44 44.09
C SER A 366 -48.01 55.47 45.33
N VAL A 367 -47.85 56.64 45.91
CA VAL A 367 -46.85 56.87 46.95
C VAL A 367 -47.59 57.24 48.22
N CYS A 368 -47.40 56.43 49.26
CA CYS A 368 -47.84 56.71 50.62
C CYS A 368 -49.34 56.90 50.72
N SER A 369 -50.10 56.12 49.96
CA SER A 369 -51.55 56.25 49.92
C SER A 369 -52.02 57.41 49.05
N SER A 370 -51.08 58.20 48.55
CA SER A 370 -51.41 59.20 47.55
C SER A 370 -51.08 58.65 46.17
N ARG A 371 -51.71 59.23 45.16
CA ARG A 371 -51.61 58.66 43.82
C ARG A 371 -51.38 59.77 42.82
N ALA A 372 -50.40 59.57 41.94
CA ALA A 372 -50.08 60.52 40.88
C ALA A 372 -49.49 59.75 39.70
N THR A 373 -49.17 60.46 38.62
CA THR A 373 -48.65 59.85 37.41
C THR A 373 -47.61 60.77 36.77
N CYS A 374 -46.37 60.30 36.70
CA CYS A 374 -45.29 61.06 36.07
C CYS A 374 -44.82 60.34 34.82
N THR A 375 -44.51 61.10 33.78
CA THR A 375 -44.16 60.52 32.48
C THR A 375 -42.84 61.10 31.98
N ALA A 376 -42.26 60.44 30.96
CA ALA A 376 -40.98 60.86 30.42
C ALA A 376 -40.72 60.16 29.09
N LYS A 377 -39.52 60.39 28.54
CA LYS A 377 -39.08 59.81 27.28
C LYS A 377 -37.77 59.07 27.52
N CYS A 378 -37.71 57.81 27.09
CA CYS A 378 -36.63 56.92 27.48
C CYS A 378 -35.35 57.19 26.70
N GLU A 379 -34.26 56.54 27.13
CA GLU A 379 -32.97 56.65 26.48
C GLU A 379 -32.78 55.57 25.43
N PRO A 380 -31.62 55.56 24.77
CA PRO A 380 -31.33 54.44 23.86
C PRO A 380 -30.86 53.23 24.64
N TYR B 1 25.80 65.52 -28.42
CA TYR B 1 24.38 65.83 -28.24
C TYR B 1 23.90 65.27 -26.92
N GLU B 2 22.59 65.37 -26.67
CA GLU B 2 21.97 64.81 -25.47
C GLU B 2 20.71 64.07 -25.92
N HIS B 3 20.86 62.80 -26.26
CA HIS B 3 19.74 62.03 -26.78
C HIS B 3 18.91 61.50 -25.62
N THR B 4 17.65 61.92 -25.58
CA THR B 4 16.73 61.53 -24.52
C THR B 4 15.88 60.40 -25.05
N ALA B 5 15.65 59.38 -24.22
CA ALA B 5 14.83 58.23 -24.63
C ALA B 5 14.31 57.54 -23.38
N ILE B 6 13.62 56.42 -23.58
CA ILE B 6 13.16 55.58 -22.49
C ILE B 6 13.43 54.13 -22.85
N ILE B 7 14.10 53.42 -21.95
CA ILE B 7 14.31 51.98 -22.12
C ILE B 7 13.35 51.37 -21.11
N PRO B 8 12.65 50.28 -21.45
CA PRO B 8 11.61 49.78 -20.55
C PRO B 8 12.18 49.15 -19.29
N ASN B 9 11.41 49.22 -18.21
CA ASN B 9 11.87 48.78 -16.89
C ASN B 9 11.49 47.31 -16.69
N GLN B 10 11.81 46.51 -17.70
CA GLN B 10 11.75 45.06 -17.61
C GLN B 10 13.17 44.60 -17.90
N VAL B 11 13.92 44.30 -16.84
CA VAL B 11 15.35 44.07 -16.96
C VAL B 11 15.61 42.81 -17.78
N GLY B 12 16.62 42.90 -18.63
CA GLY B 12 16.90 41.81 -19.54
C GLY B 12 16.60 42.17 -20.97
N PHE B 13 15.61 43.02 -21.20
CA PHE B 13 15.27 43.44 -22.54
C PHE B 13 16.37 44.35 -23.07
N PRO B 14 16.80 44.20 -24.31
CA PRO B 14 17.78 45.15 -24.85
C PRO B 14 17.13 46.49 -25.08
N TYR B 15 17.90 47.55 -24.85
CA TYR B 15 17.40 48.91 -25.06
C TYR B 15 18.23 49.49 -26.19
N LYS B 16 17.71 49.42 -27.40
CA LYS B 16 18.37 49.98 -28.56
C LYS B 16 18.25 51.50 -28.51
N ALA B 17 19.25 52.18 -29.05
CA ALA B 17 19.25 53.64 -29.17
C ALA B 17 20.07 54.01 -30.39
N HIS B 18 19.41 54.52 -31.42
CA HIS B 18 20.09 54.93 -32.63
C HIS B 18 20.39 56.41 -32.58
N VAL B 19 21.67 56.73 -32.77
CA VAL B 19 22.17 58.10 -32.73
C VAL B 19 22.35 58.57 -34.15
N ALA B 20 21.97 59.82 -34.42
CA ALA B 20 22.10 60.41 -35.74
C ALA B 20 22.36 61.90 -35.59
N ARG B 21 23.56 62.34 -35.97
CA ARG B 21 23.94 63.74 -35.91
C ARG B 21 24.95 64.02 -37.01
N GLU B 22 24.92 65.24 -37.52
CA GLU B 22 25.87 65.67 -38.54
C GLU B 22 27.28 65.67 -37.95
N GLY B 23 28.26 65.35 -38.79
CA GLY B 23 29.59 65.07 -38.30
C GLY B 23 29.66 63.87 -37.40
N TYR B 24 28.78 62.90 -37.59
CA TYR B 24 28.69 61.74 -36.72
C TYR B 24 28.08 60.59 -37.52
N SER B 25 28.51 59.37 -37.20
CA SER B 25 27.81 58.21 -37.69
C SER B 25 26.65 57.89 -36.75
N PRO B 26 25.87 56.85 -37.03
CA PRO B 26 24.80 56.47 -36.10
C PRO B 26 25.39 55.87 -34.84
N LEU B 27 24.92 56.36 -33.69
CA LEU B 27 25.41 55.85 -32.42
C LEU B 27 24.62 54.60 -32.03
N THR B 28 25.32 53.58 -31.59
CA THR B 28 24.67 52.40 -31.04
C THR B 28 24.63 52.52 -29.53
N LEU B 29 23.43 52.62 -28.96
CA LEU B 29 23.26 52.61 -27.53
C LEU B 29 22.52 51.35 -27.12
N GLN B 30 23.11 50.60 -26.20
CA GLN B 30 22.48 49.41 -25.65
C GLN B 30 22.33 49.61 -24.16
N MET B 31 21.11 49.73 -23.69
CA MET B 31 20.85 49.80 -22.26
C MET B 31 20.36 48.45 -21.76
N GLN B 32 20.77 48.10 -20.55
CA GLN B 32 20.30 46.87 -19.92
C GLN B 32 20.25 47.09 -18.42
N VAL B 33 19.05 47.10 -17.84
CA VAL B 33 18.93 47.41 -16.43
C VAL B 33 19.05 46.13 -15.60
N ILE B 34 19.33 46.29 -14.31
CA ILE B 34 19.27 45.18 -13.36
C ILE B 34 19.14 45.75 -11.95
N GLU B 35 18.22 45.18 -11.16
CA GLU B 35 18.13 45.37 -9.72
C GLU B 35 17.91 46.80 -9.23
N THR B 36 16.77 47.40 -9.56
CA THR B 36 16.46 48.80 -9.33
C THR B 36 15.69 49.06 -8.04
N SER B 37 15.97 48.26 -7.01
CA SER B 37 15.10 48.09 -5.83
C SER B 37 14.73 49.40 -5.15
N LEU B 38 13.51 49.44 -4.60
CA LEU B 38 12.88 50.68 -4.15
C LEU B 38 13.41 51.16 -2.81
N GLU B 39 13.40 50.33 -1.78
CA GLU B 39 13.85 50.72 -0.45
C GLU B 39 13.02 51.85 0.13
N PRO B 40 11.77 51.60 0.51
CA PRO B 40 10.97 52.66 1.12
C PRO B 40 11.48 53.00 2.52
N THR B 41 11.36 54.27 2.88
CA THR B 41 11.87 54.74 4.17
C THR B 41 10.92 54.27 5.26
N LEU B 42 11.43 53.46 6.18
CA LEU B 42 10.58 52.85 7.20
C LEU B 42 10.68 53.60 8.52
N ASN B 43 9.83 53.19 9.46
CA ASN B 43 9.89 53.71 10.83
C ASN B 43 9.35 52.62 11.74
N LEU B 44 10.11 52.27 12.77
CA LEU B 44 9.71 51.19 13.67
C LEU B 44 8.56 51.66 14.55
N GLU B 45 7.60 50.77 14.80
CA GLU B 45 6.50 51.03 15.72
C GLU B 45 6.15 49.74 16.45
N TYR B 46 7.12 48.84 16.56
CA TYR B 46 6.85 47.56 17.20
C TYR B 46 8.19 46.91 17.53
N ILE B 47 8.15 45.77 18.21
CA ILE B 47 9.35 44.97 18.38
C ILE B 47 9.03 43.56 17.92
N THR B 48 7.75 43.19 18.05
CA THR B 48 7.26 41.88 17.69
C THR B 48 7.99 40.75 18.42
N CYS B 49 7.84 40.71 19.74
CA CYS B 49 8.50 39.68 20.53
C CYS B 49 7.42 38.86 21.22
N ASP B 50 7.86 37.92 22.05
CA ASP B 50 6.93 37.15 22.86
C ASP B 50 7.12 37.50 24.33
N TYR B 51 6.02 37.66 25.04
CA TYR B 51 6.09 38.05 26.43
C TYR B 51 6.50 36.86 27.30
N LYS B 52 7.14 37.16 28.43
CA LYS B 52 7.50 36.13 29.39
C LYS B 52 7.10 36.68 30.77
N THR B 53 6.15 36.01 31.41
CA THR B 53 5.67 36.45 32.72
C THR B 53 6.74 36.18 33.78
N LYS B 54 6.65 36.89 34.89
CA LYS B 54 7.54 36.70 36.01
C LYS B 54 6.72 36.71 37.29
N VAL B 55 6.93 35.70 38.12
CA VAL B 55 6.25 35.63 39.41
C VAL B 55 7.27 35.12 40.42
N PRO B 56 7.64 35.92 41.42
CA PRO B 56 8.55 35.42 42.46
C PRO B 56 7.84 34.50 43.43
N SER B 57 8.61 33.98 44.38
CA SER B 57 8.03 33.14 45.42
C SER B 57 7.16 33.99 46.34
N PRO B 58 5.87 33.66 46.47
CA PRO B 58 4.92 34.59 47.10
C PRO B 58 5.13 34.70 48.60
N TYR B 59 4.91 35.91 49.12
CA TYR B 59 5.10 36.20 50.53
C TYR B 59 4.02 35.47 51.30
N VAL B 60 4.43 34.46 52.06
CA VAL B 60 3.47 33.74 52.89
C VAL B 60 3.44 34.37 54.27
N LYS B 61 2.26 34.79 54.70
CA LYS B 61 1.99 35.11 56.08
C LYS B 61 1.19 33.94 56.66
N CYS B 62 1.90 33.01 57.30
CA CYS B 62 1.36 31.69 57.58
C CYS B 62 1.55 31.20 59.02
N CYS B 63 1.09 31.91 60.04
CA CYS B 63 -0.02 32.87 59.96
C CYS B 63 0.47 34.30 59.85
N GLY B 64 -0.48 35.24 59.83
CA GLY B 64 -0.13 36.63 59.67
C GLY B 64 -0.73 37.21 58.41
N THR B 65 -1.40 38.34 58.54
CA THR B 65 -2.01 38.99 57.39
C THR B 65 -0.94 39.49 56.42
N ALA B 66 -1.31 39.57 55.15
CA ALA B 66 -0.39 39.99 54.11
C ALA B 66 -0.48 41.49 53.90
N GLU B 67 0.64 42.08 53.49
CA GLU B 67 0.73 43.49 53.18
C GLU B 67 0.51 43.71 51.68
N CYS B 68 0.77 44.93 51.22
CA CYS B 68 0.52 45.27 49.82
C CYS B 68 1.75 46.03 49.31
N ARG B 69 2.56 45.36 48.49
CA ARG B 69 3.71 46.01 47.89
C ARG B 69 3.43 46.33 46.43
N THR B 70 3.48 47.62 46.10
CA THR B 70 3.22 48.05 44.74
C THR B 70 4.47 47.98 43.89
N GLN B 71 4.59 46.93 43.08
CA GLN B 71 5.78 46.71 42.27
C GLN B 71 5.85 47.73 41.13
N ASP B 72 6.99 47.77 40.44
CA ASP B 72 7.21 48.72 39.37
C ASP B 72 7.44 48.05 38.01
N LYS B 73 7.11 46.77 37.87
CA LYS B 73 7.33 46.05 36.63
C LYS B 73 6.35 46.53 35.56
N PRO B 74 6.57 46.13 34.31
CA PRO B 74 5.66 46.57 33.24
C PRO B 74 4.29 45.92 33.31
N GLU B 75 4.20 44.69 33.79
CA GLU B 75 2.93 44.01 33.93
C GLU B 75 2.57 43.74 35.38
N TYR B 76 2.77 44.72 36.27
CA TYR B 76 2.68 44.50 37.70
C TYR B 76 1.27 44.14 38.14
N LYS B 77 1.14 42.96 38.73
CA LYS B 77 -0.11 42.49 39.31
C LYS B 77 0.21 41.79 40.62
N CYS B 78 -0.34 42.32 41.71
CA CYS B 78 -0.08 41.78 43.03
C CYS B 78 -1.40 41.38 43.67
N ALA B 79 -1.34 40.37 44.53
CA ALA B 79 -2.53 39.88 45.21
C ALA B 79 -2.11 39.17 46.48
N VAL B 80 -2.76 39.52 47.59
CA VAL B 80 -2.54 38.87 48.88
C VAL B 80 -3.81 38.07 49.13
N PHE B 81 -3.82 36.82 48.68
CA PHE B 81 -4.97 35.95 48.88
C PHE B 81 -4.96 35.48 50.32
N THR B 82 -6.13 35.43 50.94
CA THR B 82 -6.25 34.98 52.32
C THR B 82 -6.46 33.48 52.39
N GLY B 83 -6.15 32.90 53.54
CA GLY B 83 -6.46 31.49 53.75
C GLY B 83 -5.42 30.54 53.21
N VAL B 84 -4.20 30.64 53.68
CA VAL B 84 -3.16 29.68 53.34
C VAL B 84 -3.24 28.51 54.31
N TYR B 85 -2.57 27.42 53.98
CA TYR B 85 -2.49 26.31 54.92
C TYR B 85 -1.24 25.49 54.65
N PRO B 86 -0.04 26.12 54.64
CA PRO B 86 1.16 25.50 54.06
C PRO B 86 1.68 24.21 54.70
N PHE B 87 1.80 23.18 53.87
CA PHE B 87 2.18 21.83 54.27
C PHE B 87 3.30 21.30 53.37
N MET B 88 4.36 22.09 53.21
CA MET B 88 5.48 21.75 52.35
C MET B 88 6.41 20.73 53.00
N TRP B 89 7.63 20.64 52.44
CA TRP B 89 8.59 19.64 52.89
C TRP B 89 9.22 19.94 54.25
N GLY B 90 9.92 21.07 54.41
CA GLY B 90 10.99 21.15 55.40
C GLY B 90 11.14 22.24 56.45
N GLY B 91 10.05 22.69 57.07
CA GLY B 91 10.16 23.50 58.28
C GLY B 91 9.27 24.72 58.32
N ALA B 92 8.35 24.75 59.29
CA ALA B 92 7.00 25.30 59.22
C ALA B 92 6.82 26.58 58.40
N TYR B 93 5.86 26.55 57.47
CA TYR B 93 5.40 27.72 56.77
C TYR B 93 3.92 27.98 56.99
N CYS B 94 3.16 26.94 57.30
CA CYS B 94 1.77 27.08 57.71
C CYS B 94 1.66 26.78 59.20
N PHE B 95 1.65 27.84 60.00
CA PHE B 95 1.65 27.74 61.45
C PHE B 95 0.58 28.63 62.07
N CYS B 96 -0.48 28.89 61.31
CA CYS B 96 -1.65 29.61 61.79
C CYS B 96 -2.87 29.01 61.11
N ASP B 97 -3.86 28.61 61.92
CA ASP B 97 -5.05 27.95 61.39
C ASP B 97 -5.89 28.87 60.53
N SER B 98 -5.81 30.18 60.73
CA SER B 98 -6.44 31.16 59.88
C SER B 98 -5.47 32.31 59.64
N GLU B 99 -5.81 33.19 58.72
CA GLU B 99 -5.03 34.38 58.42
C GLU B 99 -3.77 34.08 57.61
N ASN B 100 -3.66 32.89 57.03
CA ASN B 100 -2.59 32.63 56.08
C ASN B 100 -2.86 33.45 54.82
N THR B 101 -1.80 33.98 54.22
CA THR B 101 -1.98 34.82 53.05
C THR B 101 -0.79 34.60 52.12
N GLN B 102 -1.10 34.51 50.84
CA GLN B 102 -0.09 34.30 49.80
C GLN B 102 -0.03 35.59 48.99
N MET B 103 1.14 36.20 48.95
CA MET B 103 1.34 37.43 48.20
C MET B 103 2.03 37.08 46.90
N SER B 104 1.33 37.26 45.79
CA SER B 104 1.84 36.96 44.48
C SER B 104 2.01 38.26 43.72
N GLU B 105 3.16 38.43 43.08
CA GLU B 105 3.44 39.58 42.24
C GLU B 105 4.00 39.09 40.92
N ALA B 106 3.37 39.52 39.83
CA ALA B 106 3.78 39.09 38.50
C ALA B 106 4.02 40.34 37.67
N TYR B 107 4.90 40.20 36.68
CA TYR B 107 5.18 41.27 35.73
C TYR B 107 5.58 40.64 34.41
N VAL B 108 5.06 41.17 33.33
CA VAL B 108 5.48 40.73 32.01
C VAL B 108 6.85 41.32 31.72
N GLU B 109 7.69 40.56 31.02
CA GLU B 109 9.00 41.03 30.62
C GLU B 109 9.25 40.60 29.18
N ARG B 110 10.13 41.33 28.50
CA ARG B 110 10.53 40.95 27.16
C ARG B 110 11.34 39.66 27.23
N ALA B 111 11.03 38.74 26.32
CA ALA B 111 11.66 37.43 26.35
C ALA B 111 13.10 37.52 25.90
N ASP B 112 13.90 36.53 26.32
CA ASP B 112 15.31 36.51 25.97
C ASP B 112 15.53 36.25 24.50
N VAL B 113 14.55 35.64 23.83
CA VAL B 113 14.65 35.43 22.39
C VAL B 113 14.52 36.73 21.60
N CYS B 114 13.95 37.77 22.22
CA CYS B 114 13.84 39.06 21.54
C CYS B 114 15.20 39.67 21.30
N LYS B 115 16.14 39.47 22.22
CA LYS B 115 17.52 39.88 22.03
C LYS B 115 18.19 39.14 20.87
N HIS B 116 17.68 37.98 20.51
CA HIS B 116 18.06 37.33 19.26
C HIS B 116 17.12 37.67 18.12
N ASP B 117 15.81 37.58 18.33
CA ASP B 117 14.85 37.69 17.23
C ASP B 117 13.60 38.42 17.70
N HIS B 118 13.35 39.58 17.12
CA HIS B 118 12.09 40.30 17.26
C HIS B 118 11.68 40.74 15.86
N ALA B 119 10.37 40.90 15.65
CA ALA B 119 9.85 41.18 14.31
C ALA B 119 9.44 42.64 14.25
N ALA B 120 10.13 43.42 13.43
CA ALA B 120 9.87 44.86 13.40
C ALA B 120 8.69 45.17 12.49
N ALA B 121 8.07 46.33 12.71
CA ALA B 121 6.99 46.83 11.89
C ALA B 121 7.24 48.29 11.58
N TYR B 122 7.45 48.60 10.31
CA TYR B 122 7.84 49.93 9.88
C TYR B 122 6.68 50.54 9.10
N ARG B 123 6.18 51.67 9.60
CA ARG B 123 5.37 52.56 8.79
C ARG B 123 6.28 53.20 7.74
N ALA B 124 5.83 53.15 6.49
CA ALA B 124 6.74 53.33 5.37
C ALA B 124 6.57 54.70 4.73
N HIS B 125 7.69 55.28 4.30
CA HIS B 125 7.68 56.43 3.42
C HIS B 125 8.18 55.89 2.08
N THR B 126 8.30 56.76 1.08
CA THR B 126 8.59 56.33 -0.29
C THR B 126 10.03 55.83 -0.45
N ALA B 127 10.33 55.30 -1.63
CA ALA B 127 11.64 54.74 -1.94
C ALA B 127 12.07 55.17 -3.33
N SER B 128 13.29 54.81 -3.72
CA SER B 128 13.88 55.28 -4.96
C SER B 128 14.44 54.12 -5.77
N LEU B 129 14.47 54.29 -7.09
CA LEU B 129 14.98 53.28 -8.00
C LEU B 129 16.50 53.26 -7.94
N ARG B 130 17.06 52.08 -7.71
CA ARG B 130 18.52 51.89 -7.66
C ARG B 130 18.79 50.80 -8.69
N ALA B 131 19.44 51.16 -9.80
CA ALA B 131 19.58 50.19 -10.87
C ALA B 131 20.97 50.23 -11.49
N LYS B 132 21.39 49.09 -12.00
CA LYS B 132 22.62 48.98 -12.78
C LYS B 132 22.24 48.89 -14.25
N ILE B 133 22.47 49.97 -14.97
CA ILE B 133 22.23 50.05 -16.41
C ILE B 133 23.57 49.80 -17.08
N LYS B 134 23.76 48.58 -17.58
CA LYS B 134 24.86 48.32 -18.48
C LYS B 134 24.61 49.12 -19.75
N VAL B 135 25.59 49.92 -20.12
CA VAL B 135 25.55 50.74 -21.32
C VAL B 135 26.56 50.18 -22.31
N THR B 136 26.13 50.12 -23.56
CA THR B 136 26.96 49.77 -24.69
C THR B 136 26.86 50.91 -25.68
N TYR B 137 27.75 51.88 -25.53
CA TYR B 137 27.84 53.03 -26.41
C TYR B 137 29.21 52.98 -27.07
N GLY B 138 29.21 52.77 -28.38
CA GLY B 138 30.44 52.59 -29.12
C GLY B 138 31.11 51.30 -28.72
N THR B 139 32.44 51.31 -28.61
CA THR B 139 33.14 50.22 -27.98
C THR B 139 33.02 50.23 -26.47
N VAL B 140 32.43 51.26 -25.88
CA VAL B 140 32.26 51.34 -24.44
C VAL B 140 31.17 50.37 -24.02
N ASN B 141 31.58 49.30 -23.34
CA ASN B 141 30.65 48.38 -22.70
C ASN B 141 30.88 48.49 -21.21
N GLN B 142 30.24 49.46 -20.57
CA GLN B 142 30.41 49.69 -19.16
C GLN B 142 29.07 49.45 -18.47
N THR B 143 29.04 49.68 -17.16
CA THR B 143 27.80 49.66 -16.42
C THR B 143 27.76 50.87 -15.50
N VAL B 144 26.56 51.40 -15.28
CA VAL B 144 26.36 52.50 -14.36
C VAL B 144 25.33 52.07 -13.34
N GLU B 145 25.77 51.86 -12.10
CA GLU B 145 24.90 51.41 -11.03
C GLU B 145 24.43 52.65 -10.26
N ALA B 146 23.46 53.34 -10.82
CA ALA B 146 23.09 54.67 -10.33
C ALA B 146 21.72 54.63 -9.66
N TYR B 147 21.51 55.59 -8.76
CA TYR B 147 20.17 55.89 -8.30
C TYR B 147 19.43 56.60 -9.41
N VAL B 148 18.20 56.16 -9.67
CA VAL B 148 17.49 56.53 -10.88
C VAL B 148 16.53 57.68 -10.60
N ASN B 149 16.79 58.46 -9.55
CA ASN B 149 15.88 59.53 -9.18
C ASN B 149 16.01 60.74 -10.10
N GLY B 150 16.93 60.71 -11.05
CA GLY B 150 17.17 61.83 -11.93
C GLY B 150 18.11 62.88 -11.40
N ASP B 151 18.29 62.96 -10.08
CA ASP B 151 19.10 64.01 -9.48
C ASP B 151 20.60 63.75 -9.63
N HIS B 152 21.11 62.71 -8.97
CA HIS B 152 22.51 62.38 -9.11
C HIS B 152 22.74 61.75 -10.46
N ALA B 153 23.05 62.57 -11.46
CA ALA B 153 23.27 62.14 -12.83
C ALA B 153 24.58 61.36 -12.87
N VAL B 154 24.58 60.25 -13.59
CA VAL B 154 25.74 59.38 -13.66
C VAL B 154 26.61 59.86 -14.79
N THR B 155 27.76 60.45 -14.44
CA THR B 155 28.71 60.90 -15.45
C THR B 155 29.33 59.70 -16.13
N ILE B 156 28.87 59.42 -17.35
CA ILE B 156 29.25 58.21 -18.07
C ILE B 156 30.69 58.30 -18.53
N ALA B 157 31.22 57.19 -19.03
CA ALA B 157 32.61 57.16 -19.48
C ALA B 157 32.69 57.96 -20.77
N GLY B 158 32.91 59.27 -20.63
CA GLY B 158 32.88 60.17 -21.76
C GLY B 158 31.54 60.81 -22.02
N THR B 159 30.54 60.49 -21.21
CA THR B 159 29.21 61.05 -21.37
C THR B 159 28.63 61.38 -20.01
N LYS B 160 27.35 61.71 -19.99
CA LYS B 160 26.63 61.97 -18.75
C LYS B 160 25.19 61.50 -18.96
N PHE B 161 24.81 60.41 -18.32
CA PHE B 161 23.44 59.95 -18.37
C PHE B 161 22.68 60.51 -17.19
N ILE B 162 21.41 60.82 -17.41
CA ILE B 162 20.46 61.13 -16.35
C ILE B 162 19.25 60.23 -16.57
N PHE B 163 19.15 59.18 -15.77
CA PHE B 163 18.12 58.17 -15.91
C PHE B 163 17.02 58.46 -14.91
N GLY B 164 15.88 58.93 -15.38
CA GLY B 164 14.79 59.28 -14.50
C GLY B 164 14.70 60.76 -14.27
N PRO B 165 13.93 61.19 -13.25
CA PRO B 165 13.12 60.53 -12.23
C PRO B 165 11.91 59.77 -12.76
N VAL B 166 11.90 58.46 -12.47
CA VAL B 166 10.85 57.59 -12.95
C VAL B 166 9.56 57.88 -12.19
N SER B 167 8.43 57.72 -12.87
CA SER B 167 7.13 58.05 -12.31
C SER B 167 6.37 56.84 -11.81
N THR B 168 7.04 55.88 -11.20
CA THR B 168 6.40 54.60 -10.94
C THR B 168 5.99 54.44 -9.49
N PRO B 169 4.70 54.40 -9.20
CA PRO B 169 4.22 53.97 -7.88
C PRO B 169 3.92 52.49 -7.79
N TRP B 170 4.82 51.67 -8.33
CA TRP B 170 4.70 50.24 -8.11
C TRP B 170 5.13 49.91 -6.69
N THR B 171 4.22 50.16 -5.74
CA THR B 171 4.61 50.26 -4.36
C THR B 171 4.69 48.87 -3.78
N PRO B 172 5.87 48.26 -3.77
CA PRO B 172 6.03 46.99 -3.06
C PRO B 172 5.88 47.14 -1.57
N PHE B 173 6.19 48.30 -1.02
CA PHE B 173 5.88 48.59 0.36
C PHE B 173 4.41 48.94 0.47
N ASP B 174 3.82 48.63 1.62
CA ASP B 174 2.50 49.13 2.01
C ASP B 174 2.65 50.42 2.83
N THR B 175 1.58 50.78 3.52
CA THR B 175 1.66 51.91 4.45
C THR B 175 2.54 51.56 5.65
N LYS B 176 2.40 50.35 6.19
CA LYS B 176 3.23 49.87 7.29
C LYS B 176 3.35 48.36 7.13
N ILE B 177 4.58 47.87 7.03
CA ILE B 177 4.83 46.47 6.76
C ILE B 177 5.60 45.89 7.94
N LEU B 178 5.30 44.64 8.28
CA LEU B 178 6.07 43.95 9.30
C LEU B 178 7.16 43.12 8.64
N VAL B 179 8.40 43.46 8.95
CA VAL B 179 9.56 42.67 8.56
C VAL B 179 9.82 41.78 9.76
N TYR B 180 9.45 40.51 9.66
CA TYR B 180 9.56 39.57 10.77
C TYR B 180 10.25 38.33 10.23
N LYS B 181 11.31 37.91 10.92
CA LYS B 181 12.07 36.72 10.54
C LYS B 181 12.78 36.91 9.20
N GLY B 182 12.94 38.15 8.76
CA GLY B 182 13.45 38.40 7.45
C GLY B 182 12.34 38.50 6.41
N GLU B 183 11.25 37.79 6.60
CA GLU B 183 10.16 37.84 5.66
C GLU B 183 9.39 39.14 5.85
N LEU B 184 9.01 39.76 4.73
CA LEU B 184 8.27 41.00 4.76
C LEU B 184 6.81 40.71 4.46
N TYR B 185 5.93 41.28 5.27
CA TYR B 185 4.51 41.05 5.06
C TYR B 185 3.80 42.39 5.25
N ASN B 186 3.09 42.83 4.24
CA ASN B 186 2.34 44.08 4.36
C ASN B 186 1.02 43.81 5.06
N GLN B 187 1.00 44.02 6.37
CA GLN B 187 -0.21 43.79 7.17
C GLN B 187 -0.31 44.96 8.14
N ASP B 188 -1.55 45.33 8.49
CA ASP B 188 -1.81 46.52 9.29
C ASP B 188 -1.32 46.32 10.74
N PHE B 189 -0.59 47.31 11.21
CA PHE B 189 0.01 47.23 12.53
C PHE B 189 -1.02 47.57 13.61
N PRO B 190 -0.69 47.45 14.88
CA PRO B 190 -1.62 47.88 15.92
C PRO B 190 -1.40 49.35 16.25
N ARG B 191 -2.16 49.83 17.23
CA ARG B 191 -2.02 51.20 17.68
C ARG B 191 -0.68 51.38 18.39
N TYR B 192 -0.20 52.62 18.38
CA TYR B 192 1.15 52.91 18.87
C TYR B 192 1.19 52.75 20.38
N GLY B 193 1.64 51.57 20.81
CA GLY B 193 1.57 51.20 22.21
C GLY B 193 0.19 50.81 22.69
N ALA B 194 -0.83 50.93 21.84
CA ALA B 194 -2.21 50.70 22.26
C ALA B 194 -2.72 49.33 21.86
N GLY B 195 -1.88 48.32 21.94
CA GLY B 195 -2.28 46.99 21.49
C GLY B 195 -3.32 46.37 22.39
N GLN B 196 -4.22 45.60 21.77
CA GLN B 196 -5.28 44.87 22.45
C GLN B 196 -4.78 43.48 22.80
N PRO B 197 -5.26 42.90 23.90
CA PRO B 197 -4.68 41.64 24.38
C PRO B 197 -4.98 40.49 23.46
N GLY B 198 -3.92 39.75 23.13
CA GLY B 198 -4.06 38.65 22.18
C GLY B 198 -4.02 39.09 20.74
N ARG B 199 -3.79 40.38 20.50
CA ARG B 199 -3.69 40.87 19.14
C ARG B 199 -2.27 40.64 18.65
N PHE B 200 -2.10 40.74 17.34
CA PHE B 200 -0.78 40.61 16.75
C PHE B 200 0.06 41.82 17.12
N GLY B 201 0.90 41.66 18.12
CA GLY B 201 1.55 42.79 18.76
C GLY B 201 1.13 43.03 20.18
N ASP B 202 0.85 41.96 20.95
CA ASP B 202 0.45 42.11 22.34
C ASP B 202 1.56 42.66 23.23
N ILE B 203 2.83 42.51 22.83
CA ILE B 203 3.93 43.18 23.48
C ILE B 203 4.55 44.09 22.43
N GLN B 204 4.07 45.33 22.34
CA GLN B 204 4.50 46.27 21.32
C GLN B 204 5.84 46.84 21.73
N SER B 205 6.69 47.11 20.75
CA SER B 205 8.03 47.58 21.04
C SER B 205 8.16 49.03 20.63
N ARG B 206 8.04 49.92 21.62
CA ARG B 206 8.25 51.34 21.36
C ARG B 206 9.71 51.61 21.02
N THR B 207 10.61 50.74 21.46
CA THR B 207 12.01 50.78 21.08
C THR B 207 12.50 49.34 20.95
N LEU B 208 13.67 49.18 20.34
CA LEU B 208 14.22 47.84 20.16
C LEU B 208 14.70 47.27 21.49
N ASP B 209 15.73 47.86 22.06
CA ASP B 209 16.14 47.53 23.41
C ASP B 209 15.60 48.51 24.43
N SER B 210 14.39 49.01 24.24
CA SER B 210 13.88 50.12 25.02
C SER B 210 13.58 49.71 26.46
N ARG B 211 13.65 50.71 27.35
CA ARG B 211 13.40 50.49 28.77
C ARG B 211 11.96 50.14 29.10
N ASP B 212 11.00 50.55 28.27
CA ASP B 212 9.60 50.22 28.53
C ASP B 212 9.20 48.98 27.75
N LEU B 213 7.92 48.63 27.83
CA LEU B 213 7.39 47.52 27.06
C LEU B 213 5.90 47.72 26.90
N TYR B 214 5.49 48.09 25.70
CA TYR B 214 4.09 48.33 25.41
C TYR B 214 3.38 46.99 25.41
N ALA B 215 2.82 46.64 26.56
CA ALA B 215 2.32 45.29 26.77
C ALA B 215 0.91 45.39 27.30
N ASN B 216 0.05 44.50 26.82
CA ASN B 216 -1.34 44.44 27.26
C ASN B 216 -1.74 43.00 27.47
N THR B 217 -0.84 42.21 28.04
CA THR B 217 -1.09 40.79 28.21
C THR B 217 -2.13 40.57 29.28
N GLY B 218 -2.96 39.56 29.08
CA GLY B 218 -4.08 39.34 29.98
C GLY B 218 -3.76 38.52 31.19
N LEU B 219 -2.76 38.96 31.97
CA LEU B 219 -2.40 38.25 33.19
C LEU B 219 -3.51 38.41 34.21
N LYS B 220 -3.86 37.30 34.86
CA LYS B 220 -4.89 37.30 35.90
C LYS B 220 -4.53 36.20 36.88
N LEU B 221 -4.23 36.59 38.12
CA LEU B 221 -3.88 35.61 39.14
C LEU B 221 -5.14 35.03 39.78
N ALA B 222 -4.99 33.89 40.44
CA ALA B 222 -6.13 33.21 41.04
C ALA B 222 -5.78 32.73 42.45
N ARG B 223 -6.84 32.48 43.23
CA ARG B 223 -6.66 31.97 44.58
C ARG B 223 -6.21 30.52 44.50
N PRO B 224 -4.95 30.21 44.79
CA PRO B 224 -4.41 28.89 44.42
C PRO B 224 -4.80 27.76 45.34
N ALA B 225 -4.22 26.58 45.07
CA ALA B 225 -4.49 25.38 45.86
C ALA B 225 -3.69 25.42 47.15
N ALA B 226 -4.42 25.40 48.28
CA ALA B 226 -3.83 25.66 49.59
C ALA B 226 -2.91 24.53 50.00
N GLY B 227 -2.03 24.82 50.97
CA GLY B 227 -1.02 23.90 51.39
C GLY B 227 0.23 23.95 50.54
N ASN B 228 0.10 23.81 49.23
CA ASN B 228 1.20 24.06 48.33
C ASN B 228 1.18 25.53 47.91
N ILE B 229 2.29 25.98 47.34
CA ILE B 229 2.39 27.33 46.82
C ILE B 229 2.16 27.16 45.33
N HIS B 230 0.89 27.13 44.93
CA HIS B 230 0.53 27.10 43.54
C HIS B 230 -0.08 28.46 43.21
N VAL B 231 0.71 29.30 42.55
CA VAL B 231 0.29 30.68 42.38
C VAL B 231 -0.24 30.73 40.96
N PRO B 232 -1.49 30.33 40.75
CA PRO B 232 -2.03 30.30 39.39
C PRO B 232 -2.28 31.70 38.87
N TYR B 233 -1.68 31.97 37.71
CA TYR B 233 -1.77 33.29 37.10
C TYR B 233 -2.08 33.10 35.63
N THR B 234 -3.34 33.32 35.26
CA THR B 234 -3.83 32.99 33.93
C THR B 234 -3.52 34.16 33.01
N GLN B 235 -2.86 33.88 31.90
CA GLN B 235 -2.50 34.88 30.92
C GLN B 235 -3.29 34.64 29.65
N THR B 236 -3.10 35.51 28.66
CA THR B 236 -3.69 35.30 27.37
C THR B 236 -2.80 34.39 26.55
N PRO B 237 -3.23 34.00 25.35
CA PRO B 237 -2.34 33.26 24.46
C PRO B 237 -1.21 34.16 23.98
N SER B 238 -0.09 33.55 23.63
CA SER B 238 1.09 34.30 23.24
C SER B 238 0.90 34.93 21.87
N GLY B 239 0.55 36.21 21.85
CA GLY B 239 0.19 36.87 20.60
C GLY B 239 1.35 37.04 19.65
N PHE B 240 2.57 37.13 20.16
CA PHE B 240 3.73 37.15 19.28
C PHE B 240 3.93 35.79 18.64
N LYS B 241 3.80 34.73 19.45
CA LYS B 241 3.87 33.39 18.91
C LYS B 241 2.63 33.07 18.09
N THR B 242 1.47 33.48 18.59
CA THR B 242 0.23 33.23 17.85
C THR B 242 0.12 34.10 16.63
N TRP B 243 0.90 35.17 16.53
CA TRP B 243 0.92 36.01 15.35
C TRP B 243 2.13 35.69 14.46
N GLN B 244 3.15 35.06 15.03
CA GLN B 244 4.24 34.54 14.23
C GLN B 244 3.88 33.17 13.68
N LYS B 245 3.71 32.19 14.56
CA LYS B 245 3.11 30.94 14.14
C LYS B 245 1.61 31.16 13.97
N ASP B 246 1.10 30.76 12.82
CA ASP B 246 -0.23 31.17 12.42
C ASP B 246 -0.16 32.59 11.84
N ARG B 247 1.04 33.03 11.50
CA ARG B 247 1.18 34.26 10.72
C ARG B 247 0.66 34.02 9.32
N ASP B 248 0.24 35.08 8.66
CA ASP B 248 -0.48 34.97 7.39
C ASP B 248 0.43 34.69 6.21
N SER B 249 -0.10 34.85 5.01
CA SER B 249 0.70 34.65 3.80
C SER B 249 1.79 35.70 3.73
N PRO B 250 3.05 35.28 3.54
CA PRO B 250 4.15 36.25 3.59
C PRO B 250 4.12 37.16 2.38
N LEU B 251 4.08 38.46 2.64
CA LEU B 251 3.86 39.45 1.60
C LEU B 251 5.03 39.57 0.65
N ASN B 252 6.21 39.07 1.05
CA ASN B 252 7.32 38.93 0.12
C ASN B 252 6.94 38.07 -1.08
N ALA B 253 6.30 36.94 -0.85
CA ALA B 253 5.68 36.23 -1.95
C ALA B 253 4.36 36.93 -2.26
N LYS B 254 3.91 36.79 -3.51
CA LYS B 254 2.62 37.34 -3.89
C LYS B 254 2.69 38.85 -3.98
N ALA B 255 3.86 39.39 -4.22
CA ALA B 255 3.98 40.82 -4.45
C ALA B 255 3.67 41.11 -5.91
N PRO B 256 2.79 42.06 -6.22
CA PRO B 256 2.54 42.42 -7.62
C PRO B 256 3.77 43.08 -8.25
N PHE B 257 3.79 43.07 -9.58
CA PHE B 257 4.92 43.58 -10.36
C PHE B 257 6.10 42.61 -10.38
N GLY B 258 6.03 41.52 -9.64
CA GLY B 258 7.06 40.50 -9.69
C GLY B 258 8.39 40.89 -9.09
N CYS B 259 8.45 41.96 -8.31
CA CYS B 259 9.73 42.37 -7.74
C CYS B 259 10.03 41.55 -6.49
N ILE B 260 11.25 41.04 -6.40
CA ILE B 260 11.69 40.26 -5.25
C ILE B 260 11.98 41.21 -4.11
N ILE B 261 11.11 41.24 -3.13
CA ILE B 261 11.28 42.13 -1.98
C ILE B 261 12.26 41.47 -1.04
N GLN B 262 13.48 42.01 -0.98
CA GLN B 262 14.52 41.49 -0.12
C GLN B 262 14.92 42.57 0.87
N THR B 263 15.07 42.17 2.14
CA THR B 263 15.20 43.20 3.16
C THR B 263 16.42 42.93 4.04
N ASN B 264 17.59 43.30 3.53
CA ASN B 264 18.63 43.71 4.46
C ASN B 264 18.20 45.13 4.80
N PRO B 265 18.19 46.01 3.80
CA PRO B 265 17.21 47.09 3.79
C PRO B 265 16.06 46.65 2.91
N VAL B 266 14.84 47.02 3.29
CA VAL B 266 13.66 46.45 2.65
C VAL B 266 13.48 47.08 1.29
N ARG B 267 14.06 46.45 0.27
CA ARG B 267 14.03 46.99 -1.07
C ARG B 267 13.53 45.92 -2.01
N ALA B 268 12.73 46.33 -2.99
CA ALA B 268 12.15 45.38 -3.93
C ALA B 268 13.06 45.26 -5.15
N MET B 269 14.12 44.47 -5.00
CA MET B 269 15.09 44.27 -6.06
C MET B 269 14.45 43.50 -7.20
N ASN B 270 14.87 43.83 -8.42
CA ASN B 270 14.28 43.31 -9.65
C ASN B 270 12.81 43.67 -9.81
N CYS B 271 12.43 44.90 -9.43
CA CYS B 271 11.04 45.32 -9.52
C CYS B 271 10.62 45.46 -10.97
N ALA B 272 9.84 44.52 -11.47
CA ALA B 272 9.39 44.54 -12.87
C ALA B 272 8.26 45.55 -12.96
N VAL B 273 8.59 46.74 -13.43
CA VAL B 273 7.59 47.79 -13.56
C VAL B 273 8.17 48.91 -14.42
N GLY B 274 7.29 49.63 -15.10
CA GLY B 274 7.61 50.92 -15.69
C GLY B 274 8.54 50.89 -16.87
N ASN B 275 9.00 52.09 -17.23
CA ASN B 275 10.00 52.28 -18.27
C ASN B 275 10.90 53.41 -17.84
N ILE B 276 12.19 53.09 -17.69
CA ILE B 276 13.16 54.04 -17.17
C ILE B 276 13.49 55.03 -18.29
N PRO B 277 13.08 56.29 -18.17
CA PRO B 277 13.52 57.29 -19.14
C PRO B 277 14.82 57.92 -18.68
N VAL B 278 15.60 58.40 -19.64
CA VAL B 278 16.89 58.99 -19.35
C VAL B 278 17.35 59.78 -20.57
N SER B 279 18.02 60.90 -20.31
CA SER B 279 18.75 61.63 -21.33
C SER B 279 20.21 61.22 -21.24
N MET B 280 20.87 61.11 -22.39
CA MET B 280 22.28 60.71 -22.42
C MET B 280 23.01 61.80 -23.19
N ASP B 281 23.74 62.65 -22.45
CA ASP B 281 24.63 63.61 -23.07
C ASP B 281 25.89 62.88 -23.51
N ILE B 282 25.95 62.56 -24.80
CA ILE B 282 26.97 61.67 -25.34
C ILE B 282 28.16 62.54 -25.72
N ALA B 283 29.36 61.97 -25.63
CA ALA B 283 30.58 62.69 -25.99
C ALA B 283 30.81 62.64 -27.50
N ASP B 284 31.58 63.61 -28.00
CA ASP B 284 31.89 63.70 -29.42
C ASP B 284 32.77 62.53 -29.87
N SER B 285 33.58 61.97 -28.98
CA SER B 285 34.32 60.75 -29.30
C SER B 285 33.38 59.58 -29.54
N ALA B 286 32.22 59.57 -28.90
CA ALA B 286 31.16 58.64 -29.26
C ALA B 286 30.49 59.05 -30.56
N PHE B 287 30.42 60.34 -30.85
CA PHE B 287 29.85 60.82 -32.10
C PHE B 287 30.90 60.72 -33.19
N THR B 288 31.26 59.49 -33.57
CA THR B 288 32.29 59.23 -34.57
C THR B 288 31.81 59.69 -35.93
N ARG B 289 32.64 60.50 -36.58
CA ARG B 289 32.25 61.34 -37.71
C ARG B 289 31.79 60.53 -38.91
N LEU B 290 30.65 60.95 -39.48
CA LEU B 290 30.07 60.23 -40.61
C LEU B 290 30.94 60.36 -41.85
N THR B 291 31.48 61.55 -42.11
CA THR B 291 32.44 61.70 -43.20
C THR B 291 33.74 61.00 -42.89
N ASP B 292 34.07 60.83 -41.62
CA ASP B 292 35.25 60.08 -41.22
C ASP B 292 34.97 58.59 -41.08
N ALA B 293 33.81 58.12 -41.54
CA ALA B 293 33.44 56.71 -41.43
C ALA B 293 33.51 56.03 -42.79
N PRO B 294 33.68 54.71 -42.85
CA PRO B 294 33.68 54.03 -44.14
C PRO B 294 32.25 53.90 -44.67
N VAL B 295 32.09 54.24 -45.96
CA VAL B 295 30.77 54.26 -46.59
C VAL B 295 30.48 52.95 -47.30
N ILE B 296 29.31 52.38 -47.05
CA ILE B 296 28.92 51.15 -47.73
C ILE B 296 27.99 51.47 -48.88
N SER B 297 27.94 50.58 -49.87
CA SER B 297 27.20 50.85 -51.09
C SER B 297 26.20 49.74 -51.35
N GLU B 298 25.00 50.14 -51.79
CA GLU B 298 23.98 49.24 -52.30
C GLU B 298 23.47 48.24 -51.26
N LEU B 299 22.92 48.73 -50.15
CA LEU B 299 22.44 47.85 -49.11
C LEU B 299 21.08 47.27 -49.48
N THR B 300 20.98 45.94 -49.46
CA THR B 300 19.71 45.25 -49.65
C THR B 300 19.56 44.23 -48.52
N CYS B 301 18.51 44.36 -47.73
CA CYS B 301 18.32 43.53 -46.54
C CYS B 301 17.25 42.48 -46.80
N THR B 302 17.63 41.22 -46.77
CA THR B 302 16.73 40.13 -47.08
C THR B 302 16.55 39.24 -45.86
N VAL B 303 15.33 39.23 -45.35
CA VAL B 303 14.98 38.46 -44.14
C VAL B 303 14.82 37.02 -44.56
N SER B 304 15.72 36.16 -44.08
CA SER B 304 15.70 34.76 -44.52
C SER B 304 14.63 33.96 -43.79
N THR B 305 14.58 34.04 -42.47
CA THR B 305 13.63 33.22 -41.74
C THR B 305 13.23 33.94 -40.45
N CYS B 306 11.94 33.90 -40.15
CA CYS B 306 11.40 34.65 -39.02
C CYS B 306 10.66 33.68 -38.11
N THR B 307 10.98 33.74 -36.83
CA THR B 307 10.25 33.04 -35.79
C THR B 307 9.35 34.06 -35.10
N HIS B 308 8.09 33.67 -34.86
CA HIS B 308 7.11 34.64 -34.41
C HIS B 308 7.31 35.03 -32.96
N SER B 309 8.05 34.24 -32.18
CA SER B 309 8.14 34.49 -30.75
C SER B 309 9.48 34.17 -30.12
N SER B 310 10.52 33.95 -30.92
CA SER B 310 11.77 33.45 -30.38
C SER B 310 12.59 34.61 -29.81
N ASP B 311 13.80 34.30 -29.37
CA ASP B 311 14.74 35.33 -28.93
C ASP B 311 15.39 35.93 -30.18
N PHE B 312 16.10 35.14 -30.99
CA PHE B 312 16.79 35.65 -32.15
C PHE B 312 15.82 35.93 -33.30
N GLY B 313 15.04 34.94 -33.67
CA GLY B 313 13.89 35.14 -34.53
C GLY B 313 14.19 35.39 -36.00
N GLY B 314 14.72 36.57 -36.31
CA GLY B 314 14.87 36.99 -37.68
C GLY B 314 16.29 36.84 -38.17
N ILE B 315 16.46 36.06 -39.22
CA ILE B 315 17.73 35.97 -39.93
C ILE B 315 17.57 36.89 -41.12
N ALA B 316 18.28 38.02 -41.10
CA ALA B 316 18.17 38.98 -42.19
C ALA B 316 19.51 39.17 -42.88
N VAL B 317 19.47 39.14 -44.21
CA VAL B 317 20.69 39.21 -45.01
C VAL B 317 20.79 40.60 -45.60
N LEU B 318 21.46 41.50 -44.90
CA LEU B 318 21.81 42.81 -45.42
C LEU B 318 22.91 42.60 -46.46
N SER B 319 22.55 42.69 -47.73
CA SER B 319 23.54 42.59 -48.80
C SER B 319 23.89 44.00 -49.23
N TYR B 320 25.11 44.42 -48.90
CA TYR B 320 25.53 45.79 -49.14
C TYR B 320 27.03 45.82 -49.33
N LYS B 321 27.44 46.30 -50.50
CA LYS B 321 28.85 46.36 -50.88
C LYS B 321 29.52 47.46 -50.07
N VAL B 322 30.84 47.38 -49.95
CA VAL B 322 31.59 48.25 -49.05
C VAL B 322 32.52 49.12 -49.87
N GLU B 323 32.08 50.35 -50.14
CA GLU B 323 33.01 51.34 -50.68
C GLU B 323 33.99 51.77 -49.60
N LYS B 324 33.56 51.77 -48.35
CA LYS B 324 34.46 51.97 -47.22
C LYS B 324 34.02 51.00 -46.13
N SER B 325 34.97 50.15 -45.73
CA SER B 325 34.67 49.15 -44.72
C SER B 325 34.67 49.77 -43.33
N GLY B 326 34.46 48.94 -42.32
CA GLY B 326 34.56 49.40 -40.95
C GLY B 326 33.40 48.91 -40.12
N ARG B 327 33.19 49.62 -39.02
CA ARG B 327 32.09 49.35 -38.12
C ARG B 327 30.77 49.72 -38.78
N CYS B 328 30.03 48.71 -39.17
CA CYS B 328 28.69 48.89 -39.73
C CYS B 328 27.75 49.23 -38.58
N ASP B 329 27.32 50.48 -38.53
CA ASP B 329 26.34 50.88 -37.54
C ASP B 329 25.00 50.23 -37.86
N ILE B 330 24.61 49.29 -37.03
CA ILE B 330 23.45 48.45 -37.35
C ILE B 330 22.17 48.93 -36.70
N HIS B 331 22.06 50.19 -36.34
CA HIS B 331 20.89 50.65 -35.59
C HIS B 331 19.66 50.72 -36.48
N SER B 332 18.78 49.74 -36.32
CA SER B 332 17.51 49.75 -37.01
C SER B 332 16.64 50.87 -36.46
N HIS B 333 15.92 51.54 -37.36
CA HIS B 333 15.04 52.63 -36.98
C HIS B 333 13.58 52.21 -36.99
N SER B 334 13.28 50.99 -36.58
CA SER B 334 11.93 50.48 -36.62
C SER B 334 11.56 49.93 -35.25
N ASN B 335 10.33 50.19 -34.80
CA ASN B 335 9.89 49.72 -33.50
C ASN B 335 9.21 48.37 -33.58
N VAL B 336 9.24 47.73 -34.74
CA VAL B 336 8.58 46.44 -34.91
C VAL B 336 9.41 45.33 -34.28
N ALA B 337 10.72 45.52 -34.23
CA ALA B 337 11.62 44.52 -33.66
C ALA B 337 13.03 45.08 -33.59
N VAL B 338 13.83 44.53 -32.68
CA VAL B 338 15.18 45.01 -32.46
C VAL B 338 16.16 44.00 -33.06
N LEU B 339 17.25 44.53 -33.60
CA LEU B 339 18.32 43.72 -34.18
C LEU B 339 19.19 43.16 -33.05
N GLN B 340 20.24 42.43 -33.42
CA GLN B 340 21.11 41.82 -32.43
C GLN B 340 22.06 42.84 -31.81
N GLU B 341 22.74 43.62 -32.63
CA GLU B 341 23.58 44.70 -32.13
C GLU B 341 24.17 45.47 -33.31
N VAL B 342 24.68 46.66 -33.08
CA VAL B 342 25.18 47.47 -34.18
C VAL B 342 26.69 47.50 -34.10
N SER B 343 27.33 46.46 -34.64
CA SER B 343 28.77 46.35 -34.63
C SER B 343 29.23 45.76 -35.94
N ILE B 344 28.45 45.97 -37.01
CA ILE B 344 28.57 45.32 -38.31
C ILE B 344 29.94 45.51 -38.93
N GLU B 345 30.29 44.62 -39.85
CA GLU B 345 31.65 44.53 -40.37
C GLU B 345 31.60 44.94 -41.82
N THR B 346 32.70 44.66 -42.53
CA THR B 346 32.82 44.88 -43.97
C THR B 346 31.67 44.23 -44.72
N GLU B 347 30.89 45.07 -45.42
CA GLU B 347 29.59 44.72 -45.96
C GLU B 347 29.63 43.58 -46.95
N GLY B 348 28.50 42.97 -47.18
CA GLY B 348 28.44 41.75 -47.95
C GLY B 348 27.06 41.15 -47.81
N ARG B 349 27.03 39.88 -47.42
CA ARG B 349 25.81 39.23 -46.96
C ARG B 349 25.91 39.18 -45.44
N SER B 350 25.56 40.29 -44.78
CA SER B 350 25.62 40.34 -43.33
C SER B 350 24.33 39.79 -42.73
N VAL B 351 24.46 38.71 -41.97
CA VAL B 351 23.32 38.10 -41.31
C VAL B 351 23.10 38.80 -39.98
N ILE B 352 21.89 39.31 -39.77
CA ILE B 352 21.56 40.02 -38.55
C ILE B 352 20.39 39.30 -37.89
N HIS B 353 20.50 39.05 -36.60
CA HIS B 353 19.43 38.45 -35.83
C HIS B 353 18.53 39.55 -35.30
N PHE B 354 17.28 39.54 -35.76
CA PHE B 354 16.31 40.55 -35.41
C PHE B 354 14.99 39.87 -35.08
N SER B 355 14.65 39.84 -33.80
CA SER B 355 13.42 39.25 -33.32
C SER B 355 12.34 40.31 -33.23
N THR B 356 11.11 39.90 -33.50
CA THR B 356 9.97 40.82 -33.49
C THR B 356 8.70 39.97 -33.48
N ALA B 357 7.76 40.31 -32.60
CA ALA B 357 6.61 39.46 -32.32
C ALA B 357 5.55 39.48 -33.42
N SER B 358 5.52 40.49 -34.27
CA SER B 358 4.48 40.63 -35.28
C SER B 358 4.63 39.55 -36.34
N ALA B 359 3.50 39.19 -36.97
CA ALA B 359 3.51 38.09 -37.93
C ALA B 359 4.21 38.47 -39.21
N SER B 360 3.88 39.62 -39.78
CA SER B 360 4.52 40.12 -40.99
C SER B 360 5.30 41.35 -40.58
N PRO B 361 6.48 41.19 -39.98
CA PRO B 361 7.24 42.38 -39.56
C PRO B 361 7.90 43.05 -40.76
N SER B 362 8.19 44.33 -40.61
CA SER B 362 8.88 45.11 -41.63
C SER B 362 9.80 46.11 -40.93
N PHE B 363 11.07 45.74 -40.80
CA PHE B 363 12.02 46.54 -40.05
C PHE B 363 12.60 47.61 -40.97
N VAL B 364 12.81 48.80 -40.41
CA VAL B 364 13.51 49.88 -41.07
C VAL B 364 14.93 49.85 -40.51
N VAL B 365 15.81 49.16 -41.19
CA VAL B 365 17.18 48.97 -40.73
C VAL B 365 18.05 50.12 -41.20
N SER B 366 18.82 50.68 -40.29
CA SER B 366 19.87 51.63 -40.60
C SER B 366 21.17 50.84 -40.54
N VAL B 367 21.85 50.71 -41.67
CA VAL B 367 23.06 49.93 -41.79
C VAL B 367 24.20 50.89 -42.10
N CYS B 368 24.90 51.34 -41.06
CA CYS B 368 26.03 52.24 -41.22
C CYS B 368 25.60 53.58 -41.79
N SER B 369 24.39 54.02 -41.46
CA SER B 369 23.85 55.23 -42.07
C SER B 369 23.25 54.93 -43.44
N SER B 370 23.25 53.67 -43.83
CA SER B 370 22.52 53.25 -45.03
C SER B 370 21.09 52.91 -44.64
N ARG B 371 20.15 53.56 -45.33
CA ARG B 371 18.75 53.45 -44.96
C ARG B 371 18.10 52.37 -45.81
N ALA B 372 17.49 51.39 -45.14
CA ALA B 372 16.78 50.32 -45.84
C ALA B 372 15.64 49.85 -44.95
N THR B 373 14.77 49.02 -45.53
CA THR B 373 13.65 48.42 -44.81
C THR B 373 13.38 47.04 -45.38
N CYS B 374 13.62 46.01 -44.58
CA CYS B 374 13.36 44.63 -44.98
C CYS B 374 12.12 44.12 -44.26
N THR B 375 11.21 43.51 -45.02
CA THR B 375 9.94 43.03 -44.49
C THR B 375 9.73 41.57 -44.86
N ALA B 376 9.27 40.78 -43.89
CA ALA B 376 9.11 39.34 -44.07
C ALA B 376 8.08 38.80 -43.08
N LYS B 377 7.79 37.51 -43.20
CA LYS B 377 6.74 36.85 -42.42
C LYS B 377 7.37 35.93 -41.38
N CYS B 378 7.10 36.19 -40.11
CA CYS B 378 7.67 35.37 -39.05
C CYS B 378 6.90 34.07 -38.89
N GLU B 379 7.42 33.16 -38.09
CA GLU B 379 6.78 31.85 -37.96
C GLU B 379 6.26 31.62 -36.56
N PRO B 380 4.96 31.36 -36.41
CA PRO B 380 4.41 31.06 -35.09
C PRO B 380 4.77 29.66 -34.65
N TYR C 1 -34.38 -36.68 -32.29
CA TYR C 1 -33.02 -37.05 -32.62
C TYR C 1 -32.02 -36.03 -32.10
N GLU C 2 -32.11 -34.80 -32.63
CA GLU C 2 -31.23 -33.71 -32.23
C GLU C 2 -32.13 -32.51 -31.91
N HIS C 3 -32.28 -32.21 -30.63
CA HIS C 3 -33.07 -31.06 -30.21
C HIS C 3 -32.18 -29.88 -29.91
N THR C 4 -32.52 -28.73 -30.48
CA THR C 4 -31.76 -27.51 -30.28
C THR C 4 -32.58 -26.60 -29.39
N ALA C 5 -31.90 -25.89 -28.47
CA ALA C 5 -32.57 -24.99 -27.55
C ALA C 5 -31.54 -24.07 -26.93
N ILE C 6 -31.94 -23.33 -25.91
CA ILE C 6 -31.05 -22.45 -25.18
C ILE C 6 -31.43 -22.48 -23.71
N ILE C 7 -30.43 -22.40 -22.85
CA ILE C 7 -30.68 -22.23 -21.43
C ILE C 7 -30.13 -20.84 -21.11
N PRO C 8 -30.83 -20.03 -20.32
CA PRO C 8 -30.33 -18.71 -20.00
C PRO C 8 -29.11 -18.78 -19.10
N ASN C 9 -28.00 -18.20 -19.57
CA ASN C 9 -26.71 -18.34 -18.93
C ASN C 9 -26.70 -17.49 -17.66
N GLN C 10 -27.33 -18.04 -16.63
CA GLN C 10 -27.30 -17.51 -15.28
C GLN C 10 -27.31 -18.74 -14.39
N VAL C 11 -26.29 -18.88 -13.55
CA VAL C 11 -25.98 -20.17 -12.93
C VAL C 11 -27.09 -20.58 -11.97
N GLY C 12 -27.61 -21.78 -12.19
CA GLY C 12 -28.59 -22.35 -11.29
C GLY C 12 -29.98 -22.54 -11.86
N PHE C 13 -30.36 -21.72 -12.82
CA PHE C 13 -31.71 -21.74 -13.37
C PHE C 13 -31.98 -23.06 -14.07
N PRO C 14 -32.82 -23.93 -13.51
CA PRO C 14 -33.04 -25.23 -14.14
C PRO C 14 -33.84 -25.07 -15.42
N TYR C 15 -33.16 -25.28 -16.55
CA TYR C 15 -33.73 -25.02 -17.86
C TYR C 15 -34.32 -26.36 -18.30
N LYS C 16 -35.64 -26.47 -18.22
CA LYS C 16 -36.34 -27.68 -18.63
C LYS C 16 -36.38 -27.71 -20.15
N ALA C 17 -36.62 -28.90 -20.70
CA ALA C 17 -36.69 -29.08 -22.14
C ALA C 17 -37.48 -30.35 -22.44
N HIS C 18 -38.65 -30.17 -23.04
CA HIS C 18 -39.40 -31.29 -23.54
C HIS C 18 -38.85 -31.70 -24.90
N VAL C 19 -38.52 -32.98 -25.03
CA VAL C 19 -38.01 -33.55 -26.26
C VAL C 19 -39.14 -34.38 -26.85
N ALA C 20 -39.26 -34.33 -28.18
CA ALA C 20 -40.36 -34.99 -28.89
C ALA C 20 -39.79 -36.01 -29.88
N ARG C 21 -40.13 -37.27 -29.67
CA ARG C 21 -39.74 -38.35 -30.57
C ARG C 21 -40.91 -39.31 -30.67
N GLU C 22 -41.27 -39.62 -31.92
CA GLU C 22 -42.44 -40.44 -32.20
C GLU C 22 -42.28 -41.83 -31.63
N GLY C 23 -43.28 -42.26 -30.86
CA GLY C 23 -43.26 -43.55 -30.23
C GLY C 23 -42.33 -43.69 -29.06
N TYR C 24 -41.67 -42.62 -28.64
CA TYR C 24 -40.93 -42.60 -27.40
C TYR C 24 -41.86 -41.98 -26.36
N SER C 25 -41.34 -41.78 -25.15
CA SER C 25 -42.08 -41.03 -24.16
C SER C 25 -41.82 -39.53 -24.36
N PRO C 26 -42.41 -38.68 -23.52
CA PRO C 26 -41.99 -37.27 -23.51
C PRO C 26 -40.59 -37.16 -22.92
N LEU C 27 -39.64 -36.71 -23.74
CA LEU C 27 -38.26 -36.62 -23.29
C LEU C 27 -38.10 -35.46 -22.33
N THR C 28 -37.36 -35.68 -21.25
CA THR C 28 -37.10 -34.63 -20.28
C THR C 28 -35.62 -34.31 -20.27
N LEU C 29 -35.28 -33.06 -20.53
CA LEU C 29 -33.91 -32.59 -20.39
C LEU C 29 -33.89 -31.48 -19.36
N GLN C 30 -32.98 -31.57 -18.40
CA GLN C 30 -32.81 -30.53 -17.41
C GLN C 30 -31.38 -30.03 -17.50
N MET C 31 -31.21 -28.80 -17.95
CA MET C 31 -29.87 -28.22 -18.04
C MET C 31 -29.64 -27.31 -16.84
N GLN C 32 -28.40 -27.33 -16.36
CA GLN C 32 -28.00 -26.44 -15.28
C GLN C 32 -26.57 -25.99 -15.58
N VAL C 33 -26.26 -24.74 -15.29
CA VAL C 33 -24.93 -24.24 -15.61
C VAL C 33 -24.19 -23.89 -14.33
N ILE C 34 -22.87 -23.98 -14.35
CA ILE C 34 -22.02 -23.48 -13.29
C ILE C 34 -20.67 -23.11 -13.90
N GLU C 35 -20.19 -21.90 -13.58
CA GLU C 35 -18.81 -21.49 -13.83
C GLU C 35 -18.36 -21.46 -15.30
N THR C 36 -18.87 -20.51 -16.08
CA THR C 36 -18.66 -20.42 -17.53
C THR C 36 -17.67 -19.36 -17.99
N SER C 37 -16.58 -19.14 -17.23
CA SER C 37 -15.71 -17.97 -17.36
C SER C 37 -15.11 -17.82 -18.76
N LEU C 38 -14.80 -16.57 -19.12
CA LEU C 38 -14.52 -16.19 -20.50
C LEU C 38 -13.07 -16.34 -20.91
N GLU C 39 -12.12 -15.89 -20.08
CA GLU C 39 -10.69 -16.08 -20.30
C GLU C 39 -10.16 -15.43 -21.58
N PRO C 40 -10.07 -14.11 -21.64
CA PRO C 40 -9.60 -13.47 -22.88
C PRO C 40 -8.12 -13.72 -23.14
N THR C 41 -7.75 -13.71 -24.41
CA THR C 41 -6.38 -13.95 -24.82
C THR C 41 -5.58 -12.66 -24.61
N LEU C 42 -4.46 -12.76 -23.92
CA LEU C 42 -3.68 -11.59 -23.56
C LEU C 42 -2.30 -11.63 -24.21
N ASN C 43 -1.58 -10.51 -24.07
CA ASN C 43 -0.21 -10.41 -24.58
C ASN C 43 0.47 -9.30 -23.79
N LEU C 44 1.46 -9.67 -22.97
CA LEU C 44 2.02 -8.71 -22.03
C LEU C 44 2.99 -7.77 -22.72
N GLU C 45 3.10 -6.53 -22.22
CA GLU C 45 4.10 -5.57 -22.68
C GLU C 45 4.64 -4.74 -21.52
N TYR C 46 4.82 -5.33 -20.34
CA TYR C 46 5.34 -4.56 -19.22
C TYR C 46 5.57 -5.42 -18.00
N ILE C 47 6.42 -4.96 -17.08
CA ILE C 47 6.68 -5.72 -15.87
C ILE C 47 6.43 -4.87 -14.63
N THR C 48 6.68 -3.56 -14.75
CA THR C 48 6.38 -2.56 -13.73
C THR C 48 7.02 -2.83 -12.37
N CYS C 49 8.30 -3.15 -12.35
CA CYS C 49 8.98 -3.42 -11.09
C CYS C 49 9.49 -2.09 -10.53
N ASP C 50 10.24 -2.16 -9.44
CA ASP C 50 10.82 -0.96 -8.86
C ASP C 50 12.20 -0.72 -9.44
N TYR C 51 12.37 0.43 -10.09
CA TYR C 51 13.65 0.78 -10.68
C TYR C 51 14.59 1.24 -9.58
N LYS C 52 15.77 0.61 -9.52
CA LYS C 52 16.70 0.88 -8.42
C LYS C 52 18.04 1.27 -9.05
N THR C 53 18.50 2.47 -8.72
CA THR C 53 19.78 2.95 -9.23
C THR C 53 20.91 2.41 -8.37
N LYS C 54 22.04 2.11 -9.00
CA LYS C 54 23.24 1.67 -8.32
C LYS C 54 24.30 2.75 -8.47
N VAL C 55 24.71 3.33 -7.36
CA VAL C 55 25.74 4.35 -7.37
C VAL C 55 27.04 3.67 -6.98
N PRO C 56 28.00 3.52 -7.90
CA PRO C 56 29.26 2.84 -7.56
C PRO C 56 30.15 3.70 -6.68
N SER C 57 31.36 3.21 -6.47
CA SER C 57 32.33 3.93 -5.67
C SER C 57 32.79 5.19 -6.41
N PRO C 58 33.02 6.28 -5.70
CA PRO C 58 33.46 7.51 -6.40
C PRO C 58 34.91 7.40 -6.84
N TYR C 59 35.13 7.56 -8.14
CA TYR C 59 36.49 7.62 -8.67
C TYR C 59 37.04 8.99 -8.30
N VAL C 60 37.80 9.04 -7.22
CA VAL C 60 38.24 10.32 -6.69
C VAL C 60 39.66 10.61 -7.15
N LYS C 61 39.79 11.39 -8.23
CA LYS C 61 41.08 11.87 -8.68
C LYS C 61 41.51 12.97 -7.73
N CYS C 62 42.33 12.60 -6.76
CA CYS C 62 42.49 13.37 -5.53
C CYS C 62 43.94 13.68 -5.17
N CYS C 63 44.71 14.37 -6.03
CA CYS C 63 44.21 15.29 -7.03
C CYS C 63 44.22 14.75 -8.44
N GLY C 64 43.94 15.63 -9.40
CA GLY C 64 43.91 15.25 -10.79
C GLY C 64 42.51 15.25 -11.35
N THR C 65 42.40 15.40 -12.67
CA THR C 65 41.12 15.23 -13.35
C THR C 65 40.77 13.74 -13.40
N ALA C 66 39.50 13.46 -13.63
CA ALA C 66 39.05 12.09 -13.75
C ALA C 66 38.62 11.78 -15.19
N GLU C 67 38.24 10.53 -15.41
CA GLU C 67 37.69 10.09 -16.68
C GLU C 67 36.20 9.80 -16.50
N CYS C 68 35.58 9.29 -17.57
CA CYS C 68 34.16 8.95 -17.52
C CYS C 68 33.91 7.87 -18.56
N ARG C 69 33.78 6.62 -18.10
CA ARG C 69 33.51 5.53 -19.02
C ARG C 69 32.02 5.48 -19.36
N THR C 70 31.72 4.90 -20.52
CA THR C 70 30.34 4.74 -20.96
C THR C 70 29.71 3.53 -20.28
N GLN C 71 28.68 3.77 -19.47
CA GLN C 71 27.97 2.70 -18.81
C GLN C 71 27.09 1.96 -19.81
N ASP C 72 26.56 0.82 -19.40
CA ASP C 72 25.69 0.01 -20.26
C ASP C 72 24.29 -0.16 -19.70
N LYS C 73 24.05 0.24 -18.46
CA LYS C 73 22.75 0.08 -17.83
C LYS C 73 21.74 1.05 -18.41
N PRO C 74 20.44 0.83 -18.15
CA PRO C 74 19.44 1.77 -18.65
C PRO C 74 19.47 3.11 -17.95
N GLU C 75 19.67 3.12 -16.64
CA GLU C 75 19.88 4.37 -15.93
C GLU C 75 21.37 4.65 -15.75
N TYR C 76 22.19 4.25 -16.70
CA TYR C 76 23.63 4.51 -16.63
C TYR C 76 23.91 5.99 -16.89
N LYS C 77 24.53 6.63 -15.93
CA LYS C 77 24.95 8.01 -16.04
C LYS C 77 26.24 8.18 -15.26
N CYS C 78 27.11 9.06 -15.77
CA CYS C 78 28.38 9.35 -15.13
C CYS C 78 28.57 10.86 -15.09
N ALA C 79 29.40 11.31 -14.15
CA ALA C 79 29.61 12.73 -13.96
C ALA C 79 30.98 12.94 -13.33
N VAL C 80 31.58 14.08 -13.60
CA VAL C 80 32.91 14.42 -13.10
C VAL C 80 32.79 15.78 -12.44
N PHE C 81 32.50 15.78 -11.15
CA PHE C 81 32.47 17.02 -10.38
C PHE C 81 33.90 17.46 -10.17
N THR C 82 34.28 18.56 -10.81
CA THR C 82 35.64 19.05 -10.71
C THR C 82 35.89 19.69 -9.35
N GLY C 83 37.08 19.43 -8.81
CA GLY C 83 37.46 20.07 -7.56
C GLY C 83 36.81 19.46 -6.34
N VAL C 84 37.04 18.19 -6.10
CA VAL C 84 36.52 17.55 -4.91
C VAL C 84 37.39 17.93 -3.72
N TYR C 85 36.84 17.81 -2.53
CA TYR C 85 37.61 18.03 -1.32
C TYR C 85 37.77 16.70 -0.62
N PRO C 86 38.96 16.10 -0.64
CA PRO C 86 39.17 14.89 0.17
C PRO C 86 39.55 15.21 1.61
N PHE C 87 38.60 15.06 2.52
CA PHE C 87 38.81 15.25 3.96
C PHE C 87 38.06 14.18 4.73
N MET C 88 38.17 12.94 4.28
CA MET C 88 37.37 11.84 4.82
C MET C 88 37.77 11.53 6.26
N TRP C 89 36.79 11.06 7.03
CA TRP C 89 37.00 10.86 8.46
C TRP C 89 37.88 9.65 8.74
N GLY C 90 37.89 8.67 7.85
CA GLY C 90 38.81 7.57 8.00
C GLY C 90 40.11 7.81 7.27
N GLY C 91 40.43 9.08 7.01
CA GLY C 91 41.63 9.44 6.28
C GLY C 91 41.34 10.39 5.14
N ALA C 92 42.25 11.32 4.87
CA ALA C 92 42.10 12.25 3.75
C ALA C 92 42.21 11.48 2.44
N TYR C 93 41.06 11.30 1.78
CA TYR C 93 41.04 10.58 0.52
C TYR C 93 41.65 11.37 -0.61
N CYS C 94 41.74 12.68 -0.47
CA CYS C 94 42.51 13.53 -1.35
C CYS C 94 43.78 13.96 -0.63
N PHE C 95 44.92 13.73 -1.27
CA PHE C 95 46.22 13.99 -0.67
C PHE C 95 46.85 15.24 -1.26
N CYS C 96 46.07 15.98 -2.03
CA CYS C 96 46.52 17.21 -2.67
C CYS C 96 45.51 18.29 -2.34
N ASP C 97 45.90 19.55 -2.56
CA ASP C 97 45.04 20.67 -2.17
C ASP C 97 43.84 20.84 -3.07
N SER C 98 44.04 21.12 -4.36
CA SER C 98 42.96 21.39 -5.29
C SER C 98 43.22 20.63 -6.59
N GLU C 99 42.37 20.86 -7.58
CA GLU C 99 42.46 20.22 -8.88
C GLU C 99 41.99 18.77 -8.88
N ASN C 100 41.24 18.35 -7.87
CA ASN C 100 40.72 16.99 -7.82
C ASN C 100 39.47 16.88 -8.69
N THR C 101 38.83 15.72 -8.68
CA THR C 101 37.60 15.50 -9.42
C THR C 101 36.96 14.21 -8.90
N GLN C 102 35.65 14.13 -9.06
CA GLN C 102 34.89 12.99 -8.56
C GLN C 102 34.09 12.43 -9.72
N MET C 103 34.45 11.22 -10.15
CA MET C 103 33.67 10.49 -11.13
C MET C 103 32.61 9.69 -10.39
N SER C 104 31.37 10.10 -10.54
CA SER C 104 30.23 9.43 -9.92
C SER C 104 29.38 8.81 -11.03
N GLU C 105 29.11 7.51 -10.91
CA GLU C 105 28.33 6.79 -11.90
C GLU C 105 27.27 5.95 -11.20
N ALA C 106 26.12 5.85 -11.86
CA ALA C 106 25.02 5.03 -11.36
C ALA C 106 24.35 4.37 -12.55
N TYR C 107 23.79 3.19 -12.31
CA TYR C 107 23.09 2.45 -13.36
C TYR C 107 21.78 1.94 -12.79
N VAL C 108 20.70 2.20 -13.51
CA VAL C 108 19.39 1.79 -13.05
C VAL C 108 19.15 0.35 -13.46
N GLU C 109 18.55 -0.44 -12.57
CA GLU C 109 18.25 -1.84 -12.86
C GLU C 109 16.88 -2.19 -12.29
N ARG C 110 16.28 -3.22 -12.87
CA ARG C 110 15.03 -3.77 -12.35
C ARG C 110 15.31 -4.51 -11.06
N ALA C 111 14.46 -4.26 -10.06
CA ALA C 111 14.73 -4.72 -8.71
C ALA C 111 14.59 -6.24 -8.60
N ASP C 112 15.20 -6.79 -7.55
CA ASP C 112 15.18 -8.23 -7.35
C ASP C 112 13.81 -8.72 -6.91
N VAL C 113 12.94 -7.83 -6.45
CA VAL C 113 11.60 -8.23 -6.04
C VAL C 113 10.70 -8.52 -7.23
N CYS C 114 11.14 -8.19 -8.45
CA CYS C 114 10.33 -8.40 -9.63
C CYS C 114 10.11 -9.89 -9.92
N LYS C 115 11.16 -10.70 -9.78
CA LYS C 115 11.02 -12.13 -9.90
C LYS C 115 10.17 -12.71 -8.78
N HIS C 116 10.16 -12.09 -7.62
CA HIS C 116 9.20 -12.42 -6.57
C HIS C 116 7.78 -12.05 -6.95
N ASP C 117 7.57 -10.85 -7.50
CA ASP C 117 6.25 -10.39 -7.90
C ASP C 117 6.42 -9.18 -8.82
N HIS C 118 5.71 -9.18 -9.94
CA HIS C 118 5.79 -8.10 -10.91
C HIS C 118 4.38 -7.58 -11.13
N ALA C 119 4.25 -6.68 -12.10
CA ALA C 119 2.93 -6.14 -12.45
C ALA C 119 2.79 -6.23 -13.96
N ALA C 120 2.01 -7.19 -14.44
CA ALA C 120 1.91 -7.41 -15.86
C ALA C 120 0.76 -6.60 -16.45
N ALA C 121 0.90 -6.22 -17.71
CA ALA C 121 -0.14 -5.53 -18.47
C ALA C 121 -0.20 -6.09 -19.87
N TYR C 122 -1.31 -6.71 -20.20
CA TYR C 122 -1.47 -7.40 -21.48
C TYR C 122 -2.53 -6.71 -22.30
N ARG C 123 -2.27 -6.58 -23.60
CA ARG C 123 -3.32 -6.28 -24.55
C ARG C 123 -4.21 -7.51 -24.71
N ALA C 124 -5.47 -7.28 -25.07
CA ALA C 124 -6.48 -8.32 -24.91
C ALA C 124 -7.12 -8.69 -26.24
N HIS C 125 -7.17 -9.99 -26.49
CA HIS C 125 -7.98 -10.54 -27.56
C HIS C 125 -9.16 -11.25 -26.89
N THR C 126 -9.98 -11.93 -27.69
CA THR C 126 -11.22 -12.53 -27.20
C THR C 126 -10.96 -13.76 -26.35
N ALA C 127 -12.05 -14.35 -25.84
CA ALA C 127 -11.97 -15.48 -24.92
C ALA C 127 -13.21 -16.35 -25.07
N SER C 128 -13.20 -17.50 -24.39
CA SER C 128 -14.22 -18.53 -24.58
C SER C 128 -14.87 -18.91 -23.26
N LEU C 129 -16.19 -18.86 -23.23
CA LEU C 129 -16.98 -19.14 -22.03
C LEU C 129 -16.91 -20.62 -21.72
N ARG C 130 -16.48 -20.95 -20.50
CA ARG C 130 -16.23 -22.34 -20.09
C ARG C 130 -17.26 -22.70 -19.01
N ALA C 131 -18.10 -23.68 -19.30
CA ALA C 131 -19.20 -23.97 -18.40
C ALA C 131 -19.26 -25.44 -18.04
N LYS C 132 -19.84 -25.72 -16.87
CA LYS C 132 -20.23 -27.06 -16.48
C LYS C 132 -21.75 -27.13 -16.43
N ILE C 133 -22.32 -27.80 -17.41
CA ILE C 133 -23.76 -27.99 -17.51
C ILE C 133 -24.06 -29.36 -16.93
N LYS C 134 -24.74 -29.39 -15.80
CA LYS C 134 -25.39 -30.61 -15.35
C LYS C 134 -26.56 -30.88 -16.27
N VAL C 135 -26.49 -31.99 -16.99
CA VAL C 135 -27.58 -32.47 -17.80
C VAL C 135 -28.22 -33.64 -17.08
N THR C 136 -29.49 -33.47 -16.77
CA THR C 136 -30.36 -34.55 -16.31
C THR C 136 -31.25 -34.90 -17.50
N TYR C 137 -30.78 -35.81 -18.33
CA TYR C 137 -31.49 -36.23 -19.53
C TYR C 137 -32.00 -37.63 -19.27
N GLY C 138 -33.17 -37.72 -18.67
CA GLY C 138 -33.78 -38.99 -18.32
C GLY C 138 -32.96 -39.75 -17.31
N THR C 139 -32.75 -41.04 -17.58
CA THR C 139 -31.83 -41.83 -16.78
C THR C 139 -30.39 -41.37 -16.89
N VAL C 140 -30.03 -40.64 -17.94
CA VAL C 140 -28.73 -40.00 -18.00
C VAL C 140 -28.72 -38.86 -16.99
N ASN C 141 -27.68 -38.83 -16.17
CA ASN C 141 -27.45 -37.74 -15.23
C ASN C 141 -25.96 -37.53 -15.12
N GLN C 142 -25.48 -36.39 -15.60
CA GLN C 142 -24.06 -36.11 -15.59
C GLN C 142 -23.87 -34.60 -15.63
N THR C 143 -22.62 -34.17 -15.51
CA THR C 143 -22.29 -32.76 -15.63
C THR C 143 -21.05 -32.63 -16.50
N VAL C 144 -21.25 -32.04 -17.68
CA VAL C 144 -20.20 -31.93 -18.68
C VAL C 144 -19.67 -30.51 -18.69
N GLU C 145 -18.36 -30.36 -18.83
CA GLU C 145 -17.72 -29.05 -18.90
C GLU C 145 -17.15 -28.86 -20.29
N ALA C 146 -17.39 -27.69 -20.87
CA ALA C 146 -16.94 -27.39 -22.23
C ALA C 146 -16.77 -25.90 -22.41
N TYR C 147 -15.82 -25.54 -23.27
CA TYR C 147 -15.76 -24.18 -23.80
C TYR C 147 -16.97 -23.97 -24.72
N VAL C 148 -17.39 -22.72 -24.83
CA VAL C 148 -18.69 -22.43 -25.44
C VAL C 148 -18.57 -22.27 -26.96
N ASN C 149 -17.40 -22.57 -27.52
CA ASN C 149 -17.19 -22.31 -28.94
C ASN C 149 -17.92 -23.30 -29.82
N GLY C 150 -18.31 -24.43 -29.26
CA GLY C 150 -19.02 -25.45 -30.01
C GLY C 150 -18.14 -26.50 -30.67
N ASP C 151 -16.92 -26.14 -31.07
CA ASP C 151 -16.00 -27.04 -31.77
C ASP C 151 -15.58 -28.22 -30.91
N HIS C 152 -15.09 -27.98 -29.71
CA HIS C 152 -14.87 -29.07 -28.77
C HIS C 152 -16.22 -29.54 -28.28
N ALA C 153 -16.78 -30.51 -28.98
CA ALA C 153 -18.15 -30.97 -28.76
C ALA C 153 -18.17 -31.86 -27.53
N VAL C 154 -19.34 -31.98 -26.92
CA VAL C 154 -19.51 -32.76 -25.70
C VAL C 154 -19.92 -34.17 -26.11
N THR C 155 -19.04 -35.13 -25.87
CA THR C 155 -19.39 -36.52 -26.10
C THR C 155 -20.11 -37.06 -24.88
N ILE C 156 -21.41 -36.79 -24.78
CA ILE C 156 -22.22 -37.27 -23.66
C ILE C 156 -22.50 -38.75 -23.88
N ALA C 157 -23.02 -39.42 -22.86
CA ALA C 157 -23.23 -40.86 -22.94
C ALA C 157 -24.37 -41.16 -23.89
N GLY C 158 -24.05 -41.23 -25.18
CA GLY C 158 -25.07 -41.17 -26.21
C GLY C 158 -25.48 -39.77 -26.58
N THR C 159 -25.04 -38.77 -25.82
CA THR C 159 -25.41 -37.39 -26.07
C THR C 159 -24.36 -36.77 -26.98
N LYS C 160 -24.82 -35.99 -27.94
CA LYS C 160 -23.95 -35.13 -28.74
C LYS C 160 -24.29 -33.71 -28.34
N PHE C 161 -23.41 -33.08 -27.58
CA PHE C 161 -23.61 -31.71 -27.15
C PHE C 161 -22.84 -30.77 -28.06
N ILE C 162 -23.52 -29.74 -28.55
CA ILE C 162 -22.90 -28.61 -29.21
C ILE C 162 -23.44 -27.37 -28.51
N PHE C 163 -22.73 -26.92 -27.49
CA PHE C 163 -23.14 -25.75 -26.71
C PHE C 163 -22.41 -24.56 -27.29
N GLY C 164 -23.13 -23.73 -28.04
CA GLY C 164 -22.53 -22.59 -28.69
C GLY C 164 -22.01 -22.94 -30.07
N PRO C 165 -21.26 -22.03 -30.71
CA PRO C 165 -20.56 -20.75 -30.60
C PRO C 165 -21.37 -19.67 -29.89
N VAL C 166 -20.65 -18.87 -29.09
CA VAL C 166 -21.29 -17.97 -28.14
C VAL C 166 -22.00 -16.82 -28.84
N SER C 167 -22.78 -16.07 -28.06
CA SER C 167 -23.58 -15.02 -28.65
C SER C 167 -22.98 -13.63 -28.54
N THR C 168 -22.31 -13.28 -27.45
CA THR C 168 -21.88 -11.90 -27.33
C THR C 168 -20.71 -11.74 -26.37
N PRO C 169 -19.63 -11.13 -26.80
CA PRO C 169 -18.48 -10.90 -25.92
C PRO C 169 -18.61 -9.70 -24.99
N TRP C 170 -19.78 -9.54 -24.37
CA TRP C 170 -19.91 -8.56 -23.32
C TRP C 170 -19.15 -9.07 -22.11
N THR C 171 -17.89 -8.65 -22.01
CA THR C 171 -17.01 -9.22 -21.04
C THR C 171 -16.12 -8.12 -20.49
N PRO C 172 -15.44 -8.37 -19.37
CA PRO C 172 -14.66 -7.30 -18.74
C PRO C 172 -13.33 -7.02 -19.42
N PHE C 173 -13.10 -7.56 -20.60
CA PHE C 173 -11.87 -7.27 -21.32
C PHE C 173 -11.89 -5.84 -21.81
N ASP C 174 -10.81 -5.11 -21.51
CA ASP C 174 -10.56 -3.83 -22.15
C ASP C 174 -9.56 -4.00 -23.29
N THR C 175 -9.09 -2.88 -23.82
CA THR C 175 -8.01 -2.94 -24.80
C THR C 175 -6.72 -3.36 -24.13
N LYS C 176 -6.54 -3.00 -22.87
CA LYS C 176 -5.35 -3.35 -22.10
C LYS C 176 -5.81 -3.61 -20.68
N ILE C 177 -5.29 -4.68 -20.07
CA ILE C 177 -5.64 -5.05 -18.71
C ILE C 177 -4.35 -5.30 -17.96
N LEU C 178 -4.22 -4.65 -16.81
CA LEU C 178 -3.09 -4.91 -15.94
C LEU C 178 -3.51 -5.86 -14.83
N VAL C 179 -2.78 -6.96 -14.72
CA VAL C 179 -2.85 -7.85 -13.58
C VAL C 179 -1.70 -7.42 -12.69
N TYR C 180 -2.02 -6.84 -11.54
CA TYR C 180 -1.03 -6.36 -10.59
C TYR C 180 -1.42 -6.91 -9.23
N LYS C 181 -0.54 -7.71 -8.64
CA LYS C 181 -0.80 -8.32 -7.35
C LYS C 181 -1.93 -9.33 -7.43
N GLY C 182 -2.24 -9.82 -8.63
CA GLY C 182 -3.37 -10.70 -8.80
C GLY C 182 -4.64 -9.95 -9.13
N GLU C 183 -4.67 -8.66 -8.88
CA GLU C 183 -5.87 -7.89 -9.16
C GLU C 183 -5.88 -7.48 -10.62
N LEU C 184 -7.08 -7.28 -11.16
CA LEU C 184 -7.24 -6.88 -12.54
C LEU C 184 -7.73 -5.44 -12.58
N TYR C 185 -7.19 -4.66 -13.51
CA TYR C 185 -7.63 -3.28 -13.65
C TYR C 185 -7.38 -2.87 -15.09
N ASN C 186 -8.37 -2.23 -15.70
CA ASN C 186 -8.14 -1.61 -17.00
C ASN C 186 -7.36 -0.32 -16.80
N GLN C 187 -6.29 -0.15 -17.55
CA GLN C 187 -5.47 1.05 -17.42
C GLN C 187 -4.66 1.18 -18.69
N ASP C 188 -4.44 2.42 -19.15
CA ASP C 188 -3.72 2.65 -20.39
C ASP C 188 -2.23 2.44 -20.17
N PHE C 189 -1.72 1.38 -20.79
CA PHE C 189 -0.28 1.17 -20.80
C PHE C 189 0.38 2.27 -21.63
N PRO C 190 1.59 2.68 -21.29
CA PRO C 190 2.26 3.70 -22.09
C PRO C 190 2.81 3.11 -23.37
N ARG C 191 3.57 3.92 -24.09
CA ARG C 191 4.34 3.42 -25.22
C ARG C 191 5.32 2.36 -24.75
N TYR C 192 5.57 1.39 -25.64
CA TYR C 192 6.20 0.13 -25.24
C TYR C 192 7.65 0.35 -24.85
N GLY C 193 7.86 0.53 -23.54
CA GLY C 193 9.16 0.82 -22.98
C GLY C 193 9.52 2.29 -22.91
N ALA C 194 9.20 3.07 -23.94
CA ALA C 194 9.51 4.49 -23.94
C ALA C 194 8.38 5.33 -23.36
N GLY C 195 7.95 5.01 -22.15
CA GLY C 195 6.92 5.83 -21.51
C GLY C 195 7.55 6.99 -20.75
N GLN C 196 6.70 7.85 -20.21
CA GLN C 196 7.15 9.04 -19.52
C GLN C 196 7.46 8.70 -18.07
N PRO C 197 8.37 9.46 -17.43
CA PRO C 197 8.70 9.17 -16.04
C PRO C 197 7.56 9.55 -15.11
N GLY C 198 7.54 8.93 -13.94
CA GLY C 198 6.49 9.21 -12.98
C GLY C 198 5.16 8.59 -13.34
N ARG C 199 5.18 7.48 -14.07
CA ARG C 199 3.95 6.85 -14.53
C ARG C 199 3.96 5.40 -14.11
N PHE C 200 2.78 4.79 -14.18
CA PHE C 200 2.64 3.38 -13.84
C PHE C 200 3.27 2.55 -14.95
N GLY C 201 4.55 2.28 -14.79
CA GLY C 201 5.34 1.66 -15.84
C GLY C 201 6.55 2.44 -16.28
N ASP C 202 7.19 3.19 -15.36
CA ASP C 202 8.39 3.93 -15.68
C ASP C 202 9.56 3.05 -16.07
N ILE C 203 9.62 1.82 -15.56
CA ILE C 203 10.58 0.84 -16.06
C ILE C 203 9.79 -0.07 -16.98
N GLN C 204 10.02 0.07 -18.28
CA GLN C 204 9.25 -0.67 -19.28
C GLN C 204 9.84 -2.06 -19.42
N SER C 205 8.97 -3.05 -19.57
CA SER C 205 9.41 -4.43 -19.67
C SER C 205 8.97 -4.99 -21.01
N ARG C 206 9.93 -5.19 -21.92
CA ARG C 206 9.63 -5.85 -23.17
C ARG C 206 9.22 -7.29 -22.94
N THR C 207 9.99 -8.01 -22.13
CA THR C 207 9.60 -9.30 -21.61
C THR C 207 9.74 -9.24 -20.10
N LEU C 208 8.87 -9.98 -19.41
CA LEU C 208 8.90 -9.98 -17.96
C LEU C 208 10.13 -10.71 -17.45
N ASP C 209 10.58 -11.72 -18.18
CA ASP C 209 11.91 -12.28 -18.01
C ASP C 209 12.89 -11.74 -19.02
N SER C 210 12.58 -10.58 -19.62
CA SER C 210 13.37 -10.06 -20.72
C SER C 210 14.75 -9.61 -20.26
N ARG C 211 15.69 -9.60 -21.19
CA ARG C 211 17.07 -9.21 -20.90
C ARG C 211 17.30 -7.72 -20.93
N ASP C 212 16.72 -7.01 -21.89
CA ASP C 212 16.76 -5.56 -21.88
C ASP C 212 15.69 -5.04 -20.92
N LEU C 213 15.85 -3.78 -20.51
CA LEU C 213 14.89 -3.18 -19.59
C LEU C 213 14.69 -1.74 -19.99
N TYR C 214 13.53 -1.45 -20.54
CA TYR C 214 13.22 -0.11 -21.03
C TYR C 214 12.90 0.75 -19.83
N ALA C 215 13.22 2.03 -19.94
CA ALA C 215 13.06 2.91 -18.81
C ALA C 215 12.83 4.33 -19.31
N ASN C 216 12.22 5.14 -18.46
CA ASN C 216 12.19 6.58 -18.65
C ASN C 216 12.36 7.27 -17.31
N THR C 217 13.13 6.64 -16.42
CA THR C 217 13.31 7.18 -15.09
C THR C 217 14.26 8.37 -15.15
N GLY C 218 13.90 9.43 -14.43
CA GLY C 218 14.66 10.65 -14.51
C GLY C 218 15.83 10.74 -13.57
N LEU C 219 16.91 10.01 -13.86
CA LEU C 219 18.10 10.08 -13.02
C LEU C 219 18.83 11.40 -13.28
N LYS C 220 19.52 11.89 -12.26
CA LYS C 220 20.32 13.11 -12.38
C LYS C 220 21.25 13.17 -11.17
N LEU C 221 22.55 13.24 -11.42
CA LEU C 221 23.50 13.24 -10.32
C LEU C 221 23.53 14.60 -9.65
N ALA C 222 24.24 14.68 -8.53
CA ALA C 222 24.43 15.93 -7.82
C ALA C 222 25.89 16.09 -7.40
N ARG C 223 26.37 17.32 -7.44
CA ARG C 223 27.71 17.60 -6.95
C ARG C 223 27.70 17.47 -5.44
N PRO C 224 28.25 16.40 -4.87
CA PRO C 224 28.03 16.11 -3.45
C PRO C 224 28.81 16.98 -2.50
N ALA C 225 28.73 16.66 -1.21
CA ALA C 225 29.35 17.48 -0.18
C ALA C 225 30.80 17.06 0.03
N ALA C 226 31.66 18.05 0.29
CA ALA C 226 33.09 17.85 0.33
C ALA C 226 33.53 17.10 1.59
N GLY C 227 34.85 16.94 1.74
CA GLY C 227 35.41 16.13 2.77
C GLY C 227 35.40 14.65 2.44
N ASN C 228 34.24 14.02 2.59
CA ASN C 228 34.05 12.64 2.17
C ASN C 228 33.38 12.60 0.80
N ILE C 229 32.99 11.40 0.40
CA ILE C 229 32.42 11.16 -0.92
C ILE C 229 30.93 10.96 -0.72
N HIS C 230 30.14 11.98 -1.02
CA HIS C 230 28.69 11.85 -1.08
C HIS C 230 28.28 11.92 -2.54
N VAL C 231 27.48 10.96 -2.97
CA VAL C 231 27.07 10.89 -4.36
C VAL C 231 25.61 11.29 -4.44
N PRO C 232 25.29 12.58 -4.54
CA PRO C 232 23.91 13.01 -4.71
C PRO C 232 23.39 12.59 -6.08
N TYR C 233 22.18 12.03 -6.08
CA TYR C 233 21.60 11.51 -7.31
C TYR C 233 20.10 11.65 -7.22
N THR C 234 19.54 12.40 -8.15
CA THR C 234 18.10 12.67 -8.16
C THR C 234 17.50 11.82 -9.27
N GLN C 235 16.88 10.71 -8.87
CA GLN C 235 16.12 9.86 -9.77
C GLN C 235 14.69 10.38 -9.83
N THR C 236 13.81 9.59 -10.42
CA THR C 236 12.40 9.95 -10.40
C THR C 236 11.78 9.49 -9.08
N PRO C 237 10.53 9.83 -8.82
CA PRO C 237 9.82 9.21 -7.71
C PRO C 237 9.53 7.75 -8.03
N SER C 238 9.25 6.97 -6.99
CA SER C 238 9.05 5.53 -7.18
C SER C 238 7.69 5.23 -7.80
N GLY C 239 7.62 5.29 -9.13
CA GLY C 239 6.33 5.20 -9.81
C GLY C 239 5.73 3.82 -9.77
N PHE C 240 6.56 2.79 -9.58
CA PHE C 240 6.04 1.45 -9.38
C PHE C 240 5.28 1.37 -8.07
N LYS C 241 5.89 1.91 -7.01
CA LYS C 241 5.13 2.13 -5.78
C LYS C 241 4.10 3.22 -6.00
N THR C 242 4.42 4.20 -6.84
CA THR C 242 3.46 5.23 -7.18
C THR C 242 2.28 4.68 -7.97
N TRP C 243 2.45 3.54 -8.64
CA TRP C 243 1.36 2.90 -9.35
C TRP C 243 0.76 1.76 -8.54
N GLN C 244 1.59 1.03 -7.81
CA GLN C 244 1.11 -0.06 -6.97
C GLN C 244 0.33 0.45 -5.78
N LYS C 245 0.98 1.21 -4.91
CA LYS C 245 0.22 2.09 -4.04
C LYS C 245 -0.39 3.18 -4.90
N ASP C 246 -1.56 3.66 -4.47
CA ASP C 246 -2.29 4.62 -5.28
C ASP C 246 -2.78 3.94 -6.54
N ARG C 247 -3.35 2.74 -6.38
CA ARG C 247 -4.02 2.09 -7.49
C ARG C 247 -5.50 2.47 -7.48
N ASP C 248 -6.16 2.25 -8.62
CA ASP C 248 -7.58 2.57 -8.71
C ASP C 248 -8.41 1.39 -8.24
N SER C 249 -9.72 1.44 -8.46
CA SER C 249 -10.57 0.32 -8.07
C SER C 249 -10.29 -0.87 -8.98
N PRO C 250 -9.98 -2.04 -8.42
CA PRO C 250 -9.65 -3.19 -9.27
C PRO C 250 -10.91 -3.71 -9.95
N LEU C 251 -10.73 -4.13 -11.21
CA LEU C 251 -11.84 -4.54 -12.08
C LEU C 251 -12.59 -5.76 -11.56
N ASN C 252 -11.95 -6.57 -10.70
CA ASN C 252 -12.64 -7.61 -9.95
C ASN C 252 -13.78 -7.06 -9.12
N ALA C 253 -13.67 -5.83 -8.65
CA ALA C 253 -14.85 -5.10 -8.19
C ALA C 253 -15.40 -4.28 -9.35
N LYS C 254 -16.70 -4.07 -9.35
CA LYS C 254 -17.30 -3.25 -10.40
C LYS C 254 -17.34 -4.04 -11.70
N ALA C 255 -17.47 -5.35 -11.61
CA ALA C 255 -17.51 -6.17 -12.79
C ALA C 255 -18.95 -6.26 -13.30
N PRO C 256 -19.25 -5.72 -14.48
CA PRO C 256 -20.58 -5.92 -15.05
C PRO C 256 -20.78 -7.37 -15.46
N PHE C 257 -22.03 -7.75 -15.67
CA PHE C 257 -22.38 -9.14 -15.95
C PHE C 257 -22.27 -10.02 -14.71
N GLY C 258 -22.11 -9.42 -13.54
CA GLY C 258 -22.02 -10.12 -12.28
C GLY C 258 -20.89 -11.11 -12.17
N CYS C 259 -19.83 -10.97 -12.95
CA CYS C 259 -18.80 -11.99 -12.99
C CYS C 259 -17.84 -11.83 -11.83
N ILE C 260 -17.25 -12.94 -11.41
CA ILE C 260 -16.12 -12.94 -10.49
C ILE C 260 -14.86 -13.03 -11.34
N ILE C 261 -14.12 -11.95 -11.41
CA ILE C 261 -12.96 -11.88 -12.30
C ILE C 261 -11.79 -12.55 -11.59
N GLN C 262 -11.64 -13.85 -11.82
CA GLN C 262 -10.57 -14.62 -11.21
C GLN C 262 -9.49 -14.86 -12.26
N THR C 263 -8.25 -14.57 -11.91
CA THR C 263 -7.22 -14.65 -12.94
C THR C 263 -6.01 -15.40 -12.40
N ASN C 264 -6.08 -16.73 -12.44
CA ASN C 264 -4.85 -17.44 -12.66
C ASN C 264 -4.71 -17.26 -14.17
N PRO C 265 -5.65 -17.80 -14.92
CA PRO C 265 -5.94 -17.26 -16.25
C PRO C 265 -7.07 -16.26 -16.10
N VAL C 266 -6.92 -15.10 -16.73
CA VAL C 266 -7.79 -13.96 -16.46
C VAL C 266 -9.16 -14.22 -17.06
N ARG C 267 -10.07 -14.72 -16.22
CA ARG C 267 -11.37 -15.17 -16.71
C ARG C 267 -12.46 -14.70 -15.76
N ALA C 268 -13.58 -14.29 -16.32
CA ALA C 268 -14.71 -13.82 -15.52
C ALA C 268 -15.63 -14.98 -15.22
N MET C 269 -15.29 -15.74 -14.19
CA MET C 269 -16.01 -16.94 -13.81
C MET C 269 -17.38 -16.56 -13.29
N ASN C 270 -18.38 -17.36 -13.67
CA ASN C 270 -19.78 -17.11 -13.38
C ASN C 270 -20.27 -15.77 -13.91
N CYS C 271 -19.87 -15.40 -15.12
CA CYS C 271 -20.33 -14.14 -15.69
C CYS C 271 -21.80 -14.27 -16.07
N ALA C 272 -22.67 -13.82 -15.18
CA ALA C 272 -24.11 -13.99 -15.35
C ALA C 272 -24.57 -13.02 -16.42
N VAL C 273 -24.70 -13.52 -17.65
CA VAL C 273 -25.16 -12.71 -18.76
C VAL C 273 -25.52 -13.63 -19.91
N GLY C 274 -26.54 -13.24 -20.65
CA GLY C 274 -26.89 -13.93 -21.89
C GLY C 274 -27.52 -15.29 -21.69
N ASN C 275 -27.83 -15.91 -22.83
CA ASN C 275 -28.36 -17.26 -22.83
C ASN C 275 -27.47 -18.12 -23.71
N ILE C 276 -27.04 -19.25 -23.17
CA ILE C 276 -26.16 -20.16 -23.90
C ILE C 276 -27.03 -21.10 -24.71
N PRO C 277 -26.87 -21.15 -26.02
CA PRO C 277 -27.62 -22.12 -26.82
C PRO C 277 -26.88 -23.44 -26.91
N VAL C 278 -27.63 -24.53 -26.91
CA VAL C 278 -27.06 -25.88 -26.99
C VAL C 278 -27.93 -26.70 -27.93
N SER C 279 -27.28 -27.44 -28.82
CA SER C 279 -27.93 -28.46 -29.64
C SER C 279 -27.50 -29.83 -29.14
N MET C 280 -28.44 -30.77 -29.10
CA MET C 280 -28.17 -32.07 -28.47
C MET C 280 -28.71 -33.17 -29.38
N ASP C 281 -27.80 -33.89 -30.02
CA ASP C 281 -28.13 -35.17 -30.62
C ASP C 281 -28.44 -36.15 -29.50
N ILE C 282 -29.74 -36.41 -29.29
CA ILE C 282 -30.22 -37.15 -28.14
C ILE C 282 -29.89 -38.62 -28.41
N ALA C 283 -29.56 -39.36 -27.35
CA ALA C 283 -29.30 -40.79 -27.48
C ALA C 283 -30.58 -41.53 -27.85
N ASP C 284 -30.45 -42.49 -28.76
CA ASP C 284 -31.59 -43.30 -29.17
C ASP C 284 -32.13 -44.15 -28.04
N SER C 285 -31.29 -44.52 -27.08
CA SER C 285 -31.78 -45.15 -25.87
C SER C 285 -32.60 -44.20 -25.02
N ALA C 286 -32.39 -42.88 -25.17
CA ALA C 286 -33.07 -41.90 -24.33
C ALA C 286 -34.55 -41.80 -24.64
N PHE C 287 -34.97 -42.24 -25.82
CA PHE C 287 -36.38 -42.27 -26.15
C PHE C 287 -36.97 -43.53 -25.53
N THR C 288 -37.45 -43.41 -24.31
CA THR C 288 -38.16 -44.50 -23.66
C THR C 288 -39.44 -44.73 -24.43
N ARG C 289 -39.54 -45.91 -25.06
CA ARG C 289 -40.52 -46.22 -26.09
C ARG C 289 -41.95 -46.11 -25.56
N LEU C 290 -42.79 -45.39 -26.31
CA LEU C 290 -44.10 -44.99 -25.83
C LEU C 290 -45.04 -46.17 -25.63
N THR C 291 -44.77 -47.29 -26.30
CA THR C 291 -45.58 -48.48 -26.08
C THR C 291 -45.37 -49.08 -24.69
N ASP C 292 -44.22 -48.85 -24.08
CA ASP C 292 -43.96 -49.35 -22.75
C ASP C 292 -44.17 -48.30 -21.68
N ALA C 293 -44.66 -47.12 -22.03
CA ALA C 293 -44.73 -45.99 -21.11
C ALA C 293 -45.85 -46.18 -20.09
N PRO C 294 -45.90 -45.40 -19.03
CA PRO C 294 -47.07 -45.42 -18.16
C PRO C 294 -48.26 -44.83 -18.87
N VAL C 295 -49.30 -45.66 -19.05
CA VAL C 295 -50.50 -45.26 -19.78
C VAL C 295 -51.26 -44.25 -18.93
N ILE C 296 -51.26 -42.99 -19.37
CA ILE C 296 -51.82 -41.92 -18.55
C ILE C 296 -53.24 -41.60 -18.99
N SER C 297 -53.97 -40.90 -18.13
CA SER C 297 -55.30 -40.42 -18.45
C SER C 297 -55.81 -39.65 -17.25
N GLU C 298 -56.94 -38.95 -17.45
CA GLU C 298 -57.63 -38.26 -16.37
C GLU C 298 -56.82 -37.12 -15.76
N LEU C 299 -56.23 -36.30 -16.63
CA LEU C 299 -55.39 -35.20 -16.17
C LEU C 299 -56.24 -34.09 -15.59
N THR C 300 -56.20 -33.94 -14.26
CA THR C 300 -56.91 -32.88 -13.57
C THR C 300 -55.91 -32.05 -12.78
N CYS C 301 -55.60 -30.86 -13.27
CA CYS C 301 -54.61 -30.00 -12.64
C CYS C 301 -55.32 -29.04 -11.71
N THR C 302 -54.91 -29.05 -10.44
CA THR C 302 -55.40 -28.10 -9.45
C THR C 302 -54.25 -27.23 -8.98
N VAL C 303 -54.47 -25.92 -9.01
CA VAL C 303 -53.46 -24.94 -8.61
C VAL C 303 -53.62 -24.71 -7.12
N SER C 304 -52.80 -25.38 -6.32
CA SER C 304 -53.01 -25.34 -4.87
C SER C 304 -52.48 -24.07 -4.25
N THR C 305 -51.18 -23.84 -4.31
CA THR C 305 -50.59 -22.73 -3.57
C THR C 305 -49.70 -21.93 -4.50
N CYS C 306 -49.93 -20.62 -4.51
CA CYS C 306 -49.27 -19.74 -5.45
C CYS C 306 -48.64 -18.57 -4.71
N THR C 307 -47.31 -18.53 -4.73
CA THR C 307 -46.54 -17.37 -4.32
C THR C 307 -45.93 -16.79 -5.58
N HIS C 308 -46.49 -15.68 -6.06
CA HIS C 308 -46.15 -15.17 -7.39
C HIS C 308 -44.83 -14.42 -7.39
N SER C 309 -44.21 -14.27 -6.23
CA SER C 309 -42.89 -13.67 -6.13
C SER C 309 -41.89 -14.55 -5.41
N SER C 310 -41.99 -15.87 -5.54
CA SER C 310 -41.16 -16.75 -4.74
C SER C 310 -40.24 -17.54 -5.65
N ASP C 311 -39.20 -18.12 -5.07
CA ASP C 311 -38.30 -19.02 -5.78
C ASP C 311 -39.03 -20.36 -5.98
N PHE C 312 -39.52 -20.99 -4.92
CA PHE C 312 -40.22 -22.27 -5.00
C PHE C 312 -41.61 -22.10 -5.63
N GLY C 313 -42.42 -21.22 -5.05
CA GLY C 313 -43.59 -20.68 -5.72
C GLY C 313 -44.81 -21.57 -5.91
N GLY C 314 -44.70 -22.58 -6.77
CA GLY C 314 -45.85 -23.34 -7.18
C GLY C 314 -46.00 -24.64 -6.41
N ILE C 315 -47.13 -24.78 -5.72
CA ILE C 315 -47.54 -26.05 -5.14
C ILE C 315 -48.73 -26.47 -5.97
N ALA C 316 -48.48 -27.25 -7.02
CA ALA C 316 -49.52 -27.62 -7.96
C ALA C 316 -49.90 -29.08 -7.80
N VAL C 317 -51.18 -29.32 -7.53
CA VAL C 317 -51.70 -30.66 -7.31
C VAL C 317 -52.38 -31.13 -8.59
N LEU C 318 -51.65 -31.88 -9.41
CA LEU C 318 -52.17 -32.42 -10.66
C LEU C 318 -52.67 -33.83 -10.36
N SER C 319 -53.92 -34.10 -10.74
CA SER C 319 -54.48 -35.43 -10.58
C SER C 319 -54.46 -36.13 -11.94
N TYR C 320 -53.95 -37.35 -11.96
CA TYR C 320 -53.85 -38.12 -13.18
C TYR C 320 -54.15 -39.57 -12.86
N LYS C 321 -55.39 -39.97 -13.14
CA LYS C 321 -55.83 -41.34 -12.98
C LYS C 321 -55.50 -42.10 -14.26
N VAL C 322 -54.28 -42.62 -14.33
CA VAL C 322 -53.74 -43.17 -15.56
C VAL C 322 -54.04 -44.66 -15.59
N GLU C 323 -53.91 -45.28 -16.76
CA GLU C 323 -54.19 -46.70 -16.87
C GLU C 323 -53.03 -47.53 -16.33
N LYS C 324 -51.84 -47.35 -16.90
CA LYS C 324 -50.72 -48.20 -16.52
C LYS C 324 -49.77 -47.39 -15.66
N SER C 325 -49.16 -48.06 -14.69
CA SER C 325 -48.30 -47.38 -13.74
C SER C 325 -46.93 -47.12 -14.37
N GLY C 326 -46.21 -46.17 -13.78
CA GLY C 326 -44.86 -45.89 -14.24
C GLY C 326 -44.44 -44.48 -13.88
N ARG C 327 -43.19 -44.20 -14.20
CA ARG C 327 -42.64 -42.86 -14.03
C ARG C 327 -43.13 -41.97 -15.16
N CYS C 328 -43.51 -40.75 -14.81
CA CYS C 328 -44.08 -39.81 -15.75
C CYS C 328 -43.21 -38.56 -15.83
N ASP C 329 -42.79 -38.23 -17.04
CA ASP C 329 -42.15 -36.95 -17.25
C ASP C 329 -43.18 -35.84 -17.13
N ILE C 330 -42.87 -34.85 -16.30
CA ILE C 330 -43.77 -33.72 -16.10
C ILE C 330 -43.33 -32.47 -16.82
N HIS C 331 -42.66 -32.59 -17.97
CA HIS C 331 -42.14 -31.43 -18.67
C HIS C 331 -43.27 -30.63 -19.27
N SER C 332 -43.49 -29.45 -18.72
CA SER C 332 -44.61 -28.61 -19.14
C SER C 332 -44.36 -28.07 -20.54
N HIS C 333 -45.45 -27.79 -21.25
CA HIS C 333 -45.42 -26.99 -22.45
C HIS C 333 -45.77 -25.54 -22.15
N SER C 334 -45.39 -25.05 -20.98
CA SER C 334 -45.72 -23.69 -20.57
C SER C 334 -44.42 -22.98 -20.21
N ASN C 335 -44.23 -21.77 -20.72
CA ASN C 335 -42.99 -21.04 -20.51
C ASN C 335 -43.10 -19.99 -19.40
N VAL C 336 -44.29 -19.75 -18.89
CA VAL C 336 -44.48 -18.77 -17.82
C VAL C 336 -44.27 -19.43 -16.47
N ALA C 337 -44.10 -20.75 -16.47
CA ALA C 337 -43.92 -21.51 -15.24
C ALA C 337 -42.74 -22.45 -15.37
N VAL C 338 -42.28 -22.98 -14.25
CA VAL C 338 -41.20 -23.96 -14.22
C VAL C 338 -41.55 -25.05 -13.21
N LEU C 339 -41.31 -26.29 -13.60
CA LEU C 339 -41.70 -27.46 -12.82
C LEU C 339 -40.53 -27.87 -11.95
N GLN C 340 -40.82 -28.57 -10.86
CA GLN C 340 -39.76 -29.00 -9.95
C GLN C 340 -38.90 -30.08 -10.57
N GLU C 341 -39.51 -31.02 -11.27
CA GLU C 341 -38.77 -32.04 -11.99
C GLU C 341 -39.65 -32.69 -13.02
N VAL C 342 -39.18 -33.77 -13.66
CA VAL C 342 -40.06 -34.58 -14.49
C VAL C 342 -39.92 -36.01 -14.02
N SER C 343 -40.66 -36.37 -12.98
CA SER C 343 -40.41 -37.64 -12.31
C SER C 343 -41.70 -38.32 -11.87
N ILE C 344 -42.85 -37.79 -12.31
CA ILE C 344 -44.19 -38.06 -11.79
C ILE C 344 -44.50 -39.53 -11.57
N GLU C 345 -45.04 -39.84 -10.40
CA GLU C 345 -45.18 -41.21 -9.93
C GLU C 345 -46.40 -41.85 -10.58
N THR C 346 -46.85 -42.94 -9.95
CA THR C 346 -48.15 -43.52 -10.28
C THR C 346 -49.24 -42.46 -10.13
N GLU C 347 -50.10 -42.38 -11.14
CA GLU C 347 -51.04 -41.27 -11.31
C GLU C 347 -52.00 -41.12 -10.14
N GLY C 348 -52.23 -39.91 -9.73
CA GLY C 348 -53.07 -39.60 -8.61
C GLY C 348 -53.04 -38.12 -8.38
N ARG C 349 -53.22 -37.71 -7.13
CA ARG C 349 -53.20 -36.30 -6.77
C ARG C 349 -51.76 -35.96 -6.44
N SER C 350 -50.89 -35.95 -7.44
CA SER C 350 -49.49 -35.67 -7.21
C SER C 350 -49.26 -34.17 -7.10
N VAL C 351 -48.55 -33.77 -6.05
CA VAL C 351 -48.13 -32.39 -5.91
C VAL C 351 -46.92 -32.17 -6.81
N ILE C 352 -46.57 -30.91 -7.04
CA ILE C 352 -45.40 -30.61 -7.85
C ILE C 352 -44.94 -29.20 -7.52
N HIS C 353 -43.63 -28.99 -7.52
CA HIS C 353 -43.09 -27.65 -7.40
C HIS C 353 -43.23 -26.96 -8.75
N PHE C 354 -44.41 -26.40 -8.98
CA PHE C 354 -44.66 -25.62 -10.19
C PHE C 354 -44.35 -24.17 -9.88
N SER C 355 -43.09 -23.79 -10.07
CA SER C 355 -42.63 -22.45 -9.79
C SER C 355 -42.94 -21.56 -10.98
N THR C 356 -43.41 -20.34 -10.68
CA THR C 356 -43.71 -19.38 -11.74
C THR C 356 -43.69 -18.00 -11.11
N ALA C 357 -42.80 -17.14 -11.59
CA ALA C 357 -42.69 -15.78 -11.08
C ALA C 357 -43.75 -14.86 -11.64
N SER C 358 -44.59 -15.33 -12.55
CA SER C 358 -45.65 -14.52 -13.13
C SER C 358 -46.74 -14.31 -12.10
N ALA C 359 -47.42 -13.18 -12.19
CA ALA C 359 -48.45 -12.87 -11.22
C ALA C 359 -49.73 -13.66 -11.50
N SER C 360 -50.18 -13.66 -12.75
CA SER C 360 -51.38 -14.39 -13.14
C SER C 360 -50.87 -15.70 -13.72
N PRO C 361 -50.81 -16.76 -12.93
CA PRO C 361 -50.24 -18.02 -13.44
C PRO C 361 -51.24 -18.74 -14.34
N SER C 362 -50.74 -19.23 -15.47
CA SER C 362 -51.48 -20.14 -16.34
C SER C 362 -50.44 -20.94 -17.11
N PHE C 363 -50.41 -22.26 -16.89
CA PHE C 363 -49.33 -23.09 -17.39
C PHE C 363 -49.92 -24.31 -18.09
N VAL C 364 -49.24 -24.73 -19.15
CA VAL C 364 -49.59 -25.93 -19.90
C VAL C 364 -48.63 -27.02 -19.44
N VAL C 365 -49.02 -27.77 -18.45
CA VAL C 365 -48.23 -28.89 -17.96
C VAL C 365 -48.31 -30.00 -18.99
N SER C 366 -47.21 -30.73 -19.12
CA SER C 366 -47.11 -31.86 -20.05
C SER C 366 -46.71 -33.08 -19.23
N VAL C 367 -47.67 -33.91 -18.88
CA VAL C 367 -47.44 -35.07 -18.03
C VAL C 367 -47.67 -36.30 -18.88
N CYS C 368 -46.58 -36.93 -19.33
CA CYS C 368 -46.63 -38.21 -20.03
C CYS C 368 -47.34 -38.09 -21.38
N SER C 369 -47.20 -36.94 -22.02
CA SER C 369 -47.92 -36.68 -23.27
C SER C 369 -49.36 -36.24 -23.01
N SER C 370 -49.77 -36.19 -21.75
CA SER C 370 -51.00 -35.49 -21.42
C SER C 370 -50.64 -34.09 -20.95
N ARG C 371 -51.41 -33.11 -21.39
CA ARG C 371 -51.08 -31.72 -21.11
C ARG C 371 -52.35 -30.98 -20.72
N ALA C 372 -52.24 -30.13 -19.69
CA ALA C 372 -53.41 -29.43 -19.17
C ALA C 372 -53.01 -28.02 -18.77
N THR C 373 -54.03 -27.18 -18.55
CA THR C 373 -53.83 -25.78 -18.24
C THR C 373 -54.17 -25.54 -16.77
N CYS C 374 -53.16 -25.29 -15.96
CA CYS C 374 -53.34 -24.89 -14.58
C CYS C 374 -53.31 -23.37 -14.50
N THR C 375 -54.43 -22.78 -14.09
CA THR C 375 -54.54 -21.33 -13.96
C THR C 375 -54.79 -20.99 -12.49
N ALA C 376 -54.23 -19.86 -12.06
CA ALA C 376 -54.40 -19.42 -10.68
C ALA C 376 -53.82 -18.02 -10.52
N LYS C 377 -53.84 -17.54 -9.28
CA LYS C 377 -53.21 -16.26 -8.93
C LYS C 377 -52.17 -16.54 -7.86
N CYS C 378 -50.96 -16.02 -8.04
CA CYS C 378 -49.91 -16.18 -7.06
C CYS C 378 -50.08 -15.20 -5.92
N GLU C 379 -49.27 -15.38 -4.88
CA GLU C 379 -49.21 -14.41 -3.81
C GLU C 379 -48.05 -13.45 -4.03
N PRO C 380 -48.19 -12.19 -3.63
CA PRO C 380 -47.10 -11.23 -3.83
C PRO C 380 -45.94 -11.46 -2.88
N TYR D 1 10.42 19.48 -35.89
CA TYR D 1 9.14 19.26 -35.24
C TYR D 1 8.92 17.77 -34.98
N GLU D 2 7.69 17.32 -35.21
CA GLU D 2 7.32 15.92 -35.07
C GLU D 2 6.52 15.55 -36.30
N HIS D 3 7.21 15.05 -37.33
CA HIS D 3 6.55 14.73 -38.59
C HIS D 3 5.77 13.45 -38.46
N THR D 4 4.83 13.24 -39.38
CA THR D 4 4.06 12.01 -39.47
C THR D 4 3.78 11.78 -40.93
N ALA D 5 4.00 10.55 -41.41
CA ALA D 5 3.86 10.23 -42.81
C ALA D 5 3.42 8.78 -42.95
N ILE D 6 3.19 8.36 -44.20
CA ILE D 6 2.80 7.00 -44.49
C ILE D 6 3.69 6.46 -45.59
N ILE D 7 4.66 5.63 -45.22
CA ILE D 7 5.54 5.00 -46.19
C ILE D 7 4.72 3.86 -46.80
N PRO D 8 5.07 3.37 -47.98
CA PRO D 8 4.32 2.24 -48.54
C PRO D 8 4.71 0.94 -47.86
N ASN D 9 3.74 0.03 -47.77
CA ASN D 9 3.99 -1.30 -47.19
C ASN D 9 4.37 -2.25 -48.32
N GLN D 10 5.35 -1.83 -49.11
CA GLN D 10 5.99 -2.67 -50.11
C GLN D 10 7.48 -2.45 -49.94
N VAL D 11 8.15 -3.40 -49.30
CA VAL D 11 9.51 -3.18 -48.83
C VAL D 11 10.47 -3.05 -50.01
N GLY D 12 11.51 -2.25 -49.80
CA GLY D 12 12.47 -1.95 -50.84
C GLY D 12 12.27 -0.59 -51.48
N PHE D 13 11.02 -0.21 -51.70
CA PHE D 13 10.72 1.08 -52.32
C PHE D 13 11.08 2.17 -51.33
N PRO D 14 12.12 2.96 -51.59
CA PRO D 14 12.55 3.95 -50.61
C PRO D 14 11.54 5.07 -50.48
N TYR D 15 11.46 5.62 -49.28
CA TYR D 15 10.45 6.65 -48.99
C TYR D 15 11.20 7.90 -48.54
N LYS D 16 11.12 8.94 -49.35
CA LYS D 16 11.67 10.23 -48.96
C LYS D 16 10.65 10.92 -48.07
N ALA D 17 11.13 11.75 -47.14
CA ALA D 17 10.28 12.61 -46.36
C ALA D 17 11.06 13.85 -45.98
N HIS D 18 10.88 14.93 -46.73
CA HIS D 18 11.60 16.15 -46.40
C HIS D 18 10.80 16.97 -45.41
N VAL D 19 11.27 16.98 -44.17
CA VAL D 19 10.68 17.78 -43.10
C VAL D 19 11.47 19.07 -43.03
N ALA D 20 10.77 20.19 -42.99
CA ALA D 20 11.40 21.51 -42.94
C ALA D 20 10.99 22.23 -41.67
N ARG D 21 11.95 22.43 -40.76
CA ARG D 21 11.69 23.12 -39.50
C ARG D 21 12.30 24.51 -39.56
N GLU D 22 12.25 25.22 -38.44
CA GLU D 22 12.78 26.57 -38.40
C GLU D 22 14.29 26.56 -38.43
N GLY D 23 14.86 27.26 -39.41
CA GLY D 23 16.29 27.47 -39.47
C GLY D 23 17.13 26.29 -39.90
N TYR D 24 16.53 25.13 -40.08
CA TYR D 24 17.25 23.94 -40.50
C TYR D 24 17.05 23.74 -41.99
N SER D 25 18.02 23.10 -42.63
CA SER D 25 17.81 22.66 -43.99
C SER D 25 16.78 21.52 -44.00
N PRO D 26 16.19 21.22 -45.16
CA PRO D 26 15.11 20.22 -45.19
C PRO D 26 15.67 18.82 -44.96
N LEU D 27 15.42 18.30 -43.76
CA LEU D 27 15.85 16.96 -43.42
C LEU D 27 15.01 15.94 -44.17
N THR D 28 15.59 15.33 -45.19
CA THR D 28 14.88 14.30 -45.95
C THR D 28 15.18 12.94 -45.32
N LEU D 29 14.25 12.46 -44.50
CA LEU D 29 14.36 11.14 -43.91
C LEU D 29 14.11 10.09 -44.99
N GLN D 30 14.93 9.05 -44.98
CA GLN D 30 14.77 7.92 -45.88
C GLN D 30 14.21 6.76 -45.08
N MET D 31 13.06 6.27 -45.48
CA MET D 31 12.46 5.12 -44.85
C MET D 31 12.59 3.90 -45.76
N GLN D 32 12.92 2.77 -45.15
CA GLN D 32 13.01 1.50 -45.87
C GLN D 32 12.47 0.43 -44.93
N VAL D 33 11.78 -0.56 -45.48
CA VAL D 33 11.16 -1.58 -44.63
C VAL D 33 11.81 -2.92 -44.89
N ILE D 34 11.76 -3.80 -43.89
CA ILE D 34 12.14 -5.20 -44.04
C ILE D 34 11.37 -6.00 -43.00
N GLU D 35 10.69 -7.06 -43.46
CA GLU D 35 10.17 -8.14 -42.62
C GLU D 35 9.17 -7.76 -41.54
N THR D 36 7.98 -7.31 -41.93
CA THR D 36 6.94 -6.82 -41.05
C THR D 36 5.86 -7.85 -40.74
N SER D 37 6.25 -9.12 -40.56
CA SER D 37 5.35 -10.27 -40.62
C SER D 37 4.21 -10.21 -39.61
N LEU D 38 3.16 -11.00 -39.87
CA LEU D 38 1.85 -10.80 -39.27
C LEU D 38 1.65 -11.49 -37.93
N GLU D 39 2.03 -12.76 -37.79
CA GLU D 39 2.02 -13.51 -36.54
C GLU D 39 0.65 -13.55 -35.86
N PRO D 40 -0.32 -14.29 -36.39
CA PRO D 40 -1.64 -14.31 -35.74
C PRO D 40 -1.62 -15.08 -34.44
N THR D 41 -2.39 -14.61 -33.47
CA THR D 41 -2.46 -15.25 -32.17
C THR D 41 -3.41 -16.43 -32.29
N LEU D 42 -2.89 -17.64 -32.12
CA LEU D 42 -3.65 -18.85 -32.34
C LEU D 42 -3.73 -19.70 -31.07
N ASN D 43 -4.35 -20.87 -31.23
CA ASN D 43 -4.52 -21.83 -30.13
C ASN D 43 -4.83 -23.18 -30.78
N LEU D 44 -4.10 -24.22 -30.40
CA LEU D 44 -4.25 -25.52 -31.02
C LEU D 44 -5.54 -26.19 -30.57
N GLU D 45 -6.07 -27.09 -31.40
CA GLU D 45 -7.22 -27.92 -31.04
C GLU D 45 -7.06 -29.30 -31.66
N TYR D 46 -5.82 -29.68 -31.98
CA TYR D 46 -5.58 -30.95 -32.64
C TYR D 46 -4.18 -31.43 -32.31
N ILE D 47 -3.84 -32.66 -32.67
CA ILE D 47 -2.45 -33.09 -32.61
C ILE D 47 -2.05 -33.66 -33.97
N THR D 48 -3.04 -34.23 -34.68
CA THR D 48 -2.85 -34.83 -35.99
C THR D 48 -1.89 -36.02 -36.02
N CYS D 49 -2.19 -37.06 -35.26
CA CYS D 49 -1.32 -38.23 -35.20
C CYS D 49 -2.09 -39.44 -35.73
N ASP D 50 -1.35 -40.48 -36.11
CA ASP D 50 -1.96 -41.67 -36.67
C ASP D 50 -2.30 -42.67 -35.58
N TYR D 51 -3.29 -43.52 -35.84
CA TYR D 51 -3.79 -44.46 -34.85
C TYR D 51 -2.88 -45.67 -34.75
N LYS D 52 -2.88 -46.32 -33.59
CA LYS D 52 -2.11 -47.54 -33.41
C LYS D 52 -3.00 -48.51 -32.62
N THR D 53 -3.35 -49.62 -33.23
CA THR D 53 -4.21 -50.60 -32.57
C THR D 53 -3.37 -51.50 -31.68
N LYS D 54 -3.84 -51.74 -30.47
CA LYS D 54 -3.18 -52.64 -29.54
C LYS D 54 -4.01 -53.90 -29.41
N VAL D 55 -3.62 -54.95 -30.14
CA VAL D 55 -4.31 -56.23 -30.07
C VAL D 55 -3.29 -57.24 -29.54
N PRO D 56 -3.35 -57.61 -28.27
CA PRO D 56 -2.33 -58.51 -27.72
C PRO D 56 -2.55 -59.95 -28.15
N SER D 57 -1.79 -60.84 -27.53
CA SER D 57 -2.05 -62.27 -27.71
C SER D 57 -3.42 -62.59 -27.11
N PRO D 58 -4.30 -63.26 -27.87
CA PRO D 58 -5.70 -63.39 -27.43
C PRO D 58 -5.84 -64.37 -26.30
N TYR D 59 -6.72 -64.05 -25.35
CA TYR D 59 -7.04 -64.96 -24.25
C TYR D 59 -7.83 -66.09 -24.86
N VAL D 60 -7.15 -67.19 -25.12
CA VAL D 60 -7.79 -68.33 -25.77
C VAL D 60 -7.96 -69.45 -24.76
N LYS D 61 -9.21 -69.82 -24.51
CA LYS D 61 -9.52 -71.02 -23.76
C LYS D 61 -9.74 -72.14 -24.76
N CYS D 62 -8.89 -73.17 -24.68
CA CYS D 62 -8.80 -74.16 -25.76
C CYS D 62 -8.85 -75.61 -25.31
N CYS D 63 -9.88 -76.06 -24.59
CA CYS D 63 -11.22 -75.48 -24.60
C CYS D 63 -11.51 -74.58 -23.41
N GLY D 64 -12.74 -74.08 -23.37
CA GLY D 64 -13.18 -73.25 -22.27
C GLY D 64 -13.58 -71.87 -22.73
N THR D 65 -14.82 -71.48 -22.46
CA THR D 65 -15.25 -70.12 -22.73
C THR D 65 -14.60 -69.17 -21.73
N ALA D 66 -14.58 -67.89 -22.07
CA ALA D 66 -13.99 -66.91 -21.18
C ALA D 66 -15.02 -65.89 -20.73
N GLU D 67 -14.57 -64.94 -19.93
CA GLU D 67 -15.30 -63.71 -19.65
C GLU D 67 -14.90 -62.65 -20.66
N CYS D 68 -15.35 -61.42 -20.44
CA CYS D 68 -15.05 -60.32 -21.36
C CYS D 68 -14.70 -59.09 -20.53
N ARG D 69 -13.41 -58.91 -20.26
CA ARG D 69 -12.97 -57.75 -19.48
C ARG D 69 -12.59 -56.60 -20.41
N THR D 70 -13.01 -55.40 -20.02
CA THR D 70 -12.82 -54.23 -20.86
C THR D 70 -11.57 -53.45 -20.48
N GLN D 71 -10.78 -53.02 -21.47
CA GLN D 71 -9.59 -52.23 -21.24
C GLN D 71 -9.97 -50.78 -20.95
N ASP D 72 -8.96 -49.91 -20.94
CA ASP D 72 -9.15 -48.49 -20.64
C ASP D 72 -8.74 -47.57 -21.78
N LYS D 73 -8.37 -48.12 -22.92
CA LYS D 73 -7.89 -47.30 -24.02
C LYS D 73 -9.05 -46.58 -24.68
N PRO D 74 -8.77 -45.61 -25.55
CA PRO D 74 -9.86 -44.95 -26.28
C PRO D 74 -10.48 -45.85 -27.32
N GLU D 75 -9.67 -46.56 -28.10
CA GLU D 75 -10.17 -47.59 -28.99
C GLU D 75 -10.02 -48.97 -28.36
N TYR D 76 -10.20 -49.08 -27.05
CA TYR D 76 -10.09 -50.37 -26.39
C TYR D 76 -11.43 -51.10 -26.46
N LYS D 77 -11.62 -51.87 -27.51
CA LYS D 77 -12.79 -52.72 -27.67
C LYS D 77 -12.36 -54.17 -27.63
N CYS D 78 -13.15 -55.00 -26.96
CA CYS D 78 -12.84 -56.42 -26.83
C CYS D 78 -14.03 -57.24 -27.28
N ALA D 79 -13.77 -58.48 -27.65
CA ALA D 79 -14.81 -59.40 -28.11
C ALA D 79 -14.32 -60.83 -27.99
N VAL D 80 -15.21 -61.73 -27.60
CA VAL D 80 -14.87 -63.13 -27.37
C VAL D 80 -15.63 -63.93 -28.42
N PHE D 81 -14.92 -64.42 -29.43
CA PHE D 81 -15.50 -65.32 -30.42
C PHE D 81 -15.44 -66.74 -29.87
N THR D 82 -16.33 -67.60 -30.34
CA THR D 82 -16.34 -68.99 -29.91
C THR D 82 -15.87 -69.92 -31.04
N GLY D 83 -15.42 -71.10 -30.65
CA GLY D 83 -15.03 -72.10 -31.66
C GLY D 83 -13.58 -72.03 -32.07
N VAL D 84 -12.70 -71.90 -31.12
CA VAL D 84 -11.27 -71.88 -31.42
C VAL D 84 -10.80 -73.31 -31.67
N TYR D 85 -9.76 -73.44 -32.46
CA TYR D 85 -9.16 -74.75 -32.69
C TYR D 85 -7.69 -74.56 -33.04
N PRO D 86 -6.84 -74.25 -32.07
CA PRO D 86 -5.45 -73.88 -32.38
C PRO D 86 -4.58 -75.05 -32.81
N PHE D 87 -3.70 -74.81 -33.78
CA PHE D 87 -2.89 -75.86 -34.40
C PHE D 87 -1.43 -75.44 -34.46
N MET D 88 -0.88 -74.97 -33.35
CA MET D 88 0.50 -74.51 -33.32
C MET D 88 1.48 -75.68 -33.23
N TRP D 89 2.72 -75.36 -32.86
CA TRP D 89 3.75 -76.39 -32.74
C TRP D 89 4.59 -76.25 -31.47
N GLY D 90 3.98 -75.93 -30.32
CA GLY D 90 4.75 -75.70 -29.11
C GLY D 90 4.18 -76.13 -27.75
N GLY D 91 3.45 -77.23 -27.68
CA GLY D 91 2.80 -77.58 -26.44
C GLY D 91 1.32 -77.67 -26.68
N ALA D 92 0.50 -78.06 -25.71
CA ALA D 92 -0.91 -78.27 -26.00
C ALA D 92 -1.69 -76.98 -25.73
N TYR D 93 -2.35 -76.46 -26.77
CA TYR D 93 -3.25 -75.32 -26.62
C TYR D 93 -4.62 -75.56 -27.24
N CYS D 94 -4.68 -76.24 -28.37
CA CYS D 94 -5.93 -76.71 -28.93
C CYS D 94 -6.18 -78.12 -28.43
N PHE D 95 -6.57 -78.23 -27.17
CA PHE D 95 -6.65 -79.51 -26.48
C PHE D 95 -8.08 -79.85 -26.10
N CYS D 96 -9.00 -78.91 -26.30
CA CYS D 96 -10.42 -79.18 -26.17
C CYS D 96 -10.94 -79.33 -27.59
N ASP D 97 -11.89 -80.25 -27.77
CA ASP D 97 -12.47 -80.44 -29.10
C ASP D 97 -13.36 -79.28 -29.51
N SER D 98 -13.97 -78.59 -28.55
CA SER D 98 -14.80 -77.43 -28.81
C SER D 98 -14.92 -76.63 -27.52
N GLU D 99 -15.83 -75.65 -27.53
CA GLU D 99 -16.18 -74.86 -26.36
C GLU D 99 -15.14 -73.82 -25.98
N ASN D 100 -14.06 -73.68 -26.76
CA ASN D 100 -13.04 -72.70 -26.45
C ASN D 100 -13.52 -71.32 -26.88
N THR D 101 -12.79 -70.29 -26.47
CA THR D 101 -13.17 -68.93 -26.82
C THR D 101 -11.91 -68.10 -26.97
N GLN D 102 -11.94 -67.21 -27.95
CA GLN D 102 -10.83 -66.30 -28.21
C GLN D 102 -11.33 -64.90 -27.85
N MET D 103 -10.87 -64.40 -26.72
CA MET D 103 -11.16 -63.02 -26.33
C MET D 103 -10.02 -62.16 -26.84
N SER D 104 -10.35 -61.16 -27.64
CA SER D 104 -9.36 -60.27 -28.23
C SER D 104 -9.79 -58.83 -27.99
N GLU D 105 -8.85 -58.00 -27.53
CA GLU D 105 -9.12 -56.60 -27.28
C GLU D 105 -8.05 -55.76 -27.98
N ALA D 106 -8.52 -54.72 -28.65
CA ALA D 106 -7.64 -53.73 -29.25
C ALA D 106 -7.75 -52.46 -28.43
N TYR D 107 -6.71 -51.64 -28.50
CA TYR D 107 -6.63 -50.40 -27.76
C TYR D 107 -6.08 -49.33 -28.69
N VAL D 108 -6.87 -48.31 -28.92
CA VAL D 108 -6.46 -47.23 -29.79
C VAL D 108 -5.49 -46.34 -29.04
N GLU D 109 -4.22 -46.34 -29.47
CA GLU D 109 -3.20 -45.53 -28.85
C GLU D 109 -2.68 -44.54 -29.90
N ARG D 110 -2.13 -43.43 -29.42
CA ARG D 110 -1.55 -42.43 -30.30
C ARG D 110 -0.29 -42.98 -30.94
N ALA D 111 0.06 -42.43 -32.08
CA ALA D 111 1.25 -42.88 -32.80
C ALA D 111 2.50 -42.47 -32.05
N ASP D 112 3.51 -43.33 -32.09
CA ASP D 112 4.74 -43.07 -31.36
C ASP D 112 5.54 -41.95 -31.98
N VAL D 113 5.33 -41.67 -33.26
CA VAL D 113 6.11 -40.62 -33.92
C VAL D 113 5.55 -39.24 -33.65
N CYS D 114 4.49 -39.14 -32.85
CA CYS D 114 3.81 -37.86 -32.63
C CYS D 114 4.70 -36.89 -31.86
N LYS D 115 5.32 -37.36 -30.78
CA LYS D 115 6.34 -36.59 -30.09
C LYS D 115 7.52 -36.26 -30.98
N HIS D 116 7.89 -37.17 -31.88
CA HIS D 116 8.80 -36.84 -32.97
C HIS D 116 8.20 -35.83 -33.93
N ASP D 117 6.95 -36.02 -34.35
CA ASP D 117 6.31 -35.14 -35.32
C ASP D 117 4.80 -35.34 -35.30
N HIS D 118 4.07 -34.27 -35.03
CA HIS D 118 2.61 -34.27 -35.05
C HIS D 118 2.16 -33.31 -36.15
N ALA D 119 0.86 -33.07 -36.21
CA ALA D 119 0.32 -32.16 -37.23
C ALA D 119 -0.67 -31.25 -36.53
N ALA D 120 -0.25 -30.05 -36.17
CA ALA D 120 -1.07 -29.21 -35.32
C ALA D 120 -2.10 -28.44 -36.14
N ALA D 121 -3.15 -27.99 -35.48
CA ALA D 121 -4.18 -27.19 -36.09
C ALA D 121 -4.74 -26.22 -35.06
N TYR D 122 -4.50 -24.93 -35.29
CA TYR D 122 -4.86 -23.91 -34.32
C TYR D 122 -5.88 -22.96 -34.95
N ARG D 123 -6.84 -22.54 -34.15
CA ARG D 123 -7.64 -21.36 -34.49
C ARG D 123 -6.82 -20.11 -34.24
N ALA D 124 -7.28 -18.99 -34.76
CA ALA D 124 -6.44 -17.81 -34.78
C ALA D 124 -7.23 -16.53 -34.59
N HIS D 125 -6.76 -15.69 -33.68
CA HIS D 125 -7.21 -14.31 -33.59
C HIS D 125 -6.21 -13.51 -34.41
N THR D 126 -6.40 -12.18 -34.46
CA THR D 126 -5.62 -11.31 -35.32
C THR D 126 -4.18 -11.21 -34.84
N ALA D 127 -3.30 -10.74 -35.73
CA ALA D 127 -1.88 -10.64 -35.46
C ALA D 127 -1.37 -9.25 -35.82
N SER D 128 -0.10 -8.99 -35.52
CA SER D 128 0.46 -7.65 -35.65
C SER D 128 1.69 -7.65 -36.55
N LEU D 129 1.75 -6.66 -37.45
CA LEU D 129 2.89 -6.49 -38.34
C LEU D 129 4.08 -6.01 -37.52
N ARG D 130 5.26 -6.49 -37.89
CA ARG D 130 6.51 -6.19 -37.16
C ARG D 130 7.56 -5.93 -38.22
N ALA D 131 8.17 -4.75 -38.18
CA ALA D 131 9.07 -4.35 -39.25
C ALA D 131 10.35 -3.73 -38.73
N LYS D 132 11.42 -3.93 -39.49
CA LYS D 132 12.65 -3.19 -39.30
C LYS D 132 12.72 -2.12 -40.39
N ILE D 133 12.78 -0.87 -39.95
CA ILE D 133 12.83 0.28 -40.84
C ILE D 133 14.26 0.80 -40.84
N LYS D 134 14.88 0.83 -42.00
CA LYS D 134 16.09 1.62 -42.19
C LYS D 134 15.69 3.09 -42.27
N VAL D 135 16.16 3.87 -41.30
CA VAL D 135 15.90 5.30 -41.26
C VAL D 135 17.21 6.03 -41.51
N THR D 136 17.20 6.84 -42.55
CA THR D 136 18.27 7.77 -42.87
C THR D 136 17.77 9.16 -42.56
N TYR D 137 17.94 9.58 -41.32
CA TYR D 137 17.60 10.93 -40.89
C TYR D 137 18.89 11.72 -40.85
N GLY D 138 19.30 12.21 -42.01
CA GLY D 138 20.49 13.04 -42.16
C GLY D 138 21.77 12.35 -41.76
N THR D 139 22.44 12.89 -40.75
CA THR D 139 23.62 12.26 -40.19
C THR D 139 23.32 10.96 -39.48
N VAL D 140 22.09 10.73 -39.07
CA VAL D 140 21.70 9.43 -38.57
C VAL D 140 21.35 8.54 -39.75
N ASN D 141 21.90 7.33 -39.77
CA ASN D 141 21.56 6.34 -40.77
C ASN D 141 21.68 4.97 -40.13
N GLN D 142 20.56 4.46 -39.64
CA GLN D 142 20.56 3.21 -38.89
C GLN D 142 19.33 2.41 -39.28
N THR D 143 19.21 1.21 -38.71
CA THR D 143 18.05 0.38 -38.87
C THR D 143 17.47 0.09 -37.50
N VAL D 144 16.15 0.10 -37.40
CA VAL D 144 15.47 -0.05 -36.12
C VAL D 144 14.25 -0.95 -36.30
N GLU D 145 14.15 -1.98 -35.49
CA GLU D 145 13.06 -2.93 -35.56
C GLU D 145 11.98 -2.49 -34.57
N ALA D 146 10.74 -2.89 -34.81
CA ALA D 146 9.67 -2.61 -33.89
C ALA D 146 8.40 -3.30 -34.34
N TYR D 147 7.57 -3.68 -33.37
CA TYR D 147 6.23 -4.12 -33.67
C TYR D 147 5.41 -2.93 -34.16
N VAL D 148 4.69 -3.13 -35.26
CA VAL D 148 4.03 -2.01 -35.94
C VAL D 148 2.62 -1.85 -35.39
N ASN D 149 2.36 -2.44 -34.22
CA ASN D 149 1.04 -2.34 -33.61
C ASN D 149 0.78 -0.95 -33.05
N GLY D 150 1.82 -0.15 -32.87
CA GLY D 150 1.64 1.20 -32.37
C GLY D 150 2.04 1.41 -30.92
N ASP D 151 2.15 0.34 -30.13
CA ASP D 151 2.54 0.48 -28.74
C ASP D 151 4.05 0.56 -28.57
N HIS D 152 4.79 -0.40 -29.11
CA HIS D 152 6.23 -0.47 -28.90
C HIS D 152 6.93 0.60 -29.72
N ALA D 153 6.89 1.84 -29.24
CA ALA D 153 7.45 2.99 -29.93
C ALA D 153 8.96 2.92 -29.83
N VAL D 154 9.63 3.12 -30.96
CA VAL D 154 11.08 3.01 -31.05
C VAL D 154 11.69 4.34 -30.65
N THR D 155 12.78 4.27 -29.89
CA THR D 155 13.51 5.47 -29.54
C THR D 155 14.75 5.57 -30.41
N ILE D 156 14.65 6.30 -31.52
CA ILE D 156 15.79 6.53 -32.40
C ILE D 156 16.68 7.53 -31.71
N ALA D 157 17.89 7.72 -32.24
CA ALA D 157 18.87 8.57 -31.57
C ALA D 157 18.42 10.01 -31.69
N GLY D 158 17.54 10.41 -30.77
CA GLY D 158 16.84 11.67 -30.91
C GLY D 158 15.58 11.59 -31.72
N THR D 159 15.21 10.40 -32.18
CA THR D 159 14.00 10.21 -32.95
C THR D 159 12.99 9.45 -32.10
N LYS D 160 11.73 9.84 -32.19
CA LYS D 160 10.65 9.12 -31.54
C LYS D 160 9.82 8.47 -32.63
N PHE D 161 10.15 7.23 -32.98
CA PHE D 161 9.45 6.54 -34.05
C PHE D 161 8.23 5.83 -33.48
N ILE D 162 7.09 5.98 -34.17
CA ILE D 162 5.87 5.26 -33.86
C ILE D 162 5.38 4.65 -35.16
N PHE D 163 5.13 3.35 -35.15
CA PHE D 163 4.73 2.61 -36.35
C PHE D 163 3.25 2.25 -36.22
N GLY D 164 2.39 2.97 -36.93
CA GLY D 164 1.01 2.60 -37.03
C GLY D 164 0.20 2.93 -35.79
N PRO D 165 -0.62 1.99 -35.32
CA PRO D 165 -0.94 0.65 -35.83
C PRO D 165 -1.79 0.66 -37.09
N VAL D 166 -1.29 0.03 -38.14
CA VAL D 166 -2.01 -0.02 -39.41
C VAL D 166 -3.12 -1.05 -39.30
N SER D 167 -4.30 -0.68 -39.77
CA SER D 167 -5.51 -1.48 -39.56
C SER D 167 -5.77 -2.47 -40.67
N THR D 168 -4.76 -3.08 -41.27
CA THR D 168 -5.04 -3.87 -42.46
C THR D 168 -5.06 -5.37 -42.15
N PRO D 169 -6.22 -5.95 -41.96
CA PRO D 169 -6.32 -7.39 -41.75
C PRO D 169 -6.40 -8.19 -43.05
N TRP D 170 -5.71 -7.71 -44.07
CA TRP D 170 -5.49 -8.54 -45.23
C TRP D 170 -4.30 -9.45 -44.94
N THR D 171 -4.56 -10.49 -44.16
CA THR D 171 -3.49 -11.29 -43.66
C THR D 171 -3.89 -12.70 -44.00
N PRO D 172 -2.92 -13.57 -44.31
CA PRO D 172 -3.27 -14.93 -44.72
C PRO D 172 -3.65 -15.85 -43.58
N PHE D 173 -3.85 -15.32 -42.37
CA PHE D 173 -4.43 -16.11 -41.30
C PHE D 173 -5.87 -16.43 -41.67
N ASP D 174 -6.19 -17.72 -41.67
CA ASP D 174 -7.56 -18.16 -41.89
C ASP D 174 -8.31 -18.21 -40.55
N THR D 175 -9.47 -18.86 -40.58
CA THR D 175 -10.22 -19.05 -39.34
C THR D 175 -9.53 -20.01 -38.39
N LYS D 176 -9.26 -21.23 -38.84
CA LYS D 176 -8.52 -22.21 -38.06
C LYS D 176 -7.61 -22.95 -39.03
N ILE D 177 -6.32 -22.64 -39.00
CA ILE D 177 -5.36 -23.14 -39.96
C ILE D 177 -4.59 -24.28 -39.32
N LEU D 178 -4.11 -25.20 -40.13
CA LEU D 178 -3.30 -26.31 -39.65
C LEU D 178 -1.87 -26.17 -40.14
N VAL D 179 -0.93 -26.42 -39.25
CA VAL D 179 0.49 -26.45 -39.57
C VAL D 179 0.88 -27.92 -39.50
N TYR D 180 1.30 -28.47 -40.64
CA TYR D 180 1.71 -29.86 -40.76
C TYR D 180 3.11 -29.87 -41.34
N LYS D 181 4.11 -30.07 -40.49
CA LYS D 181 5.49 -30.15 -40.93
C LYS D 181 6.04 -28.79 -41.34
N GLY D 182 5.33 -27.72 -41.00
CA GLY D 182 5.72 -26.42 -41.47
C GLY D 182 4.82 -25.98 -42.59
N GLU D 183 4.12 -26.93 -43.19
CA GLU D 183 3.14 -26.57 -44.21
C GLU D 183 1.95 -25.89 -43.55
N LEU D 184 1.41 -24.90 -44.23
CA LEU D 184 0.22 -24.22 -43.75
C LEU D 184 -0.96 -24.66 -44.61
N TYR D 185 -2.13 -24.72 -43.99
CA TYR D 185 -3.35 -24.93 -44.76
C TYR D 185 -4.51 -24.49 -43.89
N ASN D 186 -5.18 -23.41 -44.29
CA ASN D 186 -6.43 -23.05 -43.65
C ASN D 186 -7.50 -23.99 -44.14
N GLN D 187 -8.34 -24.48 -43.24
CA GLN D 187 -9.35 -25.46 -43.63
C GLN D 187 -10.26 -25.71 -42.44
N ASP D 188 -11.34 -26.46 -42.67
CA ASP D 188 -12.28 -26.78 -41.60
C ASP D 188 -11.65 -27.82 -40.66
N PHE D 189 -11.31 -27.34 -39.48
CA PHE D 189 -10.95 -28.25 -38.40
C PHE D 189 -12.19 -29.05 -38.02
N PRO D 190 -12.03 -30.28 -37.55
CA PRO D 190 -13.22 -31.06 -37.20
C PRO D 190 -13.79 -30.62 -35.86
N ARG D 191 -14.78 -31.37 -35.39
CA ARG D 191 -15.21 -31.22 -34.02
C ARG D 191 -14.07 -31.61 -33.08
N TYR D 192 -13.86 -30.79 -32.06
CA TYR D 192 -12.73 -30.95 -31.17
C TYR D 192 -12.91 -32.20 -30.32
N GLY D 193 -12.40 -33.30 -30.83
CA GLY D 193 -12.75 -34.61 -30.31
C GLY D 193 -13.95 -35.24 -30.99
N ALA D 194 -14.88 -34.43 -31.49
CA ALA D 194 -16.02 -34.93 -32.24
C ALA D 194 -15.75 -34.93 -33.74
N GLY D 195 -14.67 -35.55 -34.18
CA GLY D 195 -14.42 -35.65 -35.60
C GLY D 195 -15.09 -36.89 -36.19
N GLN D 196 -15.25 -36.88 -37.51
CA GLN D 196 -15.79 -38.03 -38.21
C GLN D 196 -14.63 -38.92 -38.63
N PRO D 197 -14.76 -40.24 -38.45
CA PRO D 197 -13.65 -41.13 -38.78
C PRO D 197 -13.41 -41.16 -40.29
N GLY D 198 -12.14 -41.24 -40.67
CA GLY D 198 -11.81 -41.23 -42.08
C GLY D 198 -11.73 -39.84 -42.67
N ARG D 199 -10.95 -38.95 -42.05
CA ARG D 199 -10.81 -37.61 -42.56
C ARG D 199 -9.62 -36.95 -41.87
N PHE D 200 -9.47 -35.65 -42.12
CA PHE D 200 -8.43 -34.90 -41.46
C PHE D 200 -8.79 -34.73 -39.99
N GLY D 201 -8.17 -35.55 -39.14
CA GLY D 201 -8.51 -35.55 -37.74
C GLY D 201 -9.23 -36.78 -37.24
N ASP D 202 -8.84 -37.97 -37.70
CA ASP D 202 -9.41 -39.20 -37.18
C ASP D 202 -9.12 -39.41 -35.70
N ILE D 203 -8.01 -38.89 -35.19
CA ILE D 203 -7.74 -38.89 -33.76
C ILE D 203 -7.35 -37.47 -33.40
N GLN D 204 -8.26 -36.73 -32.77
CA GLN D 204 -8.05 -35.33 -32.45
C GLN D 204 -7.12 -35.24 -31.25
N SER D 205 -6.52 -34.06 -31.08
CA SER D 205 -5.60 -33.84 -29.97
C SER D 205 -6.11 -32.70 -29.11
N ARG D 206 -6.56 -33.04 -27.90
CA ARG D 206 -6.89 -32.01 -26.94
C ARG D 206 -5.65 -31.26 -26.50
N THR D 207 -4.53 -31.98 -26.39
CA THR D 207 -3.23 -31.39 -26.14
C THR D 207 -2.21 -32.15 -26.96
N LEU D 208 -1.10 -31.48 -27.30
CA LEU D 208 -0.13 -32.05 -28.22
C LEU D 208 0.59 -33.23 -27.61
N ASP D 209 1.01 -33.09 -26.36
CA ASP D 209 1.35 -34.24 -25.53
C ASP D 209 0.26 -34.55 -24.53
N SER D 210 -0.99 -34.31 -24.90
CA SER D 210 -2.10 -34.34 -23.97
C SER D 210 -2.39 -35.76 -23.51
N ARG D 211 -2.87 -35.88 -22.26
CA ARG D 211 -3.12 -37.16 -21.64
C ARG D 211 -4.29 -37.92 -22.23
N ASP D 212 -5.45 -37.28 -22.38
CA ASP D 212 -6.57 -37.95 -23.00
C ASP D 212 -6.35 -38.02 -24.52
N LEU D 213 -7.06 -38.94 -25.15
CA LEU D 213 -6.93 -39.11 -26.60
C LEU D 213 -8.33 -39.21 -27.19
N TYR D 214 -8.64 -38.26 -28.05
CA TYR D 214 -9.97 -38.16 -28.63
C TYR D 214 -9.92 -38.58 -30.09
N ALA D 215 -10.71 -39.59 -30.42
CA ALA D 215 -10.73 -40.09 -31.79
C ALA D 215 -12.01 -40.88 -31.99
N ASN D 216 -12.38 -41.06 -33.26
CA ASN D 216 -13.50 -41.90 -33.63
C ASN D 216 -13.09 -42.82 -34.77
N THR D 217 -11.91 -43.44 -34.63
CA THR D 217 -11.38 -44.29 -35.69
C THR D 217 -12.15 -45.59 -35.77
N GLY D 218 -12.39 -46.04 -36.99
CA GLY D 218 -13.30 -47.14 -37.21
C GLY D 218 -12.69 -48.52 -37.05
N LEU D 219 -12.31 -48.88 -35.82
CA LEU D 219 -11.90 -50.24 -35.56
C LEU D 219 -13.13 -51.12 -35.40
N LYS D 220 -13.09 -52.31 -35.99
CA LYS D 220 -14.17 -53.27 -35.88
C LYS D 220 -13.55 -54.66 -35.84
N LEU D 221 -13.69 -55.35 -34.72
CA LEU D 221 -13.10 -56.66 -34.57
C LEU D 221 -13.89 -57.68 -35.39
N ALA D 222 -13.27 -58.82 -35.69
CA ALA D 222 -13.92 -59.88 -36.43
C ALA D 222 -13.42 -61.24 -35.94
N ARG D 223 -14.32 -62.21 -35.99
CA ARG D 223 -13.98 -63.57 -35.57
C ARG D 223 -13.02 -64.16 -36.59
N PRO D 224 -11.88 -64.69 -36.16
CA PRO D 224 -10.90 -65.18 -37.12
C PRO D 224 -11.18 -66.58 -37.64
N ALA D 225 -10.29 -67.06 -38.51
CA ALA D 225 -10.40 -68.40 -39.06
C ALA D 225 -9.68 -69.40 -38.18
N ALA D 226 -9.87 -70.68 -38.47
CA ALA D 226 -9.41 -71.74 -37.59
C ALA D 226 -7.89 -71.88 -37.61
N GLY D 227 -7.37 -72.68 -36.68
CA GLY D 227 -5.97 -73.00 -36.60
C GLY D 227 -5.12 -71.85 -36.09
N ASN D 228 -4.95 -70.81 -36.88
CA ASN D 228 -4.13 -69.68 -36.50
C ASN D 228 -4.90 -68.77 -35.56
N ILE D 229 -4.16 -67.96 -34.82
CA ILE D 229 -4.74 -66.93 -33.97
C ILE D 229 -4.73 -65.69 -34.85
N HIS D 230 -5.73 -65.56 -35.70
CA HIS D 230 -5.88 -64.39 -36.52
C HIS D 230 -6.95 -63.52 -35.85
N VAL D 231 -6.49 -62.53 -35.12
CA VAL D 231 -7.45 -61.70 -34.39
C VAL D 231 -7.73 -60.59 -35.39
N PRO D 232 -8.73 -60.76 -36.24
CA PRO D 232 -8.98 -59.78 -37.30
C PRO D 232 -9.78 -58.61 -36.75
N TYR D 233 -9.21 -57.43 -36.94
CA TYR D 233 -9.85 -56.22 -36.46
C TYR D 233 -9.83 -55.22 -37.60
N THR D 234 -10.99 -55.02 -38.23
CA THR D 234 -11.11 -54.13 -39.37
C THR D 234 -11.04 -52.71 -38.84
N GLN D 235 -9.87 -52.09 -38.99
CA GLN D 235 -9.68 -50.70 -38.59
C GLN D 235 -10.04 -49.82 -39.79
N THR D 236 -10.37 -48.56 -39.49
CA THR D 236 -10.68 -47.62 -40.56
C THR D 236 -9.41 -47.24 -41.31
N PRO D 237 -9.53 -46.46 -42.38
CA PRO D 237 -8.33 -45.98 -43.06
C PRO D 237 -7.60 -44.96 -42.20
N SER D 238 -6.29 -44.85 -42.43
CA SER D 238 -5.49 -43.93 -41.64
C SER D 238 -5.70 -42.50 -42.10
N GLY D 239 -6.54 -41.76 -41.36
CA GLY D 239 -6.86 -40.40 -41.77
C GLY D 239 -5.72 -39.44 -41.62
N PHE D 240 -4.81 -39.71 -40.67
CA PHE D 240 -3.64 -38.86 -40.51
C PHE D 240 -2.70 -39.04 -41.69
N LYS D 241 -2.52 -40.27 -42.13
CA LYS D 241 -1.90 -40.49 -43.43
C LYS D 241 -2.81 -39.98 -44.53
N THR D 242 -4.11 -40.16 -44.38
CA THR D 242 -5.05 -39.71 -45.39
C THR D 242 -5.22 -38.20 -45.40
N TRP D 243 -4.70 -37.50 -44.39
CA TRP D 243 -4.66 -36.05 -44.41
C TRP D 243 -3.28 -35.54 -44.77
N GLN D 244 -2.25 -36.32 -44.48
CA GLN D 244 -0.90 -36.03 -44.95
C GLN D 244 -0.76 -36.33 -46.43
N LYS D 245 -0.93 -37.60 -46.82
CA LYS D 245 -1.20 -37.88 -48.21
C LYS D 245 -2.56 -37.31 -48.55
N ASP D 246 -2.68 -36.84 -49.80
CA ASP D 246 -3.85 -36.04 -50.16
C ASP D 246 -3.77 -34.71 -49.43
N ARG D 247 -2.57 -34.15 -49.33
CA ARG D 247 -2.41 -32.81 -48.76
C ARG D 247 -2.94 -31.77 -49.73
N ASP D 248 -3.27 -30.59 -49.20
CA ASP D 248 -3.80 -29.51 -50.01
C ASP D 248 -2.70 -28.61 -50.53
N SER D 249 -3.07 -27.44 -51.05
CA SER D 249 -2.07 -26.45 -51.42
C SER D 249 -1.37 -25.92 -50.18
N PRO D 250 -0.13 -25.48 -50.30
CA PRO D 250 0.59 -25.00 -49.11
C PRO D 250 0.06 -23.65 -48.66
N LEU D 251 0.38 -23.31 -47.42
CA LEU D 251 0.09 -21.97 -46.93
C LEU D 251 0.85 -20.92 -47.71
N ASN D 252 2.12 -21.17 -48.03
CA ASN D 252 2.85 -20.35 -48.97
C ASN D 252 2.28 -20.44 -50.37
N ALA D 253 1.60 -21.53 -50.70
CA ALA D 253 0.92 -21.62 -51.98
C ALA D 253 -0.30 -20.71 -51.97
N LYS D 254 -0.35 -19.80 -52.94
CA LYS D 254 -1.50 -18.94 -53.11
C LYS D 254 -1.58 -17.90 -52.01
N ALA D 255 -0.44 -17.45 -51.52
CA ALA D 255 -0.46 -16.42 -50.49
C ALA D 255 -0.78 -15.08 -51.12
N PRO D 256 -1.99 -14.55 -50.93
CA PRO D 256 -2.29 -13.21 -51.45
C PRO D 256 -1.51 -12.16 -50.67
N PHE D 257 -0.98 -11.18 -51.40
CA PHE D 257 0.00 -10.25 -50.84
C PHE D 257 1.41 -10.83 -50.86
N GLY D 258 1.55 -12.08 -51.28
CA GLY D 258 2.85 -12.67 -51.53
C GLY D 258 3.70 -12.95 -50.33
N CYS D 259 3.19 -12.78 -49.12
CA CYS D 259 4.02 -12.94 -47.93
C CYS D 259 4.33 -14.41 -47.70
N ILE D 260 5.61 -14.72 -47.53
CA ILE D 260 6.07 -16.08 -47.28
C ILE D 260 5.68 -16.44 -45.85
N ILE D 261 4.76 -17.37 -45.71
CA ILE D 261 4.31 -17.82 -44.41
C ILE D 261 5.40 -18.69 -43.81
N GLN D 262 6.02 -18.22 -42.74
CA GLN D 262 7.03 -18.98 -42.04
C GLN D 262 6.58 -19.17 -40.60
N THR D 263 6.74 -20.39 -40.10
CA THR D 263 6.17 -20.67 -38.79
C THR D 263 7.19 -21.37 -37.89
N ASN D 264 8.06 -20.59 -37.30
CA ASN D 264 8.51 -21.03 -36.00
C ASN D 264 7.32 -20.59 -35.18
N PRO D 265 7.09 -19.29 -35.11
CA PRO D 265 5.72 -18.79 -34.90
C PRO D 265 5.12 -18.47 -36.26
N VAL D 266 3.86 -18.86 -36.44
CA VAL D 266 3.21 -18.76 -37.75
C VAL D 266 2.96 -17.29 -38.08
N ARG D 267 3.80 -16.74 -38.95
CA ARG D 267 3.66 -15.35 -39.37
C ARG D 267 4.03 -15.28 -40.84
N ALA D 268 3.34 -14.44 -41.59
CA ALA D 268 3.61 -14.29 -43.01
C ALA D 268 4.53 -13.10 -43.22
N MET D 269 5.81 -13.38 -43.42
CA MET D 269 6.80 -12.33 -43.61
C MET D 269 6.65 -11.73 -44.99
N ASN D 270 7.16 -10.52 -45.15
CA ASN D 270 7.11 -9.77 -46.40
C ASN D 270 5.70 -9.46 -46.87
N CYS D 271 4.91 -8.79 -46.05
CA CYS D 271 3.52 -8.55 -46.41
C CYS D 271 3.41 -7.45 -47.46
N ALA D 272 2.93 -7.80 -48.64
CA ALA D 272 2.67 -6.82 -49.70
C ALA D 272 1.25 -6.30 -49.45
N VAL D 273 1.15 -5.27 -48.61
CA VAL D 273 -0.14 -4.68 -48.30
C VAL D 273 0.08 -3.36 -47.59
N GLY D 274 -0.91 -2.47 -47.71
CA GLY D 274 -1.02 -1.30 -46.86
C GLY D 274 0.09 -0.28 -47.00
N ASN D 275 0.05 0.69 -46.10
CA ASN D 275 1.10 1.69 -45.98
C ASN D 275 1.40 1.88 -44.51
N ILE D 276 2.68 1.79 -44.16
CA ILE D 276 3.11 1.88 -42.77
C ILE D 276 2.97 3.33 -42.33
N PRO D 277 2.14 3.62 -41.34
CA PRO D 277 2.10 4.97 -40.79
C PRO D 277 3.21 5.15 -39.76
N VAL D 278 4.11 6.08 -40.04
CA VAL D 278 5.24 6.36 -39.16
C VAL D 278 5.12 7.79 -38.67
N SER D 279 4.95 7.95 -37.37
CA SER D 279 4.99 9.24 -36.71
C SER D 279 6.33 9.37 -36.02
N MET D 280 7.16 10.28 -36.50
CA MET D 280 8.53 10.44 -36.01
C MET D 280 8.63 11.83 -35.37
N ASP D 281 8.72 11.85 -34.05
CA ASP D 281 9.14 13.05 -33.34
C ASP D 281 10.59 13.31 -33.67
N ILE D 282 10.84 14.36 -34.45
CA ILE D 282 12.15 14.69 -34.97
C ILE D 282 12.87 15.46 -33.88
N ALA D 283 14.13 15.12 -33.62
CA ALA D 283 14.93 15.84 -32.64
C ALA D 283 15.42 17.16 -33.23
N ASP D 284 16.08 17.96 -32.40
CA ASP D 284 16.60 19.24 -32.86
C ASP D 284 17.87 19.08 -33.69
N SER D 285 18.54 17.93 -33.59
CA SER D 285 19.82 17.71 -34.25
C SER D 285 19.75 17.75 -35.76
N ALA D 286 18.56 17.63 -36.36
CA ALA D 286 18.40 17.72 -37.80
C ALA D 286 18.22 19.15 -38.27
N PHE D 287 18.10 20.10 -37.36
CA PHE D 287 17.94 21.49 -37.71
C PHE D 287 19.32 22.09 -37.98
N THR D 288 19.89 21.75 -39.13
CA THR D 288 21.18 22.29 -39.53
C THR D 288 21.03 23.78 -39.77
N ARG D 289 21.56 24.56 -38.83
CA ARG D 289 21.24 25.98 -38.67
C ARG D 289 21.55 26.78 -39.92
N LEU D 290 20.76 27.84 -40.13
CA LEU D 290 20.78 28.59 -41.38
C LEU D 290 22.12 29.27 -41.61
N THR D 291 22.88 29.52 -40.55
CA THR D 291 24.25 29.98 -40.71
C THR D 291 25.16 28.89 -41.25
N ASP D 292 24.83 27.62 -41.02
CA ASP D 292 25.61 26.52 -41.55
C ASP D 292 25.02 25.95 -42.83
N ALA D 293 23.91 26.49 -43.32
CA ALA D 293 23.27 25.99 -44.53
C ALA D 293 24.12 26.32 -45.73
N PRO D 294 24.18 25.46 -46.74
CA PRO D 294 24.85 25.85 -47.99
C PRO D 294 24.04 26.92 -48.70
N VAL D 295 24.65 28.09 -48.88
CA VAL D 295 23.97 29.21 -49.52
C VAL D 295 24.09 29.04 -51.03
N ILE D 296 23.11 28.37 -51.64
CA ILE D 296 23.18 28.13 -53.07
C ILE D 296 22.10 28.95 -53.77
N SER D 297 22.39 29.34 -55.01
CA SER D 297 21.47 30.19 -55.75
C SER D 297 21.44 29.74 -57.20
N GLU D 298 20.47 30.28 -57.94
CA GLU D 298 20.31 30.01 -59.37
C GLU D 298 20.03 28.54 -59.67
N LEU D 299 18.96 28.00 -59.08
CA LEU D 299 18.63 26.60 -59.27
C LEU D 299 18.08 26.37 -60.68
N THR D 300 18.76 25.53 -61.45
CA THR D 300 18.36 25.22 -62.80
C THR D 300 18.37 23.70 -62.98
N CYS D 301 17.19 23.11 -63.11
CA CYS D 301 17.06 21.67 -63.24
C CYS D 301 16.84 21.31 -64.70
N THR D 302 17.78 20.59 -65.28
CA THR D 302 17.64 20.04 -66.62
C THR D 302 17.41 18.55 -66.50
N VAL D 303 16.60 18.01 -67.41
CA VAL D 303 16.25 16.59 -67.41
C VAL D 303 17.07 15.93 -68.49
N SER D 304 18.06 15.14 -68.09
CA SER D 304 18.90 14.48 -69.08
C SER D 304 18.16 13.33 -69.76
N THR D 305 17.84 12.28 -69.02
CA THR D 305 17.14 11.15 -69.62
C THR D 305 15.96 10.79 -68.74
N CYS D 306 14.92 10.28 -69.38
CA CYS D 306 13.72 9.86 -68.67
C CYS D 306 13.25 8.57 -69.30
N THR D 307 13.18 7.51 -68.50
CA THR D 307 12.79 6.19 -68.97
C THR D 307 11.54 5.77 -68.21
N HIS D 308 10.93 4.66 -68.63
CA HIS D 308 9.69 4.26 -68.01
C HIS D 308 9.90 3.65 -66.62
N SER D 309 10.55 2.50 -66.55
CA SER D 309 10.47 1.66 -65.36
C SER D 309 11.80 1.37 -64.69
N SER D 310 12.69 2.36 -64.57
CA SER D 310 14.01 2.11 -64.03
C SER D 310 13.95 2.06 -62.51
N ASP D 311 15.11 1.98 -61.89
CA ASP D 311 15.21 2.05 -60.42
C ASP D 311 15.53 3.50 -60.02
N PHE D 312 16.68 4.04 -60.43
CA PHE D 312 16.97 5.46 -60.29
C PHE D 312 16.21 6.24 -61.35
N GLY D 313 15.83 5.57 -62.43
CA GLY D 313 14.95 6.08 -63.45
C GLY D 313 15.59 7.06 -64.41
N GLY D 314 15.69 8.32 -64.00
CA GLY D 314 16.03 9.39 -64.91
C GLY D 314 17.29 10.13 -64.50
N ILE D 315 17.97 10.69 -65.48
CA ILE D 315 19.09 11.58 -65.24
C ILE D 315 18.50 12.98 -65.19
N ALA D 316 18.73 13.68 -64.08
CA ALA D 316 18.36 15.08 -63.96
C ALA D 316 19.58 15.93 -63.62
N VAL D 317 19.77 16.98 -64.38
CA VAL D 317 20.93 17.86 -64.23
C VAL D 317 20.48 19.12 -63.52
N LEU D 318 20.82 19.23 -62.24
CA LEU D 318 20.44 20.37 -61.42
C LEU D 318 21.64 21.32 -61.36
N SER D 319 21.49 22.49 -61.97
CA SER D 319 22.55 23.49 -61.93
C SER D 319 22.20 24.54 -60.87
N TYR D 320 23.16 24.83 -60.00
CA TYR D 320 22.94 25.79 -58.93
C TYR D 320 24.27 26.45 -58.62
N LYS D 321 24.26 27.78 -58.61
CA LYS D 321 25.45 28.57 -58.32
C LYS D 321 25.59 28.72 -56.81
N VAL D 322 26.77 28.39 -56.31
CA VAL D 322 26.99 28.30 -54.87
C VAL D 322 27.62 29.58 -54.37
N GLU D 323 26.85 30.35 -53.61
CA GLU D 323 27.46 31.41 -52.80
C GLU D 323 28.08 30.82 -51.56
N LYS D 324 27.37 29.89 -50.91
CA LYS D 324 27.92 29.13 -49.80
C LYS D 324 27.70 27.66 -50.12
N SER D 325 28.77 26.87 -50.00
CA SER D 325 28.75 25.50 -50.49
C SER D 325 28.55 24.51 -49.36
N GLY D 326 28.47 23.22 -49.73
CA GLY D 326 28.33 22.17 -48.74
C GLY D 326 27.45 21.06 -49.25
N ARG D 327 26.92 20.30 -48.31
CA ARG D 327 25.95 19.26 -48.60
C ARG D 327 24.59 19.89 -48.89
N CYS D 328 23.67 19.07 -49.36
CA CYS D 328 22.35 19.55 -49.75
C CYS D 328 21.32 18.45 -49.62
N ASP D 329 20.16 18.80 -49.06
CA ASP D 329 19.03 17.89 -49.07
C ASP D 329 18.38 17.91 -50.44
N ILE D 330 18.25 16.72 -51.02
CA ILE D 330 17.69 16.58 -52.35
C ILE D 330 16.21 16.21 -52.35
N HIS D 331 15.46 16.53 -51.31
CA HIS D 331 14.09 16.06 -51.22
C HIS D 331 13.19 16.88 -52.12
N SER D 332 12.77 16.26 -53.22
CA SER D 332 11.86 16.92 -54.14
C SER D 332 10.50 17.07 -53.50
N HIS D 333 9.73 18.05 -53.97
CA HIS D 333 8.38 18.27 -53.48
C HIS D 333 7.35 17.80 -54.49
N SER D 334 7.61 16.70 -55.18
CA SER D 334 6.69 16.18 -56.18
C SER D 334 6.53 14.68 -55.96
N ASN D 335 5.29 14.20 -55.98
CA ASN D 335 5.04 12.79 -55.73
C ASN D 335 5.08 11.96 -57.01
N VAL D 336 5.33 12.58 -58.15
CA VAL D 336 5.30 11.86 -59.42
C VAL D 336 6.64 11.19 -59.69
N ALA D 337 7.62 11.44 -58.84
CA ALA D 337 8.95 10.89 -59.06
C ALA D 337 9.65 10.63 -57.73
N VAL D 338 10.77 9.92 -57.79
CA VAL D 338 11.60 9.68 -56.62
C VAL D 338 13.01 10.16 -56.93
N LEU D 339 13.71 10.60 -55.89
CA LEU D 339 15.07 11.09 -56.01
C LEU D 339 16.02 9.91 -55.84
N GLN D 340 17.13 9.93 -56.58
CA GLN D 340 18.14 8.89 -56.43
C GLN D 340 18.78 8.94 -55.05
N GLU D 341 18.89 10.12 -54.47
CA GLU D 341 19.30 10.25 -53.07
C GLU D 341 19.13 11.70 -52.65
N VAL D 342 19.23 11.97 -51.35
CA VAL D 342 19.23 13.36 -50.90
C VAL D 342 20.55 13.57 -50.19
N SER D 343 21.59 13.90 -50.94
CA SER D 343 22.94 13.94 -50.40
C SER D 343 23.72 15.14 -50.94
N ILE D 344 23.15 15.81 -51.94
CA ILE D 344 23.81 16.56 -53.01
C ILE D 344 24.98 17.43 -52.56
N GLU D 345 26.08 17.35 -53.30
CA GLU D 345 27.34 17.92 -52.90
C GLU D 345 27.34 19.41 -53.18
N THR D 346 28.54 20.01 -53.14
CA THR D 346 28.77 21.42 -53.39
C THR D 346 28.25 21.88 -54.76
N GLU D 347 28.05 23.19 -54.90
CA GLU D 347 27.32 23.82 -55.98
C GLU D 347 27.84 23.46 -57.37
N GLY D 348 26.96 23.40 -58.33
CA GLY D 348 27.33 23.03 -59.67
C GLY D 348 26.16 22.38 -60.37
N ARG D 349 26.49 21.52 -61.33
CA ARG D 349 25.50 20.78 -62.10
C ARG D 349 25.55 19.34 -61.62
N SER D 350 24.73 19.02 -60.63
CA SER D 350 24.71 17.69 -60.07
C SER D 350 23.74 16.79 -60.83
N VAL D 351 24.10 15.51 -60.90
CA VAL D 351 23.21 14.50 -61.46
C VAL D 351 22.27 14.07 -60.35
N ILE D 352 21.05 13.69 -60.72
CA ILE D 352 20.06 13.23 -59.76
C ILE D 352 19.25 12.13 -60.42
N HIS D 353 19.08 11.01 -59.73
CA HIS D 353 18.25 9.93 -60.23
C HIS D 353 16.78 10.28 -60.00
N PHE D 354 16.16 10.86 -61.02
CA PHE D 354 14.76 11.23 -60.95
C PHE D 354 13.95 10.07 -61.46
N SER D 355 13.51 9.22 -60.53
CA SER D 355 12.85 7.97 -60.84
C SER D 355 11.36 8.10 -60.61
N THR D 356 10.60 8.10 -61.71
CA THR D 356 9.15 8.22 -61.63
C THR D 356 8.60 7.69 -62.93
N ALA D 357 7.62 6.81 -62.85
CA ALA D 357 7.17 6.06 -64.02
C ALA D 357 6.32 6.87 -64.97
N SER D 358 5.85 8.05 -64.57
CA SER D 358 4.94 8.83 -65.38
C SER D 358 5.65 9.38 -66.61
N ALA D 359 4.99 9.27 -67.76
CA ALA D 359 5.62 9.66 -69.02
C ALA D 359 5.77 11.17 -69.13
N SER D 360 4.91 11.93 -68.45
CA SER D 360 4.93 13.39 -68.51
C SER D 360 5.47 13.85 -67.17
N PRO D 361 6.76 13.67 -66.91
CA PRO D 361 7.28 13.99 -65.58
C PRO D 361 7.44 15.49 -65.39
N SER D 362 7.21 15.94 -64.16
CA SER D 362 7.53 17.29 -63.73
C SER D 362 7.53 17.29 -62.21
N PHE D 363 8.69 17.50 -61.60
CA PHE D 363 8.81 17.50 -60.16
C PHE D 363 9.16 18.90 -59.68
N VAL D 364 8.94 19.14 -58.39
CA VAL D 364 9.41 20.36 -57.73
C VAL D 364 10.59 19.94 -56.89
N VAL D 365 11.76 20.00 -57.47
CA VAL D 365 12.97 19.50 -56.83
C VAL D 365 13.39 20.48 -55.75
N SER D 366 13.44 19.97 -54.52
CA SER D 366 13.93 20.74 -53.38
C SER D 366 15.41 20.41 -53.24
N VAL D 367 16.26 21.38 -53.52
CA VAL D 367 17.70 21.22 -53.42
C VAL D 367 18.20 22.33 -52.50
N CYS D 368 18.30 22.01 -51.21
CA CYS D 368 18.85 22.92 -50.21
C CYS D 368 18.02 24.19 -50.08
N SER D 369 16.70 24.03 -49.92
CA SER D 369 15.82 25.18 -49.81
C SER D 369 15.51 25.80 -51.16
N SER D 370 16.09 25.28 -52.22
CA SER D 370 15.75 25.72 -53.56
C SER D 370 14.94 24.64 -54.25
N ARG D 371 13.74 25.01 -54.66
CA ARG D 371 12.84 24.04 -55.26
C ARG D 371 12.41 24.60 -56.61
N ALA D 372 12.74 23.88 -57.67
CA ALA D 372 12.47 24.34 -59.01
C ALA D 372 11.72 23.26 -59.77
N THR D 373 11.02 23.67 -60.82
CA THR D 373 10.24 22.76 -61.65
C THR D 373 11.19 22.09 -62.63
N CYS D 374 11.42 20.80 -62.43
CA CYS D 374 12.12 19.98 -63.39
C CYS D 374 11.12 19.14 -64.15
N THR D 375 10.82 19.53 -65.38
CA THR D 375 9.83 18.85 -66.19
C THR D 375 10.49 18.28 -67.43
N ALA D 376 9.94 17.18 -67.94
CA ALA D 376 10.45 16.57 -69.15
C ALA D 376 9.56 15.38 -69.50
N LYS D 377 9.65 14.94 -70.75
CA LYS D 377 8.86 13.83 -71.25
C LYS D 377 9.75 12.59 -71.24
N CYS D 378 9.54 11.70 -70.27
CA CYS D 378 10.34 10.49 -70.19
C CYS D 378 9.95 9.53 -71.30
N GLU D 379 10.85 8.60 -71.61
CA GLU D 379 10.61 7.64 -72.67
C GLU D 379 10.01 6.35 -72.09
N PRO D 380 9.64 5.40 -72.97
CA PRO D 380 9.04 4.14 -72.55
C PRO D 380 10.08 3.14 -72.06
N SER E 1 -3.79 -15.63 52.53
CA SER E 1 -5.17 -15.77 52.08
C SER E 1 -5.59 -14.50 51.37
N THR E 2 -5.86 -13.45 52.16
CA THR E 2 -6.30 -12.18 51.59
C THR E 2 -5.43 -11.01 52.05
N ALA E 3 -5.01 -11.03 53.32
CA ALA E 3 -4.15 -9.96 53.83
C ALA E 3 -2.82 -9.94 53.12
N ASN E 4 -2.18 -11.10 53.02
CA ASN E 4 -1.40 -11.44 51.85
C ASN E 4 -2.36 -12.18 50.95
N HIS E 5 -2.72 -11.55 49.82
CA HIS E 5 -3.71 -12.13 48.90
C HIS E 5 -3.16 -13.34 48.16
N PHE E 6 -1.84 -13.55 48.24
CA PHE E 6 -1.20 -14.64 47.53
C PHE E 6 -1.58 -16.00 48.09
N ASN E 7 -2.17 -16.05 49.28
CA ASN E 7 -2.72 -17.31 49.77
C ASN E 7 -4.00 -17.65 49.02
N ALA E 8 -4.81 -16.63 48.73
CA ALA E 8 -5.94 -16.81 47.83
C ALA E 8 -5.46 -17.13 46.43
N TYR E 9 -4.25 -16.72 46.08
CA TYR E 9 -3.63 -17.25 44.87
C TYR E 9 -3.18 -18.69 45.06
N LYS E 10 -2.76 -19.04 46.27
CA LYS E 10 -2.10 -20.33 46.49
C LYS E 10 -3.12 -21.44 46.66
N LEU E 11 -4.39 -21.08 46.83
CA LEU E 11 -5.44 -22.09 46.79
C LEU E 11 -5.51 -22.76 45.42
N THR E 12 -5.37 -21.99 44.36
CA THR E 12 -5.32 -22.53 43.01
C THR E 12 -4.05 -22.08 42.30
N ARG E 13 -3.07 -22.99 42.27
CA ARG E 13 -1.74 -22.78 41.70
C ARG E 13 -1.81 -22.34 40.25
N PRO E 14 -1.50 -21.09 39.96
CA PRO E 14 -1.71 -20.57 38.60
C PRO E 14 -0.54 -20.81 37.68
N TYR E 15 -0.81 -20.81 36.37
CA TYR E 15 0.22 -21.07 35.38
C TYR E 15 -0.22 -20.45 34.06
N VAL E 16 0.75 -20.30 33.16
CA VAL E 16 0.56 -19.67 31.86
C VAL E 16 -0.35 -20.56 31.02
N ALA E 17 -0.96 -19.97 30.00
CA ALA E 17 -2.01 -20.67 29.28
C ALA E 17 -1.83 -20.47 27.78
N TYR E 18 -2.56 -21.25 27.01
CA TYR E 18 -2.43 -21.27 25.55
C TYR E 18 -3.06 -20.02 24.96
N CYS E 19 -2.23 -19.13 24.45
CA CYS E 19 -2.68 -18.00 23.67
C CYS E 19 -1.98 -18.06 22.32
N ALA E 20 -2.75 -17.93 21.25
CA ALA E 20 -2.20 -17.92 19.91
C ALA E 20 -1.48 -16.62 19.57
N ASP E 21 -1.67 -15.56 20.35
CA ASP E 21 -0.86 -14.36 20.27
C ASP E 21 0.30 -14.59 21.21
N CYS E 22 1.46 -14.91 20.64
CA CYS E 22 2.58 -15.33 21.48
C CYS E 22 3.93 -14.75 21.06
N GLY E 23 3.99 -13.48 20.66
CA GLY E 23 5.29 -12.89 20.40
C GLY E 23 5.51 -12.38 18.99
N MET E 24 4.44 -11.94 18.34
CA MET E 24 4.56 -11.34 17.00
C MET E 24 5.02 -12.33 15.95
N GLY E 25 4.25 -13.40 15.75
CA GLY E 25 4.59 -14.39 14.77
C GLY E 25 4.22 -15.79 15.22
N HIS E 26 4.10 -16.01 16.52
CA HIS E 26 3.77 -17.34 16.99
C HIS E 26 2.68 -17.29 18.05
N SER E 27 2.43 -18.44 18.66
CA SER E 27 1.58 -18.57 19.83
C SER E 27 2.16 -19.69 20.69
N CYS E 28 1.61 -19.85 21.88
CA CYS E 28 2.03 -20.98 22.71
C CYS E 28 1.27 -20.92 24.01
N HIS E 29 1.57 -21.87 24.88
CA HIS E 29 1.17 -21.73 26.27
C HIS E 29 2.06 -20.67 26.92
N SER E 30 1.70 -19.41 26.71
CA SER E 30 2.52 -18.28 27.10
C SER E 30 2.50 -18.17 28.61
N PRO E 31 3.60 -17.71 29.21
CA PRO E 31 3.58 -17.43 30.65
C PRO E 31 2.87 -16.15 30.99
N ALA E 32 2.66 -15.27 30.02
CA ALA E 32 2.05 -13.97 30.30
C ALA E 32 1.08 -13.58 29.20
N MET E 33 0.25 -14.52 28.76
CA MET E 33 -0.80 -14.17 27.82
C MET E 33 -1.84 -13.32 28.55
N ILE E 34 -2.33 -12.27 27.88
CA ILE E 34 -3.33 -11.38 28.47
C ILE E 34 -4.63 -12.15 28.52
N GLU E 35 -5.04 -12.54 29.72
CA GLU E 35 -6.27 -13.32 29.88
C GLU E 35 -7.50 -12.49 29.57
N ASN E 36 -7.52 -11.22 29.97
CA ASN E 36 -8.60 -10.34 29.58
C ASN E 36 -8.20 -8.96 30.06
N ILE E 37 -8.59 -7.95 29.30
CA ILE E 37 -8.33 -6.56 29.65
C ILE E 37 -9.64 -5.98 30.16
N GLN E 38 -9.61 -5.42 31.36
CA GLN E 38 -10.81 -4.82 31.93
C GLN E 38 -10.44 -3.41 32.35
N ALA E 39 -11.02 -2.42 31.67
CA ALA E 39 -10.76 -1.03 32.04
C ALA E 39 -12.08 -0.26 31.97
N ASP E 40 -12.80 -0.27 33.09
CA ASP E 40 -13.98 0.56 33.24
C ASP E 40 -13.67 1.68 34.21
N ALA E 41 -13.11 2.78 33.71
CA ALA E 41 -12.74 3.88 34.58
C ALA E 41 -12.50 5.17 33.81
N THR E 42 -12.98 6.29 34.36
CA THR E 42 -12.73 7.58 33.75
C THR E 42 -11.36 8.08 34.18
N ASP E 43 -10.70 7.35 35.08
CA ASP E 43 -9.37 7.71 35.53
C ASP E 43 -8.29 7.35 34.53
N GLY E 44 -8.61 6.60 33.49
CA GLY E 44 -7.63 6.30 32.45
C GLY E 44 -6.58 5.30 32.87
N THR E 45 -6.99 4.23 33.54
CA THR E 45 -6.07 3.17 33.95
C THR E 45 -6.62 1.86 33.42
N LEU E 46 -5.79 1.11 32.70
CA LEU E 46 -6.15 -0.21 32.23
C LEU E 46 -5.93 -1.22 33.33
N LYS E 47 -6.67 -2.33 33.28
CA LYS E 47 -6.45 -3.49 34.14
C LYS E 47 -6.47 -4.73 33.26
N ILE E 48 -5.56 -5.67 33.53
CA ILE E 48 -5.41 -6.87 32.72
C ILE E 48 -5.27 -8.09 33.61
N GLN E 49 -5.66 -9.25 33.08
CA GLN E 49 -5.41 -10.55 33.70
C GLN E 49 -4.08 -11.06 33.19
N PHE E 50 -3.16 -11.32 34.11
CA PHE E 50 -1.81 -11.72 33.75
C PHE E 50 -1.66 -13.20 34.02
N ALA E 51 -0.79 -13.84 33.23
CA ALA E 51 -0.61 -15.29 33.31
C ALA E 51 0.02 -15.73 34.62
N SER E 52 0.79 -14.86 35.27
CA SER E 52 1.37 -15.21 36.56
C SER E 52 0.53 -14.63 37.68
N GLN E 53 0.92 -14.95 38.91
CA GLN E 53 0.42 -14.28 40.10
C GLN E 53 1.46 -13.24 40.48
N ILE E 54 1.28 -12.01 40.02
CA ILE E 54 2.18 -10.91 40.32
C ILE E 54 1.93 -10.52 41.76
N GLY E 55 2.78 -11.01 42.67
CA GLY E 55 2.62 -10.79 44.09
C GLY E 55 2.76 -12.02 44.95
N LEU E 56 2.65 -13.22 44.38
CA LEU E 56 2.74 -14.47 45.11
C LEU E 56 4.19 -14.92 45.05
N THR E 57 4.71 -15.42 46.17
CA THR E 57 6.07 -15.91 46.22
C THR E 57 6.17 -17.30 45.60
N LYS E 58 7.39 -17.84 45.56
CA LYS E 58 7.62 -19.17 45.02
C LYS E 58 6.95 -20.24 45.87
N THR E 59 6.79 -19.98 47.16
CA THR E 59 5.92 -20.77 48.01
C THR E 59 4.57 -20.12 48.23
N ASP E 60 4.21 -19.14 47.40
CA ASP E 60 2.99 -18.37 47.62
C ASP E 60 3.09 -17.50 48.88
N THR E 61 4.13 -16.70 48.94
CA THR E 61 4.28 -15.68 49.98
C THR E 61 4.07 -14.30 49.35
N HIS E 62 3.78 -13.33 50.19
CA HIS E 62 3.66 -11.95 49.71
C HIS E 62 5.05 -11.43 49.37
N ASP E 63 5.39 -11.47 48.08
CA ASP E 63 6.76 -11.21 47.66
C ASP E 63 6.72 -10.05 46.68
N HIS E 64 7.21 -8.89 47.14
CA HIS E 64 7.28 -7.71 46.27
C HIS E 64 8.17 -7.94 45.06
N THR E 65 9.21 -8.75 45.19
CA THR E 65 9.99 -9.13 44.03
C THR E 65 9.34 -10.24 43.23
N LYS E 66 8.33 -10.92 43.77
CA LYS E 66 7.87 -12.18 43.22
C LYS E 66 6.57 -12.06 42.43
N ILE E 67 6.66 -12.34 41.14
CA ILE E 67 5.51 -12.64 40.30
C ILE E 67 5.67 -14.09 39.86
N ARG E 68 4.78 -14.96 40.35
CA ARG E 68 4.95 -16.40 40.24
C ARG E 68 4.77 -16.83 38.79
N TYR E 69 5.90 -17.08 38.12
CA TYR E 69 5.89 -17.42 36.71
C TYR E 69 5.48 -18.88 36.55
N ALA E 70 5.38 -19.32 35.30
CA ALA E 70 4.86 -20.66 35.03
C ALA E 70 5.91 -21.43 34.24
N GLU E 71 5.90 -22.74 34.43
CA GLU E 71 6.69 -23.68 33.63
C GLU E 71 5.91 -25.00 33.61
N GLY E 72 6.52 -26.06 33.10
CA GLY E 72 5.94 -27.39 33.25
C GLY E 72 5.99 -27.73 34.73
N HIS E 73 7.16 -27.56 35.31
CA HIS E 73 7.26 -27.33 36.74
C HIS E 73 6.71 -25.93 36.96
N ASP E 74 5.46 -25.87 37.42
CA ASP E 74 4.69 -24.63 37.49
C ASP E 74 5.25 -23.59 38.44
N ILE E 75 6.10 -24.01 39.38
CA ILE E 75 6.63 -23.06 40.34
C ILE E 75 7.75 -22.29 39.66
N ALA E 76 7.40 -21.20 39.00
CA ALA E 76 8.37 -20.41 38.28
C ALA E 76 8.49 -19.02 38.91
N GLU E 77 9.71 -18.52 38.93
CA GLU E 77 9.98 -17.19 39.47
C GLU E 77 9.66 -16.14 38.42
N ALA E 78 9.40 -14.93 38.89
CA ALA E 78 9.41 -13.76 38.05
C ALA E 78 9.80 -12.56 38.91
N ALA E 79 10.73 -11.77 38.40
CA ALA E 79 11.19 -10.57 39.07
C ALA E 79 10.08 -9.54 39.03
N ARG E 80 9.91 -8.80 40.13
CA ARG E 80 8.84 -7.81 40.20
C ARG E 80 9.12 -6.61 39.29
N SER E 81 10.37 -6.42 38.88
CA SER E 81 10.70 -5.29 38.03
C SER E 81 10.63 -5.64 36.55
N THR E 82 10.71 -6.91 36.20
CA THR E 82 10.83 -7.33 34.81
C THR E 82 9.55 -7.22 34.00
N LEU E 83 8.44 -6.79 34.61
CA LEU E 83 7.17 -6.73 33.90
C LEU E 83 7.04 -5.39 33.19
N LYS E 84 6.96 -5.43 31.86
CA LYS E 84 6.87 -4.23 31.05
C LYS E 84 5.59 -4.27 30.23
N VAL E 85 4.78 -3.23 30.38
CA VAL E 85 3.51 -3.13 29.67
C VAL E 85 3.67 -2.05 28.60
N HIS E 86 3.99 -2.47 27.39
CA HIS E 86 4.15 -1.55 26.27
C HIS E 86 2.84 -1.57 25.50
N SER E 87 1.98 -0.58 25.76
CA SER E 87 0.71 -0.55 25.03
C SER E 87 0.91 0.10 23.66
N SER E 88 1.22 1.39 23.65
CA SER E 88 1.79 2.05 22.49
C SER E 88 3.16 2.59 22.85
N SER E 89 3.57 2.35 24.10
CA SER E 89 4.83 2.77 24.68
C SER E 89 4.80 2.24 26.10
N GLU E 90 5.91 2.42 26.80
CA GLU E 90 6.06 1.89 28.15
C GLU E 90 5.16 2.67 29.09
N CYS E 91 3.96 2.16 29.29
CA CYS E 91 2.97 2.79 30.15
C CYS E 91 3.39 2.67 31.61
N THR E 92 2.77 3.48 32.45
CA THR E 92 3.10 3.50 33.87
C THR E 92 2.39 2.35 34.58
N VAL E 93 3.17 1.53 35.27
CA VAL E 93 2.56 0.45 36.05
C VAL E 93 1.94 1.05 37.31
N THR E 94 0.86 0.40 37.76
CA THR E 94 0.14 0.92 38.91
C THR E 94 -0.01 -0.07 40.05
N GLY E 95 -0.20 -1.35 39.78
CA GLY E 95 -0.41 -2.31 40.85
C GLY E 95 -0.56 -3.70 40.28
N THR E 96 -0.29 -4.68 41.15
CA THR E 96 -0.38 -6.08 40.74
C THR E 96 -0.76 -6.90 41.95
N MET E 97 -1.95 -7.48 41.91
CA MET E 97 -2.41 -8.42 42.93
C MET E 97 -2.93 -9.64 42.20
N GLY E 98 -2.28 -10.78 42.42
CA GLY E 98 -2.63 -12.00 41.71
C GLY E 98 -2.37 -11.85 40.22
N HIS E 99 -3.35 -12.26 39.42
CA HIS E 99 -3.29 -12.02 37.99
C HIS E 99 -3.78 -10.62 37.62
N PHE E 100 -4.29 -9.86 38.58
CA PHE E 100 -4.84 -8.53 38.30
C PHE E 100 -3.68 -7.54 38.27
N ILE E 101 -3.32 -7.07 37.07
CA ILE E 101 -2.28 -6.06 36.92
C ILE E 101 -2.86 -4.83 36.24
N LEU E 102 -2.81 -3.70 36.94
CA LEU E 102 -3.45 -2.47 36.48
C LEU E 102 -2.40 -1.37 36.44
N ALA E 103 -2.56 -0.44 35.50
CA ALA E 103 -1.63 0.68 35.36
C ALA E 103 -2.11 1.60 34.25
N LYS E 104 -1.41 2.71 34.04
CA LYS E 104 -1.77 3.67 33.02
C LYS E 104 -0.89 3.45 31.79
N CYS E 105 -1.36 3.93 30.63
CA CYS E 105 -0.62 3.84 29.39
C CYS E 105 -1.06 4.96 28.46
N PRO E 106 -0.35 5.15 27.36
CA PRO E 106 -0.72 6.22 26.41
C PRO E 106 -1.88 5.78 25.53
N PRO E 107 -2.21 6.57 24.51
CA PRO E 107 -3.18 6.10 23.52
C PRO E 107 -2.60 4.96 22.69
N GLY E 108 -3.48 4.10 22.17
CA GLY E 108 -3.02 2.97 21.40
C GLY E 108 -4.08 1.96 21.01
N GLU E 109 -3.73 1.03 20.11
CA GLU E 109 -4.66 0.01 19.64
C GLU E 109 -4.41 -1.35 20.24
N ARG E 110 -3.25 -1.58 20.87
CA ARG E 110 -2.92 -2.89 21.41
C ARG E 110 -2.13 -2.69 22.70
N ILE E 111 -1.76 -3.81 23.32
CA ILE E 111 -0.99 -3.82 24.56
C ILE E 111 -0.14 -5.08 24.54
N SER E 112 1.12 -4.96 24.97
CA SER E 112 2.03 -6.09 25.06
C SER E 112 2.58 -6.16 26.47
N VAL E 113 2.63 -7.37 27.01
CA VAL E 113 3.24 -7.65 28.31
C VAL E 113 4.51 -8.43 28.07
N SER E 114 5.59 -8.01 28.71
CA SER E 114 6.88 -8.67 28.56
C SER E 114 7.48 -8.94 29.92
N PHE E 115 7.92 -10.18 30.12
CA PHE E 115 8.64 -10.57 31.32
C PHE E 115 9.40 -11.85 31.03
N VAL E 116 10.62 -11.95 31.55
CA VAL E 116 11.41 -13.17 31.51
C VAL E 116 11.99 -13.39 32.89
N ASP E 117 11.31 -14.20 33.70
CA ASP E 117 11.58 -14.25 35.13
C ASP E 117 12.15 -15.58 35.59
N SER E 118 11.83 -16.65 34.86
CA SER E 118 12.52 -17.91 35.04
C SER E 118 13.35 -18.13 33.80
N LYS E 119 12.78 -17.79 32.65
CA LYS E 119 13.53 -17.79 31.41
C LYS E 119 14.39 -16.54 31.30
N ASN E 120 15.43 -16.63 30.48
CA ASN E 120 16.23 -15.46 30.12
C ASN E 120 15.46 -14.69 29.05
N GLU E 121 15.56 -13.37 29.12
CA GLU E 121 15.17 -12.46 28.05
C GLU E 121 13.71 -12.40 27.66
N HIS E 122 12.85 -11.99 28.61
CA HIS E 122 11.65 -11.20 28.34
C HIS E 122 10.64 -11.77 27.35
N ARG E 123 10.02 -12.90 27.69
CA ARG E 123 8.92 -13.44 26.90
C ARG E 123 7.78 -12.44 26.92
N THR E 124 7.35 -11.98 25.74
CA THR E 124 6.37 -10.93 25.62
C THR E 124 5.34 -11.25 24.56
N CYS E 125 4.07 -11.01 24.90
CA CYS E 125 2.96 -11.21 23.98
C CYS E 125 2.16 -9.92 23.85
N ARG E 126 1.52 -9.75 22.70
CA ARG E 126 0.85 -8.49 22.38
C ARG E 126 -0.52 -8.76 21.81
N ILE E 127 -1.55 -8.24 22.47
CA ILE E 127 -2.94 -8.39 22.03
C ILE E 127 -3.47 -7.02 21.66
N ALA E 128 -4.73 -6.99 21.20
CA ALA E 128 -5.33 -5.73 20.78
C ALA E 128 -6.18 -5.15 21.89
N TYR E 129 -6.10 -3.83 22.09
CA TYR E 129 -6.94 -3.12 23.03
C TYR E 129 -6.92 -1.65 22.65
N HIS E 130 -7.99 -1.16 22.01
CA HIS E 130 -7.99 0.17 21.41
C HIS E 130 -8.07 1.20 22.53
N HIS E 131 -6.94 1.49 23.16
CA HIS E 131 -6.89 2.34 24.35
C HIS E 131 -7.00 3.80 23.92
N GLU E 132 -8.22 4.33 23.95
CA GLU E 132 -8.49 5.67 23.49
C GLU E 132 -8.18 6.67 24.59
N GLN E 133 -8.27 7.95 24.25
CA GLN E 133 -7.94 9.02 25.19
C GLN E 133 -9.22 9.67 25.70
N ARG E 134 -10.23 8.85 25.96
CA ARG E 134 -11.58 9.35 26.22
C ARG E 134 -11.69 10.04 27.57
N LEU E 135 -11.23 11.29 27.63
CA LEU E 135 -11.30 12.06 28.86
C LEU E 135 -12.52 12.98 28.85
N ILE E 136 -12.99 13.33 30.04
CA ILE E 136 -14.17 14.17 30.16
C ILE E 136 -13.74 15.61 30.38
N GLY E 137 -14.68 16.53 30.18
CA GLY E 137 -14.41 17.94 30.35
C GLY E 137 -14.68 18.74 29.10
N ARG E 138 -14.99 20.02 29.32
CA ARG E 138 -15.24 20.93 28.20
C ARG E 138 -14.01 21.14 27.35
N GLU E 139 -12.82 21.10 27.93
CA GLU E 139 -11.58 21.13 27.17
C GLU E 139 -11.19 19.71 26.77
N ARG E 140 -9.98 19.57 26.22
CA ARG E 140 -9.52 18.25 25.80
C ARG E 140 -8.05 18.00 26.09
N PHE E 141 -7.55 18.37 27.27
CA PHE E 141 -6.12 18.31 27.54
C PHE E 141 -5.82 17.27 28.61
N THR E 142 -4.85 16.41 28.33
CA THR E 142 -4.50 15.29 29.20
C THR E 142 -3.25 15.64 30.03
N VAL E 143 -3.38 16.65 30.87
CA VAL E 143 -2.29 17.02 31.78
C VAL E 143 -2.88 17.53 33.09
N ARG E 144 -2.65 16.80 34.17
CA ARG E 144 -3.27 17.10 35.45
C ARG E 144 -2.79 18.40 36.09
N PRO E 145 -1.56 18.83 35.83
CA PRO E 145 -0.87 19.73 36.77
C PRO E 145 -1.26 21.19 36.72
N HIS E 146 -2.32 21.56 36.04
CA HIS E 146 -2.75 22.94 36.04
C HIS E 146 -3.50 23.21 37.34
N HIS E 147 -3.58 24.48 37.72
CA HIS E 147 -4.47 24.89 38.78
C HIS E 147 -5.75 25.37 38.12
N GLY E 148 -6.49 24.42 37.53
CA GLY E 148 -7.63 24.82 36.73
C GLY E 148 -9.02 24.25 37.02
N ILE E 149 -9.12 23.02 37.52
CA ILE E 149 -10.41 22.34 37.56
C ILE E 149 -10.37 21.17 38.53
N GLU E 150 -11.56 20.73 38.91
CA GLU E 150 -11.77 19.48 39.63
C GLU E 150 -13.18 18.99 39.32
N LEU E 151 -13.29 17.77 38.80
CA LEU E 151 -14.56 17.22 38.37
C LEU E 151 -14.67 15.76 38.79
N PRO E 152 -15.88 15.23 38.92
CA PRO E 152 -16.01 13.83 39.33
C PRO E 152 -15.65 12.88 38.19
N CYS E 153 -14.92 11.82 38.53
CA CYS E 153 -14.51 10.83 37.55
C CYS E 153 -14.22 9.52 38.26
N THR E 154 -14.63 8.41 37.64
CA THR E 154 -14.36 7.10 38.22
C THR E 154 -12.92 6.72 37.98
N THR E 155 -12.38 5.87 38.87
CA THR E 155 -11.00 5.41 38.75
C THR E 155 -10.81 4.20 39.65
N TYR E 156 -9.90 3.32 39.24
CA TYR E 156 -9.64 2.09 39.97
C TYR E 156 -8.92 2.39 41.26
N GLN E 157 -9.66 2.41 42.38
CA GLN E 157 -9.11 2.65 43.70
C GLN E 157 -8.18 1.51 44.08
N LEU E 158 -6.89 1.84 44.22
CA LEU E 158 -5.82 0.85 44.19
C LEU E 158 -5.53 0.20 45.52
N THR E 159 -6.49 0.16 46.43
CA THR E 159 -6.26 -0.49 47.70
C THR E 159 -6.28 -2.01 47.54
N THR E 160 -5.21 -2.65 47.98
CA THR E 160 -5.12 -4.10 47.97
C THR E 160 -6.00 -4.65 49.08
N ALA E 161 -6.96 -5.49 48.72
CA ALA E 161 -7.98 -5.91 49.67
C ALA E 161 -8.54 -7.24 49.18
N GLU E 162 -9.58 -7.72 49.86
CA GLU E 162 -9.99 -9.11 49.71
C GLU E 162 -10.74 -9.37 48.41
N THR E 163 -11.92 -8.79 48.22
CA THR E 163 -12.67 -9.23 47.06
C THR E 163 -13.93 -8.40 46.90
N SER E 164 -14.24 -8.10 45.64
CA SER E 164 -15.55 -7.59 45.24
C SER E 164 -16.05 -8.46 44.10
N GLU E 165 -15.12 -9.05 43.35
CA GLU E 165 -15.44 -9.95 42.26
C GLU E 165 -14.38 -11.04 42.21
N GLU E 166 -14.79 -12.27 42.53
CA GLU E 166 -13.87 -13.38 42.68
C GLU E 166 -13.88 -14.24 41.42
N ILE E 167 -12.76 -14.24 40.72
CA ILE E 167 -12.53 -15.10 39.57
C ILE E 167 -12.43 -16.53 40.06
N ASP E 168 -12.80 -17.48 39.19
CA ASP E 168 -12.91 -18.87 39.60
C ASP E 168 -11.57 -19.58 39.53
N MET E 169 -11.44 -20.63 40.34
CA MET E 169 -10.27 -21.47 40.34
C MET E 169 -10.72 -22.91 40.53
N HIS E 170 -10.80 -23.64 39.42
CA HIS E 170 -11.12 -25.06 39.47
C HIS E 170 -10.48 -25.72 38.26
N MET E 171 -10.59 -27.04 38.19
CA MET E 171 -10.21 -27.84 37.03
C MET E 171 -8.72 -27.76 36.70
N PRO E 172 -7.85 -28.40 37.47
CA PRO E 172 -6.50 -28.65 37.00
C PRO E 172 -6.53 -29.46 35.72
N PRO E 173 -6.06 -28.90 34.62
CA PRO E 173 -6.41 -29.46 33.32
C PRO E 173 -5.40 -30.47 32.79
N ASP E 174 -5.90 -31.37 31.94
CA ASP E 174 -5.08 -32.12 30.99
C ASP E 174 -5.23 -31.45 29.63
N ILE E 175 -4.42 -31.87 28.66
CA ILE E 175 -4.31 -31.13 27.39
C ILE E 175 -3.86 -32.05 26.26
N PRO E 176 -3.69 -31.56 25.03
CA PRO E 176 -3.16 -32.41 23.97
C PRO E 176 -1.64 -32.38 23.91
N ASP E 177 -0.99 -32.57 25.06
CA ASP E 177 0.46 -32.74 25.13
C ASP E 177 0.85 -33.37 26.47
N ARG E 178 1.30 -34.61 26.42
CA ARG E 178 1.77 -35.33 27.60
C ARG E 178 3.09 -36.06 27.35
N THR E 179 4.15 -35.35 26.98
CA THR E 179 5.32 -36.00 26.36
C THR E 179 6.23 -36.67 27.38
N ILE E 180 5.76 -36.91 28.60
CA ILE E 180 6.59 -37.52 29.64
C ILE E 180 6.72 -39.03 29.48
N LEU E 181 6.09 -39.58 28.44
CA LEU E 181 6.21 -41.00 28.13
C LEU E 181 7.54 -41.20 27.40
N SER E 182 8.08 -42.42 27.51
CA SER E 182 9.35 -42.74 26.89
C SER E 182 9.25 -44.08 26.19
N GLN E 183 10.24 -44.38 25.36
CA GLN E 183 10.28 -45.67 24.69
C GLN E 183 11.44 -46.49 25.24
N GLN E 184 11.13 -47.46 26.10
CA GLN E 184 12.12 -48.37 26.68
C GLN E 184 12.30 -49.54 25.73
N SER E 185 12.76 -49.24 24.51
CA SER E 185 13.53 -50.12 23.62
C SER E 185 12.74 -51.32 23.10
N GLY E 186 11.66 -51.73 23.74
CA GLY E 186 10.61 -52.54 23.17
C GLY E 186 9.28 -52.22 23.80
N ASN E 187 9.24 -51.32 24.76
CA ASN E 187 8.02 -51.01 25.48
C ASN E 187 7.86 -49.51 25.61
N VAL E 188 6.68 -49.09 26.06
CA VAL E 188 6.48 -47.71 26.46
C VAL E 188 6.95 -47.54 27.90
N LYS E 189 8.21 -47.15 28.06
CA LYS E 189 8.78 -46.83 29.35
C LYS E 189 8.57 -45.35 29.58
N ILE E 190 7.50 -45.00 30.29
CA ILE E 190 7.17 -43.63 30.59
C ILE E 190 7.91 -43.26 31.88
N THR E 191 8.53 -42.10 31.89
CA THR E 191 9.16 -41.59 33.09
C THR E 191 8.09 -41.20 34.10
N VAL E 192 8.40 -41.42 35.38
CA VAL E 192 7.49 -40.98 36.43
C VAL E 192 7.68 -39.49 36.60
N ASN E 193 6.64 -38.82 37.10
CA ASN E 193 6.69 -37.38 37.30
C ASN E 193 6.13 -37.08 38.69
N GLY E 194 5.92 -35.81 38.97
CA GLY E 194 5.42 -35.43 40.28
C GLY E 194 3.93 -35.67 40.47
N ARG E 195 3.24 -36.10 39.42
CA ARG E 195 1.79 -36.22 39.46
C ARG E 195 1.37 -37.51 38.77
N THR E 196 0.08 -37.60 38.50
CA THR E 196 -0.50 -38.78 37.90
C THR E 196 -0.16 -38.82 36.43
N VAL E 197 0.91 -39.53 36.11
CA VAL E 197 1.27 -39.79 34.72
C VAL E 197 0.30 -40.84 34.20
N ARG E 198 -0.83 -40.37 33.67
CA ARG E 198 -1.87 -41.22 33.13
C ARG E 198 -1.36 -41.85 31.85
N TYR E 199 -0.90 -43.09 31.95
CA TYR E 199 -0.31 -43.80 30.82
C TYR E 199 -1.43 -44.34 29.97
N SER E 200 -1.96 -43.50 29.10
CA SER E 200 -3.06 -43.86 28.22
C SER E 200 -2.37 -44.30 26.93
N SER E 201 -1.85 -45.51 26.93
CA SER E 201 -1.27 -46.08 25.72
C SER E 201 -2.33 -46.89 24.99
N SER E 202 -1.96 -47.42 23.82
CA SER E 202 -2.88 -48.19 23.00
C SER E 202 -3.31 -49.52 23.61
N CYS E 203 -2.48 -50.13 24.45
CA CYS E 203 -2.83 -51.39 25.08
C CYS E 203 -1.64 -51.86 25.88
N GLY E 204 -1.82 -52.97 26.58
CA GLY E 204 -0.73 -53.54 27.35
C GLY E 204 -0.84 -53.15 28.79
N SER E 205 0.23 -52.55 29.32
CA SER E 205 0.17 -51.92 30.63
C SER E 205 -0.26 -50.48 30.44
N GLN E 206 0.21 -49.86 29.38
CA GLN E 206 -0.25 -48.53 29.03
C GLN E 206 -1.65 -48.62 28.42
N ALA E 207 -2.65 -48.45 29.27
CA ALA E 207 -3.97 -48.08 28.81
C ALA E 207 -4.59 -47.00 29.68
N VAL E 208 -4.20 -46.90 30.94
CA VAL E 208 -4.81 -45.97 31.89
C VAL E 208 -3.94 -45.95 33.13
N GLY E 209 -4.13 -44.94 33.97
CA GLY E 209 -3.58 -45.02 35.31
C GLY E 209 -2.43 -44.07 35.51
N THR E 210 -2.53 -43.24 36.56
CA THR E 210 -1.48 -42.30 36.88
C THR E 210 -0.23 -43.04 37.31
N THR E 211 0.92 -42.49 36.92
CA THR E 211 2.21 -43.14 37.10
C THR E 211 2.99 -42.39 38.15
N THR E 212 3.12 -43.00 39.33
CA THR E 212 3.94 -42.42 40.39
C THR E 212 5.36 -42.93 40.22
N THR E 213 5.51 -43.98 39.41
CA THR E 213 6.81 -44.51 39.04
C THR E 213 6.90 -44.49 37.52
N ASP E 214 8.11 -44.69 37.01
CA ASP E 214 8.30 -44.80 35.57
C ASP E 214 7.56 -46.03 35.05
N LYS E 215 6.37 -45.81 34.50
CA LYS E 215 5.49 -46.88 34.11
C LYS E 215 6.00 -47.46 32.80
N THR E 216 6.64 -48.62 32.90
CA THR E 216 7.15 -49.30 31.73
C THR E 216 6.16 -50.37 31.35
N ILE E 217 5.33 -50.07 30.36
CA ILE E 217 4.39 -51.04 29.82
C ILE E 217 5.11 -51.64 28.63
N ASN E 218 5.61 -52.86 28.81
CA ASN E 218 6.39 -53.52 27.77
C ASN E 218 5.51 -53.87 26.57
N SER E 219 6.17 -54.06 25.42
CA SER E 219 5.46 -54.34 24.18
C SER E 219 4.66 -53.13 23.70
N CYS E 220 5.32 -51.96 23.71
CA CYS E 220 4.67 -50.72 23.32
C CYS E 220 5.59 -49.94 22.41
N THR E 221 5.00 -49.15 21.51
CA THR E 221 5.72 -48.24 20.64
C THR E 221 5.46 -46.81 21.12
N VAL E 222 6.07 -45.85 20.42
CA VAL E 222 5.84 -44.44 20.73
C VAL E 222 4.42 -44.05 20.38
N ASP E 223 3.96 -44.46 19.19
CA ASP E 223 2.57 -44.23 18.82
C ASP E 223 1.64 -45.14 19.61
N LYS E 224 2.14 -46.31 20.04
CA LYS E 224 1.36 -47.19 20.89
C LYS E 224 1.15 -46.61 22.29
N CYS E 225 1.94 -45.62 22.68
CA CYS E 225 1.80 -44.97 23.97
C CYS E 225 1.12 -43.61 23.81
N GLN E 226 0.36 -43.24 24.83
CA GLN E 226 -0.27 -41.93 24.92
C GLN E 226 -0.02 -41.39 26.33
N ALA E 227 0.34 -40.11 26.41
CA ALA E 227 0.67 -39.48 27.68
C ALA E 227 -0.61 -39.04 28.39
N TYR E 228 -0.46 -38.71 29.68
CA TYR E 228 -1.50 -38.06 30.45
C TYR E 228 -0.86 -37.44 31.69
N VAL E 229 -1.33 -36.26 32.06
CA VAL E 229 -0.82 -35.55 33.23
C VAL E 229 -2.00 -35.06 34.06
N THR E 230 -2.22 -35.70 35.20
CA THR E 230 -3.23 -35.27 36.17
C THR E 230 -2.54 -34.84 37.45
N SER E 231 -2.84 -33.62 37.89
CA SER E 231 -2.19 -33.02 39.05
C SER E 231 -3.24 -32.56 40.04
N HIS E 232 -2.79 -31.83 41.06
CA HIS E 232 -3.68 -31.37 42.11
C HIS E 232 -3.12 -30.09 42.71
N THR E 233 -3.90 -29.51 43.63
CA THR E 233 -3.54 -28.27 44.30
C THR E 233 -3.52 -27.08 43.35
N LYS E 234 -4.62 -26.92 42.62
CA LYS E 234 -4.65 -25.92 41.57
C LYS E 234 -6.08 -25.54 41.23
N TRP E 235 -6.21 -24.54 40.38
CA TRP E 235 -7.51 -24.10 39.89
C TRP E 235 -7.28 -23.19 38.70
N GLN E 236 -7.91 -23.53 37.58
CA GLN E 236 -7.77 -22.75 36.36
C GLN E 236 -8.59 -21.46 36.48
N PHE E 237 -8.10 -20.41 35.82
CA PHE E 237 -8.68 -19.08 35.92
C PHE E 237 -10.07 -19.07 35.29
N ASN E 238 -10.15 -19.18 33.98
CA ASN E 238 -11.46 -19.33 33.37
C ASN E 238 -11.40 -20.42 32.32
N SER E 239 -10.18 -20.78 31.94
CA SER E 239 -9.97 -21.54 30.74
C SER E 239 -10.43 -20.68 29.56
N PRO E 240 -10.00 -19.42 29.50
CA PRO E 240 -10.35 -18.59 28.34
C PRO E 240 -9.66 -19.07 27.08
N PHE E 241 -8.34 -19.17 27.13
CA PHE E 241 -7.63 -19.78 26.03
C PHE E 241 -7.66 -21.26 26.32
N VAL E 242 -6.96 -21.66 27.38
CA VAL E 242 -7.36 -22.67 28.37
C VAL E 242 -8.09 -23.88 27.84
N PRO E 243 -7.42 -24.85 27.24
CA PRO E 243 -8.08 -26.12 26.92
C PRO E 243 -8.67 -26.71 28.20
N ARG E 244 -10.00 -26.74 28.24
CA ARG E 244 -10.73 -26.91 29.48
C ARG E 244 -10.66 -28.36 29.92
N ARG E 245 -9.62 -28.68 30.68
CA ARG E 245 -9.39 -30.03 31.15
C ARG E 245 -9.97 -30.20 32.55
N MET E 246 -11.08 -29.54 32.82
CA MET E 246 -11.78 -29.73 34.08
C MET E 246 -12.87 -30.78 33.89
N GLN E 247 -12.86 -31.81 34.71
CA GLN E 247 -13.88 -32.85 34.67
C GLN E 247 -15.22 -32.35 35.20
N ALA E 248 -15.21 -31.37 36.10
CA ALA E 248 -16.43 -30.80 36.64
C ALA E 248 -16.15 -29.36 37.03
N GLU E 249 -17.09 -28.46 36.73
CA GLU E 249 -16.88 -27.04 36.98
C GLU E 249 -17.20 -26.69 38.43
N ARG E 250 -16.17 -26.28 39.17
CA ARG E 250 -16.35 -25.85 40.55
C ARG E 250 -15.05 -25.20 40.99
N LYS E 251 -15.15 -23.97 41.45
CA LYS E 251 -13.95 -23.17 41.69
C LYS E 251 -14.00 -22.47 43.04
N GLY E 252 -12.86 -21.88 43.40
CA GLY E 252 -12.82 -20.89 44.46
C GLY E 252 -12.77 -19.50 43.85
N LYS E 253 -12.99 -18.49 44.69
CA LYS E 253 -13.11 -17.11 44.23
C LYS E 253 -11.93 -16.27 44.71
N VAL E 254 -11.25 -15.63 43.76
CA VAL E 254 -10.12 -14.75 44.06
C VAL E 254 -10.49 -13.35 43.63
N HIS E 255 -10.46 -12.41 44.57
CA HIS E 255 -11.04 -11.09 44.37
C HIS E 255 -10.19 -10.25 43.42
N ILE E 256 -10.86 -9.59 42.48
CA ILE E 256 -10.21 -8.80 41.44
C ILE E 256 -9.63 -7.56 42.10
N PRO E 257 -8.34 -7.27 41.91
CA PRO E 257 -7.71 -6.16 42.63
C PRO E 257 -8.10 -4.80 42.05
N PHE E 258 -7.86 -3.77 42.85
CA PHE E 258 -8.14 -2.38 42.49
C PHE E 258 -9.62 -2.14 42.22
N PRO E 259 -10.47 -2.15 43.25
CA PRO E 259 -11.89 -1.85 43.03
C PRO E 259 -12.10 -0.38 42.68
N LEU E 260 -12.85 -0.15 41.60
CA LEU E 260 -13.06 1.20 41.11
C LEU E 260 -13.97 1.98 42.05
N ILE E 261 -13.71 3.27 42.18
CA ILE E 261 -14.51 4.18 43.00
C ILE E 261 -14.46 5.56 42.37
N ASN E 262 -15.31 6.46 42.85
CA ASN E 262 -15.39 7.80 42.29
C ASN E 262 -14.37 8.69 42.97
N THR E 263 -13.48 9.29 42.20
CA THR E 263 -12.52 10.28 42.64
C THR E 263 -12.71 11.57 41.86
N THR E 264 -11.76 12.48 42.00
CA THR E 264 -11.83 13.74 41.25
C THR E 264 -10.63 13.88 40.32
N CYS E 265 -10.90 14.40 39.12
CA CYS E 265 -9.87 14.69 38.15
C CYS E 265 -9.69 16.19 38.04
N ARG E 266 -8.51 16.60 37.58
CA ARG E 266 -8.18 18.02 37.45
C ARG E 266 -8.22 18.38 35.98
N VAL E 267 -9.18 19.23 35.59
CA VAL E 267 -9.32 19.62 34.20
C VAL E 267 -8.83 21.05 34.03
N PRO E 268 -7.97 21.32 33.05
CA PRO E 268 -7.45 22.68 32.90
C PRO E 268 -8.37 23.56 32.08
N LEU E 269 -8.86 24.64 32.69
CA LEU E 269 -9.70 25.60 32.01
C LEU E 269 -8.84 26.66 31.32
N ALA E 270 -9.12 26.88 30.05
CA ALA E 270 -8.22 27.65 29.20
C ALA E 270 -8.56 29.13 29.28
N PRO E 271 -7.91 29.99 28.49
CA PRO E 271 -8.23 31.42 28.49
C PRO E 271 -9.64 31.66 27.99
N GLU E 272 -10.39 32.46 28.77
CA GLU E 272 -11.84 32.47 28.68
C GLU E 272 -12.34 33.03 27.36
N ALA E 273 -12.21 34.34 27.14
CA ALA E 273 -12.77 34.88 25.91
C ALA E 273 -12.61 36.39 25.78
N LEU E 274 -12.81 36.90 24.58
CA LEU E 274 -13.01 38.32 24.36
C LEU E 274 -14.41 38.51 23.81
N VAL E 275 -15.15 39.46 24.36
CA VAL E 275 -16.54 39.68 23.99
C VAL E 275 -16.65 41.03 23.30
N ARG E 276 -17.27 41.05 22.13
CA ARG E 276 -17.58 42.29 21.42
C ARG E 276 -19.02 42.19 20.98
N SER E 277 -19.92 42.77 21.77
CA SER E 277 -21.34 42.67 21.45
C SER E 277 -21.82 43.87 20.66
N GLY E 278 -22.58 43.60 19.60
CA GLY E 278 -23.13 44.66 18.78
C GLY E 278 -24.63 44.60 18.74
N LYS E 279 -25.24 45.18 17.72
CA LYS E 279 -26.69 45.18 17.61
C LYS E 279 -27.20 43.78 17.30
N ARG E 280 -27.78 43.13 18.31
CA ARG E 280 -28.44 41.85 18.12
C ARG E 280 -27.48 40.67 17.98
N GLU E 281 -26.19 40.92 17.98
CA GLU E 281 -25.22 39.84 17.83
C GLU E 281 -23.89 40.24 18.45
N ALA E 282 -23.13 39.24 18.88
CA ALA E 282 -21.85 39.46 19.53
C ALA E 282 -20.80 38.55 18.91
N THR E 283 -19.55 38.80 19.26
CA THR E 283 -18.43 38.01 18.79
C THR E 283 -17.57 37.62 19.98
N LEU E 284 -17.20 36.34 20.04
CA LEU E 284 -16.38 35.81 21.12
C LEU E 284 -15.09 35.33 20.51
N SER E 285 -14.01 36.06 20.75
CA SER E 285 -12.69 35.69 20.29
C SER E 285 -12.08 34.75 21.33
N LEU E 286 -11.76 33.53 20.89
CA LEU E 286 -11.11 32.54 21.74
C LEU E 286 -9.72 32.30 21.19
N HIS E 287 -8.73 32.53 21.99
CA HIS E 287 -7.44 32.01 21.60
C HIS E 287 -7.45 30.50 21.77
N PRO E 288 -6.62 29.78 21.05
CA PRO E 288 -6.61 28.32 21.19
C PRO E 288 -6.01 27.84 22.50
N ILE E 289 -6.54 26.74 23.00
CA ILE E 289 -6.06 26.05 24.19
C ILE E 289 -5.92 24.61 23.72
N HIS E 290 -5.69 23.69 24.65
CA HIS E 290 -6.01 22.29 24.37
C HIS E 290 -7.49 22.24 23.98
N PRO E 291 -7.85 21.44 22.94
CA PRO E 291 -9.12 21.65 22.21
C PRO E 291 -10.40 21.62 23.03
N THR E 292 -11.22 22.65 22.91
CA THR E 292 -12.29 22.88 23.87
C THR E 292 -13.63 22.97 23.16
N LEU E 293 -14.61 22.20 23.66
CA LEU E 293 -15.94 22.18 23.08
C LEU E 293 -16.74 23.35 23.64
N LEU E 294 -16.79 24.45 22.89
CA LEU E 294 -17.54 25.63 23.30
C LEU E 294 -18.96 25.50 22.79
N SER E 295 -19.93 25.75 23.67
CA SER E 295 -21.34 25.58 23.36
C SER E 295 -22.09 26.89 23.53
N TYR E 296 -22.89 27.23 22.53
CA TYR E 296 -23.73 28.42 22.55
C TYR E 296 -25.17 28.00 22.35
N ARG E 297 -25.94 28.00 23.43
CA ARG E 297 -27.36 27.68 23.37
C ARG E 297 -28.14 28.96 23.59
N THR E 298 -29.19 29.14 22.80
CA THR E 298 -29.93 30.38 22.81
C THR E 298 -30.82 30.39 24.04
N PHE E 299 -30.54 31.31 24.96
CA PHE E 299 -31.18 31.34 26.25
C PHE E 299 -32.55 31.99 26.09
N GLY E 300 -33.59 31.16 26.09
CA GLY E 300 -34.94 31.66 25.93
C GLY E 300 -35.93 30.53 25.72
N ALA E 301 -36.78 30.67 24.71
CA ALA E 301 -37.73 29.63 24.34
C ALA E 301 -37.01 28.55 23.51
N GLU E 302 -37.82 27.73 22.83
CA GLU E 302 -37.27 26.73 21.91
C GLU E 302 -36.45 27.42 20.83
N ARG E 303 -35.14 27.27 20.92
CA ARG E 303 -34.21 28.13 20.20
C ARG E 303 -33.04 27.35 19.64
N VAL E 304 -32.29 27.99 18.75
CA VAL E 304 -31.09 27.41 18.18
C VAL E 304 -30.04 27.23 19.27
N PHE E 305 -29.41 26.07 19.31
CA PHE E 305 -28.36 25.79 20.28
C PHE E 305 -27.30 24.96 19.57
N ASP E 306 -26.12 25.52 19.40
CA ASP E 306 -25.07 24.86 18.64
C ASP E 306 -23.85 24.69 19.54
N GLU E 307 -22.92 23.86 19.07
CA GLU E 307 -21.67 23.60 19.77
C GLU E 307 -20.57 23.55 18.73
N GLN E 308 -19.32 23.59 19.19
CA GLN E 308 -18.18 23.45 18.29
C GLN E 308 -16.97 23.09 19.14
N TRP E 309 -16.31 21.99 18.80
CA TRP E 309 -15.07 21.62 19.46
C TRP E 309 -13.96 22.50 18.90
N ILE E 310 -13.89 23.75 19.37
CA ILE E 310 -13.02 24.77 18.80
C ILE E 310 -11.57 24.40 19.11
N THR E 311 -10.68 24.63 18.14
CA THR E 311 -9.28 24.32 18.30
C THR E 311 -8.37 25.36 17.64
N ALA E 312 -8.80 26.61 17.56
CA ALA E 312 -8.00 27.66 16.96
C ALA E 312 -8.18 28.94 17.76
N GLN E 313 -7.51 30.00 17.31
CA GLN E 313 -7.71 31.32 17.89
C GLN E 313 -8.67 32.08 16.99
N THR E 314 -9.95 31.79 17.14
CA THR E 314 -10.95 32.24 16.19
C THR E 314 -12.09 32.91 16.95
N GLU E 315 -12.91 33.64 16.20
CA GLU E 315 -13.99 34.44 16.78
C GLU E 315 -15.31 33.83 16.37
N VAL E 316 -15.98 33.18 17.32
CA VAL E 316 -17.30 32.61 17.09
C VAL E 316 -18.30 33.75 17.15
N THR E 317 -19.12 33.86 16.11
CA THR E 317 -20.18 34.84 16.13
C THR E 317 -21.26 34.35 17.07
N ILE E 318 -21.18 34.79 18.32
CA ILE E 318 -22.17 34.39 19.32
C ILE E 318 -23.46 35.10 18.93
N PRO E 319 -24.45 34.36 18.45
CA PRO E 319 -25.75 34.97 18.19
C PRO E 319 -26.36 35.42 19.50
N VAL E 320 -26.51 36.74 19.65
CA VAL E 320 -26.91 37.28 20.93
C VAL E 320 -28.38 37.64 20.81
N PRO E 321 -29.28 36.67 21.00
CA PRO E 321 -30.71 36.92 20.76
C PRO E 321 -31.32 37.85 21.79
N VAL E 322 -32.55 38.29 21.52
CA VAL E 322 -33.21 39.24 22.42
C VAL E 322 -33.49 38.60 23.75
N GLU E 323 -33.83 37.31 23.75
CA GLU E 323 -33.87 36.56 24.98
C GLU E 323 -32.49 36.34 25.57
N GLY E 324 -31.46 36.30 24.75
CA GLY E 324 -30.14 36.02 25.26
C GLY E 324 -29.65 34.63 24.85
N VAL E 325 -28.39 34.36 25.16
CA VAL E 325 -27.75 33.11 24.81
C VAL E 325 -27.11 32.51 26.05
N GLU E 326 -26.53 31.32 25.89
CA GLU E 326 -25.80 30.67 26.96
C GLU E 326 -24.42 30.33 26.45
N TYR E 327 -23.42 31.07 26.92
CA TYR E 327 -22.05 30.86 26.49
C TYR E 327 -21.41 29.86 27.44
N GLN E 328 -21.25 28.62 26.96
CA GLN E 328 -20.55 27.57 27.69
C GLN E 328 -19.31 27.25 26.86
N TRP E 329 -18.18 27.86 27.21
CA TRP E 329 -16.96 27.78 26.43
C TRP E 329 -15.89 27.11 27.28
N GLY E 330 -15.88 25.79 27.25
CA GLY E 330 -14.80 25.04 27.89
C GLY E 330 -15.06 24.78 29.35
N ASN E 331 -13.99 24.76 30.14
CA ASN E 331 -14.06 24.41 31.56
C ASN E 331 -14.74 25.48 32.40
N HIS E 332 -14.92 26.67 31.87
CA HIS E 332 -15.62 27.72 32.61
C HIS E 332 -17.10 27.37 32.71
N LYS E 333 -17.77 28.01 33.67
CA LYS E 333 -19.19 27.75 33.87
C LYS E 333 -20.00 28.38 32.74
N PRO E 334 -21.27 28.00 32.58
CA PRO E 334 -22.05 28.47 31.42
C PRO E 334 -22.38 29.96 31.42
N GLN E 335 -21.39 30.83 31.19
CA GLN E 335 -21.61 32.26 31.27
C GLN E 335 -22.37 32.78 30.06
N ARG E 336 -23.68 32.91 30.19
CA ARG E 336 -24.49 33.45 29.11
C ARG E 336 -25.47 34.47 29.67
N PHE E 337 -25.78 35.48 28.86
CA PHE E 337 -26.59 36.60 29.31
C PHE E 337 -27.27 37.24 28.12
N VAL E 338 -27.93 38.36 28.38
CA VAL E 338 -28.74 39.07 27.41
C VAL E 338 -27.91 40.24 26.90
N VAL E 339 -28.47 40.95 25.92
CA VAL E 339 -27.80 41.93 25.06
C VAL E 339 -26.90 42.94 25.77
N ALA E 340 -25.72 43.15 25.23
CA ALA E 340 -24.77 44.10 25.79
C ALA E 340 -24.52 45.21 24.79
N SER F 1 33.31 30.19 39.70
CA SER F 1 33.60 29.19 38.68
C SER F 1 32.63 29.34 37.51
N THR F 2 33.18 29.50 36.30
CA THR F 2 32.34 29.73 35.13
C THR F 2 32.59 28.70 34.03
N ALA F 3 33.85 28.49 33.65
CA ALA F 3 34.16 27.46 32.66
C ALA F 3 33.91 26.08 33.24
N ASN F 4 34.66 25.74 34.29
CA ASN F 4 34.13 24.81 35.28
C ASN F 4 33.17 25.66 36.10
N HIS F 5 31.87 25.53 35.79
CA HIS F 5 30.87 26.47 36.30
C HIS F 5 30.52 26.23 37.76
N PHE F 6 31.29 25.39 38.45
CA PHE F 6 30.88 24.83 39.74
C PHE F 6 30.93 25.87 40.86
N ASN F 7 31.65 26.97 40.67
CA ASN F 7 31.67 27.99 41.70
C ASN F 7 30.32 28.70 41.79
N ALA F 8 29.83 29.18 40.64
CA ALA F 8 28.50 29.76 40.59
C ALA F 8 27.43 28.70 40.84
N TYR F 9 27.73 27.44 40.55
CA TYR F 9 26.81 26.38 40.91
C TYR F 9 26.72 26.21 42.43
N LYS F 10 27.87 26.24 43.11
CA LYS F 10 27.91 25.92 44.53
C LYS F 10 27.50 27.10 45.37
N LEU F 11 27.45 28.29 44.78
CA LEU F 11 26.85 29.43 45.48
C LEU F 11 25.37 29.17 45.79
N THR F 12 24.68 28.47 44.91
CA THR F 12 23.26 28.15 45.11
C THR F 12 23.09 26.71 45.59
N ARG F 13 22.42 26.57 46.73
CA ARG F 13 22.06 25.25 47.21
C ARG F 13 20.98 24.68 46.30
N PRO F 14 21.31 23.69 45.46
CA PRO F 14 20.31 23.14 44.55
C PRO F 14 19.32 22.26 45.29
N TYR F 15 18.02 22.45 45.02
CA TYR F 15 16.99 21.78 45.80
C TYR F 15 15.67 21.82 45.03
N VAL F 16 14.77 20.93 45.39
CA VAL F 16 13.56 20.64 44.64
C VAL F 16 12.36 21.15 45.42
N ALA F 17 11.18 21.04 44.83
CA ALA F 17 9.99 21.62 45.40
C ALA F 17 8.76 20.84 44.97
N TYR F 18 7.61 21.20 45.53
CA TYR F 18 6.37 20.45 45.32
C TYR F 18 5.85 20.71 43.91
N CYS F 19 6.03 19.73 43.03
CA CYS F 19 5.49 19.78 41.68
C CYS F 19 4.18 19.01 41.65
N ALA F 20 3.24 19.48 40.83
CA ALA F 20 1.89 18.93 40.81
C ALA F 20 1.76 17.65 40.01
N ASP F 21 2.78 17.30 39.23
CA ASP F 21 2.75 16.07 38.43
C ASP F 21 3.84 15.16 38.97
N CYS F 22 3.44 14.00 39.51
CA CYS F 22 4.40 13.21 40.28
C CYS F 22 4.36 11.72 39.99
N GLY F 23 4.22 11.29 38.74
CA GLY F 23 4.28 9.87 38.50
C GLY F 23 2.92 9.30 38.18
N MET F 24 2.13 10.05 37.41
CA MET F 24 0.78 9.63 37.06
C MET F 24 -0.13 9.54 38.28
N GLY F 25 -0.40 10.67 38.91
CA GLY F 25 -1.44 10.70 39.92
C GLY F 25 -1.17 11.57 41.13
N HIS F 26 0.10 11.83 41.43
CA HIS F 26 0.39 12.59 42.62
C HIS F 26 0.91 13.97 42.27
N SER F 27 0.85 14.86 43.27
CA SER F 27 1.59 16.10 43.24
C SER F 27 2.46 16.13 44.47
N CYS F 28 3.74 15.83 44.29
CA CYS F 28 4.59 15.57 45.43
C CYS F 28 5.81 16.46 45.33
N HIS F 29 6.68 16.36 46.33
CA HIS F 29 7.91 17.14 46.31
C HIS F 29 8.83 16.56 45.25
N SER F 30 8.76 17.12 44.05
CA SER F 30 9.63 16.71 42.98
C SER F 30 11.02 17.19 43.31
N PRO F 31 11.98 16.27 43.44
CA PRO F 31 13.38 16.69 43.44
C PRO F 31 13.85 17.11 42.08
N ALA F 32 13.15 16.69 41.03
CA ALA F 32 13.50 17.08 39.67
C ALA F 32 12.29 17.68 38.96
N MET F 33 11.53 18.51 39.66
CA MET F 33 10.41 19.22 39.06
C MET F 33 10.90 20.22 38.02
N ILE F 34 10.31 20.18 36.84
CA ILE F 34 10.70 21.02 35.71
C ILE F 34 10.26 22.44 36.03
N GLU F 35 11.18 23.39 35.89
CA GLU F 35 10.82 24.79 36.09
C GLU F 35 10.01 25.32 34.93
N ASN F 36 10.61 25.39 33.74
CA ASN F 36 9.89 25.85 32.57
C ASN F 36 10.75 25.54 31.36
N ILE F 37 10.13 24.96 30.35
CA ILE F 37 10.85 24.48 29.18
C ILE F 37 10.91 25.63 28.19
N GLN F 38 12.02 26.36 28.22
CA GLN F 38 12.18 27.53 27.37
C GLN F 38 13.09 27.13 26.22
N ALA F 39 12.59 27.28 24.99
CA ALA F 39 13.39 26.92 23.82
C ALA F 39 13.00 27.84 22.67
N ASP F 40 13.74 28.93 22.53
CA ASP F 40 13.71 29.72 21.31
C ASP F 40 14.83 29.22 20.42
N ALA F 41 14.48 28.40 19.43
CA ALA F 41 15.49 27.82 18.56
C ALA F 41 14.84 27.07 17.41
N THR F 42 15.40 27.18 16.21
CA THR F 42 14.85 26.44 15.08
C THR F 42 15.40 25.02 15.12
N ASP F 43 16.46 24.81 15.89
CA ASP F 43 17.08 23.50 16.00
C ASP F 43 16.33 22.55 16.93
N GLY F 44 15.26 23.00 17.58
CA GLY F 44 14.46 22.13 18.42
C GLY F 44 15.13 21.74 19.71
N THR F 45 15.74 22.69 20.39
CA THR F 45 16.41 22.44 21.66
C THR F 45 15.47 22.86 22.79
N LEU F 46 14.76 21.90 23.35
CA LEU F 46 13.96 22.14 24.54
C LEU F 46 14.90 22.35 25.72
N LYS F 47 14.75 23.48 26.40
CA LYS F 47 15.60 23.81 27.53
C LYS F 47 14.73 23.99 28.76
N ILE F 48 14.69 22.97 29.60
CA ILE F 48 13.92 22.99 30.85
C ILE F 48 14.81 23.47 31.99
N GLN F 49 14.18 24.06 33.00
CA GLN F 49 14.85 24.41 34.24
C GLN F 49 14.94 23.15 35.08
N PHE F 50 16.17 22.68 35.30
CA PHE F 50 16.39 21.39 35.94
C PHE F 50 16.09 21.50 37.43
N ALA F 51 15.37 20.49 37.94
CA ALA F 51 14.96 20.50 39.33
C ALA F 51 16.13 20.31 40.28
N SER F 52 17.06 19.43 39.95
CA SER F 52 18.29 19.33 40.72
C SER F 52 19.38 20.18 40.07
N GLN F 53 20.58 20.12 40.64
CA GLN F 53 21.76 20.75 40.06
C GLN F 53 22.55 19.66 39.34
N ILE F 54 22.09 19.29 38.15
CA ILE F 54 22.67 18.18 37.40
C ILE F 54 24.04 18.63 36.89
N GLY F 55 25.09 18.20 37.60
CA GLY F 55 26.44 18.55 37.25
C GLY F 55 27.35 18.94 38.41
N LEU F 56 26.79 19.41 39.52
CA LEU F 56 27.57 19.91 40.65
C LEU F 56 27.41 18.91 41.79
N THR F 57 28.53 18.33 42.22
CA THR F 57 28.51 17.24 43.18
C THR F 57 28.15 17.72 44.58
N LYS F 58 28.15 16.79 45.55
CA LYS F 58 27.79 17.11 46.92
C LYS F 58 28.74 18.11 47.55
N THR F 59 29.99 18.15 47.12
CA THR F 59 30.90 19.23 47.47
C THR F 59 31.10 20.20 46.33
N ASP F 60 30.13 20.32 45.42
CA ASP F 60 30.29 21.15 44.24
C ASP F 60 31.34 20.57 43.31
N THR F 61 31.36 19.25 43.21
CA THR F 61 32.24 18.55 42.30
C THR F 61 31.71 18.70 40.88
N HIS F 62 32.40 19.51 40.08
CA HIS F 62 32.00 19.70 38.70
C HIS F 62 32.41 18.49 37.87
N ASP F 63 31.69 17.39 38.05
CA ASP F 63 32.05 16.12 37.43
C ASP F 63 30.76 15.55 36.87
N HIS F 64 30.84 14.95 35.68
CA HIS F 64 29.65 14.51 34.97
C HIS F 64 28.93 13.37 35.68
N THR F 65 29.65 12.55 36.44
CA THR F 65 29.04 11.49 37.21
C THR F 65 28.14 12.02 38.32
N LYS F 66 28.40 13.21 38.84
CA LYS F 66 27.62 13.77 39.93
C LYS F 66 26.58 14.75 39.40
N ILE F 67 25.32 14.51 39.76
CA ILE F 67 24.22 15.44 39.54
C ILE F 67 23.61 15.73 40.90
N ARG F 68 23.69 16.99 41.32
CA ARG F 68 23.25 17.43 42.64
C ARG F 68 21.74 17.39 42.69
N TYR F 69 21.22 16.63 43.65
CA TYR F 69 19.80 16.33 43.71
C TYR F 69 19.30 16.78 45.07
N ALA F 70 18.08 16.38 45.40
CA ALA F 70 17.43 16.84 46.61
C ALA F 70 17.29 15.69 47.59
N GLU F 71 17.19 16.04 48.87
CA GLU F 71 16.86 15.11 49.95
C GLU F 71 16.18 15.93 51.04
N GLY F 72 16.10 15.38 52.24
CA GLY F 72 15.73 16.17 53.40
C GLY F 72 16.79 17.22 53.66
N HIS F 73 18.04 16.77 53.65
CA HIS F 73 19.19 17.67 53.62
C HIS F 73 19.51 18.01 52.17
N ASP F 74 20.32 19.04 51.96
CA ASP F 74 20.68 19.53 50.64
C ASP F 74 21.45 18.53 49.79
N ILE F 75 22.17 17.61 50.42
CA ILE F 75 23.01 16.67 49.70
C ILE F 75 22.14 15.60 49.06
N ALA F 76 21.94 15.71 47.75
CA ALA F 76 21.32 14.64 46.98
C ALA F 76 22.18 14.31 45.75
N GLU F 77 22.41 13.03 45.55
CA GLU F 77 23.34 12.60 44.52
C GLU F 77 22.63 11.78 43.46
N ALA F 78 23.03 12.01 42.21
CA ALA F 78 22.49 11.24 41.10
C ALA F 78 23.60 11.03 40.07
N ALA F 79 23.43 9.99 39.27
CA ALA F 79 24.38 9.66 38.21
C ALA F 79 24.09 10.57 37.03
N ARG F 80 25.09 10.78 36.18
CA ARG F 80 24.88 11.60 35.00
C ARG F 80 24.04 10.88 33.95
N SER F 81 24.02 9.54 33.99
CA SER F 81 23.24 8.78 33.04
C SER F 81 21.80 8.62 33.48
N THR F 82 21.49 8.86 34.75
CA THR F 82 20.19 8.52 35.32
C THR F 82 19.05 9.42 34.89
N LEU F 83 19.30 10.41 34.04
CA LEU F 83 18.25 11.32 33.60
C LEU F 83 17.54 10.76 32.38
N LYS F 84 16.21 10.92 32.36
CA LYS F 84 15.39 10.51 31.25
C LYS F 84 14.47 11.67 30.87
N VAL F 85 14.46 12.02 29.59
CA VAL F 85 13.64 13.10 29.05
C VAL F 85 12.87 12.56 27.86
N HIS F 86 11.59 12.23 28.08
CA HIS F 86 10.76 11.59 27.07
C HIS F 86 9.64 12.55 26.69
N SER F 87 9.55 12.88 25.41
CA SER F 87 8.39 13.62 24.92
C SER F 87 7.30 12.65 24.44
N SER F 88 7.60 11.87 23.41
CA SER F 88 6.83 10.68 23.10
C SER F 88 7.77 9.48 23.15
N SER F 89 9.04 9.74 23.41
CA SER F 89 10.10 8.76 23.56
C SER F 89 11.28 9.53 24.09
N GLU F 90 12.24 8.81 24.66
CA GLU F 90 13.34 9.43 25.37
C GLU F 90 14.26 10.15 24.37
N CYS F 91 14.09 11.46 24.27
CA CYS F 91 14.95 12.27 23.44
C CYS F 91 16.34 12.34 24.06
N THR F 92 17.34 12.45 23.20
CA THR F 92 18.73 12.48 23.63
C THR F 92 19.00 13.77 24.39
N VAL F 93 19.64 13.64 25.55
CA VAL F 93 20.01 14.82 26.31
C VAL F 93 21.15 15.53 25.61
N THR F 94 21.03 16.85 25.51
CA THR F 94 22.06 17.62 24.83
C THR F 94 23.04 18.28 25.77
N GLY F 95 22.66 18.57 27.01
CA GLY F 95 23.55 19.25 27.94
C GLY F 95 22.82 19.52 29.23
N THR F 96 23.60 19.65 30.29
CA THR F 96 23.01 19.84 31.61
C THR F 96 24.00 20.59 32.48
N MET F 97 23.71 21.86 32.73
CA MET F 97 24.53 22.65 33.63
C MET F 97 23.64 23.05 34.79
N GLY F 98 23.69 22.24 35.86
CA GLY F 98 23.08 22.60 37.12
C GLY F 98 21.58 22.74 37.04
N HIS F 99 21.12 23.98 37.08
CA HIS F 99 19.70 24.26 37.02
C HIS F 99 19.15 24.28 35.60
N PHE F 100 19.98 24.18 34.58
CA PHE F 100 19.51 24.26 33.19
C PHE F 100 19.81 22.95 32.48
N ILE F 101 18.77 22.21 32.12
CA ILE F 101 18.96 21.03 31.28
C ILE F 101 18.37 21.32 29.91
N LEU F 102 19.06 20.87 28.85
CA LEU F 102 18.67 21.19 27.48
C LEU F 102 18.92 19.99 26.61
N ALA F 103 18.09 19.79 25.59
CA ALA F 103 18.24 18.65 24.70
C ALA F 103 17.16 18.66 23.63
N LYS F 104 17.25 17.74 22.68
CA LYS F 104 16.25 17.59 21.65
C LYS F 104 15.47 16.31 21.89
N CYS F 105 14.16 16.35 21.66
CA CYS F 105 13.29 15.19 21.81
C CYS F 105 12.34 15.14 20.63
N PRO F 106 11.58 14.06 20.48
CA PRO F 106 10.68 13.94 19.33
C PRO F 106 9.43 14.77 19.55
N PRO F 107 8.47 14.67 18.63
CA PRO F 107 7.23 15.45 18.79
C PRO F 107 6.40 14.92 19.95
N GLY F 108 5.51 15.77 20.45
CA GLY F 108 4.64 15.37 21.55
C GLY F 108 3.92 16.51 22.24
N GLU F 109 2.99 16.17 23.13
CA GLU F 109 2.23 17.17 23.85
C GLU F 109 2.72 17.40 25.28
N ARG F 110 3.58 16.52 25.79
CA ARG F 110 4.10 16.67 27.15
C ARG F 110 5.53 16.16 27.21
N ILE F 111 6.35 16.85 27.99
CA ILE F 111 7.74 16.48 28.21
C ILE F 111 7.82 15.93 29.62
N SER F 112 8.46 14.78 29.78
CA SER F 112 8.59 14.12 31.07
C SER F 112 10.06 13.96 31.41
N VAL F 113 10.45 14.47 32.57
CA VAL F 113 11.82 14.34 33.07
C VAL F 113 11.77 13.44 34.30
N SER F 114 12.80 12.60 34.45
CA SER F 114 12.89 11.69 35.59
C SER F 114 14.35 11.43 35.90
N PHE F 115 14.66 11.31 37.18
CA PHE F 115 16.02 10.99 37.62
C PHE F 115 15.92 9.97 38.74
N VAL F 116 16.54 8.82 38.54
CA VAL F 116 16.71 7.82 39.58
C VAL F 116 18.20 7.58 39.73
N ASP F 117 18.84 8.33 40.63
CA ASP F 117 20.27 8.25 40.83
C ASP F 117 20.58 8.09 42.31
N SER F 118 19.74 8.69 43.14
CA SER F 118 19.59 8.28 44.53
C SER F 118 18.11 8.02 44.67
N LYS F 119 17.34 8.55 43.73
CA LYS F 119 15.89 8.52 43.74
C LYS F 119 15.34 7.13 43.41
N ASN F 120 14.28 6.74 44.10
CA ASN F 120 13.62 5.45 43.86
C ASN F 120 12.85 5.53 42.56
N GLU F 121 13.42 4.91 41.54
CA GLU F 121 12.72 4.61 40.29
C GLU F 121 12.37 5.85 39.48
N HIS F 122 13.35 6.71 39.23
CA HIS F 122 13.18 7.86 38.34
C HIS F 122 12.17 8.86 38.86
N ARG F 123 12.46 9.45 40.02
CA ARG F 123 11.65 10.53 40.55
C ARG F 123 11.68 11.70 39.57
N THR F 124 10.52 12.11 39.10
CA THR F 124 10.42 13.16 38.10
C THR F 124 8.96 13.54 37.85
N CYS F 125 8.76 14.45 36.92
CA CYS F 125 7.45 14.96 36.57
C CYS F 125 7.23 14.85 35.08
N ARG F 126 5.98 15.06 34.66
CA ARG F 126 5.65 15.06 33.25
C ARG F 126 4.71 16.23 32.99
N ILE F 127 5.28 17.34 32.51
CA ILE F 127 4.50 18.56 32.32
C ILE F 127 4.13 18.68 30.86
N ALA F 128 2.93 19.20 30.61
CA ALA F 128 2.42 19.29 29.24
C ALA F 128 3.12 20.40 28.49
N TYR F 129 3.72 20.06 27.34
CA TYR F 129 4.43 21.05 26.54
C TYR F 129 4.37 20.54 25.10
N HIS F 130 3.59 21.22 24.27
CA HIS F 130 3.32 20.76 22.90
C HIS F 130 4.58 20.92 22.07
N HIS F 131 5.36 19.86 21.97
CA HIS F 131 6.60 19.88 21.20
C HIS F 131 6.23 19.80 19.73
N GLU F 132 6.40 20.90 19.02
CA GLU F 132 6.04 20.98 17.62
C GLU F 132 7.30 20.96 16.77
N GLN F 133 7.24 20.19 15.68
CA GLN F 133 8.39 20.03 14.81
C GLN F 133 8.27 20.95 13.61
N ARG F 134 7.72 22.15 13.82
CA ARG F 134 7.48 23.07 12.72
C ARG F 134 8.76 23.71 12.22
N LEU F 135 9.53 22.96 11.44
CA LEU F 135 10.78 23.48 10.93
C LEU F 135 10.53 24.39 9.75
N ILE F 136 11.58 25.09 9.33
CA ILE F 136 11.52 25.95 8.17
C ILE F 136 11.67 25.10 6.92
N GLY F 137 11.49 25.72 5.75
CA GLY F 137 11.73 25.05 4.49
C GLY F 137 10.45 24.84 3.70
N ARG F 138 10.62 24.71 2.39
CA ARG F 138 9.49 24.43 1.52
C ARG F 138 8.90 23.06 1.80
N GLU F 139 9.73 22.06 2.07
CA GLU F 139 9.25 20.74 2.43
C GLU F 139 9.04 20.66 3.94
N ARG F 140 8.60 19.48 4.41
CA ARG F 140 8.28 19.35 5.83
C ARG F 140 8.78 18.03 6.42
N PHE F 141 10.02 17.63 6.17
CA PHE F 141 10.53 16.38 6.69
C PHE F 141 11.68 16.67 7.65
N THR F 142 11.96 15.71 8.54
CA THR F 142 13.04 15.84 9.51
C THR F 142 14.06 14.73 9.27
N VAL F 143 14.94 14.96 8.30
CA VAL F 143 16.06 14.06 8.04
C VAL F 143 17.20 14.89 7.47
N ARG F 144 18.27 15.05 8.22
CA ARG F 144 19.42 15.81 7.77
C ARG F 144 20.14 15.10 6.62
N PRO F 145 20.03 13.77 6.53
CA PRO F 145 21.02 12.99 5.77
C PRO F 145 20.95 13.08 4.25
N HIS F 146 19.91 13.68 3.69
CA HIS F 146 19.89 13.91 2.26
C HIS F 146 20.92 14.98 1.96
N HIS F 147 21.60 14.84 0.84
CA HIS F 147 22.52 15.87 0.40
C HIS F 147 21.77 16.74 -0.59
N GLY F 148 20.89 17.60 -0.09
CA GLY F 148 20.15 18.46 -1.00
C GLY F 148 20.25 19.97 -0.83
N ILE F 149 20.35 20.48 0.40
CA ILE F 149 20.23 21.91 0.63
C ILE F 149 20.67 22.26 2.04
N GLU F 150 21.00 23.54 2.24
CA GLU F 150 21.21 24.10 3.57
C GLU F 150 20.37 25.38 3.68
N LEU F 151 20.01 25.75 4.91
CA LEU F 151 19.26 26.96 5.20
C LEU F 151 19.63 27.51 6.57
N PRO F 152 19.47 28.81 6.79
CA PRO F 152 19.86 29.38 8.10
C PRO F 152 18.74 29.30 9.11
N CYS F 153 19.02 28.67 10.26
CA CYS F 153 18.02 28.44 11.28
C CYS F 153 18.64 28.53 12.66
N THR F 154 17.83 28.81 13.67
CA THR F 154 18.35 29.05 15.01
C THR F 154 18.70 27.73 15.68
N THR F 155 19.69 27.76 16.56
CA THR F 155 20.04 26.56 17.32
C THR F 155 20.67 26.96 18.64
N TYR F 156 20.30 26.23 19.70
CA TYR F 156 20.86 26.43 21.03
C TYR F 156 22.34 26.11 20.99
N GLN F 157 23.16 27.06 21.46
CA GLN F 157 24.60 26.96 21.36
C GLN F 157 25.10 25.86 22.28
N LEU F 158 25.44 24.72 21.67
CA LEU F 158 25.71 23.48 22.40
C LEU F 158 26.97 23.53 23.25
N THR F 159 27.83 24.54 23.05
CA THR F 159 28.95 24.71 23.93
C THR F 159 28.49 25.29 25.25
N THR F 160 29.26 25.02 26.30
CA THR F 160 28.99 25.62 27.59
C THR F 160 29.77 26.93 27.68
N ALA F 161 29.19 27.94 28.30
CA ALA F 161 29.86 29.20 28.50
C ALA F 161 29.72 29.52 29.98
N GLU F 162 30.42 30.56 30.42
CA GLU F 162 30.30 31.02 31.80
C GLU F 162 28.92 31.60 32.07
N THR F 163 28.46 32.50 31.20
CA THR F 163 27.13 33.06 31.37
C THR F 163 26.86 33.98 30.19
N SER F 164 25.60 34.07 29.80
CA SER F 164 25.17 35.09 28.84
C SER F 164 23.97 35.81 29.44
N GLU F 165 23.13 35.06 30.15
CA GLU F 165 21.93 35.59 30.76
C GLU F 165 21.58 34.70 31.95
N GLU F 166 21.74 35.26 33.15
CA GLU F 166 21.69 34.47 34.37
C GLU F 166 20.31 34.55 34.99
N ILE F 167 19.89 33.43 35.55
CA ILE F 167 18.73 33.36 36.42
C ILE F 167 19.22 33.65 37.83
N ASP F 168 18.48 34.48 38.56
CA ASP F 168 18.91 34.87 39.88
C ASP F 168 18.50 33.84 40.93
N MET F 169 19.50 33.19 41.51
CA MET F 169 19.28 32.25 42.59
C MET F 169 19.53 32.98 43.89
N HIS F 170 18.52 33.01 44.76
CA HIS F 170 18.60 33.82 45.96
C HIS F 170 17.52 33.37 46.93
N MET F 171 17.66 33.81 48.18
CA MET F 171 16.68 33.62 49.24
C MET F 171 16.41 32.16 49.56
N PRO F 172 17.31 31.48 50.25
CA PRO F 172 16.99 30.16 50.82
C PRO F 172 15.76 30.24 51.70
N PRO F 173 14.67 29.59 51.31
CA PRO F 173 13.39 29.84 51.96
C PRO F 173 13.22 29.01 53.23
N ASP F 174 11.99 29.01 53.74
CA ASP F 174 11.56 28.13 54.82
C ASP F 174 11.06 26.82 54.24
N ILE F 175 10.36 26.04 55.05
CA ILE F 175 9.67 24.84 54.55
C ILE F 175 8.23 24.88 55.06
N PRO F 176 7.37 23.91 54.74
CA PRO F 176 6.12 23.72 55.50
C PRO F 176 6.12 22.48 56.39
N ASP F 177 7.02 22.42 57.37
CA ASP F 177 7.22 21.15 58.06
C ASP F 177 7.39 21.30 59.58
N ARG F 178 7.12 20.20 60.29
CA ARG F 178 7.23 20.21 61.75
C ARG F 178 7.92 18.97 62.30
N THR F 179 8.47 18.12 61.42
CA THR F 179 9.03 16.85 61.87
C THR F 179 10.41 17.02 62.48
N ILE F 180 10.94 18.24 62.46
CA ILE F 180 12.23 18.52 63.10
C ILE F 180 12.02 18.55 64.61
N LEU F 181 10.81 18.87 65.06
CA LEU F 181 10.50 18.90 66.47
C LEU F 181 9.89 17.55 66.85
N SER F 182 10.09 17.17 68.10
CA SER F 182 9.52 15.93 68.64
C SER F 182 9.23 16.15 70.12
N GLN F 183 7.96 15.91 70.51
CA GLN F 183 7.54 16.22 71.87
C GLN F 183 7.64 14.98 72.74
N GLN F 184 8.59 15.00 73.67
CA GLN F 184 8.81 13.90 74.61
C GLN F 184 8.18 14.31 75.93
N SER F 185 6.86 14.15 76.02
CA SER F 185 6.05 14.09 77.25
C SER F 185 5.98 15.44 77.95
N GLY F 186 6.90 16.37 77.75
CA GLY F 186 6.67 17.78 77.77
C GLY F 186 7.65 18.53 76.89
N ASN F 187 8.62 17.84 76.31
CA ASN F 187 9.80 18.49 75.79
C ASN F 187 9.81 18.46 74.28
N VAL F 188 9.51 19.61 73.68
CA VAL F 188 9.74 19.77 72.25
C VAL F 188 11.25 19.80 72.02
N LYS F 189 11.74 18.82 71.28
CA LYS F 189 13.18 18.65 71.06
C LYS F 189 13.45 18.83 69.58
N ILE F 190 14.50 19.59 69.28
CA ILE F 190 14.99 19.76 67.93
C ILE F 190 16.39 19.15 67.90
N THR F 191 16.59 18.14 67.07
CA THR F 191 17.89 17.53 66.90
C THR F 191 18.64 18.16 65.73
N VAL F 192 19.74 17.52 65.34
CA VAL F 192 20.37 17.86 64.07
C VAL F 192 19.47 17.39 62.94
N ASN F 193 19.25 18.26 61.96
CA ASN F 193 18.29 17.99 60.90
C ASN F 193 18.85 18.48 59.57
N GLY F 194 18.14 18.16 58.48
CA GLY F 194 18.55 18.57 57.15
C GLY F 194 17.74 19.72 56.62
N ARG F 195 16.77 20.17 57.40
CA ARG F 195 16.06 21.41 57.13
C ARG F 195 16.34 22.38 58.27
N THR F 196 16.47 23.66 57.92
CA THR F 196 16.68 24.71 58.90
C THR F 196 15.40 24.86 59.72
N VAL F 197 15.53 24.86 61.03
CA VAL F 197 14.40 24.78 61.94
C VAL F 197 14.46 25.89 62.96
N ARG F 198 13.79 26.98 62.66
CA ARG F 198 13.43 27.99 63.65
C ARG F 198 12.43 27.34 64.59
N TYR F 199 12.79 27.25 65.87
CA TYR F 199 11.86 26.72 66.86
C TYR F 199 10.84 27.80 67.15
N SER F 200 9.58 27.54 66.81
CA SER F 200 8.48 28.49 66.98
C SER F 200 7.35 27.67 67.61
N SER F 201 7.37 27.60 68.94
CA SER F 201 6.42 26.76 69.65
C SER F 201 5.07 27.45 69.74
N SER F 202 4.03 26.68 70.05
CA SER F 202 2.70 27.23 70.30
C SER F 202 2.63 28.06 71.57
N CYS F 203 3.53 27.85 72.52
CA CYS F 203 3.65 28.74 73.66
C CYS F 203 4.93 28.38 74.40
N GLY F 204 5.80 29.37 74.58
CA GLY F 204 7.03 29.14 75.30
C GLY F 204 8.16 29.99 74.74
N SER F 205 9.36 29.69 75.21
CA SER F 205 10.54 30.49 74.90
C SER F 205 11.10 30.12 73.53
N GLN F 206 10.63 29.00 72.98
CA GLN F 206 11.05 28.61 71.64
C GLN F 206 10.39 29.53 70.61
N ALA F 207 10.94 30.74 70.50
CA ALA F 207 10.62 31.63 69.40
C ALA F 207 11.79 31.76 68.45
N VAL F 208 13.01 31.49 68.92
CA VAL F 208 14.20 31.58 68.09
C VAL F 208 15.01 30.30 68.30
N GLY F 209 16.06 30.13 67.50
CA GLY F 209 16.91 28.96 67.61
C GLY F 209 17.08 28.31 66.25
N THR F 210 18.32 28.08 65.84
CA THR F 210 18.57 27.48 64.54
C THR F 210 18.26 25.99 64.59
N THR F 211 18.11 25.38 63.41
CA THR F 211 17.80 23.97 63.31
C THR F 211 18.91 23.24 62.57
N THR F 212 19.96 22.89 63.29
CA THR F 212 20.93 21.92 62.84
C THR F 212 21.46 21.22 64.09
N THR F 213 20.81 21.51 65.23
CA THR F 213 21.32 21.17 66.55
C THR F 213 20.18 21.07 67.53
N ASP F 214 20.52 20.74 68.78
CA ASP F 214 19.53 20.30 69.76
C ASP F 214 19.01 21.46 70.59
N LYS F 215 17.71 21.42 70.87
CA LYS F 215 17.06 22.39 71.73
C LYS F 215 15.87 21.72 72.38
N THR F 216 15.59 22.09 73.63
CA THR F 216 14.52 21.49 74.40
C THR F 216 13.59 22.58 74.91
N ILE F 217 12.29 22.30 74.86
CA ILE F 217 11.26 23.22 75.35
C ILE F 217 10.32 22.36 76.18
N ASN F 218 10.52 22.35 77.50
CA ASN F 218 9.79 21.44 78.37
C ASN F 218 8.37 21.94 78.61
N SER F 219 7.49 20.99 78.95
CA SER F 219 6.12 21.30 79.31
C SER F 219 5.29 21.76 78.11
N CYS F 220 5.56 21.17 76.95
CA CYS F 220 4.84 21.52 75.74
C CYS F 220 4.37 20.24 75.04
N THR F 221 3.45 20.40 74.09
CA THR F 221 2.90 19.30 73.33
C THR F 221 3.32 19.43 71.87
N VAL F 222 2.96 18.43 71.08
CA VAL F 222 3.27 18.46 69.65
C VAL F 222 2.45 19.53 68.95
N ASP F 223 1.18 19.66 69.33
CA ASP F 223 0.37 20.78 68.85
C ASP F 223 0.86 22.09 69.46
N LYS F 224 1.42 22.04 70.67
CA LYS F 224 2.03 23.21 71.27
C LYS F 224 3.41 23.50 70.71
N CYS F 225 3.88 22.70 69.76
CA CYS F 225 5.16 22.94 69.11
C CYS F 225 4.98 23.92 67.95
N GLN F 226 6.10 24.30 67.35
CA GLN F 226 6.11 25.19 66.19
C GLN F 226 7.42 25.00 65.44
N ALA F 227 7.32 24.81 64.12
CA ALA F 227 8.50 24.69 63.29
C ALA F 227 8.62 25.91 62.38
N TYR F 228 9.83 26.11 61.86
CA TYR F 228 10.09 27.13 60.87
C TYR F 228 11.33 26.67 60.11
N VAL F 229 11.47 27.13 58.88
CA VAL F 229 12.62 26.77 58.06
C VAL F 229 13.62 27.92 58.07
N THR F 230 14.72 27.71 58.77
CA THR F 230 15.88 28.60 58.73
C THR F 230 16.71 28.26 57.50
N SER F 231 17.71 29.08 57.23
CA SER F 231 18.50 28.93 56.02
C SER F 231 19.97 29.25 56.29
N HIS F 232 20.81 28.73 55.41
CA HIS F 232 22.23 29.09 55.41
C HIS F 232 22.87 28.49 54.17
N THR F 233 23.70 29.31 53.51
CA THR F 233 24.59 28.86 52.44
C THR F 233 23.84 28.31 51.24
N LYS F 234 22.98 29.15 50.66
CA LYS F 234 22.27 28.76 49.46
C LYS F 234 21.36 29.89 49.02
N TRP F 235 20.79 29.72 47.83
CA TRP F 235 19.81 30.66 47.32
C TRP F 235 18.86 29.88 46.40
N GLN F 236 17.57 30.04 46.64
CA GLN F 236 16.55 29.31 45.91
C GLN F 236 16.48 29.81 44.47
N PHE F 237 16.07 28.91 43.58
CA PHE F 237 16.27 29.07 42.15
C PHE F 237 15.41 30.18 41.56
N ASN F 238 14.10 29.99 41.55
CA ASN F 238 13.24 31.08 41.10
C ASN F 238 12.06 31.23 42.02
N SER F 239 11.78 30.20 42.80
CA SER F 239 10.54 30.13 43.56
C SER F 239 9.34 30.07 42.62
N PRO F 240 9.32 29.10 41.71
CA PRO F 240 8.12 28.91 40.88
C PRO F 240 6.98 28.31 41.69
N PHE F 241 7.29 27.31 42.49
CA PHE F 241 6.29 26.80 43.42
C PHE F 241 6.63 27.41 44.77
N VAL F 242 7.85 27.15 45.24
CA VAL F 242 8.72 28.04 45.99
C VAL F 242 8.04 28.94 47.01
N PRO F 243 7.62 28.43 48.16
CA PRO F 243 7.08 29.32 49.20
C PRO F 243 8.12 30.36 49.59
N ARG F 244 7.83 31.61 49.24
CA ARG F 244 8.82 32.68 49.24
C ARG F 244 9.10 33.07 50.69
N ARG F 245 10.03 32.34 51.30
CA ARG F 245 10.36 32.51 52.70
C ARG F 245 11.69 33.24 52.84
N MET F 246 12.09 33.94 51.79
CA MET F 246 13.23 34.84 51.87
C MET F 246 12.74 36.25 52.15
N GLN F 247 13.54 37.04 52.86
CA GLN F 247 13.16 38.41 53.22
C GLN F 247 13.19 39.36 52.04
N ALA F 248 14.21 39.28 51.17
CA ALA F 248 14.30 40.16 50.02
C ALA F 248 15.02 39.39 48.92
N GLU F 249 14.57 39.54 47.68
CA GLU F 249 15.13 38.79 46.57
C GLU F 249 16.51 39.32 46.22
N ARG F 250 17.54 38.68 46.77
CA ARG F 250 18.90 39.15 46.57
C ARG F 250 19.83 37.96 46.67
N LYS F 251 20.23 37.44 45.52
CA LYS F 251 21.20 36.38 45.44
C LYS F 251 21.96 36.53 44.14
N GLY F 252 22.79 35.53 43.84
CA GLY F 252 23.62 35.55 42.65
C GLY F 252 22.79 35.30 41.40
N LYS F 253 23.46 35.31 40.27
CA LYS F 253 22.81 34.97 39.01
C LYS F 253 23.66 33.93 38.30
N VAL F 254 23.13 32.72 38.20
CA VAL F 254 23.81 31.65 37.51
C VAL F 254 23.53 31.81 36.03
N HIS F 255 24.57 31.72 35.21
CA HIS F 255 24.48 31.95 33.78
C HIS F 255 23.66 30.85 33.13
N ILE F 256 22.75 31.26 32.27
CA ILE F 256 21.85 30.33 31.57
C ILE F 256 22.68 29.56 30.54
N PRO F 257 22.75 28.24 30.63
CA PRO F 257 23.56 27.48 29.69
C PRO F 257 22.92 27.47 28.30
N PHE F 258 23.74 27.10 27.32
CA PHE F 258 23.30 26.97 25.94
C PHE F 258 22.85 28.28 25.32
N PRO F 259 23.75 29.25 25.14
CA PRO F 259 23.36 30.50 24.48
C PRO F 259 23.22 30.30 22.97
N LEU F 260 21.98 30.42 22.50
CA LEU F 260 21.65 30.06 21.13
C LEU F 260 22.26 31.02 20.12
N ILE F 261 22.64 30.47 18.97
CA ILE F 261 23.20 31.25 17.87
C ILE F 261 22.52 30.78 16.58
N ASN F 262 22.61 31.60 15.54
CA ASN F 262 22.07 31.22 14.24
C ASN F 262 23.03 30.25 13.57
N THR F 263 22.59 29.02 13.34
CA THR F 263 23.37 27.99 12.69
C THR F 263 22.75 27.65 11.34
N THR F 264 23.27 26.61 10.71
CA THR F 264 22.68 26.13 9.47
C THR F 264 21.91 24.83 9.72
N CYS F 265 21.13 24.43 8.71
CA CYS F 265 20.36 23.20 8.77
C CYS F 265 20.34 22.58 7.39
N ARG F 266 20.47 21.27 7.34
CA ARG F 266 20.49 20.52 6.08
C ARG F 266 19.08 20.53 5.52
N VAL F 267 18.84 21.36 4.52
CA VAL F 267 17.49 21.56 4.00
C VAL F 267 17.22 20.48 2.97
N PRO F 268 16.15 19.70 3.11
CA PRO F 268 15.90 18.63 2.13
C PRO F 268 15.18 19.17 0.91
N LEU F 269 15.76 18.91 -0.26
CA LEU F 269 15.18 19.34 -1.52
C LEU F 269 14.31 18.22 -2.09
N ALA F 270 13.33 18.60 -2.87
CA ALA F 270 12.37 17.63 -3.37
C ALA F 270 12.61 17.34 -4.84
N PRO F 271 12.05 16.25 -5.39
CA PRO F 271 12.05 16.08 -6.84
C PRO F 271 11.22 17.15 -7.50
N GLU F 272 11.84 17.85 -8.45
CA GLU F 272 11.47 19.23 -8.75
C GLU F 272 10.06 19.36 -9.34
N ALA F 273 9.89 18.95 -10.59
CA ALA F 273 8.57 19.13 -11.20
C ALA F 273 8.55 18.67 -12.65
N LEU F 274 7.34 18.51 -13.20
CA LEU F 274 7.18 18.17 -14.61
C LEU F 274 6.28 19.21 -15.27
N VAL F 275 6.85 20.01 -16.16
CA VAL F 275 6.15 21.08 -16.84
C VAL F 275 5.59 20.53 -18.14
N ARG F 276 4.31 20.18 -18.13
CA ARG F 276 3.61 19.77 -19.35
C ARG F 276 3.10 21.04 -20.00
N SER F 277 3.67 21.38 -21.15
CA SER F 277 3.35 22.66 -21.78
C SER F 277 1.96 22.62 -22.39
N GLY F 278 1.46 23.80 -22.74
CA GLY F 278 0.13 23.91 -23.33
C GLY F 278 -0.17 25.24 -23.96
N LYS F 279 -1.45 25.61 -23.98
CA LYS F 279 -1.88 26.85 -24.60
C LYS F 279 -2.41 27.80 -23.54
N ARG F 280 -1.55 28.70 -23.07
CA ARG F 280 -1.93 29.67 -22.06
C ARG F 280 -1.93 29.07 -20.66
N GLU F 281 -1.63 27.78 -20.55
CA GLU F 281 -1.59 27.11 -19.27
C GLU F 281 -0.66 25.90 -19.37
N ALA F 282 -0.07 25.55 -18.25
CA ALA F 282 0.81 24.39 -18.15
C ALA F 282 0.39 23.54 -16.96
N THR F 283 0.82 22.28 -16.99
CA THR F 283 0.57 21.36 -15.91
C THR F 283 1.88 21.12 -15.18
N LEU F 284 1.80 20.97 -13.86
CA LEU F 284 2.96 20.68 -13.04
C LEU F 284 2.71 19.33 -12.39
N SER F 285 3.31 18.30 -12.95
CA SER F 285 3.26 16.97 -12.36
C SER F 285 4.24 16.94 -11.20
N LEU F 286 3.76 16.57 -10.02
CA LEU F 286 4.56 16.59 -8.81
C LEU F 286 4.48 15.22 -8.15
N HIS F 287 5.59 14.69 -7.85
CA HIS F 287 5.54 13.52 -7.01
C HIS F 287 5.60 13.96 -5.54
N PRO F 288 5.13 13.14 -4.63
CA PRO F 288 5.22 13.51 -3.21
C PRO F 288 6.62 13.33 -2.65
N ILE F 289 6.86 13.97 -1.51
CA ILE F 289 8.07 13.81 -0.74
C ILE F 289 7.57 13.69 0.69
N HIS F 290 8.45 13.80 1.67
CA HIS F 290 7.99 14.37 2.93
C HIS F 290 7.37 15.71 2.55
N PRO F 291 6.10 15.97 2.93
CA PRO F 291 5.25 16.93 2.21
C PRO F 291 5.74 18.37 2.10
N THR F 292 5.43 19.03 0.98
CA THR F 292 6.04 20.32 0.65
C THR F 292 5.00 21.32 0.19
N LEU F 293 5.06 22.53 0.74
CA LEU F 293 4.13 23.59 0.39
C LEU F 293 4.58 24.24 -0.93
N LEU F 294 4.00 23.79 -2.03
CA LEU F 294 4.36 24.31 -3.34
C LEU F 294 3.51 25.53 -3.64
N SER F 295 4.17 26.61 -4.08
CA SER F 295 3.51 27.89 -4.30
C SER F 295 3.84 28.40 -5.70
N TYR F 296 2.80 28.69 -6.47
CA TYR F 296 2.95 29.32 -7.77
C TYR F 296 2.11 30.59 -7.79
N ARG F 297 2.75 31.70 -8.10
CA ARG F 297 2.06 32.98 -8.07
C ARG F 297 2.26 33.66 -9.41
N THR F 298 1.26 34.45 -9.82
CA THR F 298 1.28 35.13 -11.10
C THR F 298 2.37 36.18 -11.07
N PHE F 299 2.91 36.53 -12.23
CA PHE F 299 3.98 37.50 -12.32
C PHE F 299 3.54 38.55 -13.33
N GLY F 300 3.23 39.74 -12.84
CA GLY F 300 2.60 40.74 -13.68
C GLY F 300 1.82 41.78 -12.90
N ALA F 301 0.54 41.91 -13.22
CA ALA F 301 -0.37 42.78 -12.49
C ALA F 301 -0.78 42.12 -11.18
N GLU F 302 -1.85 42.63 -10.59
CA GLU F 302 -2.43 42.02 -9.40
C GLU F 302 -2.81 40.58 -9.73
N ARG F 303 -2.03 39.65 -9.19
CA ARG F 303 -1.91 38.33 -9.80
C ARG F 303 -2.47 37.23 -8.93
N VAL F 304 -2.88 36.13 -9.56
CA VAL F 304 -3.27 34.92 -8.85
C VAL F 304 -2.03 34.37 -8.16
N PHE F 305 -2.15 34.08 -6.87
CA PHE F 305 -1.06 33.51 -6.11
C PHE F 305 -1.61 32.32 -5.35
N ASP F 306 -1.30 31.12 -5.82
CA ASP F 306 -1.75 29.91 -5.17
C ASP F 306 -0.57 29.29 -4.45
N GLU F 307 -0.86 28.60 -3.36
CA GLU F 307 0.15 27.93 -2.57
C GLU F 307 -0.56 26.88 -1.75
N GLN F 308 -0.24 25.61 -2.00
CA GLN F 308 -0.90 24.51 -1.32
C GLN F 308 0.17 23.56 -0.81
N TRP F 309 -0.07 22.98 0.35
CA TRP F 309 0.84 21.96 0.86
C TRP F 309 0.63 20.71 0.03
N ILE F 310 1.40 20.58 -1.05
CA ILE F 310 1.36 19.40 -1.90
C ILE F 310 1.88 18.23 -1.08
N THR F 311 1.07 17.16 -1.00
CA THR F 311 1.41 15.99 -0.22
C THR F 311 1.10 14.69 -0.96
N ALA F 312 1.38 14.64 -2.25
CA ALA F 312 1.16 13.44 -3.05
C ALA F 312 1.73 13.65 -4.43
N GLN F 313 1.46 12.71 -5.33
CA GLN F 313 1.68 12.93 -6.75
C GLN F 313 0.38 13.47 -7.34
N THR F 314 0.46 14.67 -7.92
CA THR F 314 -0.71 15.32 -8.48
C THR F 314 -0.28 16.19 -9.65
N GLU F 315 -1.24 16.89 -10.24
CA GLU F 315 -0.95 17.80 -11.33
C GLU F 315 -1.58 19.15 -11.01
N VAL F 316 -0.75 20.19 -10.98
CA VAL F 316 -1.20 21.53 -10.63
C VAL F 316 -1.28 22.34 -11.92
N THR F 317 -2.45 22.90 -12.18
CA THR F 317 -2.64 23.70 -13.39
C THR F 317 -2.03 25.07 -13.17
N ILE F 318 -0.75 25.20 -13.50
CA ILE F 318 -0.09 26.50 -13.39
C ILE F 318 -0.62 27.33 -14.56
N PRO F 319 -1.31 28.43 -14.30
CA PRO F 319 -1.76 29.28 -15.41
C PRO F 319 -0.58 29.98 -16.05
N VAL F 320 -0.50 29.90 -17.36
CA VAL F 320 0.66 30.42 -18.07
C VAL F 320 0.30 31.81 -18.57
N PRO F 321 0.55 32.85 -17.79
CA PRO F 321 0.16 34.20 -18.23
C PRO F 321 1.05 34.72 -19.34
N VAL F 322 0.70 35.89 -19.88
CA VAL F 322 1.49 36.49 -20.94
C VAL F 322 2.86 36.89 -20.43
N GLU F 323 2.92 37.58 -19.30
CA GLU F 323 4.19 37.78 -18.62
C GLU F 323 4.70 36.50 -17.99
N GLY F 324 3.81 35.65 -17.52
CA GLY F 324 4.19 34.39 -16.90
C GLY F 324 4.23 34.49 -15.39
N VAL F 325 3.87 33.41 -14.73
CA VAL F 325 3.75 33.38 -13.29
C VAL F 325 5.04 32.87 -12.69
N GLU F 326 5.19 33.08 -11.40
CA GLU F 326 6.40 32.64 -10.70
C GLU F 326 6.01 31.42 -9.87
N TYR F 327 6.61 30.29 -10.18
CA TYR F 327 6.28 29.02 -9.54
C TYR F 327 7.43 28.65 -8.61
N GLN F 328 7.09 27.96 -7.52
CA GLN F 328 8.07 27.41 -6.59
C GLN F 328 7.49 26.09 -6.10
N TRP F 329 8.19 24.99 -6.39
CA TRP F 329 7.70 23.65 -6.05
C TRP F 329 8.27 23.28 -4.69
N GLY F 330 7.88 24.03 -3.67
CA GLY F 330 8.43 23.81 -2.34
C GLY F 330 9.79 24.46 -2.18
N ASN F 331 10.73 23.71 -1.60
CA ASN F 331 12.03 24.23 -1.25
C ASN F 331 13.04 24.15 -2.38
N HIS F 332 12.59 24.12 -3.62
CA HIS F 332 13.50 24.16 -4.76
C HIS F 332 13.93 25.59 -5.03
N LYS F 333 14.53 25.80 -6.19
CA LYS F 333 14.83 27.15 -6.63
C LYS F 333 13.52 27.87 -6.96
N PRO F 334 13.48 29.20 -6.91
CA PRO F 334 12.21 29.92 -7.06
C PRO F 334 11.76 30.13 -8.50
N GLN F 335 12.32 29.38 -9.47
CA GLN F 335 12.25 29.67 -10.90
C GLN F 335 10.86 29.83 -11.51
N ARG F 336 10.58 31.04 -12.01
CA ARG F 336 9.34 31.30 -12.72
C ARG F 336 9.50 30.89 -14.18
N PHE F 337 8.45 31.11 -14.96
CA PHE F 337 8.45 30.64 -16.34
C PHE F 337 7.61 31.56 -17.21
N VAL F 338 8.07 31.75 -18.44
CA VAL F 338 7.32 32.43 -19.47
C VAL F 338 6.69 31.34 -20.35
N VAL F 339 5.88 31.77 -21.30
CA VAL F 339 5.03 30.84 -22.04
C VAL F 339 5.86 30.03 -23.02
N ALA F 340 6.22 28.81 -22.62
CA ALA F 340 6.99 27.91 -23.46
C ALA F 340 6.06 27.09 -24.35
N SER G 1 31.71 -20.37 5.92
CA SER G 1 31.57 -20.12 4.49
C SER G 1 30.15 -19.70 4.20
N THR G 2 29.23 -20.67 4.23
CA THR G 2 27.85 -20.39 3.86
C THR G 2 26.87 -20.83 4.94
N ALA G 3 27.06 -22.02 5.50
CA ALA G 3 26.23 -22.45 6.62
C ALA G 3 26.55 -21.61 7.85
N ASN G 4 27.79 -21.68 8.31
CA ASN G 4 28.38 -20.54 9.00
C ASN G 4 28.72 -19.56 7.88
N HIS G 5 27.79 -18.64 7.62
CA HIS G 5 27.93 -17.73 6.49
C HIS G 5 29.01 -16.69 6.72
N PHE G 6 29.43 -16.55 7.99
CA PHE G 6 30.45 -15.58 8.35
C PHE G 6 31.80 -15.87 7.72
N ASN G 7 32.03 -17.10 7.25
CA ASN G 7 33.25 -17.38 6.50
C ASN G 7 33.21 -16.68 5.14
N ALA G 8 32.08 -16.76 4.45
CA ALA G 8 31.92 -16.04 3.19
C ALA G 8 31.92 -14.55 3.45
N TYR G 9 31.44 -14.12 4.62
CA TYR G 9 31.55 -12.71 4.98
C TYR G 9 33.00 -12.34 5.30
N LYS G 10 33.78 -13.31 5.79
CA LYS G 10 35.13 -13.02 6.24
C LYS G 10 36.13 -13.11 5.10
N LEU G 11 35.68 -13.60 3.94
CA LEU G 11 36.50 -13.48 2.74
C LEU G 11 36.80 -12.01 2.43
N THR G 12 35.77 -11.18 2.37
CA THR G 12 35.95 -9.73 2.33
C THR G 12 35.46 -9.12 3.64
N ARG G 13 36.40 -8.97 4.58
CA ARG G 13 36.17 -8.66 5.99
C ARG G 13 35.28 -7.45 6.23
N PRO G 14 34.55 -7.42 7.37
CA PRO G 14 33.57 -6.34 7.62
C PRO G 14 34.22 -4.97 7.74
N TYR G 15 33.48 -3.93 7.38
CA TYR G 15 34.05 -2.61 7.22
C TYR G 15 33.28 -1.63 8.09
N VAL G 16 33.52 -0.34 7.87
CA VAL G 16 32.85 0.75 8.57
C VAL G 16 32.32 1.69 7.50
N ALA G 17 31.77 2.83 7.91
CA ALA G 17 31.25 3.74 6.90
C ALA G 17 31.16 5.16 7.43
N TYR G 18 31.72 6.09 6.67
CA TYR G 18 31.59 7.52 6.97
C TYR G 18 30.25 8.00 6.46
N CYS G 19 29.19 7.71 7.20
CA CYS G 19 27.84 8.07 6.80
C CYS G 19 27.50 9.45 7.35
N ALA G 20 26.83 10.26 6.54
CA ALA G 20 26.43 11.60 6.96
C ALA G 20 25.34 11.58 8.02
N ASP G 21 24.63 10.47 8.18
CA ASP G 21 23.72 10.28 9.28
C ASP G 21 24.55 9.75 10.43
N CYS G 22 24.74 10.58 11.46
CA CYS G 22 25.74 10.24 12.46
C CYS G 22 25.32 10.50 13.91
N GLY G 23 24.04 10.36 14.25
CA GLY G 23 23.71 10.43 15.66
C GLY G 23 22.94 11.67 16.06
N MET G 24 22.06 12.14 15.19
CA MET G 24 21.25 13.32 15.48
C MET G 24 22.09 14.59 15.52
N GLY G 25 22.78 14.87 14.42
CA GLY G 25 23.48 16.13 14.30
C GLY G 25 24.85 15.98 13.69
N HIS G 26 25.45 14.81 13.86
CA HIS G 26 26.77 14.56 13.32
C HIS G 26 26.70 13.85 11.98
N SER G 27 27.87 13.63 11.40
CA SER G 27 28.03 12.78 10.22
C SER G 27 29.48 12.30 10.20
N CYS G 28 29.65 11.00 10.39
CA CYS G 28 31.00 10.49 10.57
C CYS G 28 31.00 8.98 10.36
N HIS G 29 32.13 8.37 10.73
CA HIS G 29 32.28 6.94 10.57
C HIS G 29 31.46 6.21 11.61
N SER G 30 30.25 5.86 11.25
CA SER G 30 29.52 4.91 12.08
C SER G 30 29.88 3.53 11.60
N PRO G 31 29.71 2.52 12.45
CA PRO G 31 29.66 1.14 11.95
C PRO G 31 28.29 0.79 11.40
N ALA G 32 27.30 1.65 11.63
CA ALA G 32 25.93 1.35 11.25
C ALA G 32 25.37 2.48 10.40
N MET G 33 26.11 2.90 9.38
CA MET G 33 25.52 3.72 8.34
C MET G 33 24.52 2.84 7.61
N ILE G 34 23.28 3.30 7.50
CA ILE G 34 22.21 2.51 6.88
C ILE G 34 22.45 2.57 5.37
N GLU G 35 23.11 1.55 4.85
CA GLU G 35 23.47 1.54 3.44
C GLU G 35 22.26 1.39 2.54
N ASN G 36 21.35 0.48 2.88
CA ASN G 36 20.15 0.32 2.07
C ASN G 36 19.12 -0.37 2.96
N ILE G 37 17.98 0.31 3.12
CA ILE G 37 16.88 -0.24 3.91
C ILE G 37 15.83 -0.71 2.94
N GLN G 38 15.90 -1.97 2.56
CA GLN G 38 15.02 -2.53 1.54
C GLN G 38 14.18 -3.61 2.18
N ALA G 39 12.87 -3.42 2.16
CA ALA G 39 11.95 -4.47 2.61
C ALA G 39 10.67 -4.33 1.79
N ASP G 40 10.59 -5.09 0.71
CA ASP G 40 9.40 -5.11 -0.13
C ASP G 40 8.61 -6.38 0.17
N ALA G 41 7.95 -6.41 1.33
CA ALA G 41 7.24 -7.61 1.74
C ALA G 41 6.05 -7.25 2.62
N THR G 42 4.90 -7.89 2.39
CA THR G 42 3.67 -7.54 3.08
C THR G 42 3.69 -7.95 4.55
N ASP G 43 4.68 -8.74 4.96
CA ASP G 43 4.84 -9.10 6.35
C ASP G 43 5.55 -8.05 7.17
N GLY G 44 6.17 -7.06 6.53
CA GLY G 44 6.77 -5.95 7.25
C GLY G 44 8.06 -6.28 7.98
N THR G 45 8.97 -6.94 7.30
CA THR G 45 10.28 -7.26 7.85
C THR G 45 11.30 -6.50 7.01
N LEU G 46 11.62 -5.28 7.43
CA LEU G 46 12.58 -4.44 6.73
C LEU G 46 13.97 -5.05 6.86
N LYS G 47 14.69 -5.10 5.74
CA LYS G 47 16.09 -5.51 5.74
C LYS G 47 16.93 -4.25 5.57
N ILE G 48 17.83 -4.01 6.51
CA ILE G 48 18.73 -2.87 6.47
C ILE G 48 20.15 -3.36 6.19
N GLN G 49 20.93 -2.53 5.51
CA GLN G 49 22.32 -2.83 5.22
C GLN G 49 23.18 -2.15 6.28
N PHE G 50 23.86 -2.97 7.09
CA PHE G 50 24.76 -2.48 8.11
C PHE G 50 26.19 -2.77 7.69
N ALA G 51 27.07 -1.79 7.90
CA ALA G 51 28.42 -1.87 7.35
C ALA G 51 29.29 -2.89 8.06
N SER G 52 28.90 -3.33 9.25
CA SER G 52 29.65 -4.34 9.96
C SER G 52 29.15 -5.74 9.61
N GLN G 53 29.62 -6.71 10.34
CA GLN G 53 29.13 -8.08 10.26
C GLN G 53 28.09 -8.27 11.36
N ILE G 54 26.90 -8.71 10.98
CA ILE G 54 25.86 -9.08 11.92
C ILE G 54 26.08 -10.54 12.29
N GLY G 55 26.96 -10.79 13.25
CA GLY G 55 27.21 -12.12 13.76
C GLY G 55 28.51 -12.76 13.31
N LEU G 56 29.24 -12.14 12.39
CA LEU G 56 30.51 -12.68 11.91
C LEU G 56 31.55 -12.42 12.98
N THR G 57 32.23 -13.47 13.41
CA THR G 57 33.22 -13.35 14.47
C THR G 57 34.45 -12.62 13.96
N LYS G 58 35.23 -12.06 14.89
CA LYS G 58 36.52 -11.50 14.54
C LYS G 58 37.46 -12.56 13.99
N THR G 59 37.35 -13.78 14.48
CA THR G 59 38.02 -14.92 13.89
C THR G 59 37.21 -15.58 12.79
N ASP G 60 36.12 -14.96 12.34
CA ASP G 60 35.28 -15.52 11.28
C ASP G 60 34.54 -16.76 11.76
N THR G 61 34.12 -16.73 13.02
CA THR G 61 33.34 -17.82 13.61
C THR G 61 31.90 -17.35 13.79
N HIS G 62 30.97 -18.22 13.42
CA HIS G 62 29.56 -17.88 13.54
C HIS G 62 29.16 -17.89 15.00
N ASP G 63 29.36 -16.76 15.66
CA ASP G 63 29.13 -16.66 17.10
C ASP G 63 28.18 -15.49 17.31
N HIS G 64 26.98 -15.78 17.79
CA HIS G 64 25.95 -14.76 17.96
C HIS G 64 26.29 -13.73 19.02
N THR G 65 27.23 -14.05 19.92
CA THR G 65 27.69 -13.08 20.90
C THR G 65 28.39 -11.89 20.26
N LYS G 66 29.13 -12.09 19.19
CA LYS G 66 29.89 -11.03 18.56
C LYS G 66 29.11 -10.40 17.42
N ILE G 67 29.12 -9.07 17.38
CA ILE G 67 28.67 -8.30 16.22
C ILE G 67 29.89 -7.60 15.66
N ARG G 68 30.10 -7.72 14.35
CA ARG G 68 31.30 -7.20 13.71
C ARG G 68 31.24 -5.68 13.70
N TYR G 69 32.24 -5.05 14.30
CA TYR G 69 32.33 -3.61 14.34
C TYR G 69 33.57 -3.20 13.58
N ALA G 70 33.92 -1.92 13.65
CA ALA G 70 35.06 -1.43 12.89
C ALA G 70 35.96 -0.61 13.80
N GLU G 71 37.20 -0.42 13.37
CA GLU G 71 38.13 0.51 14.01
C GLU G 71 38.87 1.23 12.89
N GLY G 72 39.94 1.93 13.23
CA GLY G 72 40.84 2.44 12.20
C GLY G 72 41.54 1.25 11.58
N HIS G 73 42.20 0.47 12.43
CA HIS G 73 42.52 -0.91 12.10
C HIS G 73 41.21 -1.67 12.20
N ASP G 74 40.82 -2.32 11.10
CA ASP G 74 39.48 -2.84 10.84
C ASP G 74 38.85 -3.75 11.89
N ILE G 75 39.67 -4.38 12.74
CA ILE G 75 39.15 -5.37 13.67
C ILE G 75 38.40 -4.68 14.80
N ALA G 76 37.08 -4.58 14.65
CA ALA G 76 36.24 -4.05 15.71
C ALA G 76 35.18 -5.08 16.08
N GLU G 77 34.89 -5.17 17.38
CA GLU G 77 33.92 -6.10 17.90
C GLU G 77 32.87 -5.36 18.72
N ALA G 78 31.71 -5.99 18.87
CA ALA G 78 30.66 -5.46 19.69
C ALA G 78 29.83 -6.63 20.20
N ALA G 79 28.94 -6.34 21.14
CA ALA G 79 28.04 -7.34 21.69
C ALA G 79 26.92 -7.55 20.70
N ARG G 80 26.85 -8.77 20.14
CA ARG G 80 25.94 -9.04 19.03
C ARG G 80 24.48 -8.99 19.45
N SER G 81 24.19 -9.14 20.74
CA SER G 81 22.84 -8.95 21.21
C SER G 81 22.58 -7.52 21.65
N THR G 82 23.62 -6.75 21.93
CA THR G 82 23.47 -5.41 22.48
C THR G 82 22.92 -4.39 21.48
N LEU G 83 22.93 -4.71 20.19
CA LEU G 83 22.46 -3.78 19.17
C LEU G 83 20.94 -3.68 19.20
N LYS G 84 20.42 -2.54 18.76
CA LYS G 84 18.99 -2.29 18.79
C LYS G 84 18.57 -1.52 17.54
N VAL G 85 17.31 -1.65 17.18
CA VAL G 85 16.73 -0.94 16.04
C VAL G 85 15.49 -0.21 16.52
N HIS G 86 15.59 1.11 16.67
CA HIS G 86 14.48 1.93 17.13
C HIS G 86 13.89 2.65 15.92
N SER G 87 12.70 2.24 15.48
CA SER G 87 12.06 2.98 14.40
C SER G 87 11.21 4.14 14.93
N SER G 88 10.09 3.83 15.56
CA SER G 88 9.32 4.81 16.30
C SER G 88 9.25 4.37 17.75
N SER G 89 9.50 3.09 17.98
CA SER G 89 9.94 2.50 19.23
C SER G 89 10.97 1.48 18.78
N GLU G 90 11.46 0.69 19.73
CA GLU G 90 12.48 -0.31 19.43
C GLU G 90 11.86 -1.42 18.60
N CYS G 91 12.02 -1.32 17.28
CA CYS G 91 11.50 -2.30 16.34
C CYS G 91 12.20 -3.64 16.55
N THR G 92 11.40 -4.70 16.58
CA THR G 92 11.87 -6.03 16.94
C THR G 92 12.75 -6.59 15.84
N VAL G 93 13.99 -6.93 16.21
CA VAL G 93 14.91 -7.49 15.23
C VAL G 93 14.55 -8.94 14.96
N THR G 94 14.78 -9.35 13.71
CA THR G 94 14.54 -10.74 13.34
C THR G 94 15.80 -11.55 13.19
N GLY G 95 16.88 -10.98 12.68
CA GLY G 95 18.10 -11.75 12.47
C GLY G 95 19.16 -10.89 11.83
N THR G 96 20.38 -11.43 11.84
CA THR G 96 21.53 -10.72 11.32
C THR G 96 22.38 -11.69 10.53
N MET G 97 22.52 -11.45 9.23
CA MET G 97 23.40 -12.23 8.39
C MET G 97 24.38 -11.26 7.75
N GLY G 98 25.56 -11.13 8.37
CA GLY G 98 26.63 -10.33 7.80
C GLY G 98 26.30 -8.85 7.73
N HIS G 99 26.24 -8.35 6.50
CA HIS G 99 25.90 -6.95 6.30
C HIS G 99 24.40 -6.72 6.22
N PHE G 100 23.58 -7.75 6.41
CA PHE G 100 22.13 -7.61 6.34
C PHE G 100 21.58 -7.80 7.75
N ILE G 101 20.69 -6.92 8.17
CA ILE G 101 19.94 -7.10 9.40
C ILE G 101 18.45 -6.95 9.11
N LEU G 102 17.66 -7.94 9.50
CA LEU G 102 16.25 -8.00 9.11
C LEU G 102 15.40 -8.00 10.37
N ALA G 103 14.38 -7.13 10.38
CA ALA G 103 13.56 -6.97 11.59
C ALA G 103 12.22 -6.32 11.25
N LYS G 104 11.24 -6.53 12.13
CA LYS G 104 9.94 -5.89 11.99
C LYS G 104 9.85 -4.72 12.95
N CYS G 105 9.46 -3.56 12.44
CA CYS G 105 9.44 -2.35 13.23
C CYS G 105 8.03 -1.77 13.26
N PRO G 106 7.75 -0.85 14.17
CA PRO G 106 6.40 -0.30 14.28
C PRO G 106 6.15 0.71 13.17
N PRO G 107 4.91 1.19 13.05
CA PRO G 107 4.63 2.24 12.05
C PRO G 107 5.35 3.53 12.42
N GLY G 108 6.06 4.09 11.46
CA GLY G 108 6.91 5.23 11.73
C GLY G 108 7.48 5.87 10.48
N GLU G 109 8.19 6.99 10.66
CA GLU G 109 8.72 7.78 9.55
C GLU G 109 10.17 7.48 9.23
N ARG G 110 10.94 6.98 10.21
CA ARG G 110 12.33 6.64 9.98
C ARG G 110 12.74 5.57 10.99
N ILE G 111 13.90 4.98 10.76
CA ILE G 111 14.41 3.91 11.61
C ILE G 111 15.86 4.25 11.93
N SER G 112 16.31 3.89 13.11
CA SER G 112 17.69 4.10 13.52
C SER G 112 18.24 2.80 14.11
N VAL G 113 19.53 2.55 13.86
CA VAL G 113 20.25 1.44 14.46
C VAL G 113 21.17 2.02 15.51
N SER G 114 21.34 1.29 16.62
CA SER G 114 22.21 1.74 17.71
C SER G 114 22.97 0.54 18.26
N PHE G 115 24.30 0.61 18.16
CA PHE G 115 25.18 -0.44 18.64
C PHE G 115 26.40 0.21 19.28
N VAL G 116 26.70 -0.19 20.50
CA VAL G 116 27.86 0.32 21.24
C VAL G 116 28.61 -0.87 21.81
N ASP G 117 29.71 -1.25 21.17
CA ASP G 117 30.53 -2.34 21.70
C ASP G 117 31.78 -1.77 22.35
N SER G 118 32.57 -1.01 21.59
CA SER G 118 33.50 -0.07 22.19
C SER G 118 32.77 1.26 22.15
N LYS G 119 31.68 1.28 21.39
CA LYS G 119 30.91 2.49 21.07
C LYS G 119 30.28 3.11 22.30
N ASN G 120 30.39 4.43 22.41
CA ASN G 120 29.91 5.18 23.57
C ASN G 120 28.40 5.26 23.51
N GLU G 121 27.77 4.36 24.27
CA GLU G 121 26.33 4.37 24.51
C GLU G 121 25.51 4.16 23.24
N HIS G 122 25.72 3.03 22.57
CA HIS G 122 24.96 2.68 21.39
C HIS G 122 25.11 3.68 20.26
N ARG G 123 26.30 3.74 19.66
CA ARG G 123 26.56 4.56 18.48
C ARG G 123 25.55 4.21 17.41
N THR G 124 24.77 5.20 17.00
CA THR G 124 23.59 4.97 16.19
C THR G 124 23.51 5.91 15.00
N CYS G 125 22.88 5.42 13.94
CA CYS G 125 22.50 6.22 12.78
C CYS G 125 20.99 6.15 12.63
N ARG G 126 20.42 7.17 12.00
CA ARG G 126 18.97 7.27 11.91
C ARG G 126 18.59 7.71 10.50
N ILE G 127 18.16 6.75 9.69
CA ILE G 127 17.71 7.04 8.34
C ILE G 127 16.21 7.31 8.37
N ALA G 128 15.75 8.09 7.40
CA ALA G 128 14.33 8.39 7.32
C ALA G 128 13.71 7.64 6.15
N TYR G 129 12.81 6.71 6.45
CA TYR G 129 12.13 5.93 5.41
C TYR G 129 10.84 5.44 6.01
N HIS G 130 9.71 6.00 5.57
CA HIS G 130 8.44 5.93 6.28
C HIS G 130 7.89 4.51 6.21
N HIS G 131 8.17 3.72 7.23
CA HIS G 131 7.68 2.36 7.34
C HIS G 131 6.20 2.42 7.69
N GLU G 132 5.36 2.34 6.66
CA GLU G 132 3.92 2.42 6.82
C GLU G 132 3.37 1.03 7.07
N GLN G 133 2.07 0.95 7.36
CA GLN G 133 1.44 -0.31 7.75
C GLN G 133 0.60 -0.89 6.62
N ARG G 134 1.08 -0.78 5.38
CA ARG G 134 0.26 -1.07 4.21
C ARG G 134 -0.01 -2.56 4.04
N LEU G 135 -0.90 -3.11 4.86
CA LEU G 135 -1.29 -4.49 4.71
C LEU G 135 -2.64 -4.58 4.01
N ILE G 136 -2.85 -5.72 3.33
CA ILE G 136 -4.07 -5.91 2.56
C ILE G 136 -5.17 -6.47 3.45
N GLY G 137 -6.40 -6.47 2.94
CA GLY G 137 -7.53 -7.05 3.63
C GLY G 137 -8.72 -6.13 3.66
N ARG G 138 -9.86 -6.67 4.11
CA ARG G 138 -11.05 -5.86 4.25
C ARG G 138 -10.95 -4.88 5.42
N GLU G 139 -10.38 -5.28 6.54
CA GLU G 139 -10.24 -4.42 7.69
C GLU G 139 -8.90 -3.70 7.66
N ARG G 140 -8.52 -3.10 8.78
CA ARG G 140 -7.23 -2.41 8.82
C ARG G 140 -6.50 -2.54 10.16
N PHE G 141 -6.63 -3.66 10.87
CA PHE G 141 -6.09 -3.76 12.21
C PHE G 141 -4.94 -4.76 12.24
N THR G 142 -3.96 -4.48 13.09
CA THR G 142 -2.78 -5.34 13.25
C THR G 142 -2.93 -6.17 14.52
N VAL G 143 -3.81 -7.17 14.46
CA VAL G 143 -4.01 -8.10 15.57
C VAL G 143 -4.32 -9.50 15.06
N ARG G 144 -3.40 -10.43 15.25
CA ARG G 144 -3.56 -11.78 14.75
C ARG G 144 -4.61 -12.61 15.51
N PRO G 145 -4.82 -12.34 16.80
CA PRO G 145 -5.23 -13.40 17.74
C PRO G 145 -6.61 -14.01 17.54
N HIS G 146 -7.60 -13.26 17.07
CA HIS G 146 -8.90 -13.83 16.81
C HIS G 146 -8.81 -14.65 15.54
N HIS G 147 -9.44 -15.83 15.56
CA HIS G 147 -9.45 -16.70 14.40
C HIS G 147 -10.38 -16.08 13.37
N GLY G 148 -9.82 -15.29 12.47
CA GLY G 148 -10.66 -14.54 11.55
C GLY G 148 -10.39 -14.64 10.07
N ILE G 149 -9.16 -14.96 9.67
CA ILE G 149 -8.75 -14.80 8.28
C ILE G 149 -7.50 -15.62 8.03
N GLU G 150 -7.23 -15.88 6.74
CA GLU G 150 -5.98 -16.42 6.28
C GLU G 150 -5.79 -16.02 4.82
N LEU G 151 -5.09 -14.92 4.59
CA LEU G 151 -4.87 -14.44 3.23
C LEU G 151 -3.38 -14.48 2.91
N PRO G 152 -3.03 -14.73 1.66
CA PRO G 152 -1.61 -14.88 1.33
C PRO G 152 -0.90 -13.54 1.24
N CYS G 153 0.14 -13.37 2.05
CA CYS G 153 0.97 -12.18 2.04
C CYS G 153 2.42 -12.59 1.90
N THR G 154 3.22 -11.73 1.28
CA THR G 154 4.63 -12.04 1.08
C THR G 154 5.46 -11.52 2.25
N THR G 155 6.44 -12.32 2.67
CA THR G 155 7.29 -11.91 3.77
C THR G 155 8.64 -12.60 3.62
N TYR G 156 9.68 -11.95 4.16
CA TYR G 156 11.01 -12.51 4.14
C TYR G 156 11.05 -13.77 5.01
N GLN G 157 11.26 -14.92 4.38
CA GLN G 157 11.41 -16.17 5.09
C GLN G 157 12.73 -16.13 5.85
N LEU G 158 12.65 -16.29 7.17
CA LEU G 158 13.75 -15.97 8.07
C LEU G 158 14.75 -17.10 8.22
N THR G 159 14.83 -18.02 7.26
CA THR G 159 15.87 -19.03 7.31
C THR G 159 17.19 -18.43 6.84
N THR G 160 18.28 -18.92 7.45
CA THR G 160 19.61 -18.60 6.96
C THR G 160 19.87 -19.43 5.72
N ALA G 161 20.90 -19.11 4.96
CA ALA G 161 21.13 -19.81 3.70
C ALA G 161 22.45 -19.34 3.14
N GLU G 162 22.79 -19.85 1.95
CA GLU G 162 24.04 -19.51 1.30
C GLU G 162 23.89 -18.34 0.34
N THR G 163 22.81 -18.31 -0.43
CA THR G 163 22.61 -17.16 -1.30
C THR G 163 21.36 -17.36 -2.12
N SER G 164 20.66 -16.27 -2.39
CA SER G 164 19.63 -16.22 -3.42
C SER G 164 20.02 -15.11 -4.38
N GLU G 165 20.54 -14.01 -3.83
CA GLU G 165 21.08 -12.90 -4.60
C GLU G 165 22.17 -12.26 -3.74
N GLU G 166 23.40 -12.38 -4.21
CA GLU G 166 24.56 -11.98 -3.44
C GLU G 166 24.92 -10.53 -3.73
N ILE G 167 25.07 -9.76 -2.67
CA ILE G 167 25.66 -8.44 -2.72
C ILE G 167 27.12 -8.62 -3.11
N ASP G 168 27.61 -7.76 -3.99
CA ASP G 168 28.98 -7.88 -4.46
C ASP G 168 29.95 -7.28 -3.45
N MET G 169 30.68 -8.15 -2.76
CA MET G 169 31.79 -7.72 -1.94
C MET G 169 33.01 -7.70 -2.85
N HIS G 170 33.28 -6.55 -3.42
CA HIS G 170 34.35 -6.40 -4.40
C HIS G 170 34.77 -4.94 -4.40
N MET G 171 35.88 -4.67 -5.07
CA MET G 171 36.52 -3.38 -4.88
C MET G 171 36.98 -3.30 -3.42
N PRO G 172 38.03 -4.02 -3.07
CA PRO G 172 38.71 -3.79 -1.79
C PRO G 172 39.09 -2.32 -1.65
N PRO G 173 38.58 -1.65 -0.64
CA PRO G 173 38.59 -0.18 -0.65
C PRO G 173 39.97 0.36 -0.37
N ASP G 174 40.56 0.93 -1.41
CA ASP G 174 41.84 1.63 -1.30
C ASP G 174 41.61 2.84 -0.42
N ILE G 175 42.21 2.79 0.77
CA ILE G 175 41.82 3.69 1.84
C ILE G 175 42.90 4.72 2.09
N PRO G 176 42.53 5.98 2.30
CA PRO G 176 43.50 6.97 2.77
C PRO G 176 43.77 6.72 4.24
N ASP G 177 45.00 6.97 4.66
CA ASP G 177 45.36 6.95 6.07
C ASP G 177 46.61 7.78 6.23
N ARG G 178 46.44 9.02 6.68
CA ARG G 178 47.56 9.96 6.72
C ARG G 178 47.80 10.53 8.11
N THR G 179 46.97 10.19 9.10
CA THR G 179 47.22 10.67 10.46
C THR G 179 48.27 9.83 11.16
N ILE G 180 48.67 8.71 10.57
CA ILE G 180 49.57 7.76 11.22
C ILE G 180 51.03 8.05 10.90
N LEU G 181 51.30 9.12 10.17
CA LEU G 181 52.65 9.47 9.80
C LEU G 181 53.00 10.83 10.40
N SER G 182 54.14 10.89 11.07
CA SER G 182 54.53 12.08 11.81
C SER G 182 55.95 12.49 11.44
N GLN G 183 56.12 13.75 11.06
CA GLN G 183 57.43 14.23 10.62
C GLN G 183 58.17 14.87 11.78
N GLN G 184 59.20 14.18 12.26
CA GLN G 184 60.15 14.72 13.23
C GLN G 184 61.23 15.45 12.44
N SER G 185 60.86 16.58 11.83
CA SER G 185 61.72 17.72 11.47
C SER G 185 62.74 17.37 10.39
N GLY G 186 63.07 16.11 10.16
CA GLY G 186 63.72 15.62 8.97
C GLY G 186 63.27 14.21 8.65
N ASN G 187 62.41 13.62 9.47
CA ASN G 187 62.01 12.23 9.27
C ASN G 187 60.52 12.05 9.47
N VAL G 188 59.81 11.89 8.36
CA VAL G 188 58.44 11.41 8.43
C VAL G 188 58.47 9.93 8.80
N LYS G 189 58.21 9.64 10.07
CA LYS G 189 58.12 8.28 10.57
C LYS G 189 56.68 7.85 10.45
N ILE G 190 56.44 6.81 9.65
CA ILE G 190 55.13 6.17 9.55
C ILE G 190 55.25 4.82 10.22
N THR G 191 54.69 4.70 11.43
CA THR G 191 54.81 3.49 12.21
C THR G 191 53.87 2.40 11.70
N VAL G 192 53.81 1.30 12.45
CA VAL G 192 52.90 0.22 12.12
C VAL G 192 51.48 0.68 12.34
N ASN G 193 50.60 0.31 11.42
CA ASN G 193 49.20 0.75 11.49
C ASN G 193 48.31 -0.39 11.05
N GLY G 194 47.05 -0.06 10.76
CA GLY G 194 46.08 -1.05 10.33
C GLY G 194 46.13 -1.43 8.86
N ARG G 195 47.25 -1.18 8.20
CA ARG G 195 47.45 -1.61 6.82
C ARG G 195 48.77 -1.08 6.30
N THR G 196 49.18 -1.58 5.14
CA THR G 196 50.38 -1.11 4.46
C THR G 196 50.10 0.27 3.88
N VAL G 197 50.69 1.29 4.49
CA VAL G 197 50.43 2.68 4.15
C VAL G 197 51.44 3.16 3.14
N ARG G 198 50.99 3.37 1.91
CA ARG G 198 51.75 4.06 0.89
C ARG G 198 51.73 5.54 1.24
N TYR G 199 52.93 6.11 1.39
CA TYR G 199 53.07 7.48 1.86
C TYR G 199 53.89 8.27 0.84
N SER G 200 53.32 9.37 0.37
CA SER G 200 53.92 10.20 -0.67
C SER G 200 54.33 11.54 -0.06
N SER G 201 55.63 11.69 0.20
CA SER G 201 56.18 13.01 0.53
C SER G 201 56.29 13.83 -0.75
N SER G 202 56.19 15.15 -0.61
CA SER G 202 56.13 16.05 -1.76
C SER G 202 57.39 16.06 -2.61
N CYS G 203 58.56 15.97 -2.00
CA CYS G 203 59.79 15.76 -2.74
C CYS G 203 60.57 14.68 -2.02
N GLY G 204 61.51 14.07 -2.73
CA GLY G 204 62.30 13.02 -2.14
C GLY G 204 61.68 11.67 -2.37
N SER G 205 62.08 10.71 -1.53
CA SER G 205 61.84 9.29 -1.76
C SER G 205 60.46 8.87 -1.27
N GLN G 206 59.80 9.73 -0.52
CA GLN G 206 58.47 9.42 -0.03
C GLN G 206 57.49 9.44 -1.20
N ALA G 207 57.27 8.28 -1.79
CA ALA G 207 56.18 8.08 -2.72
C ALA G 207 55.34 6.85 -2.39
N VAL G 208 55.97 5.75 -2.01
CA VAL G 208 55.30 4.47 -1.80
C VAL G 208 56.00 3.80 -0.63
N GLY G 209 55.62 2.56 -0.34
CA GLY G 209 56.28 1.85 0.72
C GLY G 209 55.31 1.15 1.64
N THR G 210 55.70 -0.03 2.11
CA THR G 210 54.90 -0.73 3.11
C THR G 210 54.94 0.04 4.42
N THR G 211 53.76 0.43 4.89
CA THR G 211 53.62 1.18 6.13
C THR G 211 52.61 0.45 7.00
N THR G 212 52.69 -0.88 7.01
CA THR G 212 52.08 -1.69 8.07
C THR G 212 53.15 -1.87 9.14
N THR G 213 54.33 -1.32 8.88
CA THR G 213 55.41 -1.20 9.83
C THR G 213 55.93 0.23 9.75
N ASP G 214 57.09 0.47 10.37
CA ASP G 214 57.66 1.81 10.43
C ASP G 214 58.54 2.08 9.23
N LYS G 215 58.58 3.34 8.80
CA LYS G 215 59.52 3.80 7.80
C LYS G 215 59.74 5.29 8.01
N THR G 216 61.00 5.68 8.02
CA THR G 216 61.36 7.09 8.11
C THR G 216 61.40 7.66 6.70
N ILE G 217 61.24 8.97 6.59
CA ILE G 217 61.23 9.65 5.30
C ILE G 217 62.06 10.91 5.47
N ASN G 218 63.09 11.07 4.64
CA ASN G 218 64.01 12.18 4.72
C ASN G 218 63.31 13.50 4.39
N SER G 219 63.63 14.52 5.18
CA SER G 219 63.03 15.85 5.01
C SER G 219 61.56 15.84 5.37
N CYS G 220 61.24 15.24 6.50
CA CYS G 220 59.87 15.11 6.96
C CYS G 220 59.40 16.46 7.49
N THR G 221 58.41 17.02 6.80
CA THR G 221 57.72 18.24 7.20
C THR G 221 56.23 17.95 7.21
N VAL G 222 55.46 18.88 7.77
CA VAL G 222 54.03 18.65 7.93
C VAL G 222 53.30 18.75 6.59
N ASP G 223 53.86 19.51 5.66
CA ASP G 223 53.22 19.67 4.36
C ASP G 223 53.65 18.56 3.39
N LYS G 224 54.66 17.78 3.78
CA LYS G 224 55.27 16.87 2.82
C LYS G 224 54.44 15.61 2.55
N CYS G 225 54.20 14.80 3.56
CA CYS G 225 53.67 13.45 3.36
C CYS G 225 52.15 13.44 3.26
N GLN G 226 51.66 12.59 2.37
CA GLN G 226 50.25 12.25 2.29
C GLN G 226 50.16 10.73 2.44
N ALA G 227 49.15 10.25 3.14
CA ALA G 227 49.09 8.84 3.50
C ALA G 227 47.93 8.12 2.81
N TYR G 228 48.10 6.82 2.63
CA TYR G 228 47.04 5.96 2.17
C TYR G 228 47.33 4.56 2.68
N VAL G 229 46.29 3.75 2.82
CA VAL G 229 46.42 2.39 3.33
C VAL G 229 45.86 1.42 2.31
N THR G 230 46.67 0.47 1.88
CA THR G 230 46.28 -0.54 0.91
C THR G 230 46.50 -1.93 1.51
N SER G 231 45.41 -2.69 1.57
CA SER G 231 45.39 -4.00 2.22
C SER G 231 44.51 -4.94 1.43
N HIS G 232 44.19 -6.07 2.05
CA HIS G 232 43.40 -7.10 1.39
C HIS G 232 42.43 -7.70 2.39
N THR G 233 41.78 -8.79 1.97
CA THR G 233 40.75 -9.45 2.77
C THR G 233 39.52 -8.57 2.88
N LYS G 234 39.25 -7.84 1.79
CA LYS G 234 38.21 -6.84 1.79
C LYS G 234 37.62 -6.75 0.39
N TRP G 235 36.31 -6.58 0.36
CA TRP G 235 35.59 -6.19 -0.84
C TRP G 235 34.56 -5.17 -0.36
N GLN G 236 34.19 -4.25 -1.23
CA GLN G 236 33.39 -3.11 -0.82
C GLN G 236 31.96 -3.54 -0.55
N PHE G 237 31.30 -2.78 0.33
CA PHE G 237 29.89 -3.02 0.60
C PHE G 237 29.11 -2.58 -0.64
N ASN G 238 29.08 -1.28 -0.89
CA ASN G 238 28.54 -0.78 -2.15
C ASN G 238 29.41 0.35 -2.68
N SER G 239 30.30 0.85 -1.85
CA SER G 239 30.82 2.19 -2.07
C SER G 239 29.66 3.16 -1.86
N PRO G 240 28.94 3.03 -0.76
CA PRO G 240 27.84 3.95 -0.49
C PRO G 240 28.37 5.31 -0.06
N PHE G 241 29.46 5.31 0.70
CA PHE G 241 30.19 6.54 0.93
C PHE G 241 31.52 6.42 0.21
N VAL G 242 32.31 5.43 0.59
CA VAL G 242 33.08 4.53 -0.27
C VAL G 242 33.63 5.14 -1.55
N PRO G 243 34.63 6.00 -1.50
CA PRO G 243 35.31 6.40 -2.74
C PRO G 243 35.92 5.17 -3.41
N ARG G 244 35.74 5.08 -4.73
CA ARG G 244 36.08 3.88 -5.47
C ARG G 244 37.59 3.78 -5.61
N ARG G 245 38.25 3.44 -4.51
CA ARG G 245 39.70 3.53 -4.41
C ARG G 245 40.34 2.23 -4.87
N MET G 246 39.51 1.23 -5.15
CA MET G 246 39.99 0.09 -5.91
C MET G 246 40.07 0.54 -7.36
N GLN G 247 40.93 -0.09 -8.14
CA GLN G 247 41.00 0.20 -9.56
C GLN G 247 39.81 -0.35 -10.33
N ALA G 248 39.36 -1.56 -9.98
CA ALA G 248 38.15 -2.14 -10.56
C ALA G 248 37.57 -3.06 -9.50
N GLU G 249 36.24 -3.16 -9.48
CA GLU G 249 35.56 -3.99 -8.49
C GLU G 249 35.75 -5.45 -8.83
N ARG G 250 36.14 -6.23 -7.82
CA ARG G 250 36.34 -7.66 -8.02
C ARG G 250 35.29 -8.36 -7.19
N LYS G 251 34.09 -8.42 -7.75
CA LYS G 251 32.88 -8.64 -6.98
C LYS G 251 32.77 -10.11 -6.60
N GLY G 252 33.17 -10.41 -5.37
CA GLY G 252 32.82 -11.64 -4.72
C GLY G 252 31.37 -11.54 -4.26
N LYS G 253 30.86 -12.63 -3.72
CA LYS G 253 29.46 -12.65 -3.37
C LYS G 253 29.32 -12.72 -1.86
N VAL G 254 28.26 -12.11 -1.37
CA VAL G 254 27.74 -12.37 -0.03
C VAL G 254 26.25 -12.59 -0.21
N HIS G 255 25.80 -13.80 0.08
CA HIS G 255 24.42 -14.17 -0.14
C HIS G 255 23.53 -13.43 0.84
N ILE G 256 22.67 -12.57 0.31
CA ILE G 256 21.78 -11.73 1.10
C ILE G 256 20.78 -12.64 1.79
N PRO G 257 20.89 -12.85 3.09
CA PRO G 257 20.04 -13.84 3.77
C PRO G 257 18.63 -13.32 3.97
N PHE G 258 17.79 -14.20 4.50
CA PHE G 258 16.37 -13.91 4.67
C PHE G 258 15.70 -13.73 3.32
N PRO G 259 15.57 -14.78 2.52
CA PRO G 259 14.85 -14.64 1.25
C PRO G 259 13.36 -14.50 1.49
N LEU G 260 12.65 -14.04 0.46
CA LEU G 260 11.22 -13.83 0.58
C LEU G 260 10.46 -15.09 0.18
N ILE G 261 9.34 -15.33 0.83
CA ILE G 261 8.43 -16.42 0.50
C ILE G 261 7.00 -15.91 0.66
N ASN G 262 6.08 -16.48 -0.10
CA ASN G 262 4.68 -16.10 0.02
C ASN G 262 4.04 -16.97 1.09
N THR G 263 3.78 -16.40 2.27
CA THR G 263 3.15 -17.10 3.38
C THR G 263 1.70 -16.67 3.49
N THR G 264 1.05 -17.10 4.56
CA THR G 264 -0.33 -16.71 4.78
C THR G 264 -0.52 -16.07 6.14
N CYS G 265 -1.02 -14.83 6.14
CA CYS G 265 -1.21 -14.06 7.35
C CYS G 265 -2.66 -14.12 7.77
N ARG G 266 -2.87 -14.08 9.09
CA ARG G 266 -4.19 -14.24 9.68
C ARG G 266 -4.86 -12.87 9.74
N VAL G 267 -5.90 -12.67 8.96
CA VAL G 267 -6.51 -11.35 8.84
C VAL G 267 -7.69 -11.24 9.79
N PRO G 268 -8.08 -10.03 10.20
CA PRO G 268 -9.23 -9.91 11.11
C PRO G 268 -10.53 -9.77 10.33
N LEU G 269 -11.50 -10.60 10.70
CA LEU G 269 -12.83 -10.51 10.13
C LEU G 269 -13.80 -9.92 11.17
N ALA G 270 -14.46 -8.85 10.79
CA ALA G 270 -15.24 -8.08 11.76
C ALA G 270 -16.65 -8.64 11.83
N PRO G 271 -17.46 -8.22 12.81
CA PRO G 271 -18.88 -8.57 12.81
C PRO G 271 -19.56 -8.03 11.57
N GLU G 272 -20.37 -8.88 10.94
CA GLU G 272 -20.66 -8.69 9.53
C GLU G 272 -21.62 -7.54 9.28
N ALA G 273 -22.88 -7.70 9.68
CA ALA G 273 -23.81 -6.60 9.49
C ALA G 273 -25.23 -6.99 9.87
N LEU G 274 -26.14 -6.01 9.86
CA LEU G 274 -27.56 -6.28 9.81
C LEU G 274 -28.09 -5.77 8.48
N VAL G 275 -29.02 -6.50 7.88
CA VAL G 275 -29.57 -6.14 6.58
C VAL G 275 -31.06 -5.89 6.74
N ARG G 276 -31.49 -4.67 6.43
CA ARG G 276 -32.90 -4.30 6.48
C ARG G 276 -33.35 -4.07 5.05
N SER G 277 -34.34 -4.82 4.61
CA SER G 277 -34.74 -4.76 3.21
C SER G 277 -35.96 -3.86 3.03
N GLY G 278 -35.90 -3.02 2.00
CA GLY G 278 -37.02 -2.19 1.64
C GLY G 278 -37.38 -2.41 0.19
N LYS G 279 -38.23 -1.54 -0.37
CA LYS G 279 -38.66 -1.72 -1.75
C LYS G 279 -37.52 -1.35 -2.69
N ARG G 280 -36.72 -2.35 -3.05
CA ARG G 280 -35.62 -2.16 -3.99
C ARG G 280 -34.37 -1.57 -3.33
N GLU G 281 -34.42 -1.30 -2.04
CA GLU G 281 -33.28 -0.72 -1.35
C GLU G 281 -33.01 -1.47 -0.06
N ALA G 282 -31.73 -1.60 0.28
CA ALA G 282 -31.33 -2.30 1.48
C ALA G 282 -30.45 -1.40 2.34
N THR G 283 -30.61 -1.52 3.65
CA THR G 283 -29.82 -0.76 4.60
C THR G 283 -28.99 -1.74 5.42
N LEU G 284 -27.69 -1.70 5.21
CA LEU G 284 -26.74 -2.51 5.96
C LEU G 284 -26.29 -1.67 7.14
N SER G 285 -26.70 -2.07 8.33
CA SER G 285 -26.19 -1.50 9.56
C SER G 285 -24.86 -2.18 9.86
N LEU G 286 -23.79 -1.40 9.77
CA LEU G 286 -22.45 -1.87 10.04
C LEU G 286 -22.07 -1.43 11.44
N HIS G 287 -21.83 -2.35 12.26
CA HIS G 287 -21.14 -2.02 13.48
C HIS G 287 -19.69 -1.74 13.16
N PRO G 288 -19.08 -0.78 13.81
CA PRO G 288 -17.69 -0.44 13.47
C PRO G 288 -16.70 -1.42 14.07
N ILE G 289 -15.58 -1.61 13.37
CA ILE G 289 -14.44 -2.39 13.83
C ILE G 289 -13.27 -1.46 13.62
N HIS G 290 -12.05 -1.97 13.73
CA HIS G 290 -10.91 -1.28 13.14
C HIS G 290 -11.22 -1.08 11.66
N PRO G 291 -10.95 0.12 11.09
CA PRO G 291 -11.68 0.61 9.89
C PRO G 291 -11.70 -0.28 8.66
N THR G 292 -12.91 -0.63 8.20
CA THR G 292 -13.08 -1.72 7.26
C THR G 292 -13.83 -1.25 6.02
N LEU G 293 -13.45 -1.77 4.86
CA LEU G 293 -13.99 -1.32 3.59
C LEU G 293 -15.16 -2.20 3.18
N LEU G 294 -16.37 -1.63 3.19
CA LEU G 294 -17.55 -2.33 2.73
C LEU G 294 -17.81 -1.95 1.28
N SER G 295 -18.02 -2.95 0.44
CA SER G 295 -18.19 -2.74 -0.99
C SER G 295 -19.50 -3.37 -1.44
N TYR G 296 -20.39 -2.55 -1.98
CA TYR G 296 -21.66 -3.00 -2.51
C TYR G 296 -21.70 -2.70 -4.00
N ARG G 297 -21.82 -3.75 -4.80
CA ARG G 297 -21.87 -3.61 -6.24
C ARG G 297 -23.18 -4.20 -6.72
N THR G 298 -23.86 -3.46 -7.58
CA THR G 298 -25.15 -3.90 -8.10
C THR G 298 -24.87 -4.94 -9.16
N PHE G 299 -25.23 -6.19 -8.85
CA PHE G 299 -24.88 -7.32 -9.69
C PHE G 299 -25.82 -7.36 -10.90
N GLY G 300 -25.25 -7.27 -12.08
CA GLY G 300 -26.04 -7.32 -13.30
C GLY G 300 -25.39 -6.57 -14.45
N ALA G 301 -26.13 -5.65 -15.05
CA ALA G 301 -25.63 -4.84 -16.16
C ALA G 301 -24.75 -3.71 -15.64
N GLU G 302 -24.52 -2.71 -16.50
CA GLU G 302 -23.75 -1.55 -16.10
C GLU G 302 -24.46 -0.81 -14.98
N ARG G 303 -23.91 -0.93 -13.77
CA ARG G 303 -24.63 -0.58 -12.57
C ARG G 303 -23.72 0.06 -11.54
N VAL G 304 -24.32 0.79 -10.61
CA VAL G 304 -23.59 1.52 -9.58
C VAL G 304 -22.85 0.55 -8.67
N PHE G 305 -21.56 0.82 -8.47
CA PHE G 305 -20.76 0.02 -7.55
C PHE G 305 -20.09 1.01 -6.63
N ASP G 306 -20.42 0.94 -5.34
CA ASP G 306 -19.83 1.83 -4.37
C ASP G 306 -18.99 1.00 -3.41
N GLU G 307 -17.88 1.58 -2.97
CA GLU G 307 -17.01 0.94 -2.00
C GLU G 307 -16.52 2.04 -1.06
N GLN G 308 -16.77 1.88 0.23
CA GLN G 308 -16.40 2.90 1.20
C GLN G 308 -15.63 2.24 2.33
N TRP G 309 -14.47 2.80 2.65
CA TRP G 309 -13.75 2.38 3.84
C TRP G 309 -14.47 2.94 5.05
N ILE G 310 -15.48 2.23 5.52
CA ILE G 310 -16.33 2.71 6.60
C ILE G 310 -15.54 2.62 7.89
N THR G 311 -15.77 3.60 8.78
CA THR G 311 -14.99 3.67 10.02
C THR G 311 -15.84 4.06 11.22
N ALA G 312 -17.13 3.74 11.21
CA ALA G 312 -17.99 4.05 12.35
C ALA G 312 -19.33 3.33 12.14
N GLN G 313 -19.89 2.83 13.23
CA GLN G 313 -21.09 2.02 13.19
C GLN G 313 -22.28 2.86 12.75
N THR G 314 -22.71 2.62 11.51
CA THR G 314 -23.74 3.43 10.87
C THR G 314 -24.55 2.52 9.96
N GLU G 315 -25.29 3.12 9.04
CA GLU G 315 -26.12 2.35 8.13
C GLU G 315 -25.94 2.89 6.73
N VAL G 316 -25.46 2.04 5.84
CA VAL G 316 -25.26 2.39 4.43
C VAL G 316 -26.39 1.75 3.64
N THR G 317 -27.02 2.52 2.78
CA THR G 317 -28.12 1.98 1.98
C THR G 317 -27.59 1.47 0.65
N ILE G 318 -27.25 0.19 0.61
CA ILE G 318 -26.89 -0.45 -0.65
C ILE G 318 -28.21 -0.66 -1.38
N PRO G 319 -28.43 -0.01 -2.52
CA PRO G 319 -29.70 -0.20 -3.23
C PRO G 319 -29.76 -1.59 -3.84
N VAL G 320 -30.88 -2.28 -3.60
CA VAL G 320 -30.97 -3.68 -3.99
C VAL G 320 -31.85 -3.76 -5.23
N PRO G 321 -31.28 -3.58 -6.42
CA PRO G 321 -32.12 -3.53 -7.63
C PRO G 321 -32.74 -4.86 -8.02
N VAL G 322 -33.49 -4.86 -9.13
CA VAL G 322 -34.18 -6.06 -9.57
C VAL G 322 -33.21 -7.14 -10.00
N GLU G 323 -32.05 -6.74 -10.49
CA GLU G 323 -30.97 -7.69 -10.69
C GLU G 323 -30.31 -8.11 -9.38
N GLY G 324 -30.46 -7.32 -8.33
CA GLY G 324 -29.85 -7.67 -7.07
C GLY G 324 -28.40 -7.22 -6.99
N VAL G 325 -28.03 -6.68 -5.84
CA VAL G 325 -26.69 -6.18 -5.62
C VAL G 325 -25.86 -7.27 -4.97
N GLU G 326 -24.53 -7.12 -5.07
CA GLU G 326 -23.61 -7.95 -4.31
C GLU G 326 -22.90 -7.02 -3.35
N TYR G 327 -23.07 -7.26 -2.05
CA TYR G 327 -22.60 -6.36 -1.02
C TYR G 327 -21.63 -7.09 -0.13
N GLN G 328 -20.34 -6.90 -0.36
CA GLN G 328 -19.28 -7.44 0.47
C GLN G 328 -18.91 -6.36 1.47
N TRP G 329 -19.32 -6.57 2.73
CA TRP G 329 -19.15 -5.59 3.80
C TRP G 329 -17.93 -5.98 4.61
N GLY G 330 -16.76 -5.62 4.12
CA GLY G 330 -15.55 -5.95 4.84
C GLY G 330 -14.96 -7.25 4.36
N ASN G 331 -14.01 -7.78 5.13
CA ASN G 331 -13.21 -8.94 4.74
C ASN G 331 -13.95 -10.26 4.86
N HIS G 332 -15.27 -10.24 5.10
CA HIS G 332 -16.05 -11.45 5.02
C HIS G 332 -16.24 -11.87 3.56
N LYS G 333 -16.91 -13.00 3.36
CA LYS G 333 -17.15 -13.50 2.02
C LYS G 333 -18.18 -12.60 1.33
N PRO G 334 -18.19 -12.55 0.00
CA PRO G 334 -19.12 -11.66 -0.72
C PRO G 334 -20.58 -12.11 -0.69
N GLN G 335 -21.29 -11.90 0.41
CA GLN G 335 -22.71 -12.24 0.47
C GLN G 335 -23.50 -11.32 -0.46
N ARG G 336 -23.99 -11.87 -1.57
CA ARG G 336 -24.81 -11.11 -2.49
C ARG G 336 -26.24 -11.06 -2.00
N PHE G 337 -27.11 -10.40 -2.76
CA PHE G 337 -28.50 -10.27 -2.37
C PHE G 337 -29.36 -10.32 -3.61
N VAL G 338 -30.52 -10.96 -3.48
CA VAL G 338 -31.55 -10.97 -4.50
C VAL G 338 -32.74 -10.23 -3.93
N VAL G 339 -33.57 -9.69 -4.82
CA VAL G 339 -34.65 -8.79 -4.43
C VAL G 339 -35.73 -9.58 -3.71
N ALA G 340 -35.76 -9.45 -2.38
CA ALA G 340 -36.69 -10.18 -1.55
C ALA G 340 -36.22 -10.05 -0.11
N SER H 1 22.20 -55.06 -20.28
CA SER H 1 22.81 -55.37 -21.56
C SER H 1 22.32 -54.42 -22.64
N THR H 2 23.08 -53.34 -22.85
CA THR H 2 22.70 -52.33 -23.83
C THR H 2 23.76 -52.17 -24.91
N ALA H 3 25.03 -52.05 -24.50
CA ALA H 3 26.12 -51.92 -25.47
C ALA H 3 26.26 -53.20 -26.27
N ASN H 4 26.55 -54.31 -25.59
CA ASN H 4 26.07 -55.59 -26.05
C ASN H 4 24.60 -55.59 -25.64
N HIS H 5 23.74 -55.25 -26.60
CA HIS H 5 22.30 -55.13 -26.32
C HIS H 5 21.64 -56.49 -26.16
N PHE H 6 22.39 -57.56 -26.43
CA PHE H 6 21.86 -58.91 -26.31
C PHE H 6 21.57 -59.30 -24.87
N ASN H 7 22.06 -58.53 -23.89
CA ASN H 7 21.68 -58.79 -22.50
C ASN H 7 20.19 -58.53 -22.27
N ALA H 8 19.75 -57.31 -22.61
CA ALA H 8 18.33 -57.01 -22.53
C ALA H 8 17.55 -57.81 -23.57
N TYR H 9 18.19 -58.15 -24.69
CA TYR H 9 17.49 -58.91 -25.73
C TYR H 9 17.26 -60.35 -25.29
N LYS H 10 18.23 -60.95 -24.59
CA LYS H 10 18.17 -62.37 -24.29
C LYS H 10 17.64 -62.59 -22.89
N LEU H 11 17.37 -61.51 -22.15
CA LEU H 11 16.50 -61.63 -20.99
C LEU H 11 15.14 -62.19 -21.38
N THR H 12 14.67 -61.88 -22.58
CA THR H 12 13.54 -62.56 -23.20
C THR H 12 14.01 -63.62 -24.18
N ARG H 13 13.42 -64.81 -24.08
CA ARG H 13 13.67 -65.87 -25.03
C ARG H 13 13.07 -65.49 -26.38
N PRO H 14 13.90 -65.15 -27.37
CA PRO H 14 13.36 -64.72 -28.67
C PRO H 14 12.80 -65.89 -29.44
N TYR H 15 11.48 -66.01 -29.47
CA TYR H 15 10.83 -67.22 -29.94
C TYR H 15 10.08 -66.90 -31.23
N VAL H 16 9.58 -67.96 -31.88
CA VAL H 16 8.99 -67.89 -33.21
C VAL H 16 7.58 -67.35 -33.10
N ALA H 17 6.97 -67.06 -34.24
CA ALA H 17 5.63 -66.46 -34.28
C ALA H 17 4.87 -67.00 -35.47
N TYR H 18 3.54 -66.94 -35.39
CA TYR H 18 2.65 -67.60 -36.34
C TYR H 18 2.42 -66.72 -37.56
N CYS H 19 3.17 -66.99 -38.62
CA CYS H 19 2.91 -66.40 -39.93
C CYS H 19 1.91 -67.29 -40.64
N ALA H 20 0.93 -66.67 -41.28
CA ALA H 20 -0.09 -67.41 -41.98
C ALA H 20 0.26 -67.71 -43.43
N ASP H 21 1.06 -66.88 -44.07
CA ASP H 21 1.39 -67.05 -45.48
C ASP H 21 2.88 -66.87 -45.66
N CYS H 22 3.55 -67.92 -46.18
CA CYS H 22 4.99 -67.85 -46.38
C CYS H 22 5.47 -68.47 -47.68
N GLY H 23 4.83 -68.24 -48.83
CA GLY H 23 5.17 -69.06 -49.96
C GLY H 23 4.02 -69.79 -50.64
N MET H 24 2.89 -69.11 -50.76
CA MET H 24 1.72 -69.66 -51.44
C MET H 24 0.94 -70.67 -50.60
N GLY H 25 0.71 -70.32 -49.33
CA GLY H 25 -0.31 -70.99 -48.55
C GLY H 25 0.08 -71.34 -47.14
N HIS H 26 1.35 -71.68 -46.93
CA HIS H 26 1.76 -72.17 -45.62
C HIS H 26 2.31 -71.04 -44.77
N SER H 27 2.00 -71.10 -43.47
CA SER H 27 2.61 -70.22 -42.50
C SER H 27 2.32 -70.76 -41.11
N CYS H 28 3.39 -71.06 -40.38
CA CYS H 28 3.26 -71.64 -39.05
C CYS H 28 3.99 -70.72 -38.08
N HIS H 29 4.24 -71.23 -36.89
CA HIS H 29 4.95 -70.46 -35.86
C HIS H 29 6.45 -70.43 -36.17
N SER H 30 6.82 -69.83 -37.29
CA SER H 30 8.18 -69.89 -37.79
C SER H 30 8.89 -68.60 -37.42
N PRO H 31 10.14 -68.45 -37.85
CA PRO H 31 10.79 -67.14 -37.75
C PRO H 31 10.43 -66.22 -38.90
N ALA H 32 9.59 -66.66 -39.83
CA ALA H 32 9.29 -65.88 -41.02
C ALA H 32 8.04 -65.04 -40.82
N MET H 33 7.72 -64.76 -39.55
CA MET H 33 6.61 -63.86 -39.26
C MET H 33 7.11 -62.43 -39.22
N ILE H 34 6.43 -61.54 -39.93
CA ILE H 34 6.68 -60.11 -39.86
C ILE H 34 5.64 -59.54 -38.92
N GLU H 35 6.06 -59.18 -37.71
CA GLU H 35 5.13 -58.68 -36.71
C GLU H 35 4.62 -57.29 -37.05
N ASN H 36 5.52 -56.36 -37.38
CA ASN H 36 5.07 -55.02 -37.72
C ASN H 36 6.21 -54.32 -38.46
N ILE H 37 5.86 -53.65 -39.54
CA ILE H 37 6.84 -52.94 -40.36
C ILE H 37 6.46 -51.48 -40.35
N GLN H 38 7.24 -50.68 -39.62
CA GLN H 38 6.93 -49.27 -39.46
C GLN H 38 8.12 -48.47 -39.96
N ALA H 39 7.85 -47.41 -40.73
CA ALA H 39 8.92 -46.56 -41.25
C ALA H 39 8.51 -45.10 -41.01
N ASP H 40 8.87 -44.58 -39.85
CA ASP H 40 8.57 -43.20 -39.51
C ASP H 40 9.77 -42.35 -39.88
N ALA H 41 9.87 -41.97 -41.15
CA ALA H 41 11.01 -41.17 -41.55
C ALA H 41 10.87 -40.65 -42.98
N THR H 42 11.37 -39.45 -43.22
CA THR H 42 11.37 -38.89 -44.56
C THR H 42 12.62 -39.33 -45.31
N ASP H 43 13.45 -40.16 -44.69
CA ASP H 43 14.64 -40.68 -45.32
C ASP H 43 14.42 -41.99 -46.05
N GLY H 44 13.26 -42.62 -45.90
CA GLY H 44 13.00 -43.85 -46.60
C GLY H 44 13.73 -45.05 -46.03
N THR H 45 13.39 -45.42 -44.79
CA THR H 45 13.93 -46.61 -44.15
C THR H 45 12.76 -47.44 -43.67
N LEU H 46 12.87 -48.76 -43.82
CA LEU H 46 11.88 -49.68 -43.29
C LEU H 46 12.40 -50.29 -41.99
N LYS H 47 11.62 -50.17 -40.93
CA LYS H 47 11.89 -50.84 -39.68
C LYS H 47 10.84 -51.93 -39.51
N ILE H 48 11.22 -53.17 -39.80
CA ILE H 48 10.31 -54.30 -39.67
C ILE H 48 10.55 -54.97 -38.33
N GLN H 49 9.51 -55.60 -37.80
CA GLN H 49 9.62 -56.44 -36.61
C GLN H 49 9.72 -57.89 -37.07
N PHE H 50 10.80 -58.55 -36.71
CA PHE H 50 11.05 -59.92 -37.16
C PHE H 50 10.76 -60.86 -36.00
N ALA H 51 10.36 -62.07 -36.35
CA ALA H 51 9.87 -63.03 -35.35
C ALA H 51 10.97 -63.50 -34.41
N SER H 52 12.14 -63.85 -34.93
CA SER H 52 13.23 -64.27 -34.07
C SER H 52 14.01 -63.06 -33.57
N GLN H 53 14.78 -63.26 -32.51
CA GLN H 53 15.61 -62.22 -31.94
C GLN H 53 16.97 -62.30 -32.64
N ILE H 54 17.03 -61.78 -33.86
CA ILE H 54 18.20 -61.91 -34.73
C ILE H 54 19.32 -61.05 -34.15
N GLY H 55 20.50 -61.63 -34.01
CA GLY H 55 21.64 -60.96 -33.44
C GLY H 55 22.15 -61.55 -32.15
N LEU H 56 21.30 -62.23 -31.39
CA LEU H 56 21.69 -62.83 -30.11
C LEU H 56 22.00 -64.29 -30.38
N THR H 57 23.10 -64.79 -29.81
CA THR H 57 23.52 -66.16 -30.05
C THR H 57 22.71 -67.12 -29.18
N LYS H 58 23.19 -68.36 -29.10
CA LYS H 58 22.56 -69.34 -28.21
C LYS H 58 22.67 -68.92 -26.76
N THR H 59 23.79 -68.30 -26.38
CA THR H 59 23.92 -67.65 -25.09
C THR H 59 23.47 -66.20 -25.13
N ASP H 60 22.98 -65.74 -26.27
CA ASP H 60 22.53 -64.36 -26.43
C ASP H 60 23.71 -63.39 -26.40
N THR H 61 24.84 -63.85 -26.92
CA THR H 61 26.02 -63.01 -27.01
C THR H 61 25.81 -61.97 -28.11
N HIS H 62 26.55 -60.87 -28.00
CA HIS H 62 26.52 -59.89 -29.07
C HIS H 62 27.26 -60.48 -30.27
N ASP H 63 26.48 -61.07 -31.17
CA ASP H 63 27.05 -61.91 -32.21
C ASP H 63 26.77 -61.24 -33.54
N HIS H 64 27.83 -60.76 -34.20
CA HIS H 64 27.68 -60.25 -35.55
C HIS H 64 27.25 -61.34 -36.52
N THR H 65 27.69 -62.57 -36.30
CA THR H 65 27.20 -63.69 -37.09
C THR H 65 25.87 -64.23 -36.59
N LYS H 66 25.37 -63.74 -35.47
CA LYS H 66 24.22 -64.35 -34.80
C LYS H 66 22.91 -63.93 -35.46
N ILE H 67 21.99 -64.88 -35.54
CA ILE H 67 20.59 -64.61 -35.85
C ILE H 67 19.76 -65.57 -35.01
N ARG H 68 19.25 -65.07 -33.88
CA ARG H 68 18.58 -65.92 -32.90
C ARG H 68 17.14 -66.12 -33.32
N TYR H 69 16.86 -67.27 -33.89
CA TYR H 69 15.52 -67.57 -34.36
C TYR H 69 14.98 -68.70 -33.50
N ALA H 70 13.82 -69.20 -33.89
CA ALA H 70 13.15 -70.20 -33.08
C ALA H 70 13.11 -71.51 -33.85
N GLU H 71 12.97 -72.61 -33.12
CA GLU H 71 12.63 -73.91 -33.66
C GLU H 71 11.54 -74.48 -32.75
N GLY H 72 11.29 -75.79 -32.84
CA GLY H 72 10.54 -76.47 -31.81
C GLY H 72 11.23 -76.35 -30.46
N HIS H 73 12.55 -76.42 -30.47
CA HIS H 73 13.38 -76.00 -29.34
C HIS H 73 13.75 -74.54 -29.55
N ASP H 74 13.89 -73.79 -28.46
CA ASP H 74 14.09 -72.34 -28.47
C ASP H 74 15.27 -71.83 -29.27
N ILE H 75 16.38 -72.57 -29.28
CA ILE H 75 17.60 -72.07 -29.91
C ILE H 75 17.62 -72.43 -31.39
N ALA H 76 16.95 -71.62 -32.21
CA ALA H 76 17.00 -71.83 -33.64
C ALA H 76 18.01 -70.88 -34.27
N GLU H 77 19.29 -71.17 -34.00
CA GLU H 77 20.40 -70.30 -34.35
C GLU H 77 20.62 -70.29 -35.85
N ALA H 78 20.88 -69.09 -36.38
CA ALA H 78 21.12 -68.93 -37.80
C ALA H 78 22.23 -67.91 -38.00
N ALA H 79 22.72 -67.85 -39.24
CA ALA H 79 23.77 -66.91 -39.62
C ALA H 79 23.15 -65.53 -39.66
N ARG H 80 23.85 -64.55 -39.07
CA ARG H 80 23.39 -63.17 -39.15
C ARG H 80 23.55 -62.60 -40.54
N SER H 81 24.51 -63.12 -41.31
CA SER H 81 24.76 -62.59 -42.64
C SER H 81 23.82 -63.16 -43.67
N THR H 82 23.30 -64.37 -43.47
CA THR H 82 22.52 -65.05 -44.49
C THR H 82 21.12 -64.49 -44.68
N LEU H 83 20.69 -63.57 -43.83
CA LEU H 83 19.34 -63.02 -43.90
C LEU H 83 19.23 -62.11 -45.11
N LYS H 84 18.07 -62.14 -45.76
CA LYS H 84 17.82 -61.36 -46.97
C LYS H 84 16.44 -60.73 -46.91
N VAL H 85 16.37 -59.45 -47.25
CA VAL H 85 15.12 -58.73 -47.39
C VAL H 85 14.99 -58.31 -48.85
N HIS H 86 13.78 -58.41 -49.40
CA HIS H 86 13.54 -58.09 -50.80
C HIS H 86 12.17 -57.42 -50.89
N SER H 87 12.14 -56.15 -51.30
CA SER H 87 10.87 -55.48 -51.52
C SER H 87 10.34 -55.77 -52.92
N SER H 88 11.06 -55.32 -53.93
CA SER H 88 10.88 -55.80 -55.29
C SER H 88 12.22 -56.30 -55.82
N SER H 89 13.30 -55.77 -55.28
CA SER H 89 14.64 -56.31 -55.39
C SER H 89 15.18 -56.34 -53.96
N GLU H 90 16.39 -56.85 -53.81
CA GLU H 90 16.99 -57.04 -52.50
C GLU H 90 17.28 -55.68 -51.86
N CYS H 91 16.45 -55.29 -50.91
CA CYS H 91 16.61 -54.02 -50.23
C CYS H 91 17.81 -54.06 -49.29
N THR H 92 18.53 -52.95 -49.24
CA THR H 92 19.78 -52.87 -48.50
C THR H 92 19.51 -52.84 -47.00
N VAL H 93 19.95 -53.89 -46.31
CA VAL H 93 19.71 -53.96 -44.88
C VAL H 93 20.68 -53.06 -44.13
N THR H 94 20.18 -52.43 -43.07
CA THR H 94 21.02 -51.59 -42.25
C THR H 94 21.47 -52.23 -40.94
N GLY H 95 20.61 -52.88 -40.19
CA GLY H 95 21.00 -53.42 -38.90
C GLY H 95 19.87 -54.21 -38.28
N THR H 96 20.20 -54.83 -37.15
CA THR H 96 19.25 -55.70 -36.47
C THR H 96 19.45 -55.58 -34.97
N MET H 97 18.37 -55.31 -34.25
CA MET H 97 18.38 -55.30 -32.80
C MET H 97 17.25 -56.22 -32.37
N GLY H 98 17.61 -57.47 -32.08
CA GLY H 98 16.64 -58.43 -31.58
C GLY H 98 15.61 -58.78 -32.63
N HIS H 99 14.35 -58.49 -32.32
CA HIS H 99 13.28 -58.69 -33.26
C HIS H 99 13.10 -57.52 -34.21
N PHE H 100 13.84 -56.43 -34.05
CA PHE H 100 13.65 -55.23 -34.86
C PHE H 100 14.76 -55.14 -35.90
N ILE H 101 14.42 -55.40 -37.16
CA ILE H 101 15.38 -55.25 -38.24
C ILE H 101 15.09 -53.95 -39.00
N LEU H 102 16.12 -53.34 -39.54
CA LEU H 102 16.00 -52.05 -40.20
C LEU H 102 16.84 -52.07 -41.47
N ALA H 103 16.27 -51.57 -42.56
CA ALA H 103 16.97 -51.57 -43.84
C ALA H 103 16.35 -50.51 -44.74
N LYS H 104 16.80 -50.46 -45.98
CA LYS H 104 16.22 -49.58 -46.98
C LYS H 104 15.97 -50.38 -48.26
N CYS H 105 14.77 -50.25 -48.81
CA CYS H 105 14.38 -51.02 -49.99
C CYS H 105 13.77 -50.11 -51.03
N PRO H 106 13.68 -50.57 -52.27
CA PRO H 106 13.09 -49.74 -53.34
C PRO H 106 11.57 -49.73 -53.23
N PRO H 107 10.89 -49.03 -54.13
CA PRO H 107 9.42 -48.98 -54.06
C PRO H 107 8.79 -50.31 -54.42
N GLY H 108 7.79 -50.70 -53.63
CA GLY H 108 7.15 -52.01 -53.81
C GLY H 108 5.84 -52.20 -53.08
N GLU H 109 5.23 -53.38 -53.25
CA GLU H 109 3.94 -53.68 -52.63
C GLU H 109 4.04 -54.61 -51.42
N ARG H 110 5.21 -55.20 -51.17
CA ARG H 110 5.39 -56.08 -50.01
C ARG H 110 6.86 -56.28 -49.76
N ILE H 111 7.18 -56.75 -48.56
CA ILE H 111 8.56 -57.00 -48.14
C ILE H 111 8.68 -58.47 -47.80
N SER H 112 9.69 -59.14 -48.34
CA SER H 112 9.93 -60.55 -48.10
C SER H 112 11.23 -60.73 -47.35
N VAL H 113 11.18 -61.49 -46.25
CA VAL H 113 12.34 -61.80 -45.43
C VAL H 113 12.60 -63.30 -45.52
N SER H 114 13.83 -63.67 -45.85
CA SER H 114 14.22 -65.05 -46.03
C SER H 114 15.54 -65.32 -45.31
N PHE H 115 15.54 -66.38 -44.50
CA PHE H 115 16.73 -66.81 -43.77
C PHE H 115 16.68 -68.32 -43.61
N VAL H 116 17.81 -68.97 -43.81
CA VAL H 116 17.95 -70.42 -43.63
C VAL H 116 18.96 -70.64 -42.52
N ASP H 117 18.49 -71.14 -41.38
CA ASP H 117 19.31 -71.17 -40.17
C ASP H 117 19.95 -72.53 -39.94
N SER H 118 19.16 -73.59 -40.04
CA SER H 118 19.68 -74.95 -40.12
C SER H 118 18.85 -75.63 -41.20
N LYS H 119 17.74 -74.99 -41.54
CA LYS H 119 16.75 -75.50 -42.46
C LYS H 119 17.24 -75.54 -43.90
N ASN H 120 16.45 -76.19 -44.76
CA ASN H 120 16.72 -76.21 -46.20
C ASN H 120 16.28 -74.88 -46.81
N GLU H 121 17.28 -74.13 -47.27
CA GLU H 121 17.10 -73.10 -48.28
C GLU H 121 16.19 -71.92 -47.95
N HIS H 122 16.54 -71.13 -46.93
CA HIS H 122 15.94 -69.82 -46.73
C HIS H 122 14.44 -69.81 -46.46
N ARG H 123 14.03 -70.31 -45.30
CA ARG H 123 12.66 -70.15 -44.82
C ARG H 123 12.33 -68.65 -44.80
N THR H 124 11.27 -68.27 -45.51
CA THR H 124 11.00 -66.86 -45.73
C THR H 124 9.51 -66.58 -45.82
N CYS H 125 9.11 -65.48 -45.19
CA CYS H 125 7.76 -64.96 -45.27
C CYS H 125 7.78 -63.71 -46.13
N ARG H 126 6.60 -63.23 -46.50
CA ARG H 126 6.50 -62.04 -47.33
C ARG H 126 5.21 -61.32 -46.96
N ILE H 127 5.35 -60.20 -46.27
CA ILE H 127 4.20 -59.45 -45.80
C ILE H 127 3.83 -58.41 -46.84
N ALA H 128 2.53 -58.28 -47.10
CA ALA H 128 2.05 -57.24 -48.00
C ALA H 128 2.12 -55.89 -47.30
N TYR H 129 2.87 -54.96 -47.87
CA TYR H 129 2.95 -53.60 -47.35
C TYR H 129 3.38 -52.71 -48.50
N HIS H 130 2.47 -51.87 -48.98
CA HIS H 130 2.71 -51.08 -50.18
C HIS H 130 3.69 -49.97 -49.86
N HIS H 131 4.97 -50.26 -50.02
CA HIS H 131 6.02 -49.30 -49.74
C HIS H 131 6.04 -48.27 -50.86
N GLU H 132 5.84 -47.01 -50.50
CA GLU H 132 5.83 -45.92 -51.46
C GLU H 132 7.23 -45.31 -51.58
N GLN H 133 7.37 -44.39 -52.52
CA GLN H 133 8.62 -43.68 -52.72
C GLN H 133 8.47 -42.20 -52.34
N ARG H 134 7.75 -41.93 -51.26
CA ARG H 134 7.32 -40.57 -50.93
C ARG H 134 8.45 -39.68 -50.44
N LEU H 135 9.10 -38.97 -51.36
CA LEU H 135 10.16 -38.06 -50.98
C LEU H 135 9.71 -36.61 -51.07
N ILE H 136 10.38 -35.74 -50.32
CA ILE H 136 10.11 -34.32 -50.38
C ILE H 136 11.00 -33.69 -51.43
N GLY H 137 10.63 -32.48 -51.86
CA GLY H 137 11.41 -31.75 -52.83
C GLY H 137 10.58 -31.26 -54.01
N ARG H 138 11.10 -30.23 -54.67
CA ARG H 138 10.45 -29.71 -55.88
C ARG H 138 10.45 -30.72 -57.01
N GLU H 139 11.48 -31.54 -57.11
CA GLU H 139 11.52 -32.63 -58.08
C GLU H 139 11.22 -33.95 -57.38
N ARG H 140 11.23 -35.03 -58.15
CA ARG H 140 10.87 -36.34 -57.61
C ARG H 140 11.87 -37.42 -58.01
N PHE H 141 13.16 -37.19 -57.88
CA PHE H 141 14.17 -38.13 -58.36
C PHE H 141 14.86 -38.79 -57.19
N THR H 142 15.08 -40.10 -57.32
CA THR H 142 15.73 -40.92 -56.29
C THR H 142 17.21 -41.08 -56.66
N VAL H 143 17.94 -39.98 -56.56
CA VAL H 143 19.39 -40.01 -56.82
C VAL H 143 20.09 -39.14 -55.78
N ARG H 144 20.68 -39.80 -54.79
CA ARG H 144 21.33 -39.12 -53.65
C ARG H 144 22.55 -38.33 -54.08
N PRO H 145 23.22 -38.71 -55.17
CA PRO H 145 24.52 -38.13 -55.49
C PRO H 145 24.47 -36.84 -56.29
N HIS H 146 23.32 -36.20 -56.40
CA HIS H 146 23.24 -34.90 -57.03
C HIS H 146 23.95 -33.90 -56.13
N HIS H 147 24.74 -33.03 -56.75
CA HIS H 147 25.40 -31.95 -56.01
C HIS H 147 24.51 -30.73 -56.11
N GLY H 148 23.26 -30.86 -55.67
CA GLY H 148 22.32 -29.77 -55.86
C GLY H 148 21.58 -29.20 -54.67
N ILE H 149 21.32 -29.95 -53.61
CA ILE H 149 20.38 -29.51 -52.60
C ILE H 149 20.75 -30.06 -51.23
N GLU H 150 20.10 -29.49 -50.21
CA GLU H 150 20.17 -29.97 -48.84
C GLU H 150 18.91 -29.51 -48.10
N LEU H 151 17.96 -30.42 -47.94
CA LEU H 151 16.70 -30.13 -47.28
C LEU H 151 16.60 -30.95 -45.99
N PRO H 152 15.75 -30.55 -45.06
CA PRO H 152 15.60 -31.34 -43.84
C PRO H 152 14.68 -32.53 -44.09
N CYS H 153 15.00 -33.66 -43.49
CA CYS H 153 14.20 -34.87 -43.68
C CYS H 153 14.37 -35.80 -42.48
N THR H 154 13.27 -36.42 -42.07
CA THR H 154 13.33 -37.33 -40.94
C THR H 154 13.91 -38.66 -41.39
N THR H 155 14.25 -39.52 -40.43
CA THR H 155 14.65 -40.87 -40.75
C THR H 155 14.64 -41.69 -39.47
N TYR H 156 14.66 -43.01 -39.61
CA TYR H 156 15.00 -43.86 -38.50
C TYR H 156 16.49 -43.68 -38.26
N GLN H 157 16.84 -42.87 -37.26
CA GLN H 157 18.20 -42.47 -36.99
C GLN H 157 19.02 -43.69 -36.59
N LEU H 158 20.18 -43.85 -37.22
CA LEU H 158 20.93 -45.10 -37.22
C LEU H 158 21.82 -45.27 -36.00
N THR H 159 21.47 -44.65 -34.88
CA THR H 159 22.30 -44.69 -33.69
C THR H 159 22.30 -46.08 -33.07
N THR H 160 23.26 -46.30 -32.18
CA THR H 160 23.44 -47.57 -31.52
C THR H 160 22.27 -47.84 -30.60
N ALA H 161 21.79 -49.07 -30.59
CA ALA H 161 20.50 -49.38 -30.01
C ALA H 161 20.65 -49.54 -28.50
N GLU H 162 20.09 -48.59 -27.76
CA GLU H 162 19.70 -48.87 -26.39
C GLU H 162 18.18 -48.80 -26.25
N THR H 163 17.60 -47.63 -26.46
CA THR H 163 16.14 -47.55 -26.50
C THR H 163 15.76 -46.09 -26.67
N SER H 164 14.61 -45.86 -27.29
CA SER H 164 13.93 -44.59 -27.19
C SER H 164 12.50 -44.89 -26.76
N GLU H 165 11.97 -45.98 -27.29
CA GLU H 165 10.65 -46.51 -26.94
C GLU H 165 10.76 -48.01 -27.00
N GLU H 166 10.35 -48.67 -25.92
CA GLU H 166 10.52 -50.11 -25.78
C GLU H 166 9.21 -50.80 -26.11
N ILE H 167 9.33 -51.97 -26.69
CA ILE H 167 8.22 -52.91 -26.88
C ILE H 167 8.13 -53.75 -25.61
N ASP H 168 6.89 -54.09 -25.23
CA ASP H 168 6.67 -54.83 -24.00
C ASP H 168 6.59 -56.33 -24.28
N MET H 169 7.16 -57.10 -23.36
CA MET H 169 7.15 -58.55 -23.45
C MET H 169 6.24 -59.08 -22.36
N HIS H 170 5.76 -60.30 -22.54
CA HIS H 170 4.95 -60.93 -21.50
C HIS H 170 4.49 -62.27 -22.04
N MET H 171 3.88 -63.06 -21.16
CA MET H 171 3.26 -64.33 -21.54
C MET H 171 4.27 -65.32 -22.11
N PRO H 172 5.09 -65.95 -21.28
CA PRO H 172 5.73 -67.19 -21.69
C PRO H 172 4.67 -68.15 -22.23
N PRO H 173 4.67 -68.40 -23.53
CA PRO H 173 3.45 -68.89 -24.17
C PRO H 173 3.26 -70.38 -24.02
N ASP H 174 2.04 -70.81 -24.25
CA ASP H 174 1.71 -72.22 -24.42
C ASP H 174 1.31 -72.47 -25.86
N ILE H 175 1.97 -73.44 -26.51
CA ILE H 175 1.79 -73.63 -27.95
C ILE H 175 0.50 -74.40 -28.22
N PRO H 176 -0.01 -74.43 -29.48
CA PRO H 176 -1.11 -75.36 -29.83
C PRO H 176 -0.68 -76.60 -30.60
N ASP H 177 0.24 -77.39 -30.04
CA ASP H 177 0.69 -78.60 -30.73
C ASP H 177 1.24 -79.61 -29.73
N ARG H 178 0.52 -80.71 -29.59
CA ARG H 178 0.73 -81.68 -28.51
C ARG H 178 1.24 -83.04 -29.00
N THR H 179 2.19 -83.07 -29.92
CA THR H 179 2.70 -84.36 -30.40
C THR H 179 3.77 -84.93 -29.48
N ILE H 180 3.99 -84.31 -28.32
CA ILE H 180 5.02 -84.76 -27.39
C ILE H 180 4.54 -85.98 -26.61
N LEU H 181 3.28 -85.95 -26.18
CA LEU H 181 2.73 -87.03 -25.38
C LEU H 181 2.20 -88.11 -26.30
N SER H 182 2.67 -89.34 -26.10
CA SER H 182 2.36 -90.45 -26.99
C SER H 182 1.96 -91.66 -26.16
N GLN H 183 1.41 -92.68 -26.82
CA GLN H 183 0.91 -93.85 -26.10
C GLN H 183 1.74 -95.08 -26.42
N GLN H 184 2.29 -95.71 -25.40
CA GLN H 184 2.94 -97.01 -25.50
C GLN H 184 1.92 -98.03 -25.01
N SER H 185 1.01 -98.41 -25.90
CA SER H 185 0.21 -99.64 -25.89
C SER H 185 -0.79 -99.71 -24.75
N GLY H 186 -0.59 -99.01 -23.64
CA GLY H 186 -1.62 -98.61 -22.72
C GLY H 186 -1.29 -97.34 -21.98
N ASN H 187 -0.10 -96.77 -22.18
CA ASN H 187 0.39 -95.75 -21.27
C ASN H 187 0.77 -94.49 -22.01
N VAL H 188 0.22 -93.37 -21.56
CA VAL H 188 0.67 -92.07 -22.03
C VAL H 188 2.05 -91.81 -21.46
N LYS H 189 2.91 -91.19 -22.27
CA LYS H 189 4.26 -90.82 -21.89
C LYS H 189 4.52 -89.44 -22.47
N ILE H 190 4.99 -88.53 -21.63
CA ILE H 190 5.34 -87.18 -22.04
C ILE H 190 6.84 -87.03 -21.86
N THR H 191 7.56 -86.90 -22.97
CA THR H 191 9.00 -86.75 -22.91
C THR H 191 9.37 -85.30 -22.63
N VAL H 192 10.67 -85.05 -22.48
CA VAL H 192 11.14 -83.69 -22.29
C VAL H 192 11.75 -83.18 -23.59
N ASN H 193 11.58 -81.88 -23.82
CA ASN H 193 11.98 -81.29 -25.10
C ASN H 193 11.93 -79.77 -25.00
N GLY H 194 12.01 -79.11 -26.16
CA GLY H 194 11.97 -77.65 -26.27
C GLY H 194 10.59 -77.04 -26.25
N ARG H 195 9.56 -77.88 -26.11
CA ARG H 195 8.21 -77.44 -25.80
C ARG H 195 7.86 -77.95 -24.41
N THR H 196 7.53 -77.02 -23.52
CA THR H 196 7.31 -77.34 -22.12
C THR H 196 5.91 -77.92 -21.93
N VAL H 197 5.77 -79.20 -22.18
CA VAL H 197 4.47 -79.87 -22.14
C VAL H 197 4.07 -80.08 -20.70
N ARG H 198 3.27 -79.15 -20.19
CA ARG H 198 2.56 -79.30 -18.93
C ARG H 198 1.59 -80.45 -19.09
N TYR H 199 1.57 -81.36 -18.12
CA TYR H 199 0.66 -82.49 -18.17
C TYR H 199 -0.77 -81.97 -18.01
N SER H 200 -1.50 -81.90 -19.12
CA SER H 200 -2.87 -81.39 -19.13
C SER H 200 -3.74 -82.44 -19.84
N SER H 201 -4.24 -83.40 -19.07
CA SER H 201 -5.18 -84.39 -19.55
C SER H 201 -6.32 -84.56 -18.54
N SER H 202 -7.21 -85.50 -18.81
CA SER H 202 -8.34 -85.74 -17.93
C SER H 202 -7.94 -86.34 -16.59
N CYS H 203 -6.99 -87.27 -16.57
CA CYS H 203 -6.45 -87.78 -15.33
C CYS H 203 -5.22 -88.60 -15.67
N GLY H 204 -4.22 -88.52 -14.80
CA GLY H 204 -3.06 -89.38 -14.96
C GLY H 204 -1.80 -88.56 -15.18
N SER H 205 -1.04 -88.95 -16.20
CA SER H 205 0.19 -88.26 -16.58
C SER H 205 -0.11 -86.87 -17.10
N GLN H 206 -1.32 -86.66 -17.60
CA GLN H 206 -1.77 -85.32 -17.96
C GLN H 206 -2.37 -84.62 -16.74
N ALA H 207 -1.59 -84.52 -15.68
CA ALA H 207 -2.02 -83.86 -14.47
C ALA H 207 -1.00 -82.87 -13.94
N VAL H 208 0.28 -83.06 -14.24
CA VAL H 208 1.31 -82.20 -13.68
C VAL H 208 2.60 -82.33 -14.46
N GLY H 209 3.48 -81.35 -14.31
CA GLY H 209 4.83 -81.46 -14.84
C GLY H 209 4.96 -80.91 -16.23
N THR H 210 5.75 -79.84 -16.37
CA THR H 210 6.11 -79.34 -17.69
C THR H 210 7.08 -80.32 -18.34
N THR H 211 7.08 -80.32 -19.68
CA THR H 211 7.84 -81.28 -20.46
C THR H 211 9.30 -80.89 -20.44
N THR H 212 9.98 -81.20 -19.34
CA THR H 212 11.43 -81.13 -19.28
C THR H 212 11.96 -82.55 -19.12
N THR H 213 11.04 -83.49 -18.93
CA THR H 213 11.37 -84.89 -18.70
C THR H 213 10.15 -85.76 -18.99
N ASP H 214 10.36 -87.07 -18.91
CA ASP H 214 9.30 -88.01 -19.22
C ASP H 214 8.46 -88.32 -17.99
N LYS H 215 7.14 -88.40 -18.19
CA LYS H 215 6.21 -88.85 -17.17
C LYS H 215 5.26 -89.82 -17.82
N THR H 216 4.98 -90.91 -17.11
CA THR H 216 4.15 -91.99 -17.64
C THR H 216 2.86 -92.11 -16.84
N ILE H 217 1.77 -92.39 -17.53
CA ILE H 217 0.46 -92.57 -16.93
C ILE H 217 -0.22 -93.69 -17.70
N ASN H 218 -0.33 -94.87 -17.08
CA ASN H 218 -0.92 -96.02 -17.73
C ASN H 218 -2.43 -95.86 -17.85
N SER H 219 -3.04 -96.75 -18.62
CA SER H 219 -4.46 -96.65 -18.97
C SER H 219 -4.71 -95.44 -19.86
N CYS H 220 -3.70 -95.09 -20.66
CA CYS H 220 -3.72 -93.86 -21.42
C CYS H 220 -4.04 -94.16 -22.88
N THR H 221 -4.89 -93.33 -23.45
CA THR H 221 -5.30 -93.43 -24.84
C THR H 221 -5.04 -92.10 -25.54
N VAL H 222 -5.55 -91.99 -26.77
CA VAL H 222 -5.30 -90.78 -27.56
C VAL H 222 -6.08 -89.61 -27.01
N ASP H 223 -7.25 -89.87 -26.43
CA ASP H 223 -8.14 -88.78 -26.04
C ASP H 223 -7.77 -88.22 -24.67
N LYS H 224 -7.73 -89.07 -23.64
CA LYS H 224 -7.74 -88.62 -22.24
C LYS H 224 -6.46 -87.92 -21.80
N CYS H 225 -5.40 -87.97 -22.60
CA CYS H 225 -4.17 -87.28 -22.28
C CYS H 225 -4.17 -85.90 -22.92
N GLN H 226 -3.41 -84.99 -22.33
CA GLN H 226 -3.36 -83.60 -22.78
C GLN H 226 -1.95 -83.07 -22.62
N ALA H 227 -1.48 -82.35 -23.64
CA ALA H 227 -0.27 -81.56 -23.54
C ALA H 227 -0.64 -80.15 -23.10
N TYR H 228 0.36 -79.41 -22.65
CA TYR H 228 0.24 -77.99 -22.40
C TYR H 228 1.60 -77.39 -22.72
N VAL H 229 1.66 -76.09 -22.93
CA VAL H 229 2.92 -75.42 -23.21
C VAL H 229 3.24 -74.48 -22.07
N THR H 230 4.51 -74.46 -21.66
CA THR H 230 5.05 -73.57 -20.64
C THR H 230 6.37 -73.03 -21.13
N SER H 231 6.93 -72.06 -20.41
CA SER H 231 8.11 -71.35 -20.88
C SER H 231 9.01 -70.99 -19.71
N HIS H 232 10.07 -70.24 -20.03
CA HIS H 232 10.97 -69.73 -19.02
C HIS H 232 11.93 -68.74 -19.67
N THR H 233 12.26 -67.69 -18.92
CA THR H 233 13.29 -66.72 -19.30
C THR H 233 12.85 -65.87 -20.49
N LYS H 234 11.58 -65.53 -20.52
CA LYS H 234 11.09 -64.81 -21.68
C LYS H 234 9.63 -64.42 -21.52
N TRP H 235 9.24 -63.50 -22.38
CA TRP H 235 7.84 -63.17 -22.62
C TRP H 235 7.75 -62.94 -24.13
N GLN H 236 6.56 -63.14 -24.67
CA GLN H 236 6.35 -63.06 -26.11
C GLN H 236 6.54 -61.63 -26.61
N PHE H 237 6.80 -61.50 -27.91
CA PHE H 237 7.07 -60.23 -28.56
C PHE H 237 5.86 -59.31 -28.43
N ASN H 238 4.78 -59.61 -29.14
CA ASN H 238 3.53 -58.91 -28.85
C ASN H 238 2.40 -59.91 -28.81
N SER H 239 2.66 -61.10 -29.33
CA SER H 239 1.60 -62.03 -29.63
C SER H 239 0.74 -61.38 -30.71
N PRO H 240 1.37 -60.87 -31.77
CA PRO H 240 0.60 -60.19 -32.82
C PRO H 240 -0.26 -61.16 -33.61
N PHE H 241 0.35 -62.23 -34.10
CA PHE H 241 -0.46 -63.32 -34.60
C PHE H 241 -0.64 -64.20 -33.39
N VAL H 242 0.46 -64.82 -32.94
CA VAL H 242 0.86 -65.07 -31.56
C VAL H 242 -0.28 -65.38 -30.60
N PRO H 243 -0.87 -66.57 -30.67
CA PRO H 243 -1.97 -66.91 -29.76
C PRO H 243 -1.52 -66.83 -28.31
N ARG H 244 -2.26 -66.06 -27.53
CA ARG H 244 -1.84 -65.67 -26.19
C ARG H 244 -1.90 -66.91 -25.33
N ARG H 245 -0.75 -67.56 -25.19
CA ARG H 245 -0.64 -68.84 -24.52
C ARG H 245 -0.10 -68.65 -23.12
N MET H 246 -0.39 -67.50 -22.54
CA MET H 246 -0.13 -67.28 -21.12
C MET H 246 -1.46 -67.05 -20.42
N GLN H 247 -1.49 -67.18 -19.11
CA GLN H 247 -2.67 -66.88 -18.32
C GLN H 247 -2.78 -65.40 -18.00
N ALA H 248 -1.67 -64.69 -17.87
CA ALA H 248 -1.68 -63.27 -17.53
C ALA H 248 -0.50 -62.62 -18.22
N GLU H 249 -0.55 -61.30 -18.37
CA GLU H 249 0.50 -60.57 -19.07
C GLU H 249 1.34 -59.76 -18.08
N ARG H 250 2.65 -59.77 -18.28
CA ARG H 250 3.57 -59.05 -17.41
C ARG H 250 4.73 -58.55 -18.26
N LYS H 251 4.73 -57.25 -18.53
CA LYS H 251 5.58 -56.66 -19.54
C LYS H 251 7.04 -56.67 -19.13
N GLY H 252 7.91 -56.76 -20.15
CA GLY H 252 9.31 -56.41 -20.02
C GLY H 252 9.65 -55.40 -21.11
N LYS H 253 10.72 -54.65 -20.89
CA LYS H 253 11.08 -53.57 -21.79
C LYS H 253 12.17 -54.02 -22.75
N VAL H 254 11.89 -53.89 -24.04
CA VAL H 254 12.90 -54.10 -25.06
C VAL H 254 13.01 -52.81 -25.86
N HIS H 255 14.13 -52.13 -25.70
CA HIS H 255 14.31 -50.81 -26.28
C HIS H 255 14.38 -50.90 -27.80
N ILE H 256 13.42 -50.28 -28.45
CA ILE H 256 13.22 -50.38 -29.90
C ILE H 256 14.41 -49.72 -30.58
N PRO H 257 15.34 -50.48 -31.15
CA PRO H 257 16.56 -49.91 -31.70
C PRO H 257 16.26 -49.14 -32.98
N PHE H 258 17.25 -48.37 -33.41
CA PHE H 258 17.10 -47.42 -34.51
C PHE H 258 16.06 -46.38 -34.14
N PRO H 259 16.29 -45.59 -33.09
CA PRO H 259 15.35 -44.52 -32.77
C PRO H 259 15.45 -43.43 -33.82
N LEU H 260 14.30 -42.84 -34.15
CA LEU H 260 14.21 -41.93 -35.28
C LEU H 260 14.93 -40.62 -34.98
N ILE H 261 15.66 -40.10 -35.96
CA ILE H 261 16.36 -38.84 -35.86
C ILE H 261 16.07 -38.01 -37.10
N ASN H 262 15.99 -36.69 -36.94
CA ASN H 262 15.86 -35.80 -38.08
C ASN H 262 17.24 -35.49 -38.63
N THR H 263 17.46 -35.71 -39.91
CA THR H 263 18.71 -35.46 -40.60
C THR H 263 18.45 -34.58 -41.81
N THR H 264 19.44 -34.52 -42.69
CA THR H 264 19.26 -33.79 -43.94
C THR H 264 19.24 -34.76 -45.12
N CYS H 265 18.98 -34.20 -46.30
CA CYS H 265 18.98 -34.97 -47.54
C CYS H 265 19.41 -34.06 -48.68
N ARG H 266 19.85 -34.67 -49.78
CA ARG H 266 20.32 -33.94 -50.95
C ARG H 266 19.32 -34.13 -52.06
N VAL H 267 18.71 -33.03 -52.52
CA VAL H 267 17.75 -33.09 -53.61
C VAL H 267 18.37 -32.35 -54.80
N PRO H 268 18.30 -32.91 -56.00
CA PRO H 268 18.91 -32.23 -57.15
C PRO H 268 17.96 -31.19 -57.72
N LEU H 269 18.53 -30.07 -58.17
CA LEU H 269 17.76 -29.03 -58.83
C LEU H 269 17.97 -29.13 -60.34
N ALA H 270 16.88 -28.95 -61.08
CA ALA H 270 16.92 -29.20 -62.51
C ALA H 270 17.50 -27.99 -63.22
N PRO H 271 17.62 -28.05 -64.56
CA PRO H 271 17.98 -26.84 -65.33
C PRO H 271 16.92 -25.78 -65.13
N GLU H 272 17.37 -24.53 -65.01
CA GLU H 272 16.60 -23.54 -64.28
C GLU H 272 15.38 -23.08 -65.08
N ALA H 273 15.59 -22.35 -66.16
CA ALA H 273 14.44 -21.92 -66.93
C ALA H 273 14.87 -21.02 -68.09
N LEU H 274 13.91 -20.68 -68.94
CA LEU H 274 14.06 -19.60 -69.90
C LEU H 274 12.84 -18.71 -69.78
N VAL H 275 13.05 -17.42 -69.63
CA VAL H 275 11.96 -16.46 -69.55
C VAL H 275 11.89 -15.71 -70.87
N ARG H 276 10.73 -15.72 -71.49
CA ARG H 276 10.47 -14.93 -72.68
C ARG H 276 9.45 -13.87 -72.30
N SER H 277 9.85 -12.60 -72.39
CA SER H 277 8.98 -11.52 -71.97
C SER H 277 7.87 -11.29 -73.00
N GLY H 278 6.87 -10.54 -72.60
CA GLY H 278 5.79 -10.15 -73.50
C GLY H 278 4.91 -9.08 -72.91
N LYS H 279 3.76 -8.82 -73.53
CA LYS H 279 2.86 -7.81 -73.02
C LYS H 279 2.09 -8.38 -71.84
N ARG H 280 2.67 -8.29 -70.65
CA ARG H 280 2.04 -8.77 -69.43
C ARG H 280 2.15 -10.28 -69.28
N GLU H 281 2.82 -10.95 -70.21
CA GLU H 281 2.89 -12.40 -70.19
C GLU H 281 4.33 -12.84 -70.40
N ALA H 282 4.65 -14.00 -69.86
CA ALA H 282 5.98 -14.58 -69.98
C ALA H 282 5.88 -16.06 -70.32
N THR H 283 6.85 -16.52 -71.10
CA THR H 283 6.96 -17.91 -71.46
C THR H 283 8.13 -18.50 -70.70
N LEU H 284 7.82 -19.37 -69.75
CA LEU H 284 8.81 -20.11 -68.99
C LEU H 284 9.11 -21.36 -69.80
N SER H 285 9.99 -21.23 -70.77
CA SER H 285 10.47 -22.36 -71.55
C SER H 285 11.34 -23.20 -70.63
N LEU H 286 10.80 -24.33 -70.20
CA LEU H 286 11.51 -25.28 -69.36
C LEU H 286 11.75 -26.52 -70.18
N HIS H 287 12.98 -26.81 -70.42
CA HIS H 287 13.22 -28.19 -70.81
C HIS H 287 13.00 -29.07 -69.59
N PRO H 288 12.54 -30.29 -69.78
CA PRO H 288 12.22 -31.14 -68.63
C PRO H 288 13.44 -31.61 -67.86
N ILE H 289 13.20 -32.21 -66.71
CA ILE H 289 14.22 -32.79 -65.84
C ILE H 289 13.72 -34.18 -65.50
N HIS H 290 14.36 -34.83 -64.52
CA HIS H 290 13.60 -35.82 -63.76
C HIS H 290 12.39 -35.07 -63.24
N PRO H 291 11.17 -35.54 -63.53
CA PRO H 291 9.98 -34.66 -63.48
C PRO H 291 9.58 -34.17 -62.10
N THR H 292 9.13 -32.93 -62.01
CA THR H 292 8.87 -32.30 -60.73
C THR H 292 7.76 -31.26 -60.86
N LEU H 293 7.10 -30.95 -59.76
CA LEU H 293 5.98 -30.00 -59.75
C LEU H 293 6.52 -28.59 -59.66
N LEU H 294 6.34 -27.81 -60.74
CA LEU H 294 6.71 -26.40 -60.76
C LEU H 294 5.46 -25.55 -60.58
N SER H 295 5.56 -24.54 -59.72
CA SER H 295 4.41 -23.75 -59.32
C SER H 295 4.66 -22.27 -59.60
N TYR H 296 3.63 -21.59 -60.08
CA TYR H 296 3.69 -20.16 -60.37
C TYR H 296 2.48 -19.47 -59.77
N ARG H 297 2.75 -18.57 -58.83
CA ARG H 297 1.69 -17.80 -58.19
C ARG H 297 1.79 -16.37 -58.69
N THR H 298 0.72 -15.60 -58.50
CA THR H 298 0.68 -14.22 -58.96
C THR H 298 0.69 -13.30 -57.75
N PHE H 299 1.85 -12.67 -57.50
CA PHE H 299 2.09 -11.90 -56.28
C PHE H 299 1.23 -10.63 -56.26
N GLY H 300 0.49 -10.43 -55.17
CA GLY H 300 -0.34 -9.24 -55.06
C GLY H 300 -1.75 -9.45 -54.54
N ALA H 301 -2.72 -9.17 -55.41
CA ALA H 301 -4.14 -9.27 -55.12
C ALA H 301 -4.58 -10.74 -55.05
N GLU H 302 -5.89 -10.96 -55.16
CA GLU H 302 -6.44 -12.30 -55.30
C GLU H 302 -5.72 -13.05 -56.42
N ARG H 303 -4.72 -13.82 -56.02
CA ARG H 303 -3.63 -14.21 -56.90
C ARG H 303 -3.96 -15.39 -57.77
N VAL H 304 -3.86 -15.21 -59.09
CA VAL H 304 -3.87 -16.32 -60.02
C VAL H 304 -2.64 -17.16 -59.68
N PHE H 305 -2.86 -18.41 -59.33
CA PHE H 305 -1.75 -19.25 -58.88
C PHE H 305 -2.06 -20.67 -59.29
N ASP H 306 -1.08 -21.31 -59.92
CA ASP H 306 -1.22 -22.69 -60.36
C ASP H 306 0.09 -23.42 -60.09
N GLU H 307 0.05 -24.73 -60.31
CA GLU H 307 1.21 -25.60 -60.15
C GLU H 307 0.96 -26.84 -60.98
N GLN H 308 1.99 -27.30 -61.68
CA GLN H 308 1.84 -28.43 -62.58
C GLN H 308 3.08 -29.30 -62.48
N TRP H 309 2.88 -30.62 -62.49
CA TRP H 309 3.98 -31.56 -62.48
C TRP H 309 4.61 -31.53 -63.88
N ILE H 310 5.63 -30.70 -64.06
CA ILE H 310 6.32 -30.60 -65.32
C ILE H 310 7.12 -31.89 -65.52
N THR H 311 6.93 -32.52 -66.68
CA THR H 311 7.68 -33.71 -67.03
C THR H 311 8.08 -33.73 -68.51
N ALA H 312 8.08 -32.57 -69.17
CA ALA H 312 8.45 -32.52 -70.58
C ALA H 312 8.89 -31.09 -70.92
N GLN H 313 9.56 -30.94 -72.05
CA GLN H 313 9.98 -29.62 -72.52
C GLN H 313 8.76 -28.85 -72.97
N THR H 314 8.53 -27.70 -72.35
CA THR H 314 7.33 -26.92 -72.65
C THR H 314 7.60 -25.45 -72.31
N GLU H 315 6.55 -24.64 -72.36
CA GLU H 315 6.65 -23.24 -72.01
C GLU H 315 5.42 -22.86 -71.21
N VAL H 316 5.62 -22.54 -69.95
CA VAL H 316 4.54 -22.13 -69.06
C VAL H 316 4.17 -20.70 -69.40
N THR H 317 2.88 -20.45 -69.60
CA THR H 317 2.42 -19.08 -69.79
C THR H 317 2.24 -18.43 -68.42
N ILE H 318 3.35 -17.98 -67.85
CA ILE H 318 3.27 -17.28 -66.56
C ILE H 318 2.67 -15.91 -66.84
N PRO H 319 1.46 -15.64 -66.35
CA PRO H 319 0.94 -14.27 -66.46
C PRO H 319 1.75 -13.35 -65.57
N VAL H 320 2.34 -12.34 -66.19
CA VAL H 320 3.32 -11.50 -65.50
C VAL H 320 2.65 -10.16 -65.28
N PRO H 321 1.70 -10.08 -64.34
CA PRO H 321 0.91 -8.86 -64.17
C PRO H 321 1.69 -7.68 -63.61
N VAL H 322 0.99 -6.57 -63.41
CA VAL H 322 1.64 -5.32 -63.03
C VAL H 322 2.26 -5.44 -61.65
N GLU H 323 1.56 -6.08 -60.72
CA GLU H 323 2.17 -6.41 -59.44
C GLU H 323 3.25 -7.47 -59.57
N GLY H 324 3.14 -8.37 -60.52
CA GLY H 324 4.15 -9.40 -60.67
C GLY H 324 3.65 -10.77 -60.24
N VAL H 325 4.30 -11.80 -60.77
CA VAL H 325 3.98 -13.17 -60.42
C VAL H 325 5.13 -13.76 -59.64
N GLU H 326 4.85 -14.87 -58.95
CA GLU H 326 5.89 -15.59 -58.21
C GLU H 326 5.93 -16.99 -58.77
N TYR H 327 7.00 -17.31 -59.49
CA TYR H 327 7.14 -18.58 -60.18
C TYR H 327 8.28 -19.35 -59.55
N GLN H 328 7.97 -20.47 -58.90
CA GLN H 328 8.95 -21.39 -58.35
C GLN H 328 8.82 -22.69 -59.14
N TRP H 329 9.55 -22.79 -60.25
CA TRP H 329 9.42 -23.88 -61.20
C TRP H 329 10.56 -24.87 -60.99
N GLY H 330 10.40 -25.74 -60.03
CA GLY H 330 11.44 -26.72 -59.78
C GLY H 330 11.99 -26.59 -58.37
N ASN H 331 13.18 -27.14 -58.16
CA ASN H 331 13.81 -27.15 -56.85
C ASN H 331 14.68 -25.94 -56.59
N HIS H 332 14.56 -24.90 -57.40
CA HIS H 332 15.33 -23.68 -57.18
C HIS H 332 14.73 -22.85 -56.05
N LYS H 333 15.22 -21.63 -55.92
CA LYS H 333 14.62 -20.70 -54.98
C LYS H 333 13.28 -20.21 -55.53
N PRO H 334 12.41 -19.64 -54.70
CA PRO H 334 11.04 -19.33 -55.16
C PRO H 334 10.90 -18.05 -55.98
N GLN H 335 11.99 -17.49 -56.51
CA GLN H 335 12.02 -16.15 -57.07
C GLN H 335 11.07 -15.88 -58.23
N ARG H 336 10.21 -14.87 -58.07
CA ARG H 336 9.33 -14.42 -59.15
C ARG H 336 9.65 -12.98 -59.52
N PHE H 337 9.16 -12.56 -60.69
CA PHE H 337 9.67 -11.35 -61.33
C PHE H 337 8.57 -10.31 -61.47
N VAL H 338 8.98 -9.12 -61.92
CA VAL H 338 8.10 -7.97 -62.11
C VAL H 338 7.95 -7.74 -63.61
N VAL H 339 7.16 -6.73 -63.96
CA VAL H 339 6.73 -6.46 -65.33
C VAL H 339 7.91 -6.12 -66.24
N ALA H 340 8.22 -7.00 -67.17
CA ALA H 340 9.33 -6.82 -68.09
C ALA H 340 10.57 -7.50 -67.53
#